data_7V3L
#
_entry.id   7V3L
#
_cell.length_a   1.00
_cell.length_b   1.00
_cell.length_c   1.00
_cell.angle_alpha   90.00
_cell.angle_beta   90.00
_cell.angle_gamma   90.00
#
_symmetry.space_group_name_H-M   'P 1'
#
loop_
_entity.id
_entity.type
_entity.pdbx_description
1 polymer 'Spike glycoprotein'
2 polymer 'antibody H'
3 polymer 'antibody L'
#
loop_
_entity_poly.entity_id
_entity_poly.type
_entity_poly.pdbx_seq_one_letter_code
_entity_poly.pdbx_strand_id
1 'polypeptide(L)'
;MIHSVFLLMFLLTPTESYVDVGPDSVKSACIEVDIQQTFFDKTWPRPIDVSKADGIIYPQGRTYSNITITYQGLFPYQGD
HGDMYVYSAGHATGTTPQKLFVANYSQDVKQFANGFVVRIGAAANSTGTVIISPSTSATIRKIYPAFMLGSSVGNFSDGK
MGRFFNHTLVLLPDGCGTLLRAFYCILEPRSGNHCPAGNSYTSFATYHTPATDCSDGNYNRNASLNSFKEYFNLRNCTFM
YTYNITEDEILEWFGITQTAQGVHLFSSRYVDLYGGNMFQFATLPVYDTIKYYSIIPHSIRSIQSDRKAWAAFYVYKLQP
LTFLLDFSVDGYIRRAIDCGFNDLSQLHCSYESFDVESGVYSVSSFEAKPSGSVVEQAEGVECDFSPLLSGTPPQVYNFK
RLVFTNCNYNLTKLLSLFSVNDFTCSQISPAAIASNCYSSLILDYFSYPLSMKSDLSVSSAGPISQFNYKQSFSNPTCLI
LATVPHNLTTITKPLKYSYINKCSRLLSDDRTEVPQLVNANQYSPCVSIVPSTVWEDGDYYRKQLSPLEGGGWLVASGST
VAMTEQLQMGFGITVQYGTDTNSVCPKLEFANDTKIASQLGNCVEYSLYGVSGRGVFQNCTAVGVRQQRFVYDAYQNLVG
YYSDDGNYYCLRACVSVPVSVIYDKETKTHATLFGSVACEHISSTMSQYSRSTRSMLKRRDSTYGPLQTPVGCVLGLVNS
SLFVEDCKLPLGQSLCALPDTPSTLTPRSVRSVPGEMRLASIAFNHPIQVDQLNSSYFKLSIPTNFSFGVTQEYIQTTIQ
KVTVDCKQYVCNGFQKCEQLLREYGQFCSKINQALHGANLRQDDSVRNLFASVKSSQSSPIIPGFGGDFNLTLLEPVSIS
TGSRSARSAIEDLLFDKVTIADPGYMQGYDDCMQQGPASARDLICAQYVAGYKVLPPLMDVNMEAAYTSSLLGSIAGVGW
TAGLSSFAAIPFAQSIFYRLNGVGITQQVLSENQKLIANKFNQALGAMQTGFTTTNEAFQKVQDAVNNNAQALSKLASEL
SNTFGAISASIGDIIQRLDVLEQDAQIDRLINGRLTTLNAFVAQQLVRSESAALSAQLAKDKVNECVKAQSKRSGFCGQG
THIVSFVVNAPNGLYFMHVGYYPSNHIEVVSAYGLCDAANPTNCIAPVNGYFIKTNNTRIVDEWSYTGSSFYAPEPITSL
NTKYVAPQVTYQNISTNLPPPLLGNSTGIDFQDELDEFFKNVSTSIPNFGSLTQINTTLLDLTYEMLSLQQVVKALNESY
IDLKELGNYT
;
A,B,C
2 'polypeptide(L)'
;EVQLVQSGAEVKKPGSSVKVSCKASGGTFSSYAICWVRQAPGQGLEWMGGIIPFFGTVNYAQKFQGRVTITADESTSTVY
MELSSLRSEDTAVYYCANSYCSSTNCYRYYQNGLDVWGQGTTVTVSSAWSTKGPSVFPLAPSSKSTSGGTAALGCLVKDY
FPEPVTVSWNSGALTSGVHTFPAVLQSSGLYSLSSVVTVPSSSLGTQTYICNVNHKPSNTKVDKRV
;
D,F,H
3 'polypeptide(L)'
;AIRMTQSPVTLSASVGDRVTITCRASQSISSWLAWYQQKPGKAPKLLIYKASTLQSGVPSRFSGSGSGTEFTLTISSLQP
DDFATYYCQQYDNYSQLTFGPGTKLEIKRTVAAPSVFIFPPSDEQLKSGTASVVCLLNNFYPREAKVQWKVDNALQSGNS
QESVTEQDSKDSTYSLSSTLTLSKADYEKHKVYACEVTHQGLSSPVTKSFNRGEC
;
E,G,I
#
# COMPACT_ATOMS: atom_id res chain seq x y z
N TYR A 18 -48.28 16.82 7.60
CA TYR A 18 -48.33 17.44 6.24
C TYR A 18 -48.89 18.86 6.35
N VAL A 19 -48.60 19.70 5.35
CA VAL A 19 -49.08 21.12 5.37
C VAL A 19 -50.09 21.31 4.22
N ASP A 20 -51.29 21.80 4.54
CA ASP A 20 -52.31 22.06 3.49
C ASP A 20 -51.90 23.27 2.66
N VAL A 21 -52.12 23.22 1.35
CA VAL A 21 -51.84 24.41 0.47
C VAL A 21 -53.17 24.92 -0.07
N GLY A 22 -54.18 25.06 0.79
CA GLY A 22 -55.50 25.46 0.35
C GLY A 22 -56.31 24.23 -0.01
N PRO A 23 -57.63 24.31 0.15
CA PRO A 23 -58.47 23.15 -0.10
C PRO A 23 -58.76 22.97 -1.58
N ASP A 24 -59.54 21.93 -1.89
CA ASP A 24 -59.79 21.57 -3.28
C ASP A 24 -60.69 22.59 -3.97
N SER A 25 -60.79 22.45 -5.29
CA SER A 25 -61.66 23.31 -6.07
C SER A 25 -63.11 22.83 -6.00
N VAL A 26 -64.01 23.65 -6.51
CA VAL A 26 -65.43 23.31 -6.57
C VAL A 26 -65.87 22.92 -7.98
N LYS A 27 -65.03 23.14 -8.98
CA LYS A 27 -65.40 22.78 -10.34
C LYS A 27 -65.54 21.27 -10.46
N SER A 28 -66.40 20.84 -11.41
CA SER A 28 -66.57 19.40 -11.68
C SER A 28 -66.37 19.21 -13.19
N ALA A 29 -65.98 20.27 -13.88
CA ALA A 29 -65.72 20.20 -15.34
C ALA A 29 -64.47 21.03 -15.66
N CYS A 30 -63.74 20.69 -16.72
CA CYS A 30 -62.44 21.39 -16.96
C CYS A 30 -62.54 22.26 -18.21
N ILE A 31 -61.71 23.31 -18.29
CA ILE A 31 -61.69 24.19 -19.50
C ILE A 31 -61.22 23.34 -20.69
N GLU A 32 -61.82 23.54 -21.86
CA GLU A 32 -61.47 22.71 -23.04
C GLU A 32 -60.01 22.95 -23.41
N VAL A 33 -59.29 21.87 -23.76
CA VAL A 33 -57.85 21.99 -24.12
C VAL A 33 -57.67 21.58 -25.58
N ASP A 34 -56.98 22.41 -26.37
CA ASP A 34 -56.79 22.12 -27.82
C ASP A 34 -55.30 21.87 -28.08
N ILE A 35 -54.96 20.78 -28.76
CA ILE A 35 -53.52 20.45 -28.98
C ILE A 35 -53.13 20.85 -30.39
N GLN A 36 -52.13 21.73 -30.54
CA GLN A 36 -51.65 22.18 -31.87
C GLN A 36 -50.13 22.06 -31.90
N GLN A 37 -49.60 20.83 -31.99
CA GLN A 37 -48.13 20.63 -31.95
C GLN A 37 -47.49 21.36 -33.13
N THR A 38 -48.11 21.31 -34.31
CA THR A 38 -47.52 21.94 -35.51
C THR A 38 -47.39 23.46 -35.31
N PHE A 39 -48.41 24.08 -34.70
CA PHE A 39 -48.37 25.55 -34.47
C PHE A 39 -47.22 25.88 -33.52
N PHE A 40 -47.06 25.09 -32.46
CA PHE A 40 -45.99 25.34 -31.46
C PHE A 40 -44.61 25.15 -32.09
N ASP A 41 -44.44 24.14 -32.94
CA ASP A 41 -43.10 23.87 -33.51
C ASP A 41 -42.67 25.08 -34.34
N LYS A 42 -41.46 25.60 -34.10
CA LYS A 42 -40.95 26.79 -34.83
C LYS A 42 -39.43 26.69 -34.90
N THR A 43 -38.80 27.42 -35.83
CA THR A 43 -37.32 27.42 -35.89
C THR A 43 -36.77 28.55 -35.02
N TRP A 44 -36.36 28.24 -33.79
CA TRP A 44 -35.74 29.25 -32.89
C TRP A 44 -34.47 28.66 -32.30
N PRO A 45 -33.35 28.53 -33.06
CA PRO A 45 -32.15 27.86 -32.55
C PRO A 45 -31.21 28.70 -31.69
N ARG A 46 -31.34 28.63 -30.36
CA ARG A 46 -30.42 29.37 -29.45
C ARG A 46 -29.68 28.39 -28.55
N PRO A 47 -28.60 27.71 -29.03
CA PRO A 47 -27.89 26.71 -28.22
C PRO A 47 -27.07 27.33 -27.09
N ILE A 48 -26.79 26.55 -26.03
CA ILE A 48 -25.94 27.06 -24.91
C ILE A 48 -24.56 27.39 -25.49
N ASP A 49 -24.01 28.56 -25.13
CA ASP A 49 -22.65 28.92 -25.60
C ASP A 49 -21.71 29.05 -24.40
N VAL A 50 -20.61 28.28 -24.39
CA VAL A 50 -19.60 28.35 -23.29
C VAL A 50 -18.90 29.71 -23.30
N SER A 51 -18.77 30.31 -24.49
N SER A 51 -18.77 30.31 -24.49
CA SER A 51 -18.06 31.61 -24.62
CA SER A 51 -18.06 31.61 -24.62
C SER A 51 -18.76 32.68 -23.78
C SER A 51 -18.76 32.68 -23.78
N LYS A 52 -20.10 32.67 -23.79
CA LYS A 52 -20.88 33.66 -23.00
C LYS A 52 -21.29 33.04 -21.66
N ALA A 53 -20.81 31.83 -21.34
CA ALA A 53 -21.11 31.17 -20.05
C ALA A 53 -22.62 31.00 -19.85
N ASP A 54 -23.34 30.66 -20.92
CA ASP A 54 -24.81 30.42 -20.81
C ASP A 54 -25.09 29.15 -20.02
N GLY A 55 -26.12 29.15 -19.17
CA GLY A 55 -26.53 27.94 -18.43
C GLY A 55 -25.41 27.34 -17.59
N ILE A 56 -24.61 28.18 -16.94
CA ILE A 56 -23.46 27.67 -16.13
C ILE A 56 -23.73 27.91 -14.65
N ILE A 57 -23.51 26.90 -13.80
CA ILE A 57 -23.80 27.01 -12.35
C ILE A 57 -22.50 27.24 -11.56
N TYR A 58 -22.42 28.34 -10.80
CA TYR A 58 -21.23 28.64 -9.95
C TYR A 58 -21.21 27.70 -8.74
N PRO A 59 -20.05 27.22 -8.25
CA PRO A 59 -20.03 26.42 -7.02
C PRO A 59 -20.60 27.21 -5.84
N GLN A 60 -21.72 26.76 -5.27
CA GLN A 60 -22.42 27.56 -4.23
C GLN A 60 -21.72 27.49 -2.88
N GLY A 61 -21.09 26.36 -2.55
CA GLY A 61 -20.50 26.23 -1.21
C GLY A 61 -19.41 27.26 -0.98
N ARG A 62 -18.50 27.46 -1.94
CA ARG A 62 -17.36 28.39 -1.77
C ARG A 62 -17.19 29.24 -3.03
N THR A 63 -16.60 30.43 -2.92
CA THR A 63 -16.35 31.27 -4.13
C THR A 63 -14.87 31.20 -4.54
N TYR A 64 -14.58 31.54 -5.79
CA TYR A 64 -13.20 31.57 -6.36
C TYR A 64 -12.83 33.00 -6.80
N SER A 65 -11.53 33.29 -6.93
CA SER A 65 -11.07 34.68 -7.26
C SER A 65 -11.03 34.96 -8.76
N ASN A 66 -10.35 36.04 -9.16
CA ASN A 66 -10.24 36.46 -10.59
C ASN A 66 -9.47 35.42 -11.41
N ILE A 67 -8.77 34.50 -10.74
CA ILE A 67 -7.93 33.50 -11.47
C ILE A 67 -8.81 32.69 -12.43
N THR A 68 -8.26 32.33 -13.60
CA THR A 68 -9.00 31.48 -14.57
C THR A 68 -8.55 30.03 -14.38
N ILE A 69 -9.47 29.11 -14.08
CA ILE A 69 -9.06 27.71 -13.76
C ILE A 69 -10.02 26.70 -14.41
N THR A 70 -9.80 25.41 -14.15
CA THR A 70 -10.65 24.35 -14.68
C THR A 70 -11.41 23.71 -13.53
N TYR A 71 -12.73 23.65 -13.64
CA TYR A 71 -13.56 23.24 -12.52
C TYR A 71 -14.48 22.13 -12.96
N GLN A 72 -14.48 21.03 -12.22
CA GLN A 72 -15.18 19.82 -12.65
C GLN A 72 -16.55 19.78 -12.01
N GLY A 73 -17.60 19.82 -12.83
CA GLY A 73 -18.94 19.81 -12.25
C GLY A 73 -20.04 19.50 -13.25
N LEU A 74 -21.29 19.72 -12.84
CA LEU A 74 -22.43 19.47 -13.70
C LEU A 74 -22.67 20.65 -14.62
N PHE A 75 -22.55 20.42 -15.91
CA PHE A 75 -22.69 21.44 -16.93
C PHE A 75 -23.50 20.89 -18.09
N PRO A 76 -24.07 21.76 -18.91
CA PRO A 76 -24.61 21.32 -20.20
C PRO A 76 -23.54 21.40 -21.27
N TYR A 77 -23.56 20.45 -22.19
CA TYR A 77 -22.47 20.43 -23.13
C TYR A 77 -22.71 21.44 -24.25
N GLN A 78 -21.61 22.03 -24.71
CA GLN A 78 -21.62 23.18 -25.59
C GLN A 78 -22.49 22.93 -26.80
N GLY A 79 -22.98 23.99 -27.42
CA GLY A 79 -23.70 23.91 -28.67
C GLY A 79 -24.94 23.05 -28.64
N ASP A 80 -25.41 22.63 -27.48
CA ASP A 80 -26.62 21.85 -27.41
C ASP A 80 -27.82 22.72 -27.71
N HIS A 81 -28.53 22.41 -28.79
CA HIS A 81 -29.75 23.12 -29.10
C HIS A 81 -30.83 22.86 -28.07
N GLY A 82 -30.72 21.77 -27.35
CA GLY A 82 -31.58 21.54 -26.22
C GLY A 82 -33.00 21.21 -26.62
N ASP A 83 -33.86 21.28 -25.62
CA ASP A 83 -35.24 20.85 -25.72
C ASP A 83 -36.12 22.09 -25.56
N MET A 84 -37.01 22.31 -26.52
CA MET A 84 -37.72 23.57 -26.66
C MET A 84 -39.18 23.42 -26.27
N TYR A 85 -39.79 24.52 -25.79
CA TYR A 85 -41.22 24.57 -25.52
C TYR A 85 -41.74 25.97 -25.77
N VAL A 86 -43.04 26.09 -26.03
CA VAL A 86 -43.68 27.38 -26.30
C VAL A 86 -45.04 27.44 -25.60
N SER A 88 -48.46 29.86 -25.83
CA SER A 88 -49.15 30.81 -26.69
C SER A 88 -50.53 31.08 -26.11
N ALA A 89 -51.04 32.29 -26.34
CA ALA A 89 -52.31 32.69 -25.75
C ALA A 89 -53.42 31.75 -26.20
N GLY A 90 -54.43 31.60 -25.33
CA GLY A 90 -55.52 30.68 -25.58
C GLY A 90 -56.45 31.15 -26.68
N HIS A 91 -57.25 30.22 -27.18
CA HIS A 91 -58.22 30.55 -28.22
C HIS A 91 -59.40 31.26 -27.57
N ALA A 92 -60.03 32.17 -28.30
CA ALA A 92 -61.10 32.97 -27.65
C ALA A 92 -61.97 33.69 -28.67
N THR A 93 -62.68 34.72 -28.20
CA THR A 93 -63.54 35.57 -29.07
C THR A 93 -63.17 37.02 -28.70
N GLY A 94 -63.70 38.01 -29.42
CA GLY A 94 -63.30 39.39 -29.15
C GLY A 94 -63.55 39.78 -27.70
N THR A 95 -64.68 39.35 -27.12
CA THR A 95 -65.02 39.77 -25.74
C THR A 95 -64.84 38.65 -24.71
N THR A 96 -64.82 37.38 -25.12
CA THR A 96 -64.79 36.28 -24.11
C THR A 96 -63.67 35.27 -24.35
N PRO A 97 -62.82 34.94 -23.35
CA PRO A 97 -61.81 33.88 -23.51
C PRO A 97 -62.46 32.50 -23.60
N GLN A 98 -61.93 31.59 -24.42
CA GLN A 98 -62.57 30.25 -24.62
C GLN A 98 -61.56 29.12 -24.35
N LYS A 99 -61.29 28.29 -25.37
CA LYS A 99 -60.40 27.10 -25.20
C LYS A 99 -58.94 27.54 -25.08
N LEU A 100 -58.06 26.65 -24.61
CA LEU A 100 -56.63 26.98 -24.46
C LEU A 100 -55.78 26.13 -25.42
N PHE A 101 -54.86 26.75 -26.14
CA PHE A 101 -53.97 26.00 -27.05
C PHE A 101 -52.74 25.52 -26.27
N VAL A 102 -52.58 24.20 -26.13
CA VAL A 102 -51.37 23.63 -25.43
C VAL A 102 -50.84 22.48 -26.28
N ALA A 103 -49.53 22.31 -26.35
CA ALA A 103 -48.95 21.16 -27.09
C ALA A 103 -49.08 19.89 -26.26
N ASN A 104 -48.94 18.71 -26.88
CA ASN A 104 -49.14 17.43 -26.15
C ASN A 104 -47.86 17.10 -25.38
N TYR A 105 -47.50 17.95 -24.41
CA TYR A 105 -46.29 17.72 -23.57
C TYR A 105 -46.55 16.57 -22.59
N SER A 106 -47.82 16.27 -22.29
CA SER A 106 -48.15 15.23 -21.28
C SER A 106 -47.61 13.88 -21.72
N GLN A 107 -47.75 13.54 -23.01
CA GLN A 107 -47.32 12.20 -23.50
C GLN A 107 -45.81 12.00 -23.33
N ASP A 108 -45.00 13.05 -23.59
CA ASP A 108 -43.52 12.88 -23.56
C ASP A 108 -42.99 13.11 -22.14
N VAL A 109 -42.28 12.11 -21.59
CA VAL A 109 -41.66 12.24 -20.24
C VAL A 109 -40.15 12.00 -20.41
N LYS A 110 -39.30 12.85 -19.83
CA LYS A 110 -37.84 12.71 -20.06
C LYS A 110 -37.13 12.28 -18.77
N GLN A 111 -35.98 11.62 -18.89
CA GLN A 111 -35.22 11.14 -17.71
C GLN A 111 -34.53 12.33 -17.00
N PHE A 112 -34.16 12.16 -15.73
CA PHE A 112 -33.53 13.24 -14.95
C PHE A 112 -32.24 12.67 -14.33
N ALA A 113 -31.25 12.36 -15.19
CA ALA A 113 -30.01 11.73 -14.68
C ALA A 113 -29.21 12.69 -13.80
N ASN A 114 -29.01 13.94 -14.26
CA ASN A 114 -28.17 14.91 -13.49
C ASN A 114 -28.90 16.25 -13.36
N GLY A 115 -30.17 16.32 -13.77
CA GLY A 115 -30.90 17.59 -13.73
C GLY A 115 -30.81 18.38 -15.03
N PHE A 116 -31.42 19.57 -15.06
CA PHE A 116 -31.44 20.37 -16.32
C PHE A 116 -31.39 21.88 -16.02
N VAL A 117 -31.00 22.70 -17.00
CA VAL A 117 -30.97 24.18 -16.82
C VAL A 117 -31.98 24.79 -17.82
N VAL A 118 -32.70 25.84 -17.42
CA VAL A 118 -33.78 26.39 -18.29
C VAL A 118 -33.48 27.84 -18.71
N ARG A 119 -33.48 28.13 -20.02
CA ARG A 119 -33.31 29.53 -20.50
C ARG A 119 -34.69 30.17 -20.44
N ILE A 120 -34.81 31.46 -20.03
CA ILE A 120 -36.13 32.03 -19.81
C ILE A 120 -36.22 33.40 -20.45
N GLY A 121 -37.07 33.53 -21.46
CA GLY A 121 -37.37 34.83 -22.02
C GLY A 121 -36.25 35.55 -22.71
N ALA A 122 -35.46 34.86 -23.54
CA ALA A 122 -34.44 35.57 -24.31
C ALA A 122 -35.05 36.29 -25.49
N ALA A 123 -36.29 35.98 -25.83
CA ALA A 123 -37.00 36.67 -26.89
C ALA A 123 -37.64 37.95 -26.42
N ALA A 124 -37.25 38.45 -25.24
CA ALA A 124 -37.88 39.61 -24.65
C ALA A 124 -37.70 40.85 -25.51
N ASN A 125 -38.61 41.81 -25.34
CA ASN A 125 -38.44 43.16 -25.87
C ASN A 125 -38.39 43.18 -27.41
N SER A 126 -38.68 42.05 -28.05
CA SER A 126 -38.73 42.02 -29.50
C SER A 126 -40.15 41.72 -29.97
N THR A 127 -40.40 42.07 -31.23
CA THR A 127 -41.67 41.79 -31.90
C THR A 127 -41.71 40.34 -32.34
N GLY A 128 -42.79 39.64 -32.01
CA GLY A 128 -42.83 38.22 -32.29
C GLY A 128 -44.01 37.85 -33.16
N THR A 129 -44.26 36.55 -33.21
CA THR A 129 -45.41 36.04 -33.91
C THR A 129 -46.41 35.43 -32.93
N VAL A 130 -47.64 35.95 -32.94
CA VAL A 130 -48.70 35.33 -32.17
C VAL A 130 -49.05 33.96 -32.72
N ILE A 131 -48.67 32.89 -32.04
CA ILE A 131 -48.74 31.55 -32.59
C ILE A 131 -50.14 31.16 -33.00
N ILE A 132 -51.11 31.42 -32.13
CA ILE A 132 -52.48 30.99 -32.38
C ILE A 132 -53.07 31.66 -33.60
N SER A 133 -52.54 32.83 -33.98
CA SER A 133 -52.94 33.55 -35.18
C SER A 133 -51.68 33.81 -35.99
N PRO A 134 -51.16 32.77 -36.65
CA PRO A 134 -49.79 32.84 -37.20
C PRO A 134 -49.53 34.05 -38.08
N SER A 135 -50.56 34.71 -38.59
CA SER A 135 -50.36 35.92 -39.37
C SER A 135 -50.18 37.16 -38.51
N THR A 136 -50.41 37.08 -37.20
CA THR A 136 -50.53 38.26 -36.36
C THR A 136 -49.28 38.42 -35.50
N SER A 137 -48.81 39.65 -35.37
CA SER A 137 -47.61 39.95 -34.62
C SER A 137 -47.95 40.69 -33.33
N ALA A 138 -47.05 40.55 -32.36
CA ALA A 138 -47.12 41.26 -31.10
C ALA A 138 -45.73 41.24 -30.49
N THR A 139 -45.51 42.10 -29.50
CA THR A 139 -44.21 42.16 -28.86
C THR A 139 -44.11 41.09 -27.78
N ILE A 140 -42.92 40.51 -27.66
CA ILE A 140 -42.74 39.29 -26.86
C ILE A 140 -42.48 39.68 -25.41
N ARG A 141 -43.11 38.95 -24.49
CA ARG A 141 -42.99 39.18 -23.07
C ARG A 141 -42.78 37.83 -22.40
N LYS A 142 -41.94 37.76 -21.37
CA LYS A 142 -41.47 36.47 -20.91
C LYS A 142 -42.46 35.84 -19.94
N ILE A 143 -42.35 34.51 -19.78
CA ILE A 143 -43.28 33.74 -19.00
C ILE A 143 -42.49 32.77 -18.13
N TYR A 144 -43.13 32.26 -17.09
CA TYR A 144 -42.31 31.37 -16.28
C TYR A 144 -42.85 29.95 -16.32
N PRO A 145 -41.96 28.99 -16.51
CA PRO A 145 -42.38 27.61 -16.78
C PRO A 145 -42.64 26.82 -15.51
N ALA A 146 -43.44 25.78 -15.67
CA ALA A 146 -43.72 24.86 -14.58
C ALA A 146 -43.21 23.48 -14.96
N PHE A 147 -42.98 22.65 -13.94
CA PHE A 147 -42.50 21.29 -14.11
C PHE A 147 -43.23 20.37 -13.14
N MET A 148 -43.11 19.08 -13.38
CA MET A 148 -43.43 18.07 -12.39
C MET A 148 -42.28 17.08 -12.36
N LEU A 149 -41.73 16.84 -11.18
CA LEU A 149 -40.61 15.93 -11.03
C LEU A 149 -40.97 14.83 -10.05
N GLY A 150 -40.88 13.60 -10.54
CA GLY A 150 -41.17 12.45 -9.71
C GLY A 150 -40.26 11.31 -10.06
N SER A 151 -40.49 10.18 -9.38
CA SER A 151 -39.70 8.97 -9.59
C SER A 151 -40.50 7.83 -10.21
N SER A 152 -41.80 8.00 -10.41
CA SER A 152 -42.63 6.98 -11.03
C SER A 152 -43.52 7.63 -12.08
N VAL A 153 -43.74 6.93 -13.20
CA VAL A 153 -44.56 7.42 -14.29
C VAL A 153 -45.52 6.31 -14.73
N GLY A 154 -46.68 6.72 -15.22
CA GLY A 154 -47.66 5.80 -15.76
C GLY A 154 -48.55 6.46 -16.81
N ASN A 155 -49.82 6.11 -16.83
CA ASN A 155 -50.74 6.58 -17.86
C ASN A 155 -52.11 6.89 -17.26
N PHE A 156 -52.79 7.86 -17.86
CA PHE A 156 -54.11 8.26 -17.39
C PHE A 156 -55.18 7.26 -17.84
N SER A 157 -56.38 7.48 -17.30
CA SER A 157 -57.51 6.57 -17.55
C SER A 157 -57.90 6.56 -19.02
N ASP A 158 -57.62 7.64 -19.74
CA ASP A 158 -57.80 7.64 -21.18
C ASP A 158 -56.76 6.80 -21.90
N GLY A 159 -55.69 6.43 -21.21
CA GLY A 159 -54.62 5.63 -21.76
C GLY A 159 -53.37 6.38 -22.12
N LYS A 160 -53.42 7.71 -22.20
CA LYS A 160 -52.24 8.47 -22.59
C LYS A 160 -51.10 8.28 -21.60
N MET A 161 -49.91 8.04 -22.14
CA MET A 161 -48.70 7.91 -21.33
C MET A 161 -48.40 9.23 -20.63
N GLY A 162 -47.78 9.12 -19.46
CA GLY A 162 -47.31 10.28 -18.74
C GLY A 162 -48.04 10.62 -17.45
N ARG A 163 -48.45 9.63 -16.66
CA ARG A 163 -49.11 9.92 -15.39
C ARG A 163 -48.08 9.97 -14.28
N PHE A 164 -48.09 11.05 -13.51
CA PHE A 164 -47.20 11.18 -12.37
C PHE A 164 -47.84 10.58 -11.13
N PHE A 165 -47.20 9.57 -10.54
CA PHE A 165 -47.85 8.80 -9.44
C PHE A 165 -47.27 9.11 -8.06
N ASN A 166 -45.98 8.86 -7.87
CA ASN A 166 -45.36 9.04 -6.52
C ASN A 166 -45.31 10.53 -6.20
N HIS A 167 -44.99 10.89 -4.96
CA HIS A 167 -45.04 12.33 -4.60
C HIS A 167 -44.21 13.07 -5.65
N THR A 168 -44.73 14.18 -6.17
CA THR A 168 -44.03 14.84 -7.30
C THR A 168 -43.59 16.26 -6.95
N LEU A 169 -42.31 16.59 -7.19
CA LEU A 169 -41.81 17.97 -6.98
C LEU A 169 -42.39 18.84 -8.09
N VAL A 170 -43.59 19.36 -7.89
CA VAL A 170 -44.29 20.13 -8.90
C VAL A 170 -44.00 21.60 -8.65
N LEU A 171 -43.27 22.22 -9.56
CA LEU A 171 -42.79 23.59 -9.38
C LEU A 171 -43.65 24.48 -10.26
N LEU A 172 -44.23 25.53 -9.67
CA LEU A 172 -45.27 26.31 -10.32
C LEU A 172 -45.10 27.81 -10.14
N PRO A 173 -44.90 28.57 -11.20
CA PRO A 173 -44.99 30.02 -11.11
C PRO A 173 -46.44 30.48 -11.22
N ASP A 174 -46.69 31.70 -10.75
CA ASP A 174 -48.05 32.20 -10.64
C ASP A 174 -48.01 33.71 -10.47
N GLY A 175 -49.18 34.28 -10.15
CA GLY A 175 -49.28 35.71 -9.88
C GLY A 175 -48.91 36.58 -11.06
N CYS A 176 -49.21 36.13 -12.28
CA CYS A 176 -48.74 36.78 -13.50
C CYS A 176 -47.22 36.97 -13.45
N GLY A 177 -46.52 36.05 -12.80
CA GLY A 177 -45.07 36.12 -12.71
C GLY A 177 -44.53 36.89 -11.52
N THR A 178 -45.13 36.73 -10.34
CA THR A 178 -44.63 37.36 -9.13
C THR A 178 -44.46 36.39 -7.97
N LEU A 179 -44.65 35.09 -8.18
CA LEU A 179 -44.24 34.14 -7.17
C LEU A 179 -43.99 32.79 -7.83
N LEU A 180 -43.14 32.00 -7.19
CA LEU A 180 -42.85 30.65 -7.62
C LEU A 180 -43.26 29.70 -6.51
N ARG A 181 -44.16 28.77 -6.84
CA ARG A 181 -44.66 27.80 -5.89
C ARG A 181 -43.98 26.47 -6.14
N ALA A 182 -43.40 25.90 -5.10
CA ALA A 182 -42.73 24.61 -5.15
C ALA A 182 -43.30 23.74 -4.05
N PHE A 183 -43.53 22.47 -4.35
CA PHE A 183 -44.32 21.57 -3.52
C PHE A 183 -44.21 20.14 -4.01
N TYR A 184 -44.36 19.20 -3.09
CA TYR A 184 -44.01 17.79 -3.31
C TYR A 184 -45.16 16.95 -2.78
N CYS A 185 -46.18 16.73 -3.62
CA CYS A 185 -47.49 16.28 -3.19
C CYS A 185 -47.84 14.97 -3.87
N ILE A 186 -48.92 14.34 -3.40
CA ILE A 186 -49.56 13.26 -4.15
C ILE A 186 -50.54 13.85 -5.16
N LEU A 187 -50.55 13.25 -6.35
CA LEU A 187 -51.42 13.68 -7.45
C LEU A 187 -52.60 12.72 -7.51
N GLU A 188 -53.81 13.25 -7.32
CA GLU A 188 -55.02 12.47 -7.53
C GLU A 188 -55.92 13.23 -8.49
N PRO A 189 -56.05 12.78 -9.74
CA PRO A 189 -56.76 13.58 -10.75
C PRO A 189 -58.27 13.61 -10.52
N ARG A 190 -58.95 14.39 -11.36
CA ARG A 190 -60.35 14.74 -11.19
C ARG A 190 -61.20 14.23 -12.36
N SER A 191 -62.44 13.88 -12.05
CA SER A 191 -63.30 13.06 -12.91
C SER A 191 -64.21 13.84 -13.86
N GLY A 192 -63.92 15.10 -14.13
CA GLY A 192 -64.80 15.88 -14.99
C GLY A 192 -64.48 15.75 -16.48
N ASN A 193 -65.27 16.48 -17.28
CA ASN A 193 -64.98 16.61 -18.70
C ASN A 193 -63.69 17.39 -18.94
N HIS A 194 -62.89 16.91 -19.89
CA HIS A 194 -61.54 17.39 -20.22
C HIS A 194 -60.56 17.16 -19.07
N CYS A 195 -60.97 16.48 -18.01
CA CYS A 195 -60.16 16.30 -16.82
C CYS A 195 -59.42 14.97 -16.86
N PRO A 196 -58.26 14.87 -16.20
CA PRO A 196 -57.30 13.80 -16.54
C PRO A 196 -57.76 12.40 -16.20
N ALA A 197 -58.29 12.17 -15.01
CA ALA A 197 -59.00 10.93 -14.69
C ALA A 197 -60.47 11.04 -15.06
N GLY A 198 -60.85 12.14 -15.72
CA GLY A 198 -62.19 12.33 -16.21
C GLY A 198 -62.28 12.06 -17.69
N ASN A 199 -63.30 12.64 -18.31
CA ASN A 199 -63.57 12.36 -19.71
C ASN A 199 -63.28 13.58 -20.57
N SER A 200 -63.30 13.36 -21.88
CA SER A 200 -62.98 14.39 -22.88
C SER A 200 -61.57 14.94 -22.65
N TYR A 201 -60.69 14.10 -22.11
CA TYR A 201 -59.35 14.54 -21.72
C TYR A 201 -58.41 14.50 -22.92
N THR A 202 -57.59 15.54 -23.07
CA THR A 202 -56.50 15.52 -24.05
C THR A 202 -55.16 15.78 -23.39
N SER A 203 -55.06 16.72 -22.46
CA SER A 203 -53.79 17.16 -21.90
C SER A 203 -54.08 18.05 -20.71
N PHE A 204 -53.33 17.85 -19.63
CA PHE A 204 -53.48 18.79 -18.53
C PHE A 204 -52.88 20.13 -18.93
N ALA A 205 -53.28 21.18 -18.22
CA ALA A 205 -52.85 22.52 -18.57
C ALA A 205 -53.08 23.44 -17.38
N THR A 206 -52.79 24.72 -17.59
CA THR A 206 -52.98 25.78 -16.63
C THR A 206 -53.45 27.03 -17.36
N TYR A 207 -53.98 27.97 -16.60
CA TYR A 207 -54.27 29.28 -17.16
C TYR A 207 -54.28 30.31 -16.05
N HIS A 208 -54.11 31.56 -16.47
CA HIS A 208 -54.42 32.72 -15.64
C HIS A 208 -55.18 33.71 -16.50
N THR A 209 -55.93 34.58 -15.85
CA THR A 209 -56.91 35.44 -16.51
C THR A 209 -56.40 36.88 -16.47
N PRO A 210 -55.64 37.31 -17.48
CA PRO A 210 -54.91 38.58 -17.36
C PRO A 210 -55.81 39.78 -17.13
N ALA A 211 -56.98 39.83 -17.77
CA ALA A 211 -57.85 40.99 -17.63
C ALA A 211 -58.38 41.13 -16.21
N THR A 212 -58.25 40.08 -15.39
CA THR A 212 -58.71 40.11 -14.02
C THR A 212 -57.59 40.00 -12.99
N ASP A 213 -56.43 39.46 -13.36
CA ASP A 213 -55.39 39.17 -12.39
C ASP A 213 -54.04 39.77 -12.71
N CYS A 214 -53.84 40.32 -13.91
CA CYS A 214 -52.58 41.01 -14.23
C CYS A 214 -52.77 42.52 -14.15
N SER A 215 -53.87 42.95 -13.54
CA SER A 215 -54.18 44.35 -13.35
C SER A 215 -53.11 45.05 -12.51
N ASP A 216 -52.67 46.20 -13.01
CA ASP A 216 -51.48 46.86 -12.49
C ASP A 216 -51.64 47.24 -11.02
N GLY A 217 -50.71 46.74 -10.20
CA GLY A 217 -50.77 46.94 -8.76
C GLY A 217 -51.66 45.96 -8.03
N ASN A 218 -52.37 45.10 -8.74
CA ASN A 218 -53.30 44.17 -8.12
C ASN A 218 -53.11 42.77 -8.70
N TYR A 219 -51.87 42.33 -8.78
CA TYR A 219 -51.58 41.00 -9.30
C TYR A 219 -52.02 39.92 -8.30
N ASN A 220 -52.93 39.05 -8.74
CA ASN A 220 -53.53 38.08 -7.82
C ASN A 220 -52.66 36.83 -7.81
N ARG A 221 -52.58 36.19 -6.64
CA ARG A 221 -51.57 35.16 -6.42
C ARG A 221 -52.13 33.74 -6.31
N ASN A 222 -53.29 33.45 -6.89
CA ASN A 222 -53.81 32.08 -6.85
C ASN A 222 -54.24 31.55 -8.21
N ALA A 223 -53.93 32.25 -9.30
CA ALA A 223 -54.47 31.86 -10.60
C ALA A 223 -53.94 30.50 -11.03
N SER A 224 -52.63 30.32 -11.03
CA SER A 224 -52.07 29.06 -11.52
C SER A 224 -52.28 27.93 -10.53
N LEU A 225 -52.31 28.24 -9.24
CA LEU A 225 -52.71 27.22 -8.27
C LEU A 225 -54.12 26.72 -8.57
N ASN A 226 -55.04 27.64 -8.85
CA ASN A 226 -56.39 27.24 -9.20
C ASN A 226 -56.40 26.39 -10.46
N SER A 227 -55.66 26.82 -11.48
CA SER A 227 -55.69 26.11 -12.75
C SER A 227 -54.91 24.81 -12.68
N PHE A 228 -54.19 24.58 -11.58
CA PHE A 228 -53.58 23.26 -11.42
C PHE A 228 -54.48 22.33 -10.62
N LYS A 229 -55.18 22.87 -9.62
CA LYS A 229 -56.05 22.02 -8.82
C LYS A 229 -57.42 21.85 -9.47
N GLU A 230 -57.63 22.51 -10.61
CA GLU A 230 -58.75 22.13 -11.47
C GLU A 230 -58.65 20.68 -11.91
N TYR A 231 -57.42 20.20 -12.14
CA TYR A 231 -57.25 18.93 -12.84
C TYR A 231 -56.91 17.80 -11.88
N PHE A 232 -56.17 18.09 -10.81
CA PHE A 232 -55.71 17.10 -9.86
C PHE A 232 -56.09 17.56 -8.47
N ASN A 233 -56.12 16.62 -7.54
CA ASN A 233 -56.32 16.98 -6.14
C ASN A 233 -55.14 16.50 -5.32
N LEU A 234 -54.52 17.42 -4.58
CA LEU A 234 -53.24 17.14 -3.94
C LEU A 234 -53.45 16.71 -2.50
N ARG A 235 -52.80 15.63 -2.12
CA ARG A 235 -52.98 15.00 -0.83
C ARG A 235 -51.60 14.68 -0.26
N ASN A 236 -51.47 14.79 1.06
CA ASN A 236 -50.28 14.31 1.76
C ASN A 236 -49.03 15.08 1.33
N CYS A 237 -49.17 16.39 1.16
CA CYS A 237 -48.07 17.17 0.63
C CYS A 237 -47.12 17.58 1.74
N THR A 238 -45.82 17.44 1.48
CA THR A 238 -44.81 17.46 2.52
C THR A 238 -44.24 18.84 2.82
N PHE A 239 -43.93 19.64 1.81
CA PHE A 239 -43.28 20.92 2.03
C PHE A 239 -43.52 21.82 0.84
N MET A 240 -43.56 23.13 1.09
CA MET A 240 -43.87 24.10 0.07
C MET A 240 -43.40 25.48 0.50
N TYR A 241 -42.67 26.15 -0.38
CA TYR A 241 -42.07 27.44 -0.08
C TYR A 241 -42.39 28.39 -1.23
N THR A 242 -42.56 29.66 -0.91
CA THR A 242 -42.91 30.66 -1.90
C THR A 242 -41.78 31.68 -2.03
N TYR A 243 -41.61 32.21 -3.23
CA TYR A 243 -40.50 33.08 -3.55
C TYR A 243 -41.03 34.24 -4.37
N ASN A 244 -40.99 35.43 -3.81
CA ASN A 244 -41.45 36.62 -4.52
C ASN A 244 -40.63 36.81 -5.78
N ILE A 245 -41.30 37.09 -6.89
CA ILE A 245 -40.66 37.21 -8.19
C ILE A 245 -40.88 38.62 -8.69
N THR A 246 -39.80 39.35 -8.94
CA THR A 246 -39.91 40.69 -9.48
C THR A 246 -40.13 40.62 -10.98
N GLU A 247 -41.00 41.49 -11.49
CA GLU A 247 -41.31 41.51 -12.91
C GLU A 247 -40.30 42.35 -13.67
N ASP A 248 -39.66 41.75 -14.66
CA ASP A 248 -38.79 42.48 -15.57
C ASP A 248 -38.79 41.74 -16.91
N GLU A 249 -38.02 42.27 -17.85
CA GLU A 249 -37.84 41.66 -19.16
C GLU A 249 -36.39 41.21 -19.37
N ILE A 250 -35.82 40.59 -18.37
CA ILE A 250 -34.40 40.26 -18.38
C ILE A 250 -34.24 38.74 -18.44
N LEU A 251 -33.32 38.32 -19.30
CA LEU A 251 -33.05 36.90 -19.46
C LEU A 251 -32.59 36.30 -18.15
N GLU A 252 -33.20 35.18 -17.76
CA GLU A 252 -32.83 34.51 -16.53
C GLU A 252 -32.79 33.01 -16.75
N TRP A 253 -32.15 32.30 -15.83
CA TRP A 253 -32.08 30.85 -15.86
C TRP A 253 -32.65 30.28 -14.58
N PHE A 254 -32.91 28.99 -14.63
CA PHE A 254 -33.28 28.18 -13.49
C PHE A 254 -32.55 26.86 -13.64
N GLY A 255 -32.45 26.09 -12.57
CA GLY A 255 -31.81 24.80 -12.65
C GLY A 255 -32.11 23.96 -11.42
N ILE A 256 -32.29 22.67 -11.65
CA ILE A 256 -32.59 21.74 -10.57
C ILE A 256 -31.67 20.55 -10.67
N THR A 257 -30.98 20.24 -9.58
CA THR A 257 -30.10 19.10 -9.49
C THR A 257 -30.47 18.30 -8.25
N GLN A 258 -29.80 17.17 -8.06
CA GLN A 258 -30.08 16.33 -6.91
C GLN A 258 -28.83 15.54 -6.52
N THR A 259 -28.57 15.51 -5.22
CA THR A 259 -27.55 14.66 -4.62
C THR A 259 -28.12 14.06 -3.34
N ALA A 260 -27.29 13.39 -2.56
CA ALA A 260 -27.73 12.88 -1.26
C ALA A 260 -28.16 13.99 -0.33
N GLN A 261 -27.57 15.18 -0.43
CA GLN A 261 -27.93 16.30 0.42
C GLN A 261 -29.37 16.74 0.24
N GLY A 262 -30.03 16.35 -0.84
CA GLY A 262 -31.39 16.68 -1.13
C GLY A 262 -31.58 17.05 -2.58
N VAL A 263 -32.56 17.89 -2.83
CA VAL A 263 -32.85 18.41 -4.17
C VAL A 263 -32.64 19.92 -4.16
N HIS A 264 -31.74 20.39 -5.01
CA HIS A 264 -31.30 21.78 -5.01
C HIS A 264 -31.94 22.54 -6.16
N LEU A 265 -32.08 23.84 -5.99
CA LEU A 265 -32.58 24.72 -7.04
C LEU A 265 -31.59 25.85 -7.25
N PHE A 266 -31.60 26.44 -8.43
CA PHE A 266 -30.62 27.47 -8.78
C PHE A 266 -31.29 28.53 -9.63
N SER A 267 -30.83 29.78 -9.49
CA SER A 267 -31.47 30.89 -10.17
C SER A 267 -30.43 31.92 -10.57
N SER A 268 -30.82 32.74 -11.53
CA SER A 268 -30.05 33.90 -11.95
C SER A 268 -30.61 35.20 -11.40
N ARG A 269 -31.71 35.14 -10.66
CA ARG A 269 -32.48 36.34 -10.38
C ARG A 269 -31.80 37.23 -9.35
N TYR A 270 -31.11 36.64 -8.39
CA TYR A 270 -30.60 37.43 -7.28
C TYR A 270 -29.22 38.02 -7.52
N VAL A 271 -28.24 37.20 -7.87
CA VAL A 271 -26.85 37.63 -7.83
C VAL A 271 -26.37 38.27 -9.13
N ASP A 272 -26.42 37.56 -10.26
CA ASP A 272 -25.87 38.08 -11.51
C ASP A 272 -26.98 38.39 -12.50
N LEU A 273 -28.02 39.06 -12.01
CA LEU A 273 -29.24 39.27 -12.79
C LEU A 273 -28.95 39.84 -14.16
N TYR A 274 -28.11 40.86 -14.24
CA TYR A 274 -27.75 41.42 -15.52
C TYR A 274 -26.57 40.72 -16.17
N GLY A 275 -26.07 39.64 -15.59
CA GLY A 275 -24.95 38.95 -16.20
C GLY A 275 -25.28 37.55 -16.66
N GLY A 276 -26.16 36.87 -15.92
CA GLY A 276 -26.70 35.61 -16.36
C GLY A 276 -26.16 34.38 -15.66
N ASN A 277 -25.24 34.53 -14.70
CA ASN A 277 -24.76 33.35 -13.98
C ASN A 277 -25.87 32.81 -13.10
N MET A 278 -25.58 31.73 -12.40
CA MET A 278 -26.61 31.02 -11.67
C MET A 278 -26.14 30.68 -10.26
N PHE A 279 -27.02 30.86 -9.28
CA PHE A 279 -26.66 30.62 -7.89
C PHE A 279 -27.80 29.95 -7.14
N GLN A 280 -27.45 29.05 -6.22
CA GLN A 280 -28.46 28.35 -5.46
C GLN A 280 -29.23 29.29 -4.57
N PHE A 281 -30.52 29.04 -4.44
CA PHE A 281 -31.37 29.85 -3.58
C PHE A 281 -32.24 29.03 -2.63
N ALA A 282 -32.40 27.73 -2.91
CA ALA A 282 -33.23 26.86 -2.04
C ALA A 282 -32.92 25.37 -2.28
N THR A 283 -32.79 24.59 -1.20
CA THR A 283 -32.62 23.12 -1.32
C THR A 283 -33.90 22.49 -0.78
N LEU A 284 -34.58 21.63 -1.54
CA LEU A 284 -35.80 21.10 -0.96
C LEU A 284 -35.53 19.76 -0.31
N PRO A 285 -36.26 19.40 0.75
CA PRO A 285 -35.87 18.21 1.53
C PRO A 285 -36.37 16.90 0.94
N VAL A 286 -36.22 16.72 -0.36
CA VAL A 286 -36.64 15.50 -1.03
C VAL A 286 -35.49 14.52 -0.97
N TYR A 287 -35.79 13.30 -0.54
CA TYR A 287 -34.83 12.21 -0.45
C TYR A 287 -35.19 11.03 -1.35
N ASP A 288 -36.07 11.26 -2.33
CA ASP A 288 -36.36 10.28 -3.36
C ASP A 288 -35.56 10.62 -4.62
N THR A 289 -34.81 9.64 -5.12
CA THR A 289 -34.01 9.86 -6.36
C THR A 289 -34.95 10.23 -7.51
N ILE A 290 -35.07 11.53 -7.81
CA ILE A 290 -35.91 11.95 -8.97
C ILE A 290 -35.28 11.35 -10.23
N LYS A 291 -36.11 10.82 -11.12
CA LYS A 291 -35.58 10.18 -12.36
C LYS A 291 -36.44 10.61 -13.54
N TYR A 292 -37.67 11.04 -13.30
CA TYR A 292 -38.58 11.34 -14.40
C TYR A 292 -39.16 12.73 -14.20
N TYR A 293 -39.37 13.43 -15.30
CA TYR A 293 -40.01 14.72 -15.22
C TYR A 293 -40.79 14.97 -16.50
N SER A 294 -41.81 15.81 -16.38
CA SER A 294 -42.55 16.30 -17.52
C SER A 294 -42.87 17.75 -17.27
N ILE A 295 -43.08 18.47 -18.34
CA ILE A 295 -43.37 19.89 -18.26
C ILE A 295 -44.87 20.07 -18.17
N ILE A 296 -45.30 21.22 -17.64
CA ILE A 296 -46.72 21.57 -17.60
C ILE A 296 -47.04 22.60 -18.67
N PRO A 297 -47.86 22.25 -19.66
CA PRO A 297 -48.24 23.25 -20.67
C PRO A 297 -49.20 24.30 -20.12
N HIS A 298 -49.06 25.52 -20.63
CA HIS A 298 -49.72 26.70 -20.11
C HIS A 298 -50.09 27.63 -21.27
N SER A 299 -51.08 28.49 -21.05
CA SER A 299 -51.48 29.47 -22.06
C SER A 299 -52.15 30.67 -21.42
N ILE A 300 -52.23 31.75 -22.19
CA ILE A 300 -52.70 33.05 -21.72
C ILE A 300 -54.12 33.23 -22.21
N ARG A 301 -55.06 33.49 -21.29
CA ARG A 301 -56.47 33.71 -21.63
C ARG A 301 -56.71 35.19 -21.89
N SER A 302 -56.10 35.68 -22.95
CA SER A 302 -56.37 37.05 -23.37
C SER A 302 -57.43 37.06 -24.47
N ILE A 303 -58.00 38.25 -24.70
CA ILE A 303 -58.98 38.40 -25.76
C ILE A 303 -58.26 38.72 -27.05
N GLN A 304 -58.95 38.57 -28.17
CA GLN A 304 -58.30 38.62 -29.47
C GLN A 304 -57.64 39.97 -29.74
N SER A 305 -58.23 41.05 -29.21
CA SER A 305 -57.63 42.37 -29.39
C SER A 305 -56.42 42.62 -28.51
N ASP A 306 -56.28 41.91 -27.39
CA ASP A 306 -55.22 42.17 -26.43
C ASP A 306 -54.25 41.01 -26.27
N ARG A 307 -54.09 40.18 -27.30
CA ARG A 307 -53.15 39.08 -27.22
C ARG A 307 -51.73 39.59 -27.41
N LYS A 308 -50.79 38.95 -26.73
CA LYS A 308 -49.36 39.27 -26.83
C LYS A 308 -48.55 38.00 -27.02
N ALA A 309 -47.27 38.18 -27.33
CA ALA A 309 -46.34 37.09 -27.59
C ALA A 309 -45.54 36.76 -26.33
N TRP A 310 -45.21 35.48 -26.17
CA TRP A 310 -44.70 34.95 -24.91
C TRP A 310 -43.51 34.05 -25.17
N ALA A 311 -42.33 34.50 -24.74
CA ALA A 311 -41.06 33.96 -25.22
C ALA A 311 -40.96 32.46 -24.99
N ALA A 312 -40.35 31.78 -25.96
CA ALA A 312 -40.10 30.36 -25.79
C ALA A 312 -38.94 30.15 -24.82
N PHE A 313 -39.19 29.33 -23.81
CA PHE A 313 -38.19 28.89 -22.86
C PHE A 313 -37.68 27.50 -23.20
N TYR A 314 -36.40 27.27 -22.92
CA TYR A 314 -35.66 26.15 -23.47
C TYR A 314 -35.13 25.32 -22.32
N VAL A 315 -34.91 24.03 -22.55
CA VAL A 315 -34.44 23.13 -21.50
C VAL A 315 -33.17 22.45 -21.99
N TYR A 316 -32.11 22.51 -21.19
CA TYR A 316 -30.85 21.89 -21.54
C TYR A 316 -30.43 20.95 -20.41
N LYS A 317 -30.03 19.73 -20.79
CA LYS A 317 -29.67 18.73 -19.81
C LYS A 317 -28.38 19.09 -19.11
N LEU A 318 -28.04 18.33 -18.08
CA LEU A 318 -26.77 18.44 -17.40
C LEU A 318 -26.13 17.08 -17.27
N GLN A 319 -24.81 17.05 -17.33
CA GLN A 319 -24.10 15.81 -17.04
C GLN A 319 -22.69 16.16 -16.61
N PRO A 320 -22.04 15.32 -15.81
CA PRO A 320 -20.72 15.66 -15.27
C PRO A 320 -19.71 15.89 -16.38
N LEU A 321 -19.03 17.03 -16.30
CA LEU A 321 -18.08 17.47 -17.32
C LEU A 321 -17.00 18.30 -16.65
N THR A 322 -16.04 18.73 -17.46
CA THR A 322 -15.01 19.65 -17.03
C THR A 322 -15.06 20.90 -17.89
N PHE A 323 -15.20 22.05 -17.25
CA PHE A 323 -15.05 23.32 -17.94
C PHE A 323 -13.82 24.06 -17.45
N LEU A 324 -13.19 24.78 -18.36
CA LEU A 324 -12.26 25.83 -17.98
C LEU A 324 -13.05 27.12 -17.82
N LEU A 325 -13.09 27.64 -16.60
CA LEU A 325 -13.92 28.78 -16.27
C LEU A 325 -13.05 30.02 -16.10
N ASP A 326 -13.52 31.12 -16.65
CA ASP A 326 -12.92 32.42 -16.43
C ASP A 326 -13.74 33.13 -15.35
N PHE A 327 -13.04 33.65 -14.35
CA PHE A 327 -13.70 34.49 -13.34
C PHE A 327 -13.22 35.92 -13.51
N SER A 328 -14.15 36.85 -13.64
CA SER A 328 -13.79 38.25 -13.72
C SER A 328 -13.29 38.73 -12.36
N VAL A 329 -12.80 39.97 -12.32
CA VAL A 329 -12.31 40.52 -11.07
C VAL A 329 -13.42 40.55 -10.03
N ASP A 330 -14.63 40.94 -10.44
CA ASP A 330 -15.76 40.82 -9.53
C ASP A 330 -16.15 39.38 -9.28
N GLY A 331 -15.62 38.42 -10.02
CA GLY A 331 -15.86 37.03 -9.77
C GLY A 331 -16.99 36.43 -10.54
N TYR A 332 -17.56 37.13 -11.52
CA TYR A 332 -18.55 36.49 -12.34
C TYR A 332 -17.91 35.80 -13.53
N ILE A 333 -18.51 34.68 -13.93
CA ILE A 333 -18.04 33.89 -15.05
C ILE A 333 -18.62 34.48 -16.33
N ARG A 334 -17.75 34.97 -17.20
CA ARG A 334 -18.17 35.48 -18.49
C ARG A 334 -17.70 34.64 -19.65
N ARG A 335 -16.89 33.61 -19.40
CA ARG A 335 -16.35 32.77 -20.46
C ARG A 335 -16.22 31.37 -19.93
N ALA A 336 -16.13 30.41 -20.85
CA ALA A 336 -15.92 29.03 -20.46
C ALA A 336 -15.47 28.23 -21.68
N ILE A 337 -15.00 27.03 -21.41
CA ILE A 337 -14.75 26.03 -22.45
C ILE A 337 -15.44 24.74 -22.03
N ASP A 338 -16.15 24.13 -22.96
CA ASP A 338 -16.57 22.75 -22.83
C ASP A 338 -15.50 21.84 -23.39
N CYS A 339 -14.65 21.31 -22.51
CA CYS A 339 -13.48 20.51 -22.99
C CYS A 339 -13.93 19.41 -23.95
N GLY A 340 -15.17 18.91 -23.80
CA GLY A 340 -15.62 17.76 -24.61
C GLY A 340 -15.97 18.10 -26.05
N PHE A 341 -16.16 19.38 -26.38
CA PHE A 341 -16.62 19.74 -27.74
C PHE A 341 -15.45 20.30 -28.55
N ASN A 342 -15.06 19.63 -29.66
CA ASN A 342 -13.98 20.13 -30.58
C ASN A 342 -12.58 19.84 -30.03
N ASP A 343 -11.64 19.55 -30.81
CA ASP A 343 -10.26 19.16 -30.42
C ASP A 343 -9.57 20.39 -29.82
N LEU A 344 -9.84 21.57 -30.37
CA LEU A 344 -9.21 22.84 -29.89
C LEU A 344 -9.60 23.11 -28.44
N SER A 345 -10.86 22.81 -28.08
CA SER A 345 -11.31 23.03 -26.68
C SER A 345 -10.49 22.14 -25.74
N GLN A 346 -10.21 20.90 -26.15
CA GLN A 346 -9.34 20.01 -25.32
C GLN A 346 -7.97 20.68 -25.17
N LEU A 347 -7.50 21.36 -26.22
CA LEU A 347 -6.22 22.11 -26.13
C LEU A 347 -6.40 23.30 -25.18
N HIS A 348 -7.53 24.01 -25.27
CA HIS A 348 -7.83 25.14 -24.35
C HIS A 348 -7.96 24.63 -22.91
N CYS A 349 -8.58 23.46 -22.73
CA CYS A 349 -8.74 22.87 -21.37
C CYS A 349 -7.35 22.62 -20.80
N SER A 350 -6.42 22.13 -21.63
CA SER A 350 -5.01 21.96 -21.20
C SER A 350 -4.32 23.32 -21.13
N TYR A 351 -3.25 23.45 -20.34
CA TYR A 351 -2.47 24.72 -20.21
C TYR A 351 -3.17 25.65 -19.22
N GLU A 352 -4.37 25.28 -18.74
CA GLU A 352 -5.11 26.07 -17.73
C GLU A 352 -5.37 27.50 -18.25
N SER A 353 -5.49 27.69 -19.57
CA SER A 353 -5.70 29.04 -20.14
C SER A 353 -6.45 28.95 -21.47
N PHE A 354 -7.26 29.97 -21.79
CA PHE A 354 -7.92 30.01 -23.12
C PHE A 354 -6.84 30.15 -24.19
N ASP A 355 -5.82 30.97 -23.93
CA ASP A 355 -4.75 31.23 -24.92
C ASP A 355 -3.91 29.96 -25.12
N VAL A 356 -3.66 29.58 -26.37
CA VAL A 356 -2.75 28.43 -26.67
C VAL A 356 -1.81 28.88 -27.78
N GLU A 357 -0.53 28.50 -27.71
CA GLU A 357 0.46 28.98 -28.70
C GLU A 357 0.21 28.30 -30.06
N SER A 358 0.54 28.99 -31.15
CA SER A 358 0.39 28.40 -32.51
C SER A 358 1.34 27.21 -32.66
N GLY A 359 0.87 26.11 -33.26
CA GLY A 359 1.74 24.94 -33.49
C GLY A 359 0.94 23.71 -33.87
N VAL A 360 1.59 22.54 -33.91
CA VAL A 360 0.87 21.26 -34.19
C VAL A 360 0.76 20.49 -32.87
N TYR A 361 -0.46 20.19 -32.43
CA TYR A 361 -0.65 19.51 -31.12
C TYR A 361 -1.40 18.19 -31.35
N SER A 362 -0.73 17.06 -31.07
CA SER A 362 -1.41 15.75 -31.20
C SER A 362 -2.57 15.69 -30.21
N VAL A 363 -3.74 15.23 -30.67
CA VAL A 363 -4.95 15.12 -29.78
C VAL A 363 -5.34 13.65 -29.66
N SER A 364 -6.41 13.34 -28.93
CA SER A 364 -6.79 11.92 -28.70
C SER A 364 -7.16 11.24 -30.03
N SER A 365 -6.63 10.05 -30.28
CA SER A 365 -6.88 9.33 -31.56
C SER A 365 -8.30 8.78 -31.58
N PHE A 366 -8.80 8.39 -32.77
CA PHE A 366 -10.16 7.80 -32.84
C PHE A 366 -10.05 6.28 -32.99
N GLU A 367 -10.73 5.52 -32.13
CA GLU A 367 -10.59 4.03 -32.15
C GLU A 367 -11.74 3.42 -32.96
N ALA A 368 -11.60 2.15 -33.35
CA ALA A 368 -12.63 1.46 -34.17
C ALA A 368 -13.86 1.09 -33.32
N LYS A 369 -15.02 0.89 -33.96
CA LYS A 369 -16.28 0.58 -33.21
C LYS A 369 -16.67 -0.89 -33.39
N PRO A 370 -17.01 -1.62 -32.30
CA PRO A 370 -17.36 -3.05 -32.40
C PRO A 370 -18.62 -3.40 -33.19
N SER A 371 -18.55 -4.46 -34.01
CA SER A 371 -19.73 -4.91 -34.78
C SER A 371 -19.80 -6.45 -34.78
N GLY A 372 -21.00 -7.03 -34.71
CA GLY A 372 -21.13 -8.49 -34.84
C GLY A 372 -20.23 -9.28 -33.89
N SER A 373 -20.18 -8.92 -32.61
CA SER A 373 -19.39 -9.71 -31.63
C SER A 373 -19.51 -11.21 -31.95
N VAL A 374 -18.38 -11.87 -32.23
CA VAL A 374 -18.40 -13.29 -32.59
C VAL A 374 -18.34 -14.14 -31.34
N VAL A 375 -18.96 -15.32 -31.39
CA VAL A 375 -18.88 -16.31 -30.31
C VAL A 375 -18.59 -17.67 -30.92
N GLU A 376 -17.74 -18.44 -30.24
CA GLU A 376 -17.41 -19.81 -30.61
C GLU A 376 -17.77 -20.71 -29.44
N GLN A 377 -18.16 -21.94 -29.73
CA GLN A 377 -18.75 -22.77 -28.69
C GLN A 377 -18.32 -24.23 -28.77
N GLU A 382 -27.69 -32.28 -27.91
CA GLU A 382 -28.27 -33.42 -28.68
C GLU A 382 -28.87 -34.47 -27.74
N CYS A 383 -30.08 -34.21 -27.21
CA CYS A 383 -30.77 -35.26 -26.42
C CYS A 383 -31.22 -36.30 -27.44
N ASP A 384 -30.51 -37.43 -27.54
CA ASP A 384 -30.83 -38.41 -28.61
C ASP A 384 -32.25 -38.95 -28.46
N PHE A 385 -33.00 -39.00 -29.56
CA PHE A 385 -34.36 -39.61 -29.53
C PHE A 385 -34.23 -41.00 -30.16
N SER A 386 -32.99 -41.43 -30.44
CA SER A 386 -32.75 -42.75 -31.07
C SER A 386 -33.47 -43.88 -30.31
N PRO A 387 -33.44 -44.04 -28.95
CA PRO A 387 -34.17 -45.15 -28.34
C PRO A 387 -35.66 -45.05 -28.70
N LEU A 388 -36.21 -43.84 -28.70
CA LEU A 388 -37.62 -43.64 -29.12
C LEU A 388 -37.77 -44.02 -30.60
N LEU A 389 -36.80 -43.65 -31.43
CA LEU A 389 -36.87 -43.94 -32.89
C LEU A 389 -36.86 -45.46 -33.13
N SER A 390 -36.06 -46.20 -32.37
CA SER A 390 -35.93 -47.67 -32.56
C SER A 390 -36.93 -48.44 -31.69
N GLY A 391 -37.11 -49.74 -31.96
CA GLY A 391 -37.97 -50.58 -31.09
C GLY A 391 -39.43 -50.59 -31.47
N THR A 392 -40.29 -51.21 -30.64
CA THR A 392 -41.74 -51.28 -30.89
C THR A 392 -42.45 -50.67 -29.68
N PRO A 393 -43.46 -49.79 -29.83
CA PRO A 393 -44.07 -49.12 -28.68
C PRO A 393 -44.71 -50.08 -27.67
N PRO A 394 -44.46 -49.89 -26.36
CA PRO A 394 -45.08 -50.73 -25.32
C PRO A 394 -46.50 -50.25 -25.02
N GLN A 395 -47.26 -50.99 -24.21
CA GLN A 395 -48.68 -50.63 -23.94
C GLN A 395 -48.76 -49.39 -23.04
N VAL A 396 -49.95 -48.78 -22.94
CA VAL A 396 -50.11 -47.54 -22.13
C VAL A 396 -49.63 -47.80 -20.70
N TYR A 397 -49.89 -49.00 -20.16
CA TYR A 397 -49.45 -49.35 -18.79
C TYR A 397 -47.93 -49.60 -18.76
N ASN A 398 -47.29 -49.75 -19.93
CA ASN A 398 -45.82 -49.95 -20.01
C ASN A 398 -45.14 -48.70 -20.56
N PHE A 399 -45.84 -47.56 -20.61
CA PHE A 399 -45.30 -46.28 -21.16
C PHE A 399 -43.76 -46.26 -21.12
N LYS A 400 -43.11 -46.31 -22.30
CA LYS A 400 -41.63 -46.24 -22.32
C LYS A 400 -41.21 -44.85 -21.84
N ARG A 401 -40.22 -44.77 -20.95
CA ARG A 401 -39.85 -43.46 -20.37
C ARG A 401 -38.39 -43.10 -20.70
N LEU A 402 -38.16 -41.91 -21.27
CA LEU A 402 -36.77 -41.45 -21.55
C LEU A 402 -36.56 -40.12 -20.81
N VAL A 403 -35.48 -40.01 -20.04
CA VAL A 403 -35.20 -38.76 -19.26
C VAL A 403 -33.96 -38.09 -19.86
N PHE A 404 -34.06 -36.80 -20.18
CA PHE A 404 -32.93 -36.08 -20.84
C PHE A 404 -32.39 -35.01 -19.88
N THR A 405 -31.09 -35.07 -19.55
CA THR A 405 -30.52 -34.12 -18.56
C THR A 405 -29.32 -33.36 -19.14
N ASN A 406 -29.27 -32.04 -18.97
CA ASN A 406 -28.10 -31.22 -19.41
C ASN A 406 -27.81 -31.45 -20.90
N CYS A 407 -28.85 -31.53 -21.74
CA CYS A 407 -28.62 -31.66 -23.20
C CYS A 407 -29.43 -30.62 -23.99
N ASN A 408 -28.80 -29.96 -24.96
CA ASN A 408 -29.55 -29.04 -25.86
C ASN A 408 -30.37 -29.90 -26.82
N TYR A 409 -31.44 -29.36 -27.42
CA TYR A 409 -32.31 -30.25 -28.24
C TYR A 409 -32.98 -29.53 -29.41
N ASN A 410 -33.88 -30.25 -30.10
CA ASN A 410 -34.68 -29.69 -31.18
C ASN A 410 -35.89 -30.60 -31.30
N LEU A 411 -36.87 -30.38 -30.42
CA LEU A 411 -38.02 -31.27 -30.34
C LEU A 411 -38.72 -31.42 -31.66
N THR A 412 -38.56 -30.40 -32.52
CA THR A 412 -39.25 -30.39 -33.83
C THR A 412 -38.81 -31.57 -34.69
N LYS A 413 -37.59 -32.10 -34.47
CA LYS A 413 -37.10 -33.19 -35.35
C LYS A 413 -38.00 -34.42 -35.21
N LEU A 414 -38.36 -34.78 -33.98
CA LEU A 414 -39.32 -35.91 -33.78
C LEU A 414 -40.69 -35.52 -34.35
N LEU A 415 -41.18 -34.33 -34.06
CA LEU A 415 -42.55 -33.96 -34.49
C LEU A 415 -42.66 -33.90 -36.02
N SER A 416 -41.64 -33.36 -36.71
CA SER A 416 -41.69 -33.23 -38.19
C SER A 416 -41.79 -34.62 -38.80
N LEU A 417 -41.06 -35.58 -38.22
CA LEU A 417 -41.12 -36.99 -38.70
C LEU A 417 -42.53 -37.54 -38.53
N PHE A 418 -43.24 -37.21 -37.52
CA PHE A 418 -44.60 -37.76 -37.28
C PHE A 418 -45.66 -36.79 -37.83
N SER A 419 -46.93 -37.16 -37.74
CA SER A 419 -48.05 -36.24 -38.12
C SER A 419 -48.85 -35.98 -36.85
N VAL A 420 -48.67 -34.82 -36.22
CA VAL A 420 -49.29 -34.58 -34.89
C VAL A 420 -50.77 -34.23 -35.03
N ASN A 421 -51.61 -34.74 -34.13
CA ASN A 421 -53.07 -34.46 -34.19
C ASN A 421 -53.47 -33.67 -32.94
N ASP A 422 -52.76 -33.85 -31.82
CA ASP A 422 -53.14 -33.15 -30.56
C ASP A 422 -51.89 -32.65 -29.83
N PHE A 423 -51.95 -31.45 -29.24
CA PHE A 423 -50.81 -30.94 -28.44
C PHE A 423 -51.37 -30.05 -27.32
N THR A 424 -51.78 -30.67 -26.22
CA THR A 424 -52.36 -29.91 -25.08
C THR A 424 -51.26 -29.63 -24.06
N CYS A 425 -51.01 -28.35 -23.77
CA CYS A 425 -49.96 -27.97 -22.78
C CYS A 425 -50.64 -27.38 -21.54
N SER A 426 -50.60 -28.12 -20.42
CA SER A 426 -51.30 -27.65 -19.19
C SER A 426 -50.43 -26.65 -18.43
N GLN A 427 -50.97 -25.48 -18.07
CA GLN A 427 -50.24 -24.49 -17.23
C GLN A 427 -49.11 -23.81 -18.03
N ILE A 428 -49.10 -23.97 -19.37
CA ILE A 428 -47.98 -23.40 -20.18
C ILE A 428 -48.46 -23.17 -21.61
N SER A 429 -47.72 -22.36 -22.38
CA SER A 429 -48.07 -22.15 -23.80
C SER A 429 -47.58 -23.33 -24.65
N PRO A 430 -48.30 -23.72 -25.71
CA PRO A 430 -47.83 -24.76 -26.63
C PRO A 430 -46.32 -24.64 -26.92
N ALA A 431 -45.83 -23.47 -27.36
CA ALA A 431 -44.38 -23.41 -27.68
C ALA A 431 -43.55 -22.92 -26.50
N ALA A 432 -44.17 -22.55 -25.38
CA ALA A 432 -43.37 -21.97 -24.29
C ALA A 432 -42.34 -23.01 -23.82
N ILE A 433 -42.75 -24.28 -23.76
CA ILE A 433 -41.82 -25.35 -23.31
C ILE A 433 -40.63 -25.44 -24.27
N ALA A 434 -40.88 -25.30 -25.59
CA ALA A 434 -39.80 -25.38 -26.59
C ALA A 434 -38.98 -24.08 -26.59
N SER A 435 -39.65 -22.93 -26.49
CA SER A 435 -38.94 -21.61 -26.55
C SER A 435 -38.07 -21.38 -25.32
N ASN A 436 -38.62 -21.59 -24.12
CA ASN A 436 -37.84 -21.39 -22.87
C ASN A 436 -37.12 -22.71 -22.55
N CYS A 437 -36.07 -22.70 -21.74
CA CYS A 437 -35.31 -23.97 -21.51
C CYS A 437 -35.18 -24.28 -20.02
N TYR A 438 -35.30 -25.57 -19.62
CA TYR A 438 -35.40 -25.86 -18.15
C TYR A 438 -34.40 -26.86 -17.54
N SER A 439 -34.56 -27.26 -16.28
CA SER A 439 -33.53 -28.13 -15.64
C SER A 439 -33.43 -29.49 -16.35
N SER A 440 -34.55 -30.18 -16.52
CA SER A 440 -34.54 -31.50 -17.22
C SER A 440 -35.85 -31.70 -18.00
N LEU A 441 -35.81 -32.54 -19.05
CA LEU A 441 -37.03 -32.84 -19.83
C LEU A 441 -37.26 -34.36 -19.79
N ILE A 442 -38.50 -34.79 -19.52
CA ILE A 442 -38.82 -36.25 -19.53
C ILE A 442 -39.82 -36.50 -20.66
N LEU A 443 -39.54 -37.49 -21.52
CA LEU A 443 -40.45 -37.83 -22.65
C LEU A 443 -40.91 -39.28 -22.53
N ASP A 444 -42.21 -39.53 -22.61
CA ASP A 444 -42.75 -40.91 -22.53
C ASP A 444 -43.43 -41.26 -23.86
N TYR A 445 -43.30 -42.51 -24.31
CA TYR A 445 -44.03 -42.94 -25.54
C TYR A 445 -44.71 -44.28 -25.27
N PHE A 446 -45.99 -44.41 -25.64
CA PHE A 446 -46.75 -45.66 -25.31
C PHE A 446 -47.73 -45.98 -26.43
N SER A 447 -48.22 -47.22 -26.47
CA SER A 447 -49.23 -47.61 -27.48
C SER A 447 -50.60 -47.20 -26.95
N TYR A 448 -51.05 -45.99 -27.29
CA TYR A 448 -52.35 -45.49 -26.77
C TYR A 448 -53.25 -45.09 -27.93
N PRO A 449 -54.51 -45.59 -28.03
CA PRO A 449 -55.42 -45.16 -29.12
C PRO A 449 -55.76 -43.67 -29.12
N LEU A 450 -55.54 -43.07 -30.42
CA LEU A 450 -55.95 -41.66 -30.61
C LEU A 450 -57.46 -41.55 -30.39
N SER A 451 -58.20 -42.57 -30.63
CA SER A 451 -59.69 -42.58 -30.60
C SER A 451 -60.16 -42.29 -29.17
N MET A 452 -59.48 -42.81 -28.16
CA MET A 452 -59.85 -42.47 -26.75
C MET A 452 -59.20 -41.14 -26.38
N LYS A 453 -59.51 -40.08 -27.14
CA LYS A 453 -58.99 -38.72 -26.83
C LYS A 453 -59.56 -38.25 -25.49
N SER A 454 -60.85 -38.52 -25.26
CA SER A 454 -61.53 -38.10 -23.99
C SER A 454 -60.89 -38.81 -22.80
N ASP A 455 -60.52 -40.07 -22.96
CA ASP A 455 -59.94 -40.86 -21.84
C ASP A 455 -58.65 -40.19 -21.37
N LEU A 456 -57.83 -39.68 -22.30
CA LEU A 456 -56.60 -38.96 -21.89
C LEU A 456 -56.94 -37.50 -21.60
N SER A 457 -56.90 -37.10 -20.33
CA SER A 457 -57.21 -35.70 -19.94
C SER A 457 -56.43 -35.36 -18.67
N VAL A 458 -56.23 -34.07 -18.39
CA VAL A 458 -55.57 -33.69 -17.10
C VAL A 458 -56.45 -34.20 -15.96
N SER A 459 -57.77 -34.03 -16.07
CA SER A 459 -58.70 -34.61 -15.06
C SER A 459 -59.78 -35.41 -15.79
N SER A 460 -59.90 -36.71 -15.47
CA SER A 460 -60.97 -37.55 -16.09
C SER A 460 -61.30 -38.74 -15.17
N ALA A 461 -62.50 -39.29 -15.30
CA ALA A 461 -62.86 -40.50 -14.52
C ALA A 461 -62.51 -41.73 -15.35
N GLY A 462 -61.81 -41.54 -16.47
CA GLY A 462 -61.43 -42.65 -17.35
C GLY A 462 -60.44 -43.60 -16.71
N PRO A 463 -60.37 -44.87 -17.14
CA PRO A 463 -59.50 -45.86 -16.48
C PRO A 463 -58.01 -45.52 -16.49
N ILE A 464 -57.47 -45.00 -17.60
CA ILE A 464 -56.01 -44.74 -17.66
C ILE A 464 -55.63 -43.82 -16.50
N SER A 465 -56.37 -42.73 -16.29
CA SER A 465 -55.97 -41.74 -15.26
C SER A 465 -55.75 -42.49 -13.94
N GLN A 466 -56.74 -43.28 -13.53
CA GLN A 466 -56.65 -44.04 -12.27
C GLN A 466 -55.55 -45.11 -12.31
N PHE A 467 -55.41 -45.84 -13.43
CA PHE A 467 -54.47 -46.99 -13.41
C PHE A 467 -53.36 -46.94 -14.47
N ASN A 468 -53.70 -46.79 -15.76
CA ASN A 468 -52.65 -46.90 -16.82
C ASN A 468 -51.58 -45.81 -16.76
N TYR A 469 -51.96 -44.53 -16.62
CA TYR A 469 -50.94 -43.45 -16.67
C TYR A 469 -51.44 -42.19 -15.96
N LYS A 470 -50.51 -41.37 -15.44
CA LYS A 470 -50.92 -40.09 -14.80
C LYS A 470 -49.74 -39.11 -14.91
N GLN A 471 -50.00 -37.81 -14.75
CA GLN A 471 -48.93 -36.77 -14.82
C GLN A 471 -49.03 -35.87 -13.59
N SER A 472 -47.89 -35.34 -13.12
CA SER A 472 -47.90 -34.51 -11.88
C SER A 472 -48.65 -33.20 -12.15
N PHE A 473 -49.60 -32.86 -11.28
CA PHE A 473 -50.41 -31.62 -11.45
C PHE A 473 -49.54 -30.38 -11.26
N SER A 474 -48.65 -30.38 -10.26
CA SER A 474 -47.85 -29.16 -9.95
C SER A 474 -46.94 -28.78 -11.12
N ASN A 475 -46.27 -29.76 -11.72
CA ASN A 475 -45.35 -29.48 -12.86
C ASN A 475 -46.17 -29.25 -14.13
N PRO A 476 -45.80 -28.30 -15.02
CA PRO A 476 -46.51 -28.12 -16.28
C PRO A 476 -46.34 -29.41 -17.11
N THR A 477 -47.44 -29.93 -17.67
CA THR A 477 -47.38 -31.20 -18.42
C THR A 477 -47.97 -31.03 -19.82
N CYS A 478 -47.25 -31.48 -20.85
CA CYS A 478 -47.76 -31.39 -22.24
C CYS A 478 -47.93 -32.79 -22.81
N LEU A 479 -49.10 -33.08 -23.40
CA LEU A 479 -49.36 -34.42 -24.00
C LEU A 479 -49.48 -34.27 -25.51
N ILE A 480 -48.76 -35.10 -26.28
CA ILE A 480 -48.80 -35.03 -27.76
C ILE A 480 -49.45 -36.29 -28.30
N LEU A 481 -50.53 -36.18 -29.09
CA LEU A 481 -51.10 -37.37 -29.74
C LEU A 481 -50.71 -37.25 -31.21
N ALA A 482 -49.94 -38.20 -31.73
CA ALA A 482 -49.42 -38.04 -33.11
C ALA A 482 -49.48 -39.37 -33.86
N THR A 483 -48.90 -39.42 -35.07
CA THR A 483 -49.01 -40.64 -35.91
C THR A 483 -47.79 -40.75 -36.82
N VAL A 484 -47.06 -41.87 -36.75
CA VAL A 484 -45.90 -42.10 -37.68
C VAL A 484 -46.47 -42.19 -39.09
N PRO A 485 -45.81 -41.67 -40.15
CA PRO A 485 -46.29 -41.80 -41.52
C PRO A 485 -46.34 -43.25 -42.00
N HIS A 486 -45.48 -44.13 -41.47
CA HIS A 486 -45.37 -45.56 -41.88
C HIS A 486 -44.34 -45.66 -43.01
N ASN A 487 -43.88 -44.51 -43.51
CA ASN A 487 -42.80 -44.52 -44.53
C ASN A 487 -41.56 -45.09 -43.86
N LEU A 488 -41.31 -44.69 -42.60
CA LEU A 488 -40.16 -45.24 -41.83
C LEU A 488 -40.48 -46.69 -41.46
N THR A 489 -39.52 -47.60 -41.65
CA THR A 489 -39.71 -49.01 -41.25
C THR A 489 -39.04 -49.25 -39.90
N THR A 490 -38.48 -48.20 -39.29
CA THR A 490 -37.75 -48.34 -38.00
C THR A 490 -38.69 -48.85 -36.90
N ILE A 491 -39.93 -48.37 -36.86
CA ILE A 491 -40.85 -48.75 -35.74
C ILE A 491 -41.83 -49.82 -36.23
N THR A 492 -41.84 -50.99 -35.83
CA THR A 492 -42.84 -51.99 -36.28
C THR A 492 -44.06 -51.91 -35.34
N LYS A 493 -45.13 -52.65 -35.71
CA LYS A 493 -46.41 -52.57 -34.96
C LYS A 493 -46.64 -53.82 -34.09
N PRO A 494 -47.16 -53.71 -32.82
CA PRO A 494 -47.52 -54.88 -32.03
C PRO A 494 -48.84 -55.55 -32.46
N LEU A 495 -49.41 -56.37 -31.58
CA LEU A 495 -50.73 -57.02 -31.87
C LEU A 495 -51.86 -56.00 -31.74
N LYS A 496 -52.29 -55.72 -30.50
CA LYS A 496 -53.42 -54.77 -30.27
C LYS A 496 -53.13 -53.89 -29.04
N TYR A 497 -53.77 -52.73 -28.95
CA TYR A 497 -53.58 -51.86 -27.74
C TYR A 497 -54.28 -52.50 -26.53
N SER A 498 -53.69 -52.33 -25.34
CA SER A 498 -54.31 -52.87 -24.10
C SER A 498 -54.23 -51.83 -22.99
N TYR A 499 -55.24 -51.77 -22.11
CA TYR A 499 -55.25 -50.81 -20.98
C TYR A 499 -55.82 -51.52 -19.75
N ILE A 500 -55.47 -51.07 -18.53
CA ILE A 500 -55.99 -51.68 -17.28
C ILE A 500 -57.30 -50.99 -16.91
N ASN A 501 -58.44 -51.60 -17.20
CA ASN A 501 -59.75 -51.02 -16.80
C ASN A 501 -59.90 -51.06 -15.28
N LYS A 502 -59.46 -52.14 -14.62
CA LYS A 502 -59.72 -52.26 -13.17
C LYS A 502 -58.46 -52.67 -12.38
N CYS A 503 -58.03 -51.84 -11.43
CA CYS A 503 -56.92 -52.23 -10.51
C CYS A 503 -57.46 -51.87 -9.12
N SER A 504 -57.75 -52.86 -8.27
CA SER A 504 -58.40 -52.55 -6.97
C SER A 504 -57.95 -53.51 -5.87
N ARG A 505 -58.06 -53.10 -4.61
CA ARG A 505 -57.68 -54.00 -3.48
C ARG A 505 -58.84 -54.93 -3.20
N LEU A 506 -58.99 -55.98 -4.02
CA LEU A 506 -60.07 -56.97 -3.76
C LEU A 506 -59.76 -57.62 -2.41
N LEU A 507 -60.76 -57.70 -1.53
CA LEU A 507 -60.55 -58.28 -0.18
C LEU A 507 -60.56 -59.81 -0.29
N SER A 508 -60.20 -60.50 0.79
CA SER A 508 -60.19 -61.99 0.78
C SER A 508 -61.63 -62.49 0.62
N ASP A 509 -62.61 -61.61 0.78
CA ASP A 509 -64.05 -61.99 0.65
C ASP A 509 -64.58 -61.75 -0.78
N ASP A 510 -64.17 -60.68 -1.46
CA ASP A 510 -64.72 -60.31 -2.80
C ASP A 510 -66.07 -59.64 -2.62
N ARG A 511 -66.26 -58.92 -1.51
CA ARG A 511 -67.53 -58.16 -1.30
C ARG A 511 -67.22 -56.66 -1.39
N THR A 512 -66.69 -56.08 -0.32
CA THR A 512 -66.28 -54.64 -0.36
C THR A 512 -65.02 -54.55 -1.22
N GLU A 513 -64.93 -53.53 -2.09
CA GLU A 513 -63.70 -53.33 -2.90
C GLU A 513 -63.24 -51.88 -2.81
N VAL A 514 -61.94 -51.65 -2.59
CA VAL A 514 -61.38 -50.27 -2.57
C VAL A 514 -60.43 -50.13 -3.75
N PRO A 515 -60.64 -49.17 -4.69
CA PRO A 515 -59.79 -49.07 -5.88
C PRO A 515 -58.34 -48.64 -5.60
N GLN A 516 -57.37 -49.16 -6.36
CA GLN A 516 -55.97 -48.72 -6.21
C GLN A 516 -55.70 -47.67 -7.28
N LEU A 517 -55.39 -46.44 -6.89
CA LEU A 517 -55.20 -45.35 -7.88
C LEU A 517 -53.71 -45.03 -7.97
N VAL A 518 -53.11 -45.20 -9.16
CA VAL A 518 -51.66 -44.96 -9.32
C VAL A 518 -51.37 -43.46 -9.22
N ASN A 519 -50.24 -43.08 -8.63
CA ASN A 519 -49.84 -41.65 -8.61
C ASN A 519 -49.09 -41.36 -9.91
N ALA A 520 -48.63 -40.12 -10.10
CA ALA A 520 -47.83 -39.81 -11.31
C ALA A 520 -46.41 -40.38 -11.19
N ASN A 521 -45.84 -40.87 -12.30
CA ASN A 521 -44.40 -41.31 -12.33
C ASN A 521 -44.16 -42.73 -11.79
N GLN A 522 -45.22 -43.51 -11.57
CA GLN A 522 -45.07 -44.86 -10.97
C GLN A 522 -45.85 -45.87 -11.82
N TYR A 523 -45.28 -47.05 -12.06
CA TYR A 523 -46.06 -48.10 -12.76
C TYR A 523 -47.07 -48.68 -11.77
N SER A 524 -48.26 -49.05 -12.25
CA SER A 524 -49.32 -49.58 -11.34
C SER A 524 -48.85 -50.90 -10.72
N PRO A 525 -49.23 -51.21 -9.46
CA PRO A 525 -48.87 -52.49 -8.85
C PRO A 525 -49.46 -53.64 -9.70
N CYS A 526 -50.66 -53.43 -10.25
CA CYS A 526 -51.32 -54.46 -11.08
C CYS A 526 -50.49 -54.80 -12.31
N VAL A 527 -49.81 -53.81 -12.92
CA VAL A 527 -49.07 -54.07 -14.20
C VAL A 527 -47.99 -55.14 -14.00
N SER A 528 -47.43 -55.29 -12.80
CA SER A 528 -46.45 -56.38 -12.59
C SER A 528 -47.12 -57.74 -12.85
N ILE A 529 -48.34 -57.94 -12.36
CA ILE A 529 -49.11 -59.20 -12.62
C ILE A 529 -49.43 -59.30 -14.12
N VAL A 530 -49.85 -58.20 -14.74
CA VAL A 530 -50.27 -58.23 -16.17
C VAL A 530 -49.04 -58.47 -17.06
N PRO A 531 -49.15 -59.11 -18.26
CA PRO A 531 -47.99 -59.27 -19.14
C PRO A 531 -47.81 -58.07 -20.08
N SER A 532 -47.62 -58.34 -21.38
CA SER A 532 -47.39 -57.25 -22.37
C SER A 532 -48.70 -56.89 -23.06
N THR A 533 -49.47 -57.88 -23.53
CA THR A 533 -50.72 -57.60 -24.29
C THR A 533 -51.88 -58.40 -23.70
N VAL A 534 -53.10 -57.88 -23.80
CA VAL A 534 -54.30 -58.60 -23.24
C VAL A 534 -54.96 -59.37 -24.38
N TRP A 535 -54.98 -60.70 -24.30
CA TRP A 535 -55.51 -61.55 -25.40
C TRP A 535 -57.02 -61.39 -25.61
N GLU A 536 -57.81 -61.31 -24.54
CA GLU A 536 -59.29 -61.28 -24.69
C GLU A 536 -59.90 -60.09 -23.94
N ASP A 537 -61.10 -59.67 -24.32
CA ASP A 537 -61.74 -58.48 -23.69
C ASP A 537 -61.96 -58.70 -22.20
N GLY A 538 -61.65 -57.69 -21.38
CA GLY A 538 -61.88 -57.77 -19.93
C GLY A 538 -61.18 -58.95 -19.28
N ASP A 539 -59.96 -59.27 -19.73
CA ASP A 539 -59.19 -60.37 -19.05
C ASP A 539 -58.86 -59.91 -17.63
N TYR A 540 -59.05 -60.80 -16.65
CA TYR A 540 -58.70 -60.45 -15.24
C TYR A 540 -57.68 -61.47 -14.72
N TYR A 541 -56.62 -60.98 -14.08
CA TYR A 541 -55.56 -61.88 -13.57
C TYR A 541 -55.50 -61.76 -12.04
N ARG A 542 -55.65 -62.88 -11.32
CA ARG A 542 -55.50 -62.84 -9.85
C ARG A 542 -54.28 -63.68 -9.47
N LYS A 543 -53.33 -63.10 -8.73
CA LYS A 543 -52.10 -63.83 -8.35
C LYS A 543 -52.24 -64.29 -6.90
N GLN A 544 -52.04 -65.59 -6.63
CA GLN A 544 -52.07 -66.10 -5.24
C GLN A 544 -51.11 -65.27 -4.38
N LEU A 545 -51.50 -64.73 -3.27
CA LEU A 545 -50.58 -63.86 -2.50
C LEU A 545 -50.06 -64.57 -1.25
N SER A 546 -48.79 -64.66 -1.06
CA SER A 546 -48.14 -65.32 0.09
C SER A 546 -48.07 -64.35 1.27
N PRO A 547 -48.02 -64.85 2.53
CA PRO A 547 -47.99 -63.98 3.71
C PRO A 547 -46.81 -63.01 3.64
N LEU A 548 -45.67 -63.47 3.11
CA LEU A 548 -44.47 -62.59 2.95
C LEU A 548 -44.84 -61.44 2.00
N GLU A 549 -45.59 -61.74 0.94
CA GLU A 549 -46.05 -60.68 0.00
C GLU A 549 -46.96 -59.70 0.77
N GLY A 550 -47.69 -60.20 1.76
CA GLY A 550 -48.60 -59.34 2.56
C GLY A 550 -49.98 -59.95 2.70
N GLY A 551 -50.26 -61.01 1.95
CA GLY A 551 -51.55 -61.72 2.10
C GLY A 551 -52.69 -60.97 1.44
N GLY A 552 -53.94 -61.37 1.73
CA GLY A 552 -55.10 -60.72 1.09
C GLY A 552 -55.23 -61.17 -0.36
N TRP A 553 -56.00 -60.44 -1.16
CA TRP A 553 -56.09 -60.77 -2.61
C TRP A 553 -55.48 -59.63 -3.43
N LEU A 554 -54.50 -59.94 -4.28
CA LEU A 554 -53.97 -58.88 -5.19
C LEU A 554 -54.48 -59.24 -6.59
N VAL A 555 -55.28 -58.36 -7.21
CA VAL A 555 -55.90 -58.70 -8.53
C VAL A 555 -55.51 -57.68 -9.60
N ALA A 556 -55.71 -58.03 -10.88
CA ALA A 556 -55.42 -57.11 -12.00
C ALA A 556 -56.44 -57.37 -13.11
N SER A 557 -56.72 -56.37 -13.97
CA SER A 557 -57.64 -56.61 -15.13
C SER A 557 -57.18 -55.80 -16.34
N GLY A 558 -57.43 -56.30 -17.55
CA GLY A 558 -57.05 -55.57 -18.79
C GLY A 558 -58.16 -55.63 -19.82
N SER A 559 -58.27 -54.63 -20.70
CA SER A 559 -59.38 -54.59 -21.68
C SER A 559 -58.87 -54.43 -23.12
N THR A 560 -59.54 -55.08 -24.09
CA THR A 560 -59.11 -55.01 -25.51
C THR A 560 -59.41 -53.66 -26.16
N VAL A 561 -58.52 -53.17 -27.02
CA VAL A 561 -58.81 -51.92 -27.78
C VAL A 561 -58.75 -52.24 -29.28
N ALA A 562 -57.70 -52.94 -29.74
CA ALA A 562 -57.48 -53.30 -31.17
C ALA A 562 -56.80 -52.12 -31.88
N MET A 563 -56.17 -52.36 -33.04
CA MET A 563 -55.41 -51.25 -33.70
C MET A 563 -55.71 -51.15 -35.19
N THR A 564 -55.69 -49.93 -35.74
CA THR A 564 -55.90 -49.73 -37.20
C THR A 564 -54.57 -49.95 -37.94
N GLU A 565 -54.62 -50.03 -39.27
CA GLU A 565 -53.38 -50.19 -40.08
C GLU A 565 -52.29 -49.26 -39.55
N GLN A 566 -52.57 -47.95 -39.52
CA GLN A 566 -51.59 -46.94 -39.05
C GLN A 566 -51.45 -47.01 -37.52
N LEU A 567 -50.40 -46.42 -36.96
CA LEU A 567 -50.16 -46.56 -35.50
C LEU A 567 -50.53 -45.27 -34.75
N GLN A 568 -51.29 -45.39 -33.66
CA GLN A 568 -51.63 -44.20 -32.83
C GLN A 568 -50.81 -44.30 -31.54
N MET A 569 -50.06 -43.24 -31.20
CA MET A 569 -49.18 -43.30 -30.01
C MET A 569 -49.45 -42.10 -29.10
N GLY A 570 -49.24 -42.28 -27.80
CA GLY A 570 -49.41 -41.16 -26.83
C GLY A 570 -48.07 -40.73 -26.28
N PHE A 571 -47.83 -39.42 -26.21
CA PHE A 571 -46.53 -38.90 -25.70
C PHE A 571 -46.78 -38.08 -24.44
N GLY A 572 -46.06 -38.38 -23.35
CA GLY A 572 -46.18 -37.58 -22.12
C GLY A 572 -44.90 -36.82 -21.83
N ILE A 573 -44.98 -35.49 -21.71
CA ILE A 573 -43.77 -34.66 -21.45
C ILE A 573 -43.94 -33.92 -20.12
N THR A 574 -42.97 -34.09 -19.20
CA THR A 574 -43.02 -33.35 -17.91
C THR A 574 -41.77 -32.46 -17.83
N VAL A 575 -41.95 -31.17 -17.53
CA VAL A 575 -40.81 -30.21 -17.47
C VAL A 575 -40.64 -29.72 -16.04
N GLN A 576 -39.27 -29.75 -15.63
CA GLN A 576 -38.90 -29.35 -14.25
C GLN A 576 -38.10 -28.05 -14.29
N TYR A 577 -38.56 -27.00 -13.45
CA TYR A 577 -37.72 -25.78 -13.39
C TYR A 577 -36.55 -25.99 -12.41
N GLY A 578 -35.46 -25.23 -12.59
CA GLY A 578 -34.30 -25.35 -11.70
C GLY A 578 -33.81 -23.98 -11.26
N THR A 579 -33.11 -23.92 -10.11
CA THR A 579 -32.66 -22.60 -9.55
C THR A 579 -31.70 -21.92 -10.52
N ASP A 580 -30.78 -22.69 -11.12
CA ASP A 580 -29.77 -22.11 -12.05
C ASP A 580 -29.44 -23.14 -13.13
N THR A 581 -29.66 -24.43 -12.85
CA THR A 581 -29.25 -25.52 -13.78
C THR A 581 -30.26 -25.71 -14.92
N ASN A 582 -30.77 -24.62 -15.50
CA ASN A 582 -31.67 -24.76 -16.68
C ASN A 582 -30.81 -24.88 -17.93
N SER A 583 -30.10 -26.00 -18.10
CA SER A 583 -29.15 -26.13 -19.24
C SER A 583 -29.71 -27.03 -20.36
N VAL A 584 -30.93 -27.54 -20.22
CA VAL A 584 -31.54 -28.32 -21.34
C VAL A 584 -32.22 -27.27 -22.23
N CYS A 585 -31.65 -26.96 -23.40
CA CYS A 585 -32.16 -25.80 -24.20
C CYS A 585 -32.34 -26.09 -25.69
N PRO A 586 -33.13 -25.31 -26.48
CA PRO A 586 -33.19 -25.53 -27.94
C PRO A 586 -31.88 -25.16 -28.64
N ILE A 596 -22.12 -13.20 -37.61
CA ILE A 596 -22.13 -13.06 -36.13
C ILE A 596 -21.63 -14.37 -35.52
N ALA A 597 -22.38 -15.46 -35.71
CA ALA A 597 -21.95 -16.78 -35.19
C ALA A 597 -20.65 -17.21 -35.87
N SER A 598 -20.51 -16.94 -37.18
CA SER A 598 -19.31 -17.37 -37.92
C SER A 598 -18.06 -16.72 -37.33
N GLN A 599 -16.98 -17.50 -37.18
CA GLN A 599 -15.73 -16.98 -36.55
C GLN A 599 -15.14 -15.85 -37.40
N LEU A 600 -15.18 -15.97 -38.73
CA LEU A 600 -14.50 -14.96 -39.58
C LEU A 600 -15.41 -13.72 -39.74
N GLY A 601 -15.64 -12.99 -38.66
CA GLY A 601 -16.40 -11.73 -38.75
C GLY A 601 -15.63 -10.71 -39.57
N ASN A 602 -14.30 -10.69 -39.41
CA ASN A 602 -13.44 -9.70 -40.12
C ASN A 602 -13.87 -8.30 -39.63
N CYS A 603 -14.56 -8.24 -38.49
CA CYS A 603 -14.99 -6.95 -37.92
C CYS A 603 -14.37 -6.79 -36.52
N VAL A 604 -14.38 -5.58 -35.95
CA VAL A 604 -13.69 -5.36 -34.65
C VAL A 604 -14.18 -6.35 -33.58
N GLU A 605 -15.47 -6.34 -33.26
CA GLU A 605 -15.98 -7.19 -32.14
C GLU A 605 -15.83 -8.69 -32.30
N TYR A 606 -15.34 -9.34 -31.24
CA TYR A 606 -15.22 -10.82 -31.22
C TYR A 606 -15.11 -11.26 -29.76
N SER A 607 -15.58 -12.48 -29.44
CA SER A 607 -15.47 -13.04 -28.08
C SER A 607 -15.08 -14.52 -28.22
N LEU A 608 -13.91 -14.91 -27.70
CA LEU A 608 -13.44 -16.31 -27.84
C LEU A 608 -13.94 -17.15 -26.66
N TYR A 609 -13.62 -18.44 -26.64
CA TYR A 609 -14.14 -19.34 -25.58
C TYR A 609 -13.66 -18.85 -24.21
N GLY A 610 -12.39 -18.46 -24.10
CA GLY A 610 -11.84 -18.05 -22.78
C GLY A 610 -11.51 -16.58 -22.70
N VAL A 611 -11.37 -15.88 -23.83
CA VAL A 611 -10.93 -14.44 -23.79
C VAL A 611 -11.82 -13.60 -24.69
N SER A 612 -12.03 -12.32 -24.35
CA SER A 612 -12.81 -11.41 -25.23
C SER A 612 -11.93 -10.23 -25.64
N GLY A 613 -11.85 -9.94 -26.94
CA GLY A 613 -10.95 -8.86 -27.42
C GLY A 613 -11.44 -8.24 -28.72
N ARG A 614 -10.93 -7.06 -29.07
CA ARG A 614 -11.28 -6.44 -30.38
C ARG A 614 -10.30 -6.98 -31.43
N GLY A 615 -10.80 -7.69 -32.45
CA GLY A 615 -9.88 -8.27 -33.41
C GLY A 615 -10.14 -7.91 -34.85
N VAL A 616 -9.14 -8.21 -35.66
CA VAL A 616 -9.23 -8.20 -37.11
C VAL A 616 -8.79 -9.58 -37.57
N PHE A 617 -9.75 -10.48 -37.72
CA PHE A 617 -9.47 -11.83 -38.17
C PHE A 617 -9.10 -11.85 -39.65
N GLN A 618 -8.19 -12.73 -40.03
CA GLN A 618 -7.85 -12.96 -41.43
C GLN A 618 -7.39 -14.40 -41.63
N ASN A 619 -7.66 -14.94 -42.82
CA ASN A 619 -7.08 -16.22 -43.20
C ASN A 619 -5.59 -16.03 -43.37
N CYS A 620 -4.80 -16.85 -42.65
CA CYS A 620 -3.31 -16.75 -42.69
C CYS A 620 -2.70 -18.14 -42.84
N THR A 621 -1.40 -18.34 -42.51
CA THR A 621 -0.81 -19.69 -42.78
C THR A 621 0.32 -20.16 -41.86
N ALA A 622 0.44 -21.48 -41.65
CA ALA A 622 1.59 -22.11 -40.93
C ALA A 622 1.96 -21.65 -39.51
N VAL A 623 1.02 -21.42 -38.59
CA VAL A 623 1.45 -21.11 -37.20
C VAL A 623 0.63 -21.89 -36.15
N GLY A 624 1.27 -22.76 -35.34
CA GLY A 624 0.55 -23.41 -34.22
C GLY A 624 0.44 -24.93 -34.24
N VAL A 625 0.22 -25.56 -33.07
CA VAL A 625 0.00 -27.03 -32.95
C VAL A 625 -1.46 -27.34 -33.26
N ARG A 626 -2.40 -26.45 -32.86
CA ARG A 626 -3.87 -26.61 -33.07
C ARG A 626 -4.45 -27.31 -31.83
N GLN A 627 -3.60 -27.80 -30.93
CA GLN A 627 -4.11 -28.40 -29.66
C GLN A 627 -4.78 -27.30 -28.83
N GLN A 628 -4.20 -26.09 -28.79
CA GLN A 628 -4.75 -25.01 -27.96
C GLN A 628 -5.69 -24.12 -28.77
N ARG A 629 -6.91 -23.89 -28.28
CA ARG A 629 -7.89 -23.00 -28.96
C ARG A 629 -7.22 -21.67 -29.32
N PHE A 630 -6.32 -21.16 -28.46
CA PHE A 630 -5.69 -19.84 -28.68
C PHE A 630 -4.16 -20.00 -28.76
N VAL A 631 -3.52 -19.32 -29.72
CA VAL A 631 -2.03 -19.36 -29.83
C VAL A 631 -1.46 -18.00 -29.39
N TYR A 632 -0.62 -17.98 -28.35
CA TYR A 632 0.00 -16.70 -27.86
C TYR A 632 1.22 -16.36 -28.71
N ASP A 633 1.71 -15.12 -28.61
CA ASP A 633 2.95 -14.74 -29.34
C ASP A 633 3.93 -14.06 -28.37
N ALA A 634 4.45 -14.83 -27.41
CA ALA A 634 5.44 -14.31 -26.42
C ALA A 634 4.83 -13.22 -25.55
N TYR A 635 3.49 -13.17 -25.45
CA TYR A 635 2.79 -12.12 -24.67
C TYR A 635 1.42 -12.64 -24.24
N GLN A 636 0.77 -11.96 -23.29
CA GLN A 636 -0.60 -12.35 -22.87
C GLN A 636 -1.52 -12.19 -24.09
N ASN A 637 -1.31 -11.14 -24.90
CA ASN A 637 -2.12 -10.95 -26.13
C ASN A 637 -1.91 -12.18 -27.03
N LEU A 638 -2.97 -12.65 -27.68
CA LEU A 638 -2.85 -13.91 -28.47
C LEU A 638 -3.09 -13.68 -29.95
N VAL A 639 -2.27 -14.27 -30.83
CA VAL A 639 -2.55 -14.18 -32.29
C VAL A 639 -3.85 -14.96 -32.56
N GLY A 640 -4.30 -15.79 -31.62
CA GLY A 640 -5.64 -16.44 -31.68
C GLY A 640 -6.04 -17.24 -32.90
N TYR A 641 -5.17 -18.09 -33.46
CA TYR A 641 -5.60 -19.01 -34.55
C TYR A 641 -6.33 -20.19 -33.92
N TYR A 642 -7.11 -20.98 -34.68
CA TYR A 642 -7.69 -22.26 -34.17
C TYR A 642 -9.01 -22.16 -33.39
N SER A 643 -9.52 -20.97 -33.07
CA SER A 643 -10.84 -20.91 -32.41
C SER A 643 -11.91 -21.42 -33.38
N ASP A 644 -11.83 -21.03 -34.66
CA ASP A 644 -12.76 -21.63 -35.66
C ASP A 644 -12.50 -23.14 -35.68
N ASP A 645 -13.47 -23.94 -36.14
CA ASP A 645 -13.30 -25.41 -36.07
C ASP A 645 -12.05 -25.84 -36.85
N GLY A 646 -11.84 -25.30 -38.06
CA GLY A 646 -10.63 -25.62 -38.82
C GLY A 646 -10.08 -24.47 -39.65
N ASN A 647 -9.48 -23.44 -39.03
CA ASN A 647 -9.04 -22.31 -39.89
C ASN A 647 -8.00 -21.41 -39.22
N TYR A 648 -7.10 -20.82 -40.02
CA TYR A 648 -6.08 -19.88 -39.54
C TYR A 648 -6.65 -18.47 -39.55
N TYR A 649 -7.19 -18.02 -38.42
CA TYR A 649 -7.67 -16.65 -38.29
C TYR A 649 -6.67 -15.80 -37.53
N CYS A 650 -5.51 -15.56 -38.12
CA CYS A 650 -4.50 -14.79 -37.41
C CYS A 650 -5.00 -13.37 -37.16
N LEU A 651 -5.20 -13.02 -35.90
CA LEU A 651 -5.92 -11.82 -35.54
C LEU A 651 -4.98 -10.67 -35.19
N ARG A 652 -5.56 -9.48 -35.13
CA ARG A 652 -4.86 -8.27 -34.76
C ARG A 652 -5.71 -7.60 -33.69
N ALA A 653 -5.25 -6.49 -33.14
CA ALA A 653 -6.13 -5.71 -32.29
C ALA A 653 -6.74 -4.57 -33.10
N CYS A 654 -7.46 -3.69 -32.41
CA CYS A 654 -8.11 -2.56 -33.07
C CYS A 654 -7.08 -1.57 -33.59
N VAL A 655 -7.47 -0.81 -34.59
CA VAL A 655 -6.55 0.10 -35.25
C VAL A 655 -7.06 1.53 -35.10
N SER A 656 -6.26 2.38 -34.44
CA SER A 656 -6.71 3.76 -34.16
C SER A 656 -5.98 4.76 -35.07
N VAL A 657 -6.74 5.73 -35.60
CA VAL A 657 -6.18 6.76 -36.53
C VAL A 657 -5.54 7.89 -35.71
N PRO A 658 -4.21 8.17 -35.79
CA PRO A 658 -3.61 9.30 -35.06
C PRO A 658 -4.15 10.62 -35.63
N VAL A 659 -4.42 11.60 -34.75
CA VAL A 659 -4.95 12.91 -35.21
C VAL A 659 -4.17 14.05 -34.52
N SER A 660 -3.89 15.13 -35.25
CA SER A 660 -3.20 16.31 -34.66
C SER A 660 -3.89 17.58 -35.18
N VAL A 661 -3.92 18.66 -34.39
CA VAL A 661 -4.67 19.89 -34.83
C VAL A 661 -3.73 21.10 -34.76
N ILE A 662 -3.81 22.00 -35.75
CA ILE A 662 -2.97 23.24 -35.76
C ILE A 662 -3.83 24.42 -35.28
N TYR A 663 -3.50 25.02 -34.13
CA TYR A 663 -4.26 26.22 -33.67
C TYR A 663 -4.03 27.42 -34.59
N ASP A 664 -2.78 27.68 -35.00
CA ASP A 664 -2.47 28.87 -35.83
C ASP A 664 -3.10 30.11 -35.17
N LYS A 665 -2.68 30.46 -33.95
CA LYS A 665 -3.33 31.57 -33.18
C LYS A 665 -3.33 32.89 -33.93
N GLU A 666 -2.26 33.20 -34.69
CA GLU A 666 -2.15 34.50 -35.39
C GLU A 666 -3.40 34.74 -36.22
N THR A 667 -3.77 33.76 -37.05
CA THR A 667 -4.98 33.87 -37.92
C THR A 667 -6.16 33.10 -37.32
N LYS A 668 -5.95 32.41 -36.20
CA LYS A 668 -7.03 31.62 -35.53
C LYS A 668 -7.66 30.64 -36.53
N THR A 669 -6.85 29.96 -37.34
CA THR A 669 -7.38 29.00 -38.35
C THR A 669 -6.90 27.59 -38.01
N HIS A 670 -7.82 26.61 -37.99
CA HIS A 670 -7.45 25.23 -37.59
C HIS A 670 -7.53 24.27 -38.78
N ALA A 671 -6.60 23.32 -38.87
CA ALA A 671 -6.63 22.32 -39.93
C ALA A 671 -6.12 21.01 -39.35
N THR A 672 -6.99 20.02 -39.26
CA THR A 672 -6.63 18.78 -38.58
C THR A 672 -5.82 17.87 -39.50
N LEU A 673 -4.86 17.17 -38.93
CA LEU A 673 -3.94 16.30 -39.66
C LEU A 673 -4.05 14.89 -39.11
N PHE A 674 -4.08 13.92 -40.00
CA PHE A 674 -4.16 12.53 -39.58
C PHE A 674 -2.84 11.83 -39.87
N GLY A 675 -2.33 11.08 -38.89
CA GLY A 675 -0.96 10.52 -38.99
C GLY A 675 -0.74 9.34 -39.92
N SER A 676 -0.11 9.57 -41.09
CA SER A 676 0.21 8.49 -42.06
C SER A 676 -1.05 7.75 -42.53
N VAL A 677 -2.23 8.26 -42.17
CA VAL A 677 -3.51 7.62 -42.57
C VAL A 677 -3.81 7.97 -44.03
N ALA A 678 -4.61 7.14 -44.72
CA ALA A 678 -4.83 7.34 -46.16
C ALA A 678 -5.75 8.51 -46.44
N CYS A 679 -5.68 9.05 -47.66
CA CYS A 679 -6.56 10.18 -48.08
C CYS A 679 -8.02 9.72 -48.07
N GLU A 680 -8.26 8.42 -48.31
CA GLU A 680 -9.66 7.93 -48.40
C GLU A 680 -10.02 7.02 -47.23
N HIS A 681 -9.12 6.83 -46.24
CA HIS A 681 -9.46 5.89 -45.19
C HIS A 681 -10.37 6.48 -44.14
N ILE A 682 -10.73 7.75 -44.26
CA ILE A 682 -11.72 8.35 -43.38
C ILE A 682 -12.78 9.05 -44.20
N SER A 683 -13.86 9.45 -43.55
CA SER A 683 -14.86 10.31 -44.13
C SER A 683 -15.16 11.43 -43.17
N SER A 684 -15.56 12.60 -43.68
CA SER A 684 -15.96 13.71 -42.77
C SER A 684 -16.98 13.20 -41.76
N THR A 685 -16.78 13.49 -40.47
CA THR A 685 -17.69 12.97 -39.40
C THR A 685 -17.82 11.45 -39.52
N MET A 686 -16.68 10.74 -39.56
CA MET A 686 -16.71 9.26 -39.79
C MET A 686 -17.56 8.59 -38.69
N SER A 687 -18.46 7.70 -39.10
CA SER A 687 -19.27 6.93 -38.10
C SER A 687 -18.51 5.66 -37.73
N GLN A 688 -17.45 5.33 -38.49
CA GLN A 688 -16.62 4.13 -38.19
C GLN A 688 -15.89 4.30 -36.86
N TYR A 689 -15.42 5.52 -36.55
CA TYR A 689 -14.59 5.70 -35.33
C TYR A 689 -15.38 6.28 -34.16
N SER A 690 -14.88 6.21 -32.91
CA SER A 690 -15.74 6.67 -31.80
C SER A 690 -15.02 7.23 -30.57
N SER A 692 -13.07 9.08 -27.95
CA SER A 692 -12.03 10.14 -27.99
C SER A 692 -12.57 11.23 -27.06
N THR A 693 -11.81 12.29 -26.77
CA THR A 693 -12.41 13.39 -25.97
C THR A 693 -13.17 14.25 -26.96
N ARG A 694 -14.11 13.63 -27.71
CA ARG A 694 -14.79 14.37 -28.81
C ARG A 694 -16.31 14.22 -28.75
N SER A 695 -17.03 15.33 -28.82
CA SER A 695 -18.51 15.25 -28.97
C SER A 695 -18.71 15.67 -30.42
N MET A 696 -17.71 16.39 -30.97
CA MET A 696 -17.70 16.78 -32.36
C MET A 696 -16.26 17.11 -32.75
N LEU A 697 -16.01 17.14 -34.04
CA LEU A 697 -14.66 17.32 -34.54
C LEU A 697 -14.62 18.63 -35.28
N LYS A 698 -13.48 18.88 -35.93
CA LYS A 698 -13.23 20.14 -36.62
C LYS A 698 -13.09 21.28 -35.62
N PRO A 710 -8.60 15.41 -48.73
CA PRO A 710 -7.73 14.53 -49.51
C PRO A 710 -6.61 15.33 -50.19
N VAL A 711 -6.46 16.60 -49.83
CA VAL A 711 -5.44 17.49 -50.49
C VAL A 711 -4.03 16.97 -50.23
N GLY A 712 -3.73 16.52 -49.01
CA GLY A 712 -2.34 16.11 -48.70
C GLY A 712 -2.21 14.62 -48.46
N CYS A 713 -1.41 13.93 -49.27
CA CYS A 713 -1.15 12.48 -49.06
C CYS A 713 0.37 12.24 -48.97
N VAL A 714 1.15 13.29 -48.66
CA VAL A 714 2.64 13.17 -48.63
C VAL A 714 3.09 12.79 -47.21
N LEU A 715 2.34 13.21 -46.20
CA LEU A 715 2.65 12.88 -44.78
C LEU A 715 1.44 12.17 -44.20
N GLY A 716 0.31 12.89 -44.12
CA GLY A 716 -0.94 12.30 -43.62
C GLY A 716 -2.12 13.10 -44.13
N LEU A 717 -3.34 12.59 -43.96
CA LEU A 717 -4.50 13.30 -44.54
C LEU A 717 -4.73 14.62 -43.80
N VAL A 718 -4.64 15.76 -44.49
CA VAL A 718 -4.96 17.08 -43.85
C VAL A 718 -6.34 17.50 -44.38
N ASN A 719 -7.36 17.49 -43.51
CA ASN A 719 -8.75 17.78 -43.96
C ASN A 719 -8.94 19.26 -44.31
N SER A 720 -8.99 20.12 -43.29
CA SER A 720 -9.31 21.56 -43.51
C SER A 720 -8.11 22.36 -44.01
N SER A 721 -7.10 21.70 -44.57
CA SER A 721 -5.96 22.44 -45.15
C SER A 721 -6.16 22.58 -46.66
N LEU A 722 -5.37 23.43 -47.31
CA LEU A 722 -5.44 23.54 -48.79
C LEU A 722 -4.08 23.09 -49.34
N PHE A 723 -3.74 23.52 -50.55
CA PHE A 723 -2.40 23.19 -51.11
C PHE A 723 -1.72 24.46 -51.62
N VAL A 724 -0.39 24.54 -51.43
CA VAL A 724 0.37 25.73 -51.92
C VAL A 724 0.84 25.45 -53.35
N GLU A 725 1.66 26.34 -53.92
CA GLU A 725 2.07 26.17 -55.34
C GLU A 725 3.59 26.07 -55.45
N ASP A 726 4.34 26.84 -54.64
CA ASP A 726 5.82 26.86 -54.79
C ASP A 726 6.52 26.71 -53.44
N CYS A 727 7.07 27.81 -52.90
CA CYS A 727 7.85 27.76 -51.64
C CYS A 727 7.44 28.89 -50.70
N LYS A 728 7.09 28.57 -49.45
CA LYS A 728 6.77 29.61 -48.43
C LYS A 728 7.73 29.40 -47.26
N LEU A 729 8.23 30.49 -46.66
CA LEU A 729 9.28 30.36 -45.61
C LEU A 729 8.76 29.38 -44.56
N PRO A 730 9.59 28.43 -44.08
CA PRO A 730 9.13 27.39 -43.16
C PRO A 730 8.89 27.98 -41.77
N LEU A 731 8.27 29.16 -41.68
CA LEU A 731 8.14 29.77 -40.33
C LEU A 731 6.77 29.44 -39.76
N GLY A 732 6.47 29.96 -38.56
CA GLY A 732 5.14 29.74 -37.95
C GLY A 732 5.00 28.33 -37.41
N GLN A 733 3.77 27.90 -37.17
CA GLN A 733 3.49 26.54 -36.64
C GLN A 733 4.23 25.49 -37.49
N SER A 734 4.30 25.69 -38.82
CA SER A 734 4.91 24.71 -39.75
C SER A 734 4.26 23.33 -39.63
N LEU A 735 4.83 22.33 -40.32
CA LEU A 735 4.28 20.95 -40.25
C LEU A 735 5.46 20.00 -40.08
N CYS A 736 5.27 18.72 -40.41
CA CYS A 736 6.34 17.71 -40.25
C CYS A 736 7.16 17.58 -41.53
N ALA A 737 7.93 16.49 -41.69
CA ALA A 737 8.83 16.27 -42.85
C ALA A 737 9.00 17.50 -43.75
N LEU A 738 8.10 17.73 -44.70
CA LEU A 738 8.36 18.85 -45.65
C LEU A 738 7.31 19.97 -45.62
N PRO A 739 5.97 19.74 -45.47
CA PRO A 739 5.02 20.83 -45.63
C PRO A 739 5.29 21.89 -44.58
N ASP A 740 4.99 23.14 -44.91
CA ASP A 740 5.23 24.25 -44.02
C ASP A 740 3.96 25.04 -43.72
N THR A 741 2.84 24.68 -44.33
CA THR A 741 1.47 25.17 -44.06
C THR A 741 1.34 26.62 -43.63
N PRO A 742 1.68 27.60 -44.47
CA PRO A 742 1.57 29.00 -44.05
C PRO A 742 0.12 29.41 -43.91
N SER A 743 -0.15 30.41 -43.09
CA SER A 743 -1.55 30.85 -42.84
C SER A 743 -2.11 31.60 -44.06
N MET A 757 -6.33 27.32 -45.87
CA MET A 757 -4.98 27.93 -45.78
C MET A 757 -4.04 27.20 -46.74
N ARG A 758 -3.53 27.90 -47.77
CA ARG A 758 -2.55 27.29 -48.71
C ARG A 758 -1.50 26.56 -47.89
N LEU A 759 -1.27 25.26 -48.13
CA LEU A 759 -0.36 24.52 -47.21
C LEU A 759 0.37 23.36 -47.90
N ALA A 760 1.59 23.57 -48.41
CA ALA A 760 2.38 22.43 -48.96
C ALA A 760 3.84 22.76 -49.31
N SER A 761 4.28 24.03 -49.28
CA SER A 761 5.69 24.23 -49.70
C SER A 761 6.95 23.62 -49.11
N ILE A 762 8.07 23.93 -49.78
CA ILE A 762 9.48 23.56 -49.41
C ILE A 762 10.35 24.81 -49.56
N ALA A 763 11.08 25.20 -48.51
CA ALA A 763 11.84 26.47 -48.57
C ALA A 763 13.05 26.42 -47.64
N PHE A 764 13.88 27.49 -47.64
CA PHE A 764 15.07 27.60 -46.74
C PHE A 764 16.31 26.93 -47.36
N ASN A 765 16.18 26.37 -48.57
CA ASN A 765 17.38 25.81 -49.25
C ASN A 765 17.60 26.56 -50.57
N HIS A 766 18.76 27.23 -50.72
CA HIS A 766 19.09 27.98 -51.96
C HIS A 766 20.43 28.71 -51.80
N PRO A 767 21.63 28.05 -51.71
CA PRO A 767 22.89 28.81 -51.65
C PRO A 767 23.36 29.38 -52.99
N ILE A 768 24.02 30.55 -52.97
CA ILE A 768 24.60 31.10 -54.23
C ILE A 768 25.72 30.15 -54.67
N GLN A 769 25.82 29.85 -55.97
CA GLN A 769 26.85 28.86 -56.41
C GLN A 769 27.82 29.50 -57.40
N VAL A 770 29.12 29.50 -57.07
CA VAL A 770 30.15 30.00 -58.03
C VAL A 770 30.43 28.84 -59.01
N ASP A 771 31.04 29.13 -60.16
CA ASP A 771 31.27 28.06 -61.19
C ASP A 771 32.77 27.81 -61.36
N GLN A 772 33.19 26.55 -61.40
CA GLN A 772 34.62 26.23 -61.65
C GLN A 772 34.96 26.54 -63.11
N LEU A 773 36.21 26.91 -63.40
CA LEU A 773 36.60 27.29 -64.79
C LEU A 773 37.45 26.19 -65.42
N ASN A 774 37.17 25.83 -66.68
CA ASN A 774 37.96 24.79 -67.40
C ASN A 774 39.40 25.28 -67.55
N SER A 775 39.60 26.59 -67.78
CA SER A 775 40.95 27.15 -68.04
C SER A 775 41.83 27.10 -66.78
N SER A 776 43.15 27.26 -66.94
CA SER A 776 44.10 27.19 -65.79
C SER A 776 43.73 28.27 -64.77
N TYR A 777 43.32 29.46 -65.23
CA TYR A 777 42.85 30.50 -64.27
C TYR A 777 41.47 30.07 -63.74
N PHE A 778 41.23 30.21 -62.45
CA PHE A 778 39.97 29.76 -61.86
C PHE A 778 39.24 30.95 -61.27
N LYS A 779 37.92 30.82 -61.13
CA LYS A 779 37.09 31.97 -60.67
C LYS A 779 37.10 32.15 -59.17
N LEU A 780 36.99 33.40 -58.69
CA LEU A 780 36.89 33.67 -57.23
C LEU A 780 35.77 34.71 -57.05
N SER A 781 35.02 34.64 -55.94
CA SER A 781 33.88 35.57 -55.75
C SER A 781 34.27 36.63 -54.72
N ILE A 782 34.21 37.92 -55.07
CA ILE A 782 34.69 38.97 -54.12
C ILE A 782 33.54 39.91 -53.72
N PRO A 783 33.29 40.13 -52.41
CA PRO A 783 32.26 41.06 -51.94
C PRO A 783 32.63 42.55 -51.91
N THR A 784 31.63 43.43 -51.95
CA THR A 784 31.89 44.90 -51.93
C THR A 784 31.31 45.57 -50.67
N ASN A 785 30.85 44.81 -49.66
CA ASN A 785 30.18 45.45 -48.50
C ASN A 785 30.71 44.90 -47.16
N PHE A 786 30.61 45.70 -46.08
CA PHE A 786 31.12 45.28 -44.76
C PHE A 786 30.00 44.70 -43.89
N SER A 787 28.85 45.38 -43.79
CA SER A 787 27.66 44.82 -43.07
C SER A 787 27.99 44.28 -41.67
N PHE A 788 28.59 45.08 -40.79
CA PHE A 788 29.03 44.58 -39.45
C PHE A 788 27.87 44.32 -38.48
N GLY A 789 28.10 43.51 -37.44
CA GLY A 789 27.10 43.33 -36.35
C GLY A 789 26.29 42.05 -36.33
N VAL A 790 25.95 41.55 -35.13
CA VAL A 790 25.09 40.34 -34.95
C VAL A 790 24.43 40.37 -33.56
N THR A 791 23.37 39.60 -33.36
CA THR A 791 22.76 39.44 -32.00
C THR A 791 23.23 38.06 -31.53
N GLN A 792 23.64 37.90 -30.26
CA GLN A 792 24.29 36.61 -29.88
C GLN A 792 23.71 35.88 -28.66
N GLU A 793 24.05 34.59 -28.50
CA GLU A 793 23.46 33.69 -27.47
C GLU A 793 23.88 33.93 -26.01
N TYR A 794 23.13 33.33 -25.07
CA TYR A 794 23.42 33.43 -23.60
C TYR A 794 23.84 32.04 -23.13
N ILE A 795 24.84 31.93 -22.24
CA ILE A 795 25.42 30.60 -21.87
C ILE A 795 24.77 29.94 -20.63
N GLN A 796 23.78 30.58 -19.99
CA GLN A 796 23.13 30.04 -18.76
C GLN A 796 24.06 30.19 -17.56
N THR A 797 25.26 29.57 -17.55
CA THR A 797 26.29 29.79 -16.49
C THR A 797 25.93 29.23 -15.09
N THR A 798 24.86 29.72 -14.44
CA THR A 798 24.58 29.29 -13.04
C THR A 798 23.07 29.22 -12.79
N ILE A 799 22.67 28.60 -11.67
CA ILE A 799 21.21 28.51 -11.30
C ILE A 799 20.93 29.22 -9.98
N GLN A 800 19.68 29.23 -9.53
CA GLN A 800 19.27 29.85 -8.28
C GLN A 800 19.61 28.93 -7.12
N LYS A 801 20.06 29.52 -6.02
CA LYS A 801 20.48 28.72 -4.85
C LYS A 801 19.31 28.66 -3.87
N VAL A 802 18.53 27.58 -3.92
CA VAL A 802 17.33 27.47 -3.04
C VAL A 802 17.64 26.45 -1.92
N THR A 803 17.51 26.89 -0.67
CA THR A 803 17.70 25.94 0.46
C THR A 803 16.33 25.68 1.07
N VAL A 804 15.85 24.43 1.01
CA VAL A 804 14.56 24.10 1.68
C VAL A 804 14.92 23.70 3.11
N ASP A 805 14.27 24.32 4.09
CA ASP A 805 14.53 23.95 5.50
C ASP A 805 13.66 22.73 5.81
N CYS A 806 14.26 21.54 5.79
CA CYS A 806 13.51 20.30 6.08
C CYS A 806 13.22 20.23 7.58
N LYS A 807 12.17 19.52 7.98
CA LYS A 807 11.74 19.38 9.41
C LYS A 807 10.73 20.49 9.72
N GLN A 808 10.70 21.53 8.90
CA GLN A 808 9.66 22.59 9.07
C GLN A 808 8.82 22.65 7.79
N TYR A 809 9.44 22.38 6.63
CA TYR A 809 8.65 22.29 5.37
C TYR A 809 7.68 21.13 5.63
N VAL A 810 8.23 19.92 5.75
CA VAL A 810 7.36 18.78 6.18
C VAL A 810 7.11 19.03 7.67
N CYS A 811 5.87 18.81 8.14
CA CYS A 811 5.48 19.14 9.54
C CYS A 811 5.73 20.64 9.74
N ASN A 812 4.74 21.47 9.40
CA ASN A 812 4.94 22.95 9.45
C ASN A 812 5.31 23.37 10.86
N GLY A 813 4.67 22.75 11.87
CA GLY A 813 5.02 23.04 13.27
C GLY A 813 4.18 22.19 14.19
N PHE A 814 3.68 21.05 13.70
CA PHE A 814 2.79 20.27 14.54
C PHE A 814 3.59 19.13 15.16
N GLN A 815 3.56 19.06 16.49
CA GLN A 815 4.56 18.25 17.18
C GLN A 815 4.29 16.76 17.07
N LYS A 816 3.02 16.36 16.92
CA LYS A 816 2.74 14.92 16.66
C LYS A 816 3.47 14.58 15.36
N CYS A 817 3.28 15.41 14.33
CA CYS A 817 4.01 15.26 13.08
C CYS A 817 5.51 15.31 13.29
N GLU A 818 6.01 16.13 14.21
CA GLU A 818 7.45 16.24 14.40
C GLU A 818 8.03 14.98 15.02
N GLN A 819 7.27 14.33 15.90
CA GLN A 819 7.68 13.03 16.44
C GLN A 819 7.74 11.99 15.33
N LEU A 820 6.65 11.87 14.57
CA LEU A 820 6.69 10.98 13.43
C LEU A 820 7.87 11.29 12.52
N LEU A 821 8.24 12.55 12.38
CA LEU A 821 9.43 12.87 11.61
C LEU A 821 10.68 12.36 12.30
N ARG A 822 10.78 12.55 13.62
CA ARG A 822 11.93 12.02 14.36
C ARG A 822 12.17 10.56 14.03
N GLU A 823 11.11 9.85 13.63
CA GLU A 823 11.34 8.51 13.07
C GLU A 823 12.26 8.55 11.84
N TYR A 824 12.06 9.50 10.93
CA TYR A 824 12.86 9.56 9.70
C TYR A 824 13.88 10.67 9.74
N GLY A 825 14.27 11.12 10.94
CA GLY A 825 15.16 12.25 11.12
C GLY A 825 16.42 12.23 10.29
N GLN A 826 16.80 11.09 9.70
CA GLN A 826 18.00 11.06 8.87
C GLN A 826 17.74 11.60 7.48
N PHE A 827 16.53 11.44 6.97
CA PHE A 827 16.24 11.93 5.63
C PHE A 827 16.35 13.45 5.57
N CYS A 828 15.79 14.14 6.55
CA CYS A 828 15.92 15.59 6.57
C CYS A 828 17.37 16.01 6.52
N SER A 829 18.22 15.33 7.29
CA SER A 829 19.62 15.69 7.31
C SER A 829 20.27 15.46 5.96
N LYS A 830 19.97 14.33 5.32
CA LYS A 830 20.59 14.11 4.01
C LYS A 830 20.13 15.12 2.97
N ILE A 831 18.86 15.51 3.02
CA ILE A 831 18.38 16.57 2.13
C ILE A 831 19.16 17.85 2.36
N ASN A 832 19.26 18.28 3.61
CA ASN A 832 19.91 19.55 3.89
C ASN A 832 21.37 19.51 3.51
N GLN A 833 22.05 18.39 3.77
CA GLN A 833 23.45 18.27 3.42
C GLN A 833 23.64 18.34 1.90
N ALA A 834 22.76 17.67 1.15
CA ALA A 834 22.89 17.71 -0.30
C ALA A 834 22.72 19.13 -0.83
N LEU A 835 21.70 19.84 -0.35
CA LEU A 835 21.49 21.21 -0.83
C LEU A 835 22.63 22.12 -0.40
N HIS A 836 23.13 21.98 0.82
CA HIS A 836 24.24 22.80 1.26
C HIS A 836 25.47 22.58 0.39
N GLY A 837 25.77 21.32 0.06
CA GLY A 837 26.90 21.06 -0.80
C GLY A 837 26.69 21.60 -2.20
N ALA A 838 25.45 21.51 -2.70
CA ALA A 838 25.18 22.04 -4.02
C ALA A 838 25.44 23.55 -4.06
N ASN A 839 25.01 24.27 -3.04
CA ASN A 839 25.24 25.70 -3.01
C ASN A 839 26.71 26.05 -2.86
N LEU A 840 27.45 25.27 -2.09
CA LEU A 840 28.89 25.49 -2.06
C LEU A 840 29.50 25.31 -3.44
N ARG A 841 29.06 24.30 -4.19
CA ARG A 841 29.57 24.13 -5.54
C ARG A 841 29.25 25.33 -6.41
N GLN A 842 28.05 25.86 -6.29
CA GLN A 842 27.72 27.04 -7.09
C GLN A 842 28.59 28.22 -6.75
N ASP A 843 28.78 28.50 -5.46
CA ASP A 843 29.63 29.64 -5.10
C ASP A 843 31.04 29.44 -5.62
N ASP A 844 31.56 28.22 -5.51
CA ASP A 844 32.89 27.98 -6.04
C ASP A 844 32.95 28.15 -7.55
N SER A 845 31.94 27.70 -8.28
CA SER A 845 31.94 27.87 -9.73
C SER A 845 31.90 29.34 -10.12
N VAL A 846 31.09 30.14 -9.43
CA VAL A 846 31.04 31.58 -9.73
C VAL A 846 32.40 32.19 -9.47
N ARG A 847 32.98 31.89 -8.33
CA ARG A 847 34.25 32.48 -7.96
C ARG A 847 35.32 32.13 -8.97
N ASN A 848 35.35 30.87 -9.39
CA ASN A 848 36.32 30.43 -10.39
C ASN A 848 36.10 31.12 -11.72
N LEU A 849 34.85 31.21 -12.17
CA LEU A 849 34.59 31.83 -13.47
C LEU A 849 35.07 33.26 -13.49
N PHE A 850 34.68 34.04 -12.49
CA PHE A 850 35.02 35.49 -12.49
C PHE A 850 36.54 35.70 -12.49
N ALA A 851 37.28 34.87 -11.77
CA ALA A 851 38.75 35.04 -11.69
C ALA A 851 39.35 34.89 -13.08
N SER A 852 38.88 33.91 -13.85
CA SER A 852 39.35 33.71 -15.25
C SER A 852 38.94 34.90 -16.12
N VAL A 853 37.77 35.48 -15.87
CA VAL A 853 37.25 36.59 -16.73
C VAL A 853 38.22 37.77 -16.72
N LYS A 854 38.81 38.11 -15.56
CA LYS A 854 39.68 39.31 -15.52
C LYS A 854 41.14 38.92 -15.74
N SER A 855 42.00 39.07 -14.72
CA SER A 855 43.45 38.74 -14.84
C SER A 855 44.07 39.53 -16.00
N SER A 856 43.63 40.77 -16.20
CA SER A 856 44.13 41.60 -17.33
C SER A 856 44.26 43.07 -16.88
N GLN A 857 45.16 43.81 -17.53
CA GLN A 857 45.32 45.26 -17.22
C GLN A 857 44.25 46.02 -18.00
N SER A 858 43.42 46.81 -17.32
CA SER A 858 42.30 47.48 -18.01
C SER A 858 42.46 49.00 -17.98
N SER A 859 42.37 49.65 -19.14
CA SER A 859 42.39 51.14 -19.13
C SER A 859 41.12 51.62 -18.41
N PRO A 860 41.18 52.64 -17.53
CA PRO A 860 40.00 53.07 -16.78
C PRO A 860 38.97 53.57 -17.80
N ILE A 861 37.68 53.32 -17.53
CA ILE A 861 36.64 53.69 -18.53
C ILE A 861 36.71 55.20 -18.76
N ILE A 862 36.80 55.63 -20.02
CA ILE A 862 36.77 57.08 -20.35
C ILE A 862 35.51 57.26 -21.19
N PRO A 863 34.51 58.13 -20.85
CA PRO A 863 33.28 58.18 -21.65
C PRO A 863 33.46 58.28 -23.15
N GLY A 864 34.66 58.51 -23.65
CA GLY A 864 34.88 58.36 -25.07
C GLY A 864 35.85 57.24 -25.41
N PHE A 865 35.35 56.16 -26.02
CA PHE A 865 36.27 55.08 -26.47
C PHE A 865 36.78 55.43 -27.87
N GLY A 866 36.36 54.68 -28.90
CA GLY A 866 36.88 54.89 -30.26
C GLY A 866 36.34 56.17 -30.88
N GLY A 867 37.14 56.80 -31.75
CA GLY A 867 36.67 58.02 -32.44
C GLY A 867 35.50 57.71 -33.34
N ASP A 868 34.41 58.49 -33.24
CA ASP A 868 33.18 58.30 -34.08
C ASP A 868 32.58 56.90 -33.85
N PHE A 869 32.83 56.28 -32.69
CA PHE A 869 32.22 54.96 -32.36
C PHE A 869 31.26 55.21 -31.19
N ASN A 870 30.12 54.52 -31.15
CA ASN A 870 29.18 54.85 -30.09
C ASN A 870 28.93 53.60 -29.25
N LEU A 871 29.31 53.65 -27.98
CA LEU A 871 29.23 52.48 -27.11
C LEU A 871 28.18 52.68 -26.02
N THR A 872 27.13 51.85 -26.08
CA THR A 872 26.14 51.69 -25.04
C THR A 872 26.72 50.99 -23.82
N LEU A 873 27.92 50.43 -23.96
CA LEU A 873 28.55 49.58 -22.97
C LEU A 873 29.09 50.35 -21.78
N LEU A 874 29.08 51.67 -21.83
CA LEU A 874 29.62 52.47 -20.75
C LEU A 874 28.78 52.36 -19.49
N GLU A 875 29.36 52.74 -18.39
CA GLU A 875 28.63 52.80 -17.14
C GLU A 875 28.02 54.18 -16.93
N PRO A 876 26.73 54.28 -16.60
CA PRO A 876 26.18 55.59 -16.20
C PRO A 876 26.46 55.94 -14.74
N VAL A 877 26.43 54.96 -13.84
CA VAL A 877 26.49 55.18 -12.39
C VAL A 877 25.57 56.31 -11.91
N ALA A 886 27.80 51.21 -12.01
CA ALA A 886 26.60 50.47 -11.65
C ALA A 886 25.82 50.03 -12.89
N ARG A 887 26.18 48.87 -13.44
CA ARG A 887 25.31 48.17 -14.37
C ARG A 887 25.01 48.94 -15.66
N SER A 888 25.92 48.86 -16.62
CA SER A 888 25.85 49.54 -17.90
C SER A 888 24.49 49.44 -18.61
N ALA A 889 24.27 50.33 -19.57
CA ALA A 889 22.93 50.61 -20.09
C ALA A 889 22.29 49.37 -20.72
N ILE A 890 23.09 48.63 -21.48
CA ILE A 890 22.56 47.42 -22.18
C ILE A 890 22.19 46.36 -21.13
N GLU A 891 22.95 46.28 -20.04
CA GLU A 891 22.59 45.34 -18.94
C GLU A 891 21.23 45.77 -18.36
N ASP A 892 21.03 47.08 -18.22
CA ASP A 892 19.75 47.59 -17.68
C ASP A 892 18.63 47.17 -18.63
N LEU A 893 18.85 47.29 -19.95
CA LEU A 893 17.75 46.99 -20.91
C LEU A 893 17.35 45.52 -20.79
N LEU A 894 18.32 44.60 -20.77
CA LEU A 894 17.95 43.16 -20.74
C LEU A 894 17.27 42.83 -19.40
N PHE A 895 17.78 43.39 -18.29
CA PHE A 895 17.20 43.11 -16.96
C PHE A 895 15.76 43.64 -16.90
N ASP A 896 15.52 44.84 -17.44
CA ASP A 896 14.15 45.42 -17.45
C ASP A 896 13.22 44.57 -18.31
N LYS A 897 13.69 44.12 -19.48
CA LYS A 897 12.83 43.32 -20.40
C LYS A 897 12.46 41.99 -19.73
N VAL A 898 13.43 41.32 -19.12
CA VAL A 898 13.18 39.98 -18.51
C VAL A 898 12.32 40.14 -17.26
N THR A 899 11.23 39.38 -17.17
CA THR A 899 10.42 39.41 -15.91
C THR A 899 11.09 38.45 -14.92
N ILE A 900 11.45 38.94 -13.73
CA ILE A 900 12.19 38.10 -12.75
C ILE A 900 11.47 38.15 -11.41
N ALA A 901 11.56 37.09 -10.61
CA ALA A 901 10.96 37.11 -9.25
C ALA A 901 11.63 38.23 -8.45
N ASP A 902 12.95 38.39 -8.62
CA ASP A 902 13.69 39.49 -7.93
C ASP A 902 13.40 39.47 -6.42
N PRO A 903 13.63 38.36 -5.69
CA PRO A 903 13.24 38.30 -4.28
C PRO A 903 13.94 39.43 -3.53
N GLY A 904 13.20 40.15 -2.69
CA GLY A 904 13.77 41.30 -1.96
C GLY A 904 14.77 40.86 -0.90
N TYR A 905 15.78 41.68 -0.63
CA TYR A 905 16.74 41.37 0.45
C TYR A 905 16.77 42.53 1.45
N MET A 906 16.99 42.25 2.74
CA MET A 906 17.03 43.29 3.82
C MET A 906 15.62 43.85 4.05
N GLN A 907 14.70 43.65 3.09
CA GLN A 907 13.28 44.05 3.28
C GLN A 907 12.38 43.05 2.57
N GLY A 908 12.91 41.91 2.12
CA GLY A 908 12.11 40.97 1.31
C GLY A 908 10.90 40.37 2.02
N TYR A 909 11.07 39.89 3.25
CA TYR A 909 9.93 39.34 4.02
C TYR A 909 8.92 40.45 4.33
N ASP A 910 9.40 41.64 4.71
CA ASP A 910 8.49 42.74 5.10
C ASP A 910 7.61 43.14 3.92
N ASP A 911 8.20 43.28 2.73
CA ASP A 911 7.43 43.67 1.52
C ASP A 911 6.30 42.66 1.31
N CYS A 912 6.63 41.36 1.34
CA CYS A 912 5.61 40.29 1.15
C CYS A 912 4.59 40.33 2.29
N MET A 913 5.05 40.56 3.52
CA MET A 913 4.13 40.57 4.70
C MET A 913 3.13 41.71 4.55
N GLN A 914 3.59 42.88 4.09
CA GLN A 914 2.71 44.06 3.93
C GLN A 914 1.57 43.74 2.96
N GLN A 915 1.76 42.72 2.11
CA GLN A 915 0.73 42.43 1.12
C GLN A 915 -0.43 41.61 1.70
N ILE A 924 9.10 34.46 -4.20
CA ILE A 924 7.93 35.27 -3.93
C ILE A 924 7.65 35.17 -2.44
N CYS A 925 6.73 34.28 -2.07
CA CYS A 925 6.42 34.00 -0.68
C CYS A 925 7.11 32.72 -0.20
N ALA A 926 8.44 32.78 -0.16
CA ALA A 926 9.28 31.76 0.45
C ALA A 926 9.06 31.65 1.94
N GLN A 927 8.98 32.79 2.65
CA GLN A 927 8.92 32.72 4.13
C GLN A 927 7.56 32.16 4.59
N TYR A 928 6.48 32.52 3.88
CA TYR A 928 5.12 32.11 4.29
C TYR A 928 4.94 30.60 4.17
N VAL A 929 5.44 30.00 3.09
CA VAL A 929 5.42 28.51 3.00
C VAL A 929 6.33 28.03 4.13
N ALA A 930 7.46 28.73 4.35
CA ALA A 930 8.45 28.38 5.41
C ALA A 930 9.32 27.23 4.93
N GLY A 931 8.97 26.69 3.76
CA GLY A 931 9.75 25.57 3.19
C GLY A 931 11.13 25.97 2.76
N TYR A 932 11.29 27.10 2.05
CA TYR A 932 12.62 27.41 1.47
C TYR A 932 13.00 28.89 1.60
N LYS A 933 14.30 29.19 1.51
CA LYS A 933 14.76 30.59 1.52
C LYS A 933 15.66 30.83 0.30
N VAL A 934 15.38 31.88 -0.48
CA VAL A 934 16.24 32.23 -1.66
C VAL A 934 17.57 32.80 -1.14
N LEU A 935 18.68 32.49 -1.82
CA LEU A 935 20.02 32.96 -1.36
C LEU A 935 20.67 33.84 -2.43
N PRO A 936 21.28 34.99 -2.06
CA PRO A 936 22.01 35.83 -3.02
C PRO A 936 23.18 35.05 -3.61
N PRO A 937 23.53 35.20 -4.91
CA PRO A 937 24.56 34.36 -5.55
C PRO A 937 26.03 34.78 -5.36
N LEU A 938 26.55 34.76 -4.13
CA LEU A 938 28.00 35.01 -3.86
C LEU A 938 28.41 36.47 -4.07
N MET A 939 28.20 37.02 -5.28
CA MET A 939 28.70 38.39 -5.59
C MET A 939 27.53 39.36 -5.81
N ASP A 940 27.65 40.59 -5.31
CA ASP A 940 26.60 41.63 -5.51
C ASP A 940 26.66 42.10 -6.97
N VAL A 941 25.57 42.69 -7.46
CA VAL A 941 25.49 43.10 -8.90
C VAL A 941 26.58 44.13 -9.22
N ASN A 942 26.86 45.06 -8.31
CA ASN A 942 27.89 46.11 -8.53
C ASN A 942 29.27 45.45 -8.74
N MET A 943 29.56 44.41 -7.94
CA MET A 943 30.86 43.69 -8.09
C MET A 943 30.91 43.03 -9.47
N GLU A 944 29.80 42.44 -9.91
CA GLU A 944 29.74 41.79 -11.26
C GLU A 944 29.96 42.86 -12.33
N ALA A 945 29.37 44.05 -12.14
CA ALA A 945 29.53 45.15 -13.11
C ALA A 945 31.00 45.56 -13.20
N ALA A 946 31.69 45.66 -12.06
CA ALA A 946 33.13 46.01 -12.05
C ALA A 946 33.85 45.11 -13.06
N TYR A 947 33.53 43.81 -13.06
CA TYR A 947 34.22 42.84 -13.96
C TYR A 947 33.96 43.17 -15.43
N THR A 948 32.70 43.46 -15.78
CA THR A 948 32.35 43.77 -17.19
C THR A 948 33.05 45.06 -17.62
N SER A 949 33.09 46.07 -16.73
CA SER A 949 33.77 47.35 -17.05
C SER A 949 35.26 47.09 -17.28
N SER A 950 35.87 46.24 -16.44
CA SER A 950 37.31 45.91 -16.61
C SER A 950 37.51 45.20 -17.96
N LEU A 951 36.61 44.30 -18.31
CA LEU A 951 36.73 43.55 -19.59
C LEU A 951 36.63 44.54 -20.76
N LEU A 952 35.71 45.50 -20.69
CA LEU A 952 35.54 46.51 -21.77
C LEU A 952 36.80 47.34 -21.90
N GLY A 953 37.39 47.75 -20.77
CA GLY A 953 38.63 48.56 -20.78
C GLY A 953 39.78 47.78 -21.39
N SER A 954 39.88 46.49 -21.10
CA SER A 954 41.02 45.67 -21.59
C SER A 954 40.76 45.12 -23.00
N ILE A 955 39.56 45.34 -23.56
CA ILE A 955 39.23 44.73 -24.88
C ILE A 955 40.23 45.21 -25.93
N ALA A 956 40.51 46.52 -25.97
CA ALA A 956 41.41 47.06 -27.02
C ALA A 956 42.85 46.58 -26.82
N GLY A 957 43.36 46.65 -25.59
CA GLY A 957 44.77 46.27 -25.33
C GLY A 957 45.04 44.79 -25.48
N VAL A 958 44.17 43.93 -24.94
CA VAL A 958 44.41 42.46 -24.96
C VAL A 958 44.42 41.94 -26.40
N GLY A 959 43.60 42.53 -27.28
CA GLY A 959 43.61 42.15 -28.70
C GLY A 959 44.90 42.52 -29.39
N TRP A 960 46.04 42.19 -28.77
CA TRP A 960 47.38 42.47 -29.38
C TRP A 960 48.11 41.15 -29.63
N THR A 961 48.67 40.98 -30.83
CA THR A 961 49.32 39.70 -31.21
C THR A 961 50.52 39.35 -30.33
N ALA A 962 51.31 40.35 -29.92
CA ALA A 962 52.58 40.04 -29.19
C ALA A 962 52.34 39.26 -27.89
N GLY A 963 51.37 39.65 -27.05
CA GLY A 963 51.13 38.82 -25.84
C GLY A 963 49.69 38.88 -25.35
N LEU A 964 49.17 37.75 -24.87
CA LEU A 964 47.81 37.75 -24.25
C LEU A 964 47.85 38.54 -22.94
N SER A 965 48.90 38.35 -22.14
CA SER A 965 49.05 39.08 -20.85
C SER A 965 49.60 40.48 -21.15
N SER A 966 50.70 40.55 -21.90
CA SER A 966 51.25 41.85 -22.33
C SER A 966 50.10 42.79 -22.73
N PHE A 967 50.17 44.06 -22.32
CA PHE A 967 49.07 45.01 -22.60
C PHE A 967 49.63 46.33 -23.12
N ALA A 968 48.86 47.05 -23.94
CA ALA A 968 49.30 48.37 -24.47
C ALA A 968 48.13 49.35 -24.44
N ALA A 969 48.36 50.58 -23.97
CA ALA A 969 47.30 51.61 -24.00
C ALA A 969 46.93 51.77 -25.47
N ILE A 970 45.70 51.46 -25.88
CA ILE A 970 45.45 51.58 -27.34
C ILE A 970 44.01 52.09 -27.53
N PRO A 971 43.70 52.88 -28.58
CA PRO A 971 42.32 53.31 -28.83
C PRO A 971 41.47 52.17 -29.41
N PHE A 972 40.16 52.22 -29.17
CA PHE A 972 39.25 51.18 -29.74
C PHE A 972 39.33 51.26 -31.27
N ALA A 973 39.39 52.48 -31.81
CA ALA A 973 39.48 52.67 -33.28
C ALA A 973 40.65 51.86 -33.85
N GLN A 974 41.87 52.09 -33.36
CA GLN A 974 43.05 51.40 -33.92
C GLN A 974 42.87 49.89 -33.75
N SER A 975 42.34 49.47 -32.59
CA SER A 975 42.14 48.02 -32.34
C SER A 975 41.15 47.46 -33.36
N ILE A 976 40.09 48.21 -33.67
CA ILE A 976 39.07 47.75 -34.67
C ILE A 976 39.77 47.60 -36.04
N PHE A 977 40.61 48.56 -36.40
CA PHE A 977 41.32 48.50 -37.72
C PHE A 977 42.26 47.29 -37.75
N TYR A 978 42.99 47.07 -36.65
CA TYR A 978 43.91 45.89 -36.58
C TYR A 978 43.09 44.60 -36.64
N ARG A 979 41.95 44.55 -35.93
CA ARG A 979 41.07 43.36 -35.97
C ARG A 979 40.47 43.19 -37.36
N LEU A 980 40.10 44.30 -38.02
CA LEU A 980 39.54 44.21 -39.39
C LEU A 980 40.61 43.58 -40.28
N ASN A 981 41.88 43.99 -40.14
CA ASN A 981 43.00 43.37 -40.90
C ASN A 981 43.31 41.97 -40.34
N GLY A 982 43.02 41.70 -39.07
CA GLY A 982 43.38 40.42 -38.43
C GLY A 982 42.72 39.19 -39.02
N VAL A 983 41.40 39.22 -39.26
CA VAL A 983 40.76 38.03 -39.93
C VAL A 983 40.47 38.40 -41.39
N GLY A 984 39.74 39.49 -41.62
CA GLY A 984 39.55 39.96 -43.01
C GLY A 984 40.86 40.56 -43.46
N ILE A 985 41.19 40.56 -44.75
CA ILE A 985 42.54 41.10 -45.10
C ILE A 985 42.40 42.45 -45.82
N THR A 986 41.30 43.16 -45.59
CA THR A 986 41.24 44.53 -46.19
C THR A 986 42.48 45.25 -45.67
N GLN A 987 43.26 45.86 -46.56
CA GLN A 987 44.55 46.47 -46.13
C GLN A 987 44.34 47.89 -45.59
N GLN A 988 45.43 48.56 -45.24
CA GLN A 988 45.35 49.93 -44.66
C GLN A 988 44.69 50.85 -45.69
N VAL A 989 44.97 50.65 -46.98
CA VAL A 989 44.41 51.55 -48.03
C VAL A 989 42.88 51.46 -48.00
N LEU A 990 42.32 50.25 -47.89
CA LEU A 990 40.85 50.09 -47.76
C LEU A 990 40.37 50.69 -46.43
N SER A 991 41.11 50.45 -45.35
CA SER A 991 40.63 50.84 -43.99
C SER A 991 40.88 52.32 -43.64
N GLU A 992 42.14 52.76 -43.61
CA GLU A 992 42.44 54.14 -43.15
C GLU A 992 41.74 55.15 -44.07
N ASN A 993 41.77 54.93 -45.39
CA ASN A 993 41.00 55.82 -46.30
C ASN A 993 39.52 55.51 -46.08
N GLN A 994 38.65 56.53 -46.13
CA GLN A 994 37.19 56.30 -45.99
C GLN A 994 36.88 55.53 -44.70
N LYS A 995 37.23 56.06 -43.52
CA LYS A 995 36.88 55.43 -42.22
C LYS A 995 35.35 55.47 -42.01
N LEU A 996 34.86 55.92 -40.84
CA LEU A 996 33.39 56.02 -40.72
C LEU A 996 32.84 54.65 -41.09
N ILE A 997 33.66 53.59 -40.90
CA ILE A 997 33.15 52.20 -41.05
C ILE A 997 32.33 52.08 -39.78
N ALA A 998 32.57 53.02 -38.87
CA ALA A 998 31.78 53.11 -37.62
C ALA A 998 30.34 53.34 -38.06
N ASN A 999 30.11 54.13 -39.11
CA ASN A 999 28.73 54.27 -39.63
C ASN A 999 28.04 52.91 -39.53
N LYS A 1000 28.62 51.86 -40.14
CA LYS A 1000 27.94 50.57 -40.13
C LYS A 1000 28.10 49.87 -38.79
N PHE A 1001 29.26 50.04 -38.16
CA PHE A 1001 29.45 49.51 -36.82
C PHE A 1001 28.40 50.06 -35.86
N ASN A 1002 28.26 51.39 -35.82
CA ASN A 1002 27.29 52.02 -34.95
C ASN A 1002 25.87 51.63 -35.32
N GLN A 1003 25.59 51.42 -36.61
CA GLN A 1003 24.27 50.93 -37.00
C GLN A 1003 23.99 49.58 -36.37
N ALA A 1004 24.95 48.66 -36.43
CA ALA A 1004 24.72 47.33 -35.88
C ALA A 1004 24.49 47.40 -34.38
N LEU A 1005 25.27 48.23 -33.69
CA LEU A 1005 25.05 48.36 -32.25
C LEU A 1005 23.68 48.97 -31.92
N GLY A 1006 23.28 49.99 -32.70
CA GLY A 1006 21.94 50.58 -32.50
C GLY A 1006 20.85 49.56 -32.76
N ALA A 1007 21.03 48.71 -33.79
CA ALA A 1007 20.04 47.66 -34.10
C ALA A 1007 19.95 46.67 -32.93
N MET A 1008 21.10 46.34 -32.32
CA MET A 1008 21.11 45.42 -31.15
C MET A 1008 20.30 46.06 -30.02
N GLN A 1009 20.48 47.36 -29.80
CA GLN A 1009 19.72 48.07 -28.73
C GLN A 1009 18.22 47.93 -28.98
N THR A 1010 17.78 48.11 -30.24
CA THR A 1010 16.34 48.07 -30.50
C THR A 1010 15.78 46.67 -30.31
N GLY A 1011 16.53 45.64 -30.68
CA GLY A 1011 15.93 44.32 -30.73
C GLY A 1011 16.08 43.47 -29.50
N PHE A 1012 15.06 43.50 -28.63
CA PHE A 1012 15.05 42.66 -27.41
C PHE A 1012 13.67 42.01 -27.28
N THR A 1013 13.09 41.61 -28.41
CA THR A 1013 11.75 40.97 -28.43
C THR A 1013 11.89 39.50 -28.03
N THR A 1014 10.77 38.80 -27.84
CA THR A 1014 10.82 37.35 -27.52
C THR A 1014 11.52 36.62 -28.67
N THR A 1015 11.29 37.06 -29.91
CA THR A 1015 11.90 36.41 -31.10
C THR A 1015 13.34 36.91 -31.27
N ASN A 1016 14.02 37.25 -30.17
CA ASN A 1016 15.44 37.69 -30.26
C ASN A 1016 16.34 36.46 -30.09
N GLU A 1017 15.73 35.27 -29.94
CA GLU A 1017 16.51 34.00 -29.79
C GLU A 1017 17.17 33.97 -28.41
N ALA A 1018 18.36 34.55 -28.28
CA ALA A 1018 19.09 34.53 -26.99
C ALA A 1018 18.27 35.22 -25.89
N PHE A 1019 17.62 36.34 -26.20
CA PHE A 1019 16.76 36.97 -25.16
C PHE A 1019 15.74 35.92 -24.68
N GLN A 1020 15.15 35.19 -25.62
CA GLN A 1020 14.12 34.19 -25.24
C GLN A 1020 14.79 33.14 -24.34
N LYS A 1021 16.07 32.83 -24.60
CA LYS A 1021 16.77 31.83 -23.79
C LYS A 1021 17.03 32.35 -22.38
N VAL A 1022 17.35 33.64 -22.23
CA VAL A 1022 17.48 34.25 -20.92
C VAL A 1022 16.18 34.12 -20.14
N GLN A 1023 15.09 34.49 -20.78
CA GLN A 1023 13.81 34.38 -20.13
C GLN A 1023 13.43 32.94 -19.86
N ASP A 1024 13.87 32.02 -20.72
CA ASP A 1024 13.66 30.61 -20.46
C ASP A 1024 14.39 30.16 -19.20
N ALA A 1025 15.64 30.60 -19.00
CA ALA A 1025 16.37 30.26 -17.79
C ALA A 1025 15.68 30.79 -16.54
N VAL A 1026 15.25 32.06 -16.59
CA VAL A 1026 14.55 32.63 -15.44
C VAL A 1026 13.28 31.84 -15.14
N ASN A 1027 12.44 31.67 -16.15
CA ASN A 1027 11.21 30.91 -15.93
C ASN A 1027 11.52 29.50 -15.52
N ASN A 1028 12.69 28.99 -15.88
CA ASN A 1028 13.01 27.61 -15.61
C ASN A 1028 13.25 27.40 -14.13
N ASN A 1029 14.13 28.20 -13.55
CA ASN A 1029 14.35 28.00 -12.12
C ASN A 1029 13.15 28.48 -11.30
N ALA A 1030 12.44 29.51 -11.78
CA ALA A 1030 11.25 29.96 -11.07
C ALA A 1030 10.19 28.87 -11.04
N GLN A 1031 9.96 28.20 -12.16
CA GLN A 1031 8.94 27.17 -12.17
C GLN A 1031 9.35 25.99 -11.31
N ALA A 1032 10.60 25.53 -11.47
CA ALA A 1032 11.08 24.45 -10.62
C ALA A 1032 10.76 24.75 -9.16
N LEU A 1033 11.35 25.79 -8.62
CA LEU A 1033 11.12 26.14 -7.23
C LEU A 1033 9.65 26.29 -6.89
N SER A 1034 9.02 27.31 -7.45
CA SER A 1034 7.72 27.71 -6.93
C SER A 1034 6.67 26.67 -7.26
N LYS A 1035 6.54 26.30 -8.53
CA LYS A 1035 5.50 25.33 -8.85
C LYS A 1035 5.73 24.03 -8.11
N LEU A 1036 6.95 23.46 -8.17
CA LEU A 1036 7.12 22.17 -7.53
C LEU A 1036 6.75 22.25 -6.05
N ALA A 1037 7.56 22.95 -5.25
CA ALA A 1037 7.32 22.97 -3.79
C ALA A 1037 5.87 23.33 -3.44
N SER A 1038 5.41 24.52 -3.83
CA SER A 1038 4.05 24.98 -3.40
C SER A 1038 2.91 24.09 -3.94
N GLU A 1039 2.94 23.73 -5.22
CA GLU A 1039 1.79 22.97 -5.81
C GLU A 1039 1.66 21.59 -5.17
N LEU A 1040 2.79 20.91 -4.89
CA LEU A 1040 2.77 19.55 -4.30
C LEU A 1040 2.49 19.64 -2.80
N SER A 1041 2.70 20.80 -2.18
CA SER A 1041 2.54 20.91 -0.71
C SER A 1041 1.10 21.30 -0.35
N ASN A 1042 0.35 21.83 -1.32
CA ASN A 1042 -1.06 22.24 -1.08
C ASN A 1042 -1.87 21.00 -0.73
N THR A 1043 -2.12 20.13 -1.72
CA THR A 1043 -2.87 18.87 -1.49
C THR A 1043 -2.09 17.74 -2.13
N PHE A 1044 -1.89 16.61 -1.44
CA PHE A 1044 -1.05 15.55 -2.03
C PHE A 1044 -1.54 14.14 -1.70
N GLY A 1045 -1.63 13.77 -0.41
CA GLY A 1045 -1.95 12.39 -0.08
C GLY A 1045 -3.45 12.14 0.02
N ALA A 1046 -3.78 11.03 0.71
CA ALA A 1046 -5.16 10.56 0.77
C ALA A 1046 -6.09 11.62 1.34
N ILE A 1047 -5.94 11.94 2.62
CA ILE A 1047 -6.55 13.12 3.20
C ILE A 1047 -5.42 14.09 3.46
N SER A 1048 -5.52 15.29 2.90
CA SER A 1048 -4.34 16.08 2.61
C SER A 1048 -4.56 17.55 2.94
N ALA A 1049 -5.32 17.83 4.01
CA ALA A 1049 -5.56 19.22 4.38
C ALA A 1049 -4.42 19.78 5.20
N SER A 1050 -3.20 19.59 4.70
CA SER A 1050 -1.95 20.11 5.25
C SER A 1050 -1.63 19.55 6.62
N ILE A 1051 -2.62 18.92 7.26
CA ILE A 1051 -2.45 17.99 8.37
C ILE A 1051 -3.63 17.02 8.34
N GLY A 1052 -3.36 15.73 8.20
CA GLY A 1052 -4.43 14.77 8.31
C GLY A 1052 -5.05 14.87 9.68
N ASP A 1053 -6.36 15.12 9.76
CA ASP A 1053 -7.03 15.34 11.08
C ASP A 1053 -6.24 16.37 11.90
N ILE A 1054 -6.42 17.66 11.62
CA ILE A 1054 -5.58 18.68 12.31
C ILE A 1054 -5.83 18.54 13.82
N ILE A 1055 -7.08 18.42 14.24
CA ILE A 1055 -7.40 18.18 15.69
C ILE A 1055 -8.90 17.84 15.78
N GLN A 1056 -9.74 18.56 15.03
CA GLN A 1056 -11.20 18.32 15.04
C GLN A 1056 -11.52 16.93 14.47
N ARG A 1057 -10.88 16.53 13.37
CA ARG A 1057 -11.27 15.20 12.82
C ARG A 1057 -11.15 14.18 13.95
N LEU A 1058 -12.09 13.24 14.06
CA LEU A 1058 -12.13 12.33 15.23
C LEU A 1058 -10.85 11.53 15.40
N ASP A 1059 -10.27 11.03 14.30
CA ASP A 1059 -9.28 9.92 14.44
C ASP A 1059 -8.07 10.38 15.26
N VAL A 1060 -7.62 9.57 16.21
CA VAL A 1060 -6.40 9.89 17.04
C VAL A 1060 -5.52 8.64 16.91
N LEU A 1061 -6.15 7.49 16.72
CA LEU A 1061 -5.44 6.23 16.52
C LEU A 1061 -4.85 6.15 15.12
N GLU A 1062 -5.69 6.25 14.09
CA GLU A 1062 -5.23 6.33 12.71
C GLU A 1062 -4.73 7.72 12.36
N GLN A 1063 -4.78 8.65 13.32
CA GLN A 1063 -4.19 9.97 13.09
C GLN A 1063 -2.75 9.84 12.66
N ASP A 1064 -2.01 8.95 13.31
CA ASP A 1064 -0.66 8.62 12.87
C ASP A 1064 -0.65 8.09 11.45
N ALA A 1065 -1.62 7.28 11.07
CA ALA A 1065 -1.59 6.69 9.73
C ALA A 1065 -1.74 7.76 8.66
N GLN A 1066 -2.72 8.65 8.84
CA GLN A 1066 -2.89 9.73 7.87
C GLN A 1066 -1.66 10.64 7.83
N ILE A 1067 -1.19 11.07 8.99
CA ILE A 1067 -0.05 11.98 9.00
C ILE A 1067 1.18 11.29 8.44
N ASP A 1068 1.29 9.97 8.61
CA ASP A 1068 2.42 9.25 8.06
C ASP A 1068 2.37 9.19 6.55
N ARG A 1069 1.19 8.93 5.96
CA ARG A 1069 1.13 8.99 4.50
C ARG A 1069 1.51 10.38 4.01
N LEU A 1070 1.02 11.41 4.69
CA LEU A 1070 1.32 12.76 4.25
C LEU A 1070 2.81 13.08 4.35
N ILE A 1071 3.44 12.68 5.45
CA ILE A 1071 4.88 12.86 5.62
C ILE A 1071 5.65 12.11 4.55
N ASN A 1072 5.31 10.85 4.30
CA ASN A 1072 6.06 10.08 3.33
C ASN A 1072 5.98 10.73 1.96
N GLY A 1073 4.78 11.07 1.53
CA GLY A 1073 4.65 11.68 0.21
C GLY A 1073 5.44 12.96 0.10
N ARG A 1074 5.36 13.78 1.15
CA ARG A 1074 6.03 15.08 1.09
C ARG A 1074 7.55 14.94 1.07
N LEU A 1075 8.08 13.98 1.83
CA LEU A 1075 9.52 13.73 1.75
C LEU A 1075 9.95 13.23 0.39
N THR A 1076 9.18 12.34 -0.24
CA THR A 1076 9.58 11.92 -1.58
C THR A 1076 9.59 13.09 -2.54
N THR A 1077 8.58 13.95 -2.46
CA THR A 1077 8.60 15.13 -3.32
C THR A 1077 9.87 15.95 -3.11
N LEU A 1078 10.28 16.10 -1.86
CA LEU A 1078 11.47 16.91 -1.59
C LEU A 1078 12.75 16.22 -2.09
N ASN A 1079 12.84 14.90 -1.96
CA ASN A 1079 13.98 14.18 -2.50
C ASN A 1079 14.07 14.35 -4.01
N ALA A 1080 12.94 14.26 -4.70
CA ALA A 1080 12.93 14.48 -6.14
C ALA A 1080 13.41 15.88 -6.47
N PHE A 1081 12.96 16.86 -5.70
CA PHE A 1081 13.45 18.23 -5.89
C PHE A 1081 14.95 18.28 -5.80
N VAL A 1082 15.54 17.63 -4.80
CA VAL A 1082 16.99 17.70 -4.64
C VAL A 1082 17.69 17.05 -5.82
N ALA A 1083 17.18 15.91 -6.30
CA ALA A 1083 17.81 15.26 -7.44
C ALA A 1083 17.81 16.16 -8.66
N GLN A 1084 16.67 16.80 -8.93
CA GLN A 1084 16.62 17.73 -10.05
C GLN A 1084 17.58 18.88 -9.86
N GLN A 1085 17.69 19.39 -8.63
CA GLN A 1085 18.63 20.46 -8.36
C GLN A 1085 20.05 20.04 -8.68
N LEU A 1086 20.42 18.83 -8.31
CA LEU A 1086 21.75 18.34 -8.64
C LEU A 1086 21.97 18.28 -10.15
N VAL A 1087 20.98 17.81 -10.90
CA VAL A 1087 21.14 17.72 -12.35
C VAL A 1087 21.35 19.11 -12.94
N ARG A 1088 20.50 20.06 -12.55
CA ARG A 1088 20.63 21.41 -13.09
C ARG A 1088 21.94 22.07 -12.69
N SER A 1089 22.37 21.88 -11.45
CA SER A 1089 23.66 22.43 -11.02
C SER A 1089 24.80 21.85 -11.84
N GLU A 1090 24.75 20.56 -12.14
CA GLU A 1090 25.78 19.95 -12.96
C GLU A 1090 25.84 20.57 -14.35
N SER A 1091 24.68 20.67 -15.01
CA SER A 1091 24.67 21.24 -16.34
C SER A 1091 25.14 22.69 -16.32
N ALA A 1092 24.69 23.46 -15.33
CA ALA A 1092 25.10 24.85 -15.23
C ALA A 1092 26.59 24.99 -15.01
N ALA A 1093 27.21 24.12 -14.21
CA ALA A 1093 28.66 24.19 -14.07
C ALA A 1093 29.37 23.88 -15.37
N LEU A 1094 28.88 22.90 -16.14
CA LEU A 1094 29.52 22.60 -17.41
C LEU A 1094 29.39 23.77 -18.38
N SER A 1095 28.22 24.38 -18.44
CA SER A 1095 28.06 25.56 -19.29
C SER A 1095 28.85 26.76 -18.79
N ALA A 1096 29.07 26.87 -17.49
CA ALA A 1096 29.92 27.94 -16.99
C ALA A 1096 31.35 27.73 -17.43
N GLN A 1097 31.78 26.48 -17.52
CA GLN A 1097 33.05 26.21 -18.17
C GLN A 1097 33.05 26.67 -19.61
N LEU A 1098 31.96 26.41 -20.33
CA LEU A 1098 31.90 26.86 -21.72
C LEU A 1098 31.98 28.38 -21.80
N ALA A 1099 31.29 29.09 -20.91
CA ALA A 1099 31.34 30.55 -20.89
C ALA A 1099 32.75 31.05 -20.61
N LYS A 1100 33.44 30.41 -19.68
CA LYS A 1100 34.82 30.78 -19.41
C LYS A 1100 35.68 30.65 -20.65
N ASP A 1101 35.55 29.52 -21.35
CA ASP A 1101 36.33 29.32 -22.62
C ASP A 1101 35.89 30.38 -23.63
N LYS A 1102 34.60 30.70 -23.70
CA LYS A 1102 34.09 31.65 -24.66
C LYS A 1102 34.63 33.04 -24.43
N VAL A 1103 34.68 33.49 -23.18
CA VAL A 1103 35.36 34.75 -22.88
C VAL A 1103 36.80 34.69 -23.34
N ASN A 1104 37.58 33.76 -22.81
CA ASN A 1104 39.00 33.73 -23.12
C ASN A 1104 39.28 33.68 -24.61
N GLU A 1105 38.49 32.95 -25.37
CA GLU A 1105 38.71 32.76 -26.79
C GLU A 1105 38.21 33.93 -27.62
N CYS A 1106 36.90 34.21 -27.47
CA CYS A 1106 36.25 35.22 -28.34
C CYS A 1106 36.56 36.64 -27.88
N VAL A 1107 36.14 37.00 -26.67
CA VAL A 1107 36.31 38.40 -26.20
C VAL A 1107 37.79 38.78 -26.13
N LYS A 1108 38.62 37.93 -25.52
CA LYS A 1108 40.07 38.23 -25.38
C LYS A 1108 40.81 38.13 -26.73
N ALA A 1109 40.67 37.03 -27.46
CA ALA A 1109 41.52 36.83 -28.66
C ALA A 1109 40.87 37.37 -29.93
N GLN A 1110 41.68 37.51 -31.00
CA GLN A 1110 41.15 38.00 -32.30
C GLN A 1110 40.58 36.83 -33.11
N SER A 1111 39.56 36.14 -32.60
CA SER A 1111 38.86 35.12 -33.42
C SER A 1111 39.84 34.13 -34.06
N LYS A 1112 39.82 34.04 -35.39
CA LYS A 1112 40.68 33.08 -36.14
C LYS A 1112 40.00 31.71 -36.07
N ARG A 1113 38.74 31.68 -35.60
CA ARG A 1113 37.99 30.41 -35.49
C ARG A 1113 36.56 30.61 -36.01
N SER A 1114 35.88 29.50 -36.35
CA SER A 1114 34.58 29.58 -37.06
C SER A 1114 33.30 29.63 -36.22
N GLY A 1115 32.41 28.64 -36.35
CA GLY A 1115 31.01 28.74 -35.83
C GLY A 1115 30.73 29.10 -34.38
N PHE A 1116 31.49 28.63 -33.38
CA PHE A 1116 31.07 29.03 -32.01
C PHE A 1116 31.09 30.56 -31.96
N CYS A 1117 32.10 31.19 -32.58
CA CYS A 1117 32.13 32.68 -32.73
C CYS A 1117 32.18 32.91 -34.23
N GLY A 1118 31.28 32.27 -34.98
CA GLY A 1118 31.32 32.28 -36.45
C GLY A 1118 30.65 33.52 -37.02
N GLN A 1119 29.50 33.36 -37.66
CA GLN A 1119 28.77 34.50 -38.27
C GLN A 1119 29.75 35.27 -39.17
N GLY A 1120 30.43 34.57 -40.08
CA GLY A 1120 31.41 35.21 -40.97
C GLY A 1120 32.71 35.51 -40.24
N THR A 1121 33.52 36.42 -40.77
CA THR A 1121 34.77 36.81 -40.07
C THR A 1121 34.38 37.47 -38.74
N HIS A 1122 35.10 37.17 -37.66
CA HIS A 1122 34.73 37.72 -36.33
C HIS A 1122 35.72 38.83 -35.93
N ILE A 1123 35.22 40.02 -35.61
CA ILE A 1123 36.13 41.16 -35.30
C ILE A 1123 36.16 41.43 -33.78
N VAL A 1124 35.00 41.60 -33.15
CA VAL A 1124 34.97 41.95 -31.69
C VAL A 1124 33.80 41.24 -31.00
N SER A 1125 33.88 41.02 -29.69
CA SER A 1125 32.76 40.45 -28.92
C SER A 1125 32.66 41.17 -27.58
N PHE A 1126 31.46 41.31 -27.02
CA PHE A 1126 31.29 42.07 -25.76
C PHE A 1126 30.52 41.23 -24.75
N VAL A 1127 30.72 41.47 -23.45
CA VAL A 1127 30.07 40.65 -22.43
C VAL A 1127 29.35 41.57 -21.46
N VAL A 1128 28.14 41.19 -21.07
CA VAL A 1128 27.45 41.82 -19.96
C VAL A 1128 26.83 40.72 -19.10
N ASN A 1129 26.26 41.10 -17.98
CA ASN A 1129 25.68 40.13 -17.06
C ASN A 1129 24.20 39.95 -17.35
N ALA A 1130 23.75 38.74 -17.33
CA ALA A 1130 22.37 38.39 -17.51
C ALA A 1130 21.89 37.61 -16.32
N PRO A 1131 20.58 37.52 -16.11
CA PRO A 1131 20.07 36.73 -14.99
C PRO A 1131 20.60 35.30 -15.04
N ASN A 1132 21.47 34.99 -14.07
CA ASN A 1132 22.15 33.71 -13.89
C ASN A 1132 23.31 33.46 -14.84
N GLY A 1133 23.50 34.31 -15.86
CA GLY A 1133 24.55 33.99 -16.83
C GLY A 1133 25.23 35.20 -17.45
N LEU A 1134 25.88 35.00 -18.61
CA LEU A 1134 26.57 36.10 -19.31
C LEU A 1134 25.93 36.30 -20.69
N TYR A 1135 25.58 37.54 -21.04
CA TYR A 1135 25.02 37.82 -22.39
C TYR A 1135 26.18 38.19 -23.32
N PHE A 1136 26.24 37.57 -24.50
CA PHE A 1136 27.36 37.80 -25.43
C PHE A 1136 26.90 38.59 -26.65
N MET A 1137 27.73 39.52 -27.13
CA MET A 1137 27.35 40.38 -28.29
C MET A 1137 28.48 40.36 -29.32
N HIS A 1138 28.63 39.24 -30.06
CA HIS A 1138 29.70 39.13 -31.08
C HIS A 1138 29.41 40.04 -32.27
N VAL A 1139 30.45 40.55 -32.94
CA VAL A 1139 30.26 41.39 -34.15
C VAL A 1139 30.86 40.63 -35.34
N GLY A 1140 30.09 40.45 -36.42
CA GLY A 1140 30.56 39.65 -37.56
C GLY A 1140 30.49 40.37 -38.89
N TYR A 1141 31.55 40.31 -39.69
CA TYR A 1141 31.56 40.92 -41.05
C TYR A 1141 30.62 40.13 -41.96
N TYR A 1142 29.86 40.83 -42.82
CA TYR A 1142 29.00 40.11 -43.81
C TYR A 1142 29.30 40.60 -45.23
N PRO A 1143 29.51 39.69 -46.21
CA PRO A 1143 29.84 40.07 -47.59
C PRO A 1143 28.74 40.88 -48.29
N SER A 1144 27.47 40.47 -48.15
CA SER A 1144 26.30 41.20 -48.75
C SER A 1144 26.23 41.02 -50.27
N ASN A 1145 27.27 41.42 -51.01
CA ASN A 1145 27.25 41.35 -52.50
C ASN A 1145 28.43 40.49 -52.95
N HIS A 1146 28.37 39.89 -54.14
CA HIS A 1146 29.54 39.12 -54.65
C HIS A 1146 29.76 39.34 -56.15
N ILE A 1147 31.03 39.35 -56.60
CA ILE A 1147 31.34 39.47 -58.06
C ILE A 1147 32.30 38.35 -58.46
N GLU A 1148 32.10 37.74 -59.62
CA GLU A 1148 32.96 36.59 -60.05
C GLU A 1148 34.15 37.11 -60.87
N VAL A 1149 35.38 36.89 -60.38
CA VAL A 1149 36.60 37.40 -61.08
C VAL A 1149 37.44 36.18 -61.51
N VAL A 1150 38.67 36.42 -61.97
CA VAL A 1150 39.52 35.30 -62.48
C VAL A 1150 40.84 35.31 -61.71
N SER A 1151 41.22 34.17 -61.15
CA SER A 1151 42.52 34.07 -60.43
C SER A 1151 43.65 34.13 -61.44
N ALA A 1152 44.83 34.55 -61.01
CA ALA A 1152 46.02 34.44 -61.88
C ALA A 1152 46.94 33.63 -60.98
N TYR A 1153 46.56 32.37 -60.71
CA TYR A 1153 47.30 31.48 -59.77
C TYR A 1153 48.81 31.75 -59.80
N GLY A 1154 49.28 32.72 -59.01
CA GLY A 1154 50.72 33.02 -59.08
C GLY A 1154 51.17 33.76 -60.32
N LEU A 1155 52.24 34.55 -60.20
CA LEU A 1155 52.80 35.24 -61.38
C LEU A 1155 54.26 34.78 -61.52
N CYS A 1156 54.66 34.33 -62.70
CA CYS A 1156 56.04 33.83 -62.91
C CYS A 1156 56.71 34.70 -63.96
N ASP A 1157 58.01 34.94 -63.85
CA ASP A 1157 58.75 35.72 -64.88
C ASP A 1157 59.25 34.77 -65.97
N ALA A 1158 60.05 35.28 -66.91
CA ALA A 1158 60.59 34.44 -68.00
C ALA A 1158 61.43 33.31 -67.40
N ALA A 1159 62.17 33.60 -66.33
CA ALA A 1159 62.99 32.56 -65.66
C ALA A 1159 62.11 31.76 -64.69
N ASN A 1160 62.44 31.79 -63.40
CA ASN A 1160 61.63 31.08 -62.37
C ASN A 1160 61.43 31.92 -61.09
N PRO A 1161 61.25 33.26 -61.10
CA PRO A 1161 60.93 34.00 -59.89
C PRO A 1161 59.40 34.14 -59.82
N THR A 1162 58.78 33.52 -58.82
CA THR A 1162 57.28 33.54 -58.78
C THR A 1162 56.80 34.40 -57.61
N ASN A 1163 55.87 35.31 -57.88
CA ASN A 1163 55.25 36.08 -56.78
C ASN A 1163 53.84 35.51 -56.57
N CYS A 1164 53.63 34.72 -55.52
CA CYS A 1164 52.25 34.21 -55.25
C CYS A 1164 51.71 34.95 -54.02
N ILE A 1165 50.39 35.07 -53.90
CA ILE A 1165 49.79 35.84 -52.76
C ILE A 1165 49.45 34.87 -51.62
N ALA A 1166 50.20 34.93 -50.52
CA ALA A 1166 49.90 34.07 -49.35
C ALA A 1166 48.54 34.44 -48.71
N PRO A 1167 48.17 35.72 -48.51
CA PRO A 1167 46.90 36.04 -47.84
C PRO A 1167 45.62 35.53 -48.52
N ASN A 1169 43.88 35.75 -52.80
CA ASN A 1169 43.67 34.60 -53.72
C ASN A 1169 44.55 34.76 -54.96
N GLY A 1170 44.00 35.34 -56.03
CA GLY A 1170 44.76 35.48 -57.28
C GLY A 1170 44.67 36.89 -57.85
N TYR A 1171 45.65 37.27 -58.67
CA TYR A 1171 45.66 38.62 -59.30
C TYR A 1171 44.55 38.70 -60.35
N PHE A 1172 44.08 39.91 -60.65
CA PHE A 1172 43.00 40.08 -61.67
C PHE A 1172 43.57 40.78 -62.90
N ILE A 1173 43.41 40.17 -64.08
CA ILE A 1173 43.98 40.74 -65.33
C ILE A 1173 42.84 41.37 -66.14
N THR A 1175 44.70 44.10 -64.39
CA THR A 1175 46.15 44.43 -64.52
C THR A 1175 46.89 43.93 -63.28
N ASN A 1176 46.81 42.62 -63.00
CA ASN A 1176 47.50 42.03 -61.82
C ASN A 1176 47.03 42.75 -60.55
N ASN A 1177 45.73 43.07 -60.48
CA ASN A 1177 45.18 43.81 -59.30
C ASN A 1177 45.23 42.90 -58.07
N THR A 1178 45.54 43.47 -56.90
CA THR A 1178 45.60 42.68 -55.65
C THR A 1178 44.49 43.18 -54.69
N ILE A 1180 42.20 41.27 -52.71
CA ILE A 1180 41.29 40.08 -52.78
C ILE A 1180 40.43 40.03 -51.52
N VAL A 1181 40.47 38.93 -50.76
CA VAL A 1181 39.66 38.76 -49.52
C VAL A 1181 38.33 39.53 -49.60
N ASP A 1182 38.28 40.78 -49.11
CA ASP A 1182 36.97 41.48 -49.08
C ASP A 1182 36.75 42.32 -50.32
N GLU A 1183 37.37 43.50 -50.43
CA GLU A 1183 36.97 44.41 -51.55
C GLU A 1183 37.55 44.03 -52.92
N TRP A 1184 37.44 44.89 -53.94
CA TRP A 1184 37.78 44.45 -55.32
C TRP A 1184 39.19 44.69 -55.91
N SER A 1185 39.76 45.90 -55.85
CA SER A 1185 41.03 46.05 -56.63
C SER A 1185 42.15 47.01 -56.18
N TYR A 1186 43.31 46.48 -55.78
CA TYR A 1186 44.54 47.26 -55.61
C TYR A 1186 45.47 47.20 -56.79
N THR A 1187 46.71 47.62 -56.54
CA THR A 1187 47.84 47.51 -57.44
C THR A 1187 48.81 46.45 -56.91
N GLY A 1188 49.61 45.88 -57.82
CA GLY A 1188 50.57 44.86 -57.42
C GLY A 1188 51.68 45.46 -56.56
N SER A 1189 51.99 44.77 -55.46
CA SER A 1189 52.51 45.47 -54.28
C SER A 1189 54.03 45.40 -54.14
N SER A 1190 54.58 44.17 -54.10
CA SER A 1190 55.88 43.82 -53.53
C SER A 1190 55.87 43.76 -52.01
N PHE A 1191 54.74 44.11 -51.40
CA PHE A 1191 54.60 43.93 -49.93
C PHE A 1191 53.48 42.91 -49.68
N TYR A 1192 52.79 42.49 -50.75
CA TYR A 1192 51.62 41.59 -50.62
C TYR A 1192 51.90 40.20 -51.21
N ALA A 1193 53.15 39.86 -51.55
CA ALA A 1193 53.36 38.56 -52.23
C ALA A 1193 54.71 37.89 -51.92
N PRO A 1194 54.79 36.70 -51.27
CA PRO A 1194 56.06 35.97 -51.13
C PRO A 1194 56.62 35.54 -52.47
N GLU A 1195 57.68 34.75 -52.41
CA GLU A 1195 58.34 34.21 -53.59
C GLU A 1195 58.50 32.70 -53.45
N PRO A 1196 57.45 31.93 -53.73
CA PRO A 1196 57.51 30.47 -53.55
C PRO A 1196 58.12 29.68 -54.70
N ILE A 1197 58.00 28.35 -54.59
CA ILE A 1197 58.48 27.45 -55.63
C ILE A 1197 57.60 27.58 -56.87
N THR A 1198 58.23 27.43 -58.02
CA THR A 1198 57.53 27.45 -59.29
C THR A 1198 56.68 26.19 -59.47
N SER A 1199 55.44 26.40 -59.87
CA SER A 1199 54.50 25.32 -60.12
C SER A 1199 54.11 25.30 -61.59
N LEU A 1200 53.19 24.43 -61.97
CA LEU A 1200 53.02 24.06 -63.37
C LEU A 1200 52.37 25.20 -64.15
N ASN A 1201 52.18 24.96 -65.46
CA ASN A 1201 51.54 25.90 -66.38
C ASN A 1201 52.33 27.20 -66.52
N THR A 1202 53.56 27.04 -67.04
CA THR A 1202 54.58 28.07 -66.92
C THR A 1202 54.11 29.45 -67.33
N LYS A 1203 54.92 30.47 -66.98
CA LYS A 1203 54.61 31.90 -67.24
C LYS A 1203 53.62 32.33 -66.15
N TYR A 1204 52.80 31.40 -65.71
CA TYR A 1204 51.90 31.66 -64.55
C TYR A 1204 52.19 30.49 -63.61
N VAL A 1205 51.90 30.63 -62.31
CA VAL A 1205 52.33 29.50 -61.43
C VAL A 1205 51.22 28.44 -61.32
N ALA A 1206 50.22 28.46 -62.21
CA ALA A 1206 49.19 27.44 -61.93
C ALA A 1206 49.72 26.01 -61.96
N TYR B 18 -20.84 -47.36 -9.48
CA TYR B 18 -19.50 -47.94 -9.53
C TYR B 18 -19.31 -48.82 -10.75
N VAL B 19 -18.05 -49.12 -11.07
CA VAL B 19 -17.68 -49.74 -12.33
C VAL B 19 -18.10 -51.20 -12.36
N ASP B 20 -18.80 -51.57 -13.44
CA ASP B 20 -18.85 -52.96 -13.87
C ASP B 20 -17.47 -53.32 -14.41
N VAL B 21 -16.73 -54.12 -13.66
CA VAL B 21 -15.36 -54.50 -14.01
C VAL B 21 -15.35 -55.72 -14.93
N GLY B 22 -16.51 -56.33 -15.15
CA GLY B 22 -16.56 -57.62 -15.79
C GLY B 22 -16.38 -58.73 -14.79
N PRO B 23 -15.96 -59.90 -15.26
CA PRO B 23 -15.82 -61.05 -14.36
C PRO B 23 -14.72 -60.83 -13.34
N ASP B 24 -14.87 -61.44 -12.18
CA ASP B 24 -13.77 -61.53 -11.23
C ASP B 24 -12.87 -62.69 -11.59
N SER B 25 -11.72 -62.76 -10.92
CA SER B 25 -10.81 -63.87 -11.16
C SER B 25 -11.29 -65.13 -10.46
N VAL B 26 -11.21 -66.25 -11.17
CA VAL B 26 -11.53 -67.54 -10.60
C VAL B 26 -10.32 -68.46 -10.54
N LYS B 27 -9.15 -67.99 -10.97
CA LYS B 27 -7.93 -68.74 -10.72
C LYS B 27 -7.66 -68.82 -9.23
N SER B 28 -7.06 -69.93 -8.81
CA SER B 28 -7.02 -70.31 -7.41
C SER B 28 -5.83 -69.74 -6.64
N ALA B 29 -4.75 -69.37 -7.33
CA ALA B 29 -3.57 -68.87 -6.64
C ALA B 29 -2.67 -68.15 -7.63
N CYS B 30 -1.47 -67.85 -7.18
CA CYS B 30 -0.53 -67.05 -7.92
C CYS B 30 0.55 -67.91 -8.55
N ILE B 31 0.80 -67.69 -9.84
CA ILE B 31 1.94 -68.29 -10.50
C ILE B 31 3.20 -67.96 -9.70
N GLU B 32 4.15 -68.89 -9.67
CA GLU B 32 5.37 -68.67 -8.91
C GLU B 32 6.32 -67.75 -9.66
N VAL B 33 7.14 -67.02 -8.92
CA VAL B 33 7.95 -65.94 -9.46
C VAL B 33 9.35 -65.99 -8.83
N ASP B 34 10.38 -65.90 -9.66
CA ASP B 34 11.76 -65.88 -9.19
C ASP B 34 12.25 -64.44 -9.13
N ILE B 35 12.66 -64.01 -7.95
CA ILE B 35 13.16 -62.66 -7.72
C ILE B 35 14.68 -62.67 -7.82
N GLN B 36 15.23 -61.93 -8.79
CA GLN B 36 16.69 -61.80 -8.94
C GLN B 36 17.04 -60.36 -9.35
N GLN B 37 17.28 -59.50 -8.37
CA GLN B 37 17.76 -58.16 -8.71
C GLN B 37 19.06 -58.23 -9.50
N THR B 38 19.83 -59.30 -9.30
CA THR B 38 21.11 -59.42 -9.96
C THR B 38 20.99 -59.38 -11.48
N PHE B 39 20.00 -60.08 -12.02
CA PHE B 39 19.77 -60.07 -13.49
C PHE B 39 19.46 -58.66 -13.99
N PHE B 40 18.51 -57.97 -13.33
CA PHE B 40 18.09 -56.61 -13.78
C PHE B 40 19.24 -55.61 -13.68
N ASP B 41 20.06 -55.69 -12.62
CA ASP B 41 21.13 -54.69 -12.38
C ASP B 41 22.07 -54.49 -13.58
N LYS B 42 21.79 -53.54 -14.47
CA LYS B 42 22.74 -53.22 -15.53
C LYS B 42 22.94 -51.73 -15.60
N THR B 43 23.75 -51.32 -16.56
CA THR B 43 24.09 -49.92 -16.75
C THR B 43 23.86 -49.55 -18.20
N TRP B 44 22.64 -49.07 -18.49
CA TRP B 44 22.38 -48.27 -19.69
C TRP B 44 22.01 -46.87 -19.24
N PRO B 45 22.98 -45.98 -19.17
CA PRO B 45 22.68 -44.59 -18.81
C PRO B 45 22.12 -43.85 -20.02
N ARG B 46 20.93 -43.27 -19.86
CA ARG B 46 20.38 -42.34 -20.83
C ARG B 46 19.68 -41.23 -20.08
N PRO B 47 20.41 -40.16 -19.75
CA PRO B 47 19.86 -39.14 -18.87
C PRO B 47 18.83 -38.30 -19.59
N ILE B 48 18.36 -37.28 -18.89
CA ILE B 48 17.65 -36.19 -19.56
C ILE B 48 18.64 -35.44 -20.41
N ASP B 49 18.21 -35.01 -21.59
CA ASP B 49 19.01 -34.13 -22.43
C ASP B 49 18.05 -33.08 -22.97
N VAL B 50 17.92 -31.97 -22.25
CA VAL B 50 16.96 -30.95 -22.68
C VAL B 50 17.38 -30.29 -23.98
N SER B 51 18.65 -30.37 -24.36
N SER B 51 18.65 -30.37 -24.36
CA SER B 51 19.08 -29.79 -25.62
CA SER B 51 19.11 -29.82 -25.63
C SER B 51 18.36 -30.41 -26.81
C SER B 51 18.32 -30.39 -26.80
N LYS B 52 17.90 -31.64 -26.70
CA LYS B 52 17.06 -32.25 -27.71
C LYS B 52 15.63 -32.40 -27.22
N ALA B 53 15.29 -31.69 -26.14
CA ALA B 53 13.92 -31.64 -25.63
C ALA B 53 13.42 -33.02 -25.25
N ASP B 54 14.02 -33.59 -24.20
CA ASP B 54 13.59 -34.90 -23.74
C ASP B 54 12.72 -34.77 -22.50
N GLY B 55 11.41 -34.73 -22.71
CA GLY B 55 10.51 -34.91 -21.58
C GLY B 55 9.84 -33.66 -21.06
N ILE B 56 9.55 -32.71 -21.93
CA ILE B 56 8.90 -31.46 -21.52
C ILE B 56 7.41 -31.60 -21.71
N ILE B 57 6.66 -31.28 -20.67
CA ILE B 57 5.21 -31.22 -20.73
C ILE B 57 4.81 -29.89 -21.36
N TYR B 58 4.20 -29.97 -22.53
CA TYR B 58 3.92 -28.76 -23.29
C TYR B 58 3.01 -27.84 -22.48
N PRO B 59 3.23 -26.50 -22.45
CA PRO B 59 2.44 -25.58 -21.62
C PRO B 59 0.91 -25.64 -21.83
N GLN B 60 0.15 -25.34 -20.78
CA GLN B 60 -1.33 -25.31 -20.88
C GLN B 60 -1.81 -23.87 -20.70
N THR B 63 -0.27 -22.27 -27.75
CA THR B 63 0.82 -22.68 -28.66
C THR B 63 1.60 -21.41 -29.02
N TYR B 64 2.86 -21.53 -29.45
CA TYR B 64 3.69 -20.39 -29.78
C TYR B 64 4.34 -20.59 -31.14
N SER B 65 4.74 -19.48 -31.71
CA SER B 65 5.30 -19.37 -33.04
C SER B 65 6.81 -19.51 -32.99
N ASN B 66 7.45 -18.99 -34.04
CA ASN B 66 8.87 -19.12 -34.29
C ASN B 66 9.75 -18.66 -33.12
N ILE B 67 9.15 -18.08 -32.07
CA ILE B 67 9.92 -17.31 -31.11
C ILE B 67 10.33 -18.19 -29.92
N THR B 68 11.35 -17.75 -29.17
CA THR B 68 11.88 -18.48 -28.03
C THR B 68 11.78 -17.66 -26.74
N ILE B 69 11.18 -18.27 -25.72
CA ILE B 69 10.87 -17.55 -24.49
C ILE B 69 11.24 -18.44 -23.31
N THR B 70 11.44 -17.81 -22.16
CA THR B 70 11.66 -18.51 -20.90
C THR B 70 10.32 -18.77 -20.25
N TYR B 71 10.15 -19.99 -19.76
CA TYR B 71 8.84 -20.42 -19.29
C TYR B 71 9.01 -21.13 -17.97
N GLN B 72 7.96 -21.12 -17.17
CA GLN B 72 8.00 -21.56 -15.79
C GLN B 72 6.95 -22.64 -15.59
N GLY B 73 7.38 -23.83 -15.17
CA GLY B 73 6.49 -24.96 -15.08
C GLY B 73 7.15 -26.14 -14.39
N LEU B 74 6.60 -27.33 -14.66
CA LEU B 74 7.08 -28.55 -14.02
C LEU B 74 7.90 -29.36 -15.01
N PHE B 75 9.16 -29.60 -14.67
CA PHE B 75 10.11 -30.19 -15.60
C PHE B 75 11.01 -31.17 -14.87
N PRO B 76 11.61 -32.11 -15.59
CA PRO B 76 12.77 -32.81 -15.05
C PRO B 76 13.95 -31.87 -15.06
N TYR B 77 14.96 -32.20 -14.28
CA TYR B 77 16.10 -31.31 -14.29
C TYR B 77 17.26 -31.93 -15.06
N GLN B 78 17.85 -31.11 -15.92
CA GLN B 78 18.84 -31.50 -16.90
C GLN B 78 19.86 -32.49 -16.34
N GLY B 79 20.24 -33.44 -17.17
CA GLY B 79 21.28 -34.39 -16.84
C GLY B 79 20.89 -35.46 -15.86
N ASP B 80 19.64 -35.47 -15.41
CA ASP B 80 19.20 -36.47 -14.45
C ASP B 80 18.96 -37.79 -15.17
N HIS B 81 19.56 -38.86 -14.66
CA HIS B 81 19.37 -40.16 -15.29
C HIS B 81 18.26 -40.97 -14.63
N GLY B 82 17.60 -40.42 -13.62
CA GLY B 82 16.37 -40.97 -13.11
C GLY B 82 16.50 -42.34 -12.47
N ASP B 83 15.54 -43.19 -12.79
CA ASP B 83 15.47 -44.56 -12.31
C ASP B 83 15.22 -45.48 -13.50
N MET B 84 15.82 -46.66 -13.48
CA MET B 84 15.64 -47.62 -14.55
C MET B 84 14.73 -48.74 -14.08
N TYR B 85 13.99 -49.33 -15.01
CA TYR B 85 13.24 -50.56 -14.81
C TYR B 85 13.20 -51.34 -16.11
N VAL B 86 13.29 -52.67 -16.00
CA VAL B 86 13.38 -53.52 -17.17
C VAL B 86 12.47 -54.73 -16.97
N TYR B 87 12.06 -55.35 -18.08
CA TYR B 87 11.18 -56.54 -18.04
C TYR B 87 12.00 -57.77 -18.40
N SER B 88 11.69 -58.92 -17.80
CA SER B 88 12.53 -60.12 -18.05
C SER B 88 11.69 -61.29 -18.55
N ALA B 89 12.20 -62.06 -19.52
CA ALA B 89 11.48 -63.23 -19.99
C ALA B 89 11.27 -64.23 -18.85
N GLY B 90 10.23 -65.04 -18.99
CA GLY B 90 9.96 -66.10 -18.03
C GLY B 90 10.83 -67.33 -18.22
N HIS B 91 10.78 -68.21 -17.22
CA HIS B 91 11.50 -69.48 -17.30
C HIS B 91 11.08 -70.25 -18.55
N ALA B 92 12.06 -70.72 -19.30
CA ALA B 92 11.76 -71.24 -20.63
C ALA B 92 12.51 -72.53 -20.88
N THR B 93 11.75 -73.58 -21.17
CA THR B 93 12.29 -74.80 -21.75
C THR B 93 12.36 -74.60 -23.26
N GLY B 94 12.54 -75.69 -23.99
CA GLY B 94 12.40 -75.59 -25.44
C GLY B 94 10.98 -75.25 -25.86
N THR B 95 9.99 -75.61 -25.03
CA THR B 95 8.60 -75.41 -25.39
C THR B 95 7.73 -74.75 -24.32
N THR B 96 8.12 -74.81 -23.06
CA THR B 96 7.19 -74.37 -22.01
C THR B 96 7.55 -73.00 -21.47
N PRO B 97 6.68 -72.01 -21.64
CA PRO B 97 6.79 -70.79 -20.83
C PRO B 97 6.56 -71.10 -19.36
N GLN B 98 7.37 -70.49 -18.50
CA GLN B 98 7.32 -70.78 -17.08
C GLN B 98 7.63 -69.55 -16.24
N LYS B 99 8.07 -69.78 -15.00
CA LYS B 99 8.02 -68.79 -13.94
C LYS B 99 8.84 -67.55 -14.26
N LEU B 100 8.74 -66.56 -13.37
CA LEU B 100 8.95 -65.18 -13.74
C LEU B 100 10.20 -64.61 -13.07
N PHE B 101 10.97 -63.83 -13.84
CA PHE B 101 11.98 -62.93 -13.29
C PHE B 101 11.40 -61.54 -13.10
N VAL B 102 11.30 -61.10 -11.84
CA VAL B 102 10.91 -59.74 -11.51
C VAL B 102 11.96 -59.19 -10.57
N ALA B 103 12.06 -57.87 -10.52
CA ALA B 103 13.08 -57.25 -9.70
C ALA B 103 12.53 -56.87 -8.34
N ASN B 104 13.32 -56.04 -7.64
CA ASN B 104 12.94 -55.39 -6.39
C ASN B 104 11.91 -54.29 -6.59
N TYR B 105 11.34 -54.19 -7.79
CA TYR B 105 10.49 -53.04 -8.14
C TYR B 105 9.30 -52.92 -7.22
N SER B 106 8.80 -54.05 -6.73
CA SER B 106 7.66 -54.03 -5.82
C SER B 106 8.03 -53.41 -4.48
N GLN B 107 9.26 -53.60 -4.04
CA GLN B 107 9.76 -53.10 -2.77
C GLN B 107 10.38 -51.72 -2.84
N ASP B 108 10.18 -50.96 -3.92
CA ASP B 108 10.57 -49.56 -3.97
C ASP B 108 9.32 -48.70 -3.84
N VAL B 109 9.11 -48.19 -2.63
CA VAL B 109 8.03 -47.25 -2.38
C VAL B 109 8.61 -45.85 -2.32
N LYS B 110 8.27 -45.03 -3.33
CA LYS B 110 8.89 -43.68 -3.41
C LYS B 110 7.85 -42.58 -3.18
N GLN B 111 8.31 -41.32 -3.18
CA GLN B 111 7.38 -40.20 -2.95
C GLN B 111 6.97 -39.58 -4.29
N PHE B 112 5.69 -39.69 -4.65
CA PHE B 112 5.18 -39.06 -5.90
C PHE B 112 5.60 -37.58 -5.90
N ALA B 113 5.34 -36.87 -4.79
CA ALA B 113 5.70 -35.45 -4.66
C ALA B 113 5.14 -34.65 -5.84
N ASN B 114 6.00 -34.25 -6.79
CA ASN B 114 5.51 -33.39 -7.90
C ASN B 114 5.26 -34.22 -9.16
N GLY B 115 5.26 -35.57 -9.07
CA GLY B 115 4.93 -36.30 -10.27
C GLY B 115 6.17 -36.75 -11.00
N PHE B 116 5.96 -37.30 -12.17
CA PHE B 116 7.08 -37.88 -12.89
C PHE B 116 6.71 -38.02 -14.35
N VAL B 117 7.73 -38.23 -15.18
CA VAL B 117 7.55 -38.58 -16.57
C VAL B 117 8.37 -39.83 -16.82
N VAL B 118 7.95 -40.61 -17.80
CA VAL B 118 8.53 -41.92 -18.05
C VAL B 118 8.92 -42.01 -19.51
N ARG B 119 10.14 -42.42 -19.79
CA ARG B 119 10.57 -42.72 -21.14
C ARG B 119 10.21 -44.16 -21.44
N ILE B 120 9.87 -44.46 -22.70
CA ILE B 120 9.39 -45.78 -23.09
C ILE B 120 10.08 -46.24 -24.35
N GLY B 121 10.56 -47.47 -24.35
CA GLY B 121 11.06 -48.07 -25.58
C GLY B 121 12.19 -47.33 -26.24
N ALA B 122 13.16 -46.84 -25.48
CA ALA B 122 14.22 -46.04 -26.08
C ALA B 122 15.15 -46.89 -26.93
N ALA B 123 15.26 -48.17 -26.62
CA ALA B 123 16.31 -49.02 -27.19
C ALA B 123 15.85 -49.86 -28.38
N ALA B 124 14.63 -49.65 -28.88
CA ALA B 124 14.06 -50.53 -29.88
C ALA B 124 14.93 -50.60 -31.14
N ASN B 125 14.71 -51.65 -31.93
CA ASN B 125 15.41 -51.86 -33.20
C ASN B 125 16.91 -52.11 -32.99
N SER B 126 17.33 -52.35 -31.76
CA SER B 126 18.75 -52.45 -31.53
C SER B 126 19.14 -53.88 -31.15
N THR B 127 20.38 -54.22 -31.49
CA THR B 127 20.96 -55.50 -31.14
C THR B 127 21.09 -55.55 -29.63
N GLY B 128 20.28 -56.39 -28.99
CA GLY B 128 20.17 -56.30 -27.55
C GLY B 128 20.32 -57.65 -26.86
N THR B 129 20.72 -57.62 -25.59
CA THR B 129 20.97 -58.91 -24.87
C THR B 129 19.69 -59.39 -24.19
N VAL B 130 19.28 -60.64 -24.44
CA VAL B 130 18.09 -61.19 -23.70
C VAL B 130 18.51 -61.26 -22.24
N ILE B 131 17.69 -60.69 -21.34
CA ILE B 131 18.10 -60.61 -19.90
C ILE B 131 18.14 -62.00 -19.22
N ILE B 132 17.11 -62.83 -19.40
CA ILE B 132 17.07 -64.15 -18.69
C ILE B 132 18.14 -65.11 -19.22
N SER B 133 18.35 -65.15 -20.54
CA SER B 133 19.43 -65.99 -21.13
C SER B 133 20.59 -65.04 -21.48
N PRO B 134 21.54 -64.72 -20.55
CA PRO B 134 22.52 -63.67 -20.82
C PRO B 134 23.37 -63.89 -22.06
N SER B 135 23.53 -65.14 -22.52
CA SER B 135 24.27 -65.38 -23.74
C SER B 135 23.39 -65.40 -24.98
N THR B 136 22.22 -64.76 -24.93
CA THR B 136 21.28 -64.75 -26.03
C THR B 136 21.01 -63.32 -26.47
N SER B 137 21.02 -63.08 -27.78
CA SER B 137 20.81 -61.76 -28.33
C SER B 137 19.51 -61.73 -29.14
N ALA B 138 18.79 -60.62 -29.00
CA ALA B 138 17.55 -60.43 -29.74
C ALA B 138 17.32 -58.94 -29.91
N THR B 139 16.51 -58.61 -30.91
CA THR B 139 16.24 -57.22 -31.21
C THR B 139 15.39 -56.60 -30.12
N ILE B 140 15.79 -55.43 -29.65
CA ILE B 140 15.07 -54.73 -28.60
C ILE B 140 13.77 -54.18 -29.18
N ARG B 141 12.69 -54.31 -28.42
CA ARG B 141 11.40 -53.80 -28.85
C ARG B 141 10.59 -53.26 -27.68
N LYS B 142 9.70 -52.32 -27.98
CA LYS B 142 9.04 -51.50 -26.97
C LYS B 142 8.06 -52.31 -26.14
N ILE B 143 7.80 -51.85 -24.92
CA ILE B 143 6.89 -52.51 -24.00
C ILE B 143 6.52 -51.54 -22.89
N TYR B 144 5.27 -51.63 -22.41
CA TYR B 144 4.69 -50.52 -21.64
C TYR B 144 4.61 -50.85 -20.15
N PRO B 145 4.71 -49.80 -19.32
CA PRO B 145 4.77 -49.98 -17.88
C PRO B 145 3.41 -49.91 -17.21
N ALA B 146 3.38 -50.35 -15.96
CA ALA B 146 2.19 -50.24 -15.13
C ALA B 146 2.54 -49.61 -13.80
N PHE B 147 1.54 -49.09 -13.09
CA PHE B 147 1.75 -48.34 -11.86
C PHE B 147 0.61 -48.57 -10.88
N MET B 148 0.90 -48.40 -9.60
CA MET B 148 -0.10 -48.18 -8.56
C MET B 148 0.15 -46.85 -7.91
N LEU B 149 -0.89 -46.04 -7.76
CA LEU B 149 -0.76 -44.72 -7.18
C LEU B 149 -1.64 -44.64 -5.93
N GLY B 150 -1.01 -44.33 -4.81
CA GLY B 150 -1.79 -44.25 -3.58
C GLY B 150 -1.35 -43.09 -2.73
N SER B 151 -2.28 -42.65 -1.88
CA SER B 151 -1.99 -41.69 -0.82
C SER B 151 -1.50 -42.36 0.46
N SER B 152 -1.85 -43.62 0.67
CA SER B 152 -1.53 -44.31 1.91
C SER B 152 -0.93 -45.66 1.57
N VAL B 153 0.13 -46.05 2.27
CA VAL B 153 0.88 -47.26 1.98
C VAL B 153 1.31 -47.93 3.27
N GLY B 154 1.80 -49.16 3.12
CA GLY B 154 2.29 -49.92 4.25
C GLY B 154 2.91 -51.23 3.79
N ASN B 155 3.26 -52.09 4.74
CA ASN B 155 3.85 -53.38 4.44
C ASN B 155 2.80 -54.47 4.55
N PHE B 156 3.05 -55.58 3.85
CA PHE B 156 2.10 -56.68 3.86
C PHE B 156 2.21 -57.49 5.15
N SER B 157 1.33 -58.49 5.26
CA SER B 157 1.32 -59.37 6.43
C SER B 157 2.69 -59.96 6.70
N ASP B 158 3.32 -60.49 5.66
CA ASP B 158 4.65 -61.07 5.78
C ASP B 158 5.75 -60.01 5.86
N GLY B 159 5.37 -58.76 6.14
CA GLY B 159 6.33 -57.70 6.35
C GLY B 159 6.82 -57.03 5.08
N LYS B 160 6.53 -57.61 3.92
CA LYS B 160 7.09 -57.09 2.68
C LYS B 160 6.44 -55.77 2.29
N MET B 161 7.17 -54.99 1.49
CA MET B 161 6.70 -53.74 0.94
C MET B 161 5.65 -53.98 -0.14
N GLY B 162 5.30 -52.91 -0.83
CA GLY B 162 4.44 -53.00 -2.00
C GLY B 162 2.96 -52.91 -1.72
N ARG B 163 2.55 -52.80 -0.47
CA ARG B 163 1.13 -52.68 -0.16
C ARG B 163 0.70 -51.23 -0.20
N PHE B 164 -0.34 -50.96 -0.98
CA PHE B 164 -1.03 -49.68 -0.94
C PHE B 164 -2.35 -49.86 -0.21
N PHE B 165 -2.81 -48.83 0.50
CA PHE B 165 -4.05 -48.97 1.30
C PHE B 165 -5.30 -48.80 0.43
N ASN B 166 -6.42 -48.41 1.03
CA ASN B 166 -7.70 -48.31 0.29
C ASN B 166 -7.60 -47.23 -0.80
N HIS B 167 -8.22 -47.48 -1.97
CA HIS B 167 -8.25 -46.48 -3.08
C HIS B 167 -6.87 -46.28 -3.71
N THR B 168 -6.49 -47.16 -4.64
CA THR B 168 -5.24 -47.02 -5.36
C THR B 168 -5.50 -46.99 -6.86
N LEU B 169 -5.05 -45.92 -7.51
CA LEU B 169 -5.06 -45.83 -8.95
C LEU B 169 -4.09 -46.84 -9.52
N VAL B 170 -4.47 -47.48 -10.62
CA VAL B 170 -3.59 -48.41 -11.31
C VAL B 170 -3.60 -48.08 -12.79
N LEU B 171 -2.41 -47.91 -13.36
CA LEU B 171 -2.23 -47.78 -14.79
C LEU B 171 -1.78 -49.15 -15.29
N LEU B 172 -2.38 -49.61 -16.37
CA LEU B 172 -2.19 -50.98 -16.83
C LEU B 172 -2.25 -51.10 -18.34
N PRO B 173 -1.14 -51.40 -19.02
CA PRO B 173 -1.19 -51.63 -20.46
C PRO B 173 -1.87 -52.95 -20.76
N ASP B 174 -1.93 -53.29 -22.05
CA ASP B 174 -2.67 -54.49 -22.44
C ASP B 174 -2.42 -54.79 -23.91
N GLY B 175 -2.93 -55.95 -24.33
CA GLY B 175 -3.04 -56.28 -25.74
C GLY B 175 -1.73 -56.43 -26.46
N CYS B 176 -0.71 -56.96 -25.79
CA CYS B 176 0.65 -56.95 -26.31
C CYS B 176 1.03 -55.54 -26.75
N GLY B 177 0.64 -54.56 -25.94
CA GLY B 177 0.85 -53.16 -26.27
C GLY B 177 -0.12 -52.63 -27.30
N THR B 178 -1.42 -52.78 -27.06
CA THR B 178 -2.42 -52.31 -28.01
C THR B 178 -3.47 -51.42 -27.35
N LEU B 179 -3.50 -51.37 -26.02
CA LEU B 179 -4.41 -50.48 -25.32
C LEU B 179 -3.91 -50.27 -23.90
N LEU B 180 -4.09 -49.03 -23.45
CA LEU B 180 -3.79 -48.62 -22.09
C LEU B 180 -5.10 -48.52 -21.31
N ARG B 181 -5.11 -49.04 -20.10
CA ARG B 181 -6.29 -49.07 -19.26
C ARG B 181 -6.01 -48.21 -18.03
N ALA B 182 -7.02 -47.93 -17.22
CA ALA B 182 -6.86 -47.11 -16.03
C ALA B 182 -8.05 -47.25 -15.11
N PHE B 183 -7.77 -47.41 -13.80
CA PHE B 183 -8.87 -47.64 -12.84
C PHE B 183 -8.45 -47.26 -11.42
N TYR B 184 -9.25 -46.43 -10.75
CA TYR B 184 -8.95 -46.08 -9.34
C TYR B 184 -9.95 -46.85 -8.46
N CYS B 185 -9.47 -47.90 -7.78
CA CYS B 185 -10.36 -48.66 -6.87
C CYS B 185 -9.56 -49.37 -5.76
N ILE B 186 -10.24 -49.81 -4.71
CA ILE B 186 -9.56 -50.47 -3.55
C ILE B 186 -8.92 -51.78 -4.00
N LEU B 187 -7.70 -52.06 -3.51
CA LEU B 187 -7.02 -53.35 -3.81
C LEU B 187 -7.35 -54.33 -2.68
N GLU B 188 -7.31 -55.64 -2.92
CA GLU B 188 -7.73 -56.58 -1.89
C GLU B 188 -6.83 -57.81 -1.95
N PRO B 189 -6.08 -58.13 -0.89
CA PRO B 189 -5.13 -59.23 -0.98
C PRO B 189 -5.81 -60.59 -1.12
N ARG B 190 -5.09 -61.53 -1.75
CA ARG B 190 -5.55 -62.88 -1.99
C ARG B 190 -4.59 -63.87 -1.33
N SER B 191 -5.16 -64.98 -0.82
CA SER B 191 -4.47 -65.86 0.10
C SER B 191 -3.78 -67.05 -0.57
N GLY B 192 -3.90 -67.22 -1.88
CA GLY B 192 -3.36 -68.40 -2.53
C GLY B 192 -1.85 -68.49 -2.45
N ASN B 193 -1.33 -69.63 -2.89
CA ASN B 193 0.12 -69.85 -2.93
C ASN B 193 0.80 -68.76 -3.72
N HIS B 194 1.72 -68.06 -3.07
CA HIS B 194 2.55 -66.99 -3.60
C HIS B 194 1.77 -65.68 -3.69
N CYS B 195 0.49 -65.68 -3.33
CA CYS B 195 -0.34 -64.49 -3.33
C CYS B 195 -0.13 -63.69 -2.05
N PRO B 196 -0.26 -62.36 -2.14
CA PRO B 196 0.29 -61.49 -1.08
C PRO B 196 -0.34 -61.69 0.29
N ALA B 197 -1.55 -62.26 0.37
CA ALA B 197 -2.13 -62.61 1.65
C ALA B 197 -1.80 -64.04 2.07
N GLY B 198 -1.07 -64.78 1.22
CA GLY B 198 -0.71 -66.15 1.49
C GLY B 198 0.77 -66.30 1.81
N ASN B 199 1.27 -67.49 1.53
CA ASN B 199 2.68 -67.77 1.76
C ASN B 199 3.46 -67.78 0.45
N SER B 200 4.77 -67.59 0.59
CA SER B 200 5.72 -67.54 -0.53
C SER B 200 5.48 -66.33 -1.43
N TYR B 201 5.08 -65.20 -0.84
CA TYR B 201 4.94 -63.97 -1.61
C TYR B 201 6.26 -63.60 -2.27
N THR B 202 6.21 -63.28 -3.56
CA THR B 202 7.41 -62.89 -4.28
C THR B 202 7.35 -61.42 -4.69
N SER B 203 6.38 -61.00 -5.49
CA SER B 203 6.38 -59.63 -6.01
C SER B 203 5.16 -59.39 -6.87
N PHE B 204 5.05 -58.16 -7.38
CA PHE B 204 4.05 -57.86 -8.40
C PHE B 204 4.68 -57.43 -9.72
N ALA B 205 4.05 -57.89 -10.80
CA ALA B 205 4.41 -57.62 -12.19
C ALA B 205 3.18 -57.93 -13.04
N THR B 206 3.38 -57.98 -14.35
CA THR B 206 2.31 -58.32 -15.26
C THR B 206 2.84 -59.23 -16.36
N TYR B 207 1.94 -59.98 -16.99
CA TYR B 207 2.43 -60.94 -17.98
C TYR B 207 1.29 -61.31 -18.92
N HIS B 208 1.67 -61.75 -20.12
CA HIS B 208 0.74 -62.35 -21.05
C HIS B 208 1.39 -63.58 -21.65
N THR B 209 0.56 -64.48 -22.19
CA THR B 209 1.12 -65.63 -22.95
C THR B 209 1.21 -65.17 -24.40
N PRO B 210 2.41 -64.99 -24.99
CA PRO B 210 2.53 -64.43 -26.35
C PRO B 210 1.84 -65.26 -27.44
N ALA B 211 1.91 -66.58 -27.35
CA ALA B 211 1.34 -67.45 -28.40
C ALA B 211 -0.18 -67.23 -28.52
N THR B 212 -0.88 -67.06 -27.39
CA THR B 212 -2.37 -66.97 -27.44
C THR B 212 -2.88 -65.53 -27.36
N ASP B 213 -2.04 -64.55 -27.01
CA ASP B 213 -2.55 -63.20 -26.81
C ASP B 213 -1.96 -62.21 -27.78
N CYS B 214 -0.74 -62.43 -28.25
CA CYS B 214 -0.16 -61.66 -29.35
C CYS B 214 -0.64 -62.24 -30.68
N SER B 215 -1.73 -63.02 -30.63
CA SER B 215 -2.30 -63.64 -31.81
C SER B 215 -2.68 -62.59 -32.84
N ASP B 216 -2.24 -62.81 -34.08
CA ASP B 216 -2.45 -61.81 -35.12
C ASP B 216 -3.93 -61.71 -35.45
N GLY B 217 -4.47 -60.50 -35.35
CA GLY B 217 -5.89 -60.28 -35.47
C GLY B 217 -6.69 -60.61 -34.23
N ASN B 218 -6.05 -61.15 -33.19
CA ASN B 218 -6.77 -61.52 -31.99
C ASN B 218 -5.98 -61.07 -30.76
N TYR B 219 -5.51 -59.83 -30.78
CA TYR B 219 -4.86 -59.27 -29.60
C TYR B 219 -5.87 -59.23 -28.45
N ASN B 220 -5.64 -60.07 -27.44
CA ASN B 220 -6.50 -60.09 -26.27
C ASN B 220 -6.51 -58.70 -25.65
N ARG B 221 -7.68 -58.25 -25.20
CA ARG B 221 -7.73 -56.97 -24.51
C ARG B 221 -8.21 -57.09 -23.06
N ASN B 222 -8.02 -58.25 -22.43
CA ASN B 222 -8.23 -58.41 -20.99
C ASN B 222 -7.08 -59.11 -20.29
N ALA B 223 -6.07 -59.56 -21.04
CA ALA B 223 -5.07 -60.48 -20.50
C ALA B 223 -4.30 -59.87 -19.33
N SER B 224 -3.82 -58.65 -19.51
CA SER B 224 -3.06 -57.99 -18.45
C SER B 224 -3.90 -57.82 -17.21
N LEU B 225 -5.15 -57.41 -17.38
CA LEU B 225 -6.05 -57.21 -16.25
C LEU B 225 -6.33 -58.51 -15.52
N ASN B 226 -6.44 -59.63 -16.26
CA ASN B 226 -6.68 -60.90 -15.59
C ASN B 226 -5.45 -61.36 -14.82
N SER B 227 -4.27 -61.26 -15.44
CA SER B 227 -3.06 -61.64 -14.70
C SER B 227 -2.92 -60.77 -13.45
N PHE B 228 -3.38 -59.53 -13.51
CA PHE B 228 -3.34 -58.69 -12.32
C PHE B 228 -4.40 -59.12 -11.31
N LYS B 229 -5.58 -59.52 -11.80
CA LYS B 229 -6.64 -60.01 -10.92
C LYS B 229 -6.17 -61.23 -10.13
N GLU B 230 -5.23 -61.98 -10.70
CA GLU B 230 -4.63 -63.08 -9.95
C GLU B 230 -3.98 -62.59 -8.66
N TYR B 231 -3.35 -61.42 -8.68
CA TYR B 231 -2.83 -60.79 -7.47
C TYR B 231 -3.92 -60.38 -6.48
N PHE B 232 -4.86 -59.56 -6.92
CA PHE B 232 -5.72 -58.81 -6.01
C PHE B 232 -7.18 -58.96 -6.37
N ASN B 233 -8.02 -58.47 -5.47
CA ASN B 233 -9.44 -58.32 -5.74
C ASN B 233 -9.78 -56.84 -5.70
N LEU B 234 -10.67 -56.40 -6.58
CA LEU B 234 -10.92 -54.98 -6.80
C LEU B 234 -12.32 -54.60 -6.34
N ARG B 235 -12.42 -53.44 -5.69
CA ARG B 235 -13.68 -52.99 -5.09
C ARG B 235 -13.93 -51.51 -5.37
N ASN B 236 -15.21 -51.15 -5.44
CA ASN B 236 -15.65 -49.74 -5.38
C ASN B 236 -15.00 -48.88 -6.47
N CYS B 237 -15.30 -49.15 -7.73
CA CYS B 237 -14.36 -48.76 -8.76
C CYS B 237 -14.95 -47.68 -9.66
N THR B 238 -14.10 -46.73 -10.11
CA THR B 238 -14.56 -45.52 -10.78
C THR B 238 -14.53 -45.55 -12.31
N PHE B 239 -13.43 -45.97 -12.95
CA PHE B 239 -13.45 -46.05 -14.40
C PHE B 239 -12.82 -47.34 -14.84
N MET B 240 -13.04 -47.66 -16.11
CA MET B 240 -12.15 -48.53 -16.86
C MET B 240 -12.00 -47.91 -18.24
N TYR B 241 -11.11 -46.93 -18.36
CA TYR B 241 -10.77 -46.35 -19.63
C TYR B 241 -10.04 -47.35 -20.51
N THR B 242 -10.11 -47.08 -21.81
CA THR B 242 -9.32 -47.76 -22.81
C THR B 242 -8.74 -46.70 -23.71
N TYR B 243 -7.59 -47.00 -24.31
CA TYR B 243 -6.91 -46.08 -25.18
C TYR B 243 -6.18 -46.89 -26.22
N ASN B 244 -6.75 -46.97 -27.42
CA ASN B 244 -6.22 -47.86 -28.43
C ASN B 244 -4.83 -47.41 -28.83
N ILE B 245 -3.94 -48.36 -29.05
CA ILE B 245 -2.53 -48.09 -29.22
C ILE B 245 -2.03 -48.75 -30.50
N THR B 246 -1.72 -47.95 -31.50
CA THR B 246 -1.02 -48.46 -32.67
C THR B 246 0.45 -48.65 -32.33
N GLU B 247 1.08 -49.67 -32.91
CA GLU B 247 2.43 -50.02 -32.50
C GLU B 247 3.44 -49.38 -33.43
N ASP B 248 4.65 -49.16 -32.92
CA ASP B 248 5.82 -48.95 -33.76
C ASP B 248 7.02 -49.34 -32.92
N GLU B 249 8.20 -49.05 -33.44
CA GLU B 249 9.43 -49.21 -32.68
C GLU B 249 10.17 -47.88 -32.56
N ILE B 250 9.42 -46.79 -32.64
CA ILE B 250 9.98 -45.46 -32.48
C ILE B 250 9.55 -44.89 -31.13
N LEU B 251 10.47 -44.14 -30.51
CA LEU B 251 10.36 -43.70 -29.12
C LEU B 251 9.00 -43.07 -28.81
N GLU B 252 8.60 -43.14 -27.54
CA GLU B 252 7.44 -42.40 -27.08
C GLU B 252 7.54 -42.18 -25.58
N TRP B 253 6.74 -41.25 -25.09
CA TRP B 253 6.91 -40.68 -23.75
C TRP B 253 5.62 -40.83 -22.96
N PHE B 254 5.64 -40.35 -21.72
CA PHE B 254 4.47 -40.40 -20.85
C PHE B 254 4.76 -39.55 -19.63
N GLY B 255 3.72 -39.03 -19.00
CA GLY B 255 3.88 -38.30 -17.75
C GLY B 255 2.56 -38.19 -17.02
N ILE B 256 2.65 -37.92 -15.73
CA ILE B 256 1.46 -37.84 -14.89
C ILE B 256 1.75 -36.89 -13.73
N THR B 257 0.73 -36.18 -13.29
CA THR B 257 0.88 -35.19 -12.24
C THR B 257 -0.40 -35.11 -11.43
N GLN B 258 -0.38 -34.29 -10.37
CA GLN B 258 -1.56 -34.13 -9.48
C GLN B 258 -1.77 -32.65 -9.15
N THR B 259 -2.93 -32.08 -9.51
CA THR B 259 -3.25 -30.67 -9.20
C THR B 259 -4.69 -30.62 -8.66
N ALA B 260 -5.11 -29.48 -8.12
CA ALA B 260 -6.50 -29.32 -7.61
C ALA B 260 -7.52 -30.03 -8.51
N GLN B 261 -7.36 -29.96 -9.83
CA GLN B 261 -8.33 -30.56 -10.74
C GLN B 261 -8.45 -32.06 -10.51
N GLY B 262 -7.39 -32.69 -10.07
CA GLY B 262 -7.33 -34.13 -9.98
C GLY B 262 -5.98 -34.63 -10.44
N VAL B 263 -6.00 -35.70 -11.24
CA VAL B 263 -4.74 -36.30 -11.77
C VAL B 263 -4.72 -36.04 -13.29
N HIS B 264 -3.56 -35.66 -13.84
CA HIS B 264 -3.50 -35.31 -15.28
C HIS B 264 -2.60 -36.31 -16.02
N LEU B 265 -3.07 -36.82 -17.18
CA LEU B 265 -2.29 -37.84 -17.94
C LEU B 265 -1.68 -37.17 -19.18
N PHE B 266 -0.41 -37.47 -19.48
CA PHE B 266 0.27 -36.82 -20.58
C PHE B 266 0.89 -37.87 -21.49
N SER B 267 0.94 -37.57 -22.78
CA SER B 267 1.52 -38.52 -23.71
C SER B 267 2.16 -37.79 -24.87
N SER B 268 2.90 -38.54 -25.68
CA SER B 268 3.58 -37.95 -26.81
C SER B 268 3.13 -38.48 -28.15
N ARG B 269 2.45 -39.62 -28.16
CA ARG B 269 2.18 -40.30 -29.43
C ARG B 269 1.07 -39.62 -30.21
N TYR B 270 0.01 -39.21 -29.54
CA TYR B 270 -1.15 -38.62 -30.21
C TYR B 270 -0.81 -37.40 -31.03
N VAL B 271 0.09 -36.54 -30.55
CA VAL B 271 0.33 -35.27 -31.19
C VAL B 271 1.74 -35.12 -31.75
N ASP B 272 2.75 -35.77 -31.14
CA ASP B 272 4.13 -35.58 -31.54
C ASP B 272 4.85 -36.93 -31.67
N LEU B 273 4.28 -37.80 -32.49
CA LEU B 273 4.89 -39.10 -32.77
C LEU B 273 6.38 -39.00 -33.01
N TYR B 274 6.78 -38.30 -34.07
CA TYR B 274 8.19 -38.21 -34.44
C TYR B 274 9.03 -37.42 -33.45
N GLY B 275 8.42 -36.57 -32.62
CA GLY B 275 9.20 -35.58 -31.91
C GLY B 275 9.38 -35.80 -30.43
N GLY B 276 8.35 -36.27 -29.74
CA GLY B 276 8.46 -36.57 -28.33
C GLY B 276 7.82 -35.59 -27.38
N ASN B 277 7.33 -34.45 -27.87
CA ASN B 277 6.67 -33.49 -26.99
C ASN B 277 5.45 -34.12 -26.35
N MET B 278 5.12 -33.67 -25.16
CA MET B 278 4.21 -34.41 -24.30
C MET B 278 2.98 -33.55 -23.96
N PHE B 279 1.83 -33.95 -24.50
CA PHE B 279 0.61 -33.16 -24.44
C PHE B 279 -0.44 -33.82 -23.55
N GLN B 280 -1.12 -33.01 -22.72
CA GLN B 280 -2.12 -33.56 -21.76
C GLN B 280 -3.37 -34.07 -22.49
N PHE B 281 -3.47 -35.38 -22.72
CA PHE B 281 -4.70 -35.94 -23.34
C PHE B 281 -5.93 -35.83 -22.42
N ALA B 282 -5.80 -36.10 -21.11
CA ALA B 282 -7.00 -36.11 -20.25
C ALA B 282 -6.70 -35.87 -18.77
N THR B 283 -7.72 -35.50 -17.97
CA THR B 283 -7.56 -35.34 -16.49
C THR B 283 -8.35 -36.46 -15.81
N LEU B 284 -8.49 -36.46 -14.48
CA LEU B 284 -9.17 -37.59 -13.85
C LEU B 284 -9.75 -37.18 -12.51
N PRO B 285 -10.97 -37.61 -12.19
CA PRO B 285 -11.56 -37.20 -10.92
C PRO B 285 -11.03 -37.98 -9.74
N VAL B 286 -9.72 -38.09 -9.64
CA VAL B 286 -9.05 -38.62 -8.47
C VAL B 286 -8.32 -37.45 -7.85
N TYR B 287 -8.75 -37.02 -6.68
CA TYR B 287 -8.27 -35.76 -6.13
C TYR B 287 -7.40 -35.95 -4.90
N ASP B 288 -7.21 -37.19 -4.44
CA ASP B 288 -6.43 -37.45 -3.25
C ASP B 288 -5.00 -36.97 -3.44
N THR B 289 -4.37 -36.58 -2.34
CA THR B 289 -2.99 -36.16 -2.40
C THR B 289 -2.11 -37.39 -2.63
N ILE B 290 -1.90 -37.74 -3.88
CA ILE B 290 -1.16 -38.95 -4.22
C ILE B 290 0.28 -38.77 -3.80
N LYS B 291 0.78 -39.69 -2.96
CA LYS B 291 2.11 -39.55 -2.40
C LYS B 291 3.03 -40.71 -2.73
N TYR B 292 2.53 -41.79 -3.29
CA TYR B 292 3.34 -42.99 -3.42
C TYR B 292 3.09 -43.60 -4.79
N TYR B 293 4.02 -44.44 -5.23
CA TYR B 293 3.86 -45.12 -6.49
C TYR B 293 4.85 -46.29 -6.55
N SER B 294 4.45 -47.32 -7.27
CA SER B 294 5.21 -48.57 -7.31
C SER B 294 5.31 -49.07 -8.73
N ILE B 295 6.51 -48.98 -9.28
CA ILE B 295 6.78 -49.36 -10.66
C ILE B 295 6.63 -50.87 -10.80
N ILE B 296 5.95 -51.32 -11.85
CA ILE B 296 5.62 -52.74 -11.95
C ILE B 296 6.38 -53.45 -13.07
N PRO B 297 7.11 -54.50 -12.74
CA PRO B 297 7.74 -55.30 -13.78
C PRO B 297 6.74 -56.05 -14.64
N HIS B 298 7.27 -56.81 -15.59
CA HIS B 298 6.52 -57.59 -16.54
C HIS B 298 7.36 -58.79 -16.96
N SER B 299 6.70 -59.91 -17.22
CA SER B 299 7.39 -61.09 -17.72
C SER B 299 6.77 -61.54 -19.04
N ILE B 300 7.63 -61.82 -20.01
CA ILE B 300 7.22 -62.21 -21.35
C ILE B 300 7.55 -63.68 -21.51
N ARG B 301 6.53 -64.49 -21.77
CA ARG B 301 6.61 -65.94 -21.60
C ARG B 301 7.13 -66.56 -22.91
N SER B 302 8.30 -66.07 -23.31
CA SER B 302 8.88 -66.40 -24.61
C SER B 302 9.99 -67.43 -24.47
N ILE B 303 9.73 -68.61 -25.05
CA ILE B 303 10.55 -69.81 -24.91
C ILE B 303 11.81 -69.69 -25.75
N GLN B 304 12.73 -70.65 -25.57
CA GLN B 304 14.05 -70.57 -26.22
C GLN B 304 13.97 -70.23 -27.69
N SER B 305 12.88 -70.64 -28.35
CA SER B 305 12.65 -70.24 -29.73
C SER B 305 12.04 -68.85 -29.85
N ASP B 306 11.50 -68.30 -28.76
CA ASP B 306 10.57 -67.19 -28.82
C ASP B 306 11.10 -65.95 -28.11
N ARG B 307 12.26 -66.03 -27.47
CA ARG B 307 12.70 -64.95 -26.59
C ARG B 307 12.91 -63.65 -27.36
N LYS B 308 12.28 -62.59 -26.88
CA LYS B 308 12.42 -61.26 -27.45
C LYS B 308 12.97 -60.32 -26.38
N ALA B 309 13.90 -59.47 -26.81
CA ALA B 309 14.59 -58.58 -25.91
C ALA B 309 13.85 -57.25 -25.84
N TRP B 310 13.50 -56.85 -24.61
CA TRP B 310 12.60 -55.74 -24.38
C TRP B 310 13.34 -54.49 -23.94
N ALA B 311 12.73 -53.34 -24.20
CA ALA B 311 13.33 -52.07 -23.86
C ALA B 311 13.00 -51.70 -22.42
N ALA B 312 14.04 -51.45 -21.64
CA ALA B 312 13.84 -50.92 -20.30
C ALA B 312 13.20 -49.54 -20.37
N PHE B 313 12.33 -49.24 -19.43
CA PHE B 313 11.69 -47.94 -19.41
C PHE B 313 12.17 -47.13 -18.21
N TYR B 314 12.45 -45.86 -18.50
CA TYR B 314 13.20 -44.98 -17.61
C TYR B 314 12.22 -43.99 -17.02
N VAL B 315 12.16 -43.91 -15.69
CA VAL B 315 11.32 -42.93 -15.01
C VAL B 315 12.18 -41.71 -14.74
N TYR B 316 11.54 -40.55 -14.58
CA TYR B 316 12.25 -39.33 -14.23
C TYR B 316 11.33 -38.48 -13.37
N LYS B 317 11.86 -37.96 -12.27
CA LYS B 317 11.06 -37.17 -11.34
C LYS B 317 10.88 -35.76 -11.87
N LEU B 318 9.79 -35.11 -11.47
CA LEU B 318 9.50 -33.74 -11.88
C LEU B 318 9.64 -32.78 -10.71
N GLN B 319 10.09 -31.58 -10.99
CA GLN B 319 10.17 -30.55 -9.96
C GLN B 319 10.05 -29.20 -10.64
N PRO B 320 9.37 -28.24 -10.00
CA PRO B 320 9.16 -26.92 -10.63
C PRO B 320 10.48 -26.20 -10.85
N LEU B 321 10.65 -25.71 -12.07
CA LEU B 321 11.85 -25.00 -12.50
C LEU B 321 11.43 -23.86 -13.38
N THR B 322 12.40 -23.35 -14.13
CA THR B 322 12.14 -22.39 -15.20
C THR B 322 13.02 -22.77 -16.38
N PHE B 323 12.40 -23.09 -17.51
CA PHE B 323 13.14 -23.40 -18.72
C PHE B 323 13.06 -22.26 -19.71
N LEU B 324 14.10 -22.15 -20.53
CA LEU B 324 14.01 -21.42 -21.78
C LEU B 324 13.54 -22.39 -22.85
N LEU B 325 12.48 -22.05 -23.54
CA LEU B 325 11.86 -22.95 -24.50
C LEU B 325 12.01 -22.40 -25.90
N ASP B 326 12.26 -23.27 -26.85
CA ASP B 326 12.38 -22.89 -28.25
C ASP B 326 11.21 -23.49 -29.01
N PHE B 327 10.21 -22.68 -29.30
CA PHE B 327 9.06 -23.12 -30.08
C PHE B 327 9.37 -23.00 -31.55
N SER B 328 9.03 -24.04 -32.30
CA SER B 328 9.37 -24.10 -33.71
C SER B 328 8.29 -23.41 -34.53
N VAL B 329 8.60 -23.15 -35.80
CA VAL B 329 7.62 -22.52 -36.68
C VAL B 329 6.36 -23.37 -36.75
N ASP B 330 6.47 -24.65 -36.48
CA ASP B 330 5.29 -25.49 -36.41
C ASP B 330 4.83 -25.78 -35.00
N GLY B 331 5.35 -25.08 -34.00
CA GLY B 331 4.80 -25.09 -32.67
C GLY B 331 5.35 -26.12 -31.71
N TYR B 332 6.21 -27.02 -32.16
CA TYR B 332 6.76 -28.00 -31.24
C TYR B 332 8.12 -27.53 -30.75
N ILE B 333 8.42 -27.84 -29.49
CA ILE B 333 9.67 -27.41 -28.87
C ILE B 333 10.71 -28.51 -29.06
N ARG B 334 11.79 -28.17 -29.75
CA ARG B 334 12.84 -29.14 -30.04
C ARG B 334 14.11 -28.94 -29.24
N ARG B 335 14.27 -27.81 -28.56
CA ARG B 335 15.43 -27.61 -27.70
C ARG B 335 15.03 -26.69 -26.58
N ALA B 336 15.36 -27.08 -25.35
CA ALA B 336 15.11 -26.28 -24.18
C ALA B 336 16.35 -26.31 -23.32
N ILE B 337 16.49 -25.30 -22.47
CA ILE B 337 17.68 -25.16 -21.64
C ILE B 337 17.27 -24.91 -20.22
N ASP B 338 17.81 -25.71 -19.30
CA ASP B 338 17.48 -25.57 -17.89
C ASP B 338 18.19 -24.34 -17.36
N CYS B 339 17.41 -23.35 -16.93
CA CYS B 339 18.01 -22.09 -16.53
C CYS B 339 18.88 -22.27 -15.30
N GLY B 340 18.40 -23.02 -14.32
CA GLY B 340 19.13 -23.26 -13.10
C GLY B 340 20.00 -24.49 -13.08
N PHE B 341 20.29 -25.08 -14.23
CA PHE B 341 21.21 -26.22 -14.25
C PHE B 341 22.59 -25.82 -13.78
N ASN B 342 23.27 -24.98 -14.55
CA ASN B 342 24.58 -24.49 -14.15
C ASN B 342 24.69 -23.02 -14.53
N ASP B 343 25.90 -22.47 -14.35
CA ASP B 343 26.11 -21.05 -14.50
C ASP B 343 25.98 -20.61 -15.94
N LEU B 344 26.53 -21.39 -16.87
CA LEU B 344 26.45 -21.01 -18.26
C LEU B 344 25.00 -21.00 -18.73
N SER B 345 24.23 -22.00 -18.35
CA SER B 345 22.82 -21.98 -18.71
C SER B 345 22.08 -20.88 -17.98
N GLN B 346 22.61 -20.44 -16.84
CA GLN B 346 21.99 -19.28 -16.14
C GLN B 346 22.11 -18.05 -17.05
N LEU B 347 23.29 -17.84 -17.64
CA LEU B 347 23.50 -16.67 -18.54
C LEU B 347 22.59 -16.77 -19.78
N HIS B 348 22.45 -17.97 -20.36
CA HIS B 348 21.64 -18.13 -21.59
C HIS B 348 20.18 -17.78 -21.29
N CYS B 349 19.66 -18.23 -20.15
CA CYS B 349 18.25 -17.95 -19.77
C CYS B 349 18.06 -16.44 -19.58
N SER B 350 19.05 -15.77 -19.00
CA SER B 350 18.95 -14.30 -18.74
C SER B 350 18.81 -13.54 -20.06
N TYR B 351 19.58 -13.94 -21.09
CA TYR B 351 19.52 -13.26 -22.41
C TYR B 351 18.31 -13.76 -23.21
N GLU B 352 17.66 -14.84 -22.75
CA GLU B 352 16.47 -15.42 -23.45
C GLU B 352 16.84 -15.76 -24.90
N SER B 353 18.03 -16.31 -25.12
CA SER B 353 18.47 -16.70 -26.49
C SER B 353 19.51 -17.83 -26.37
N PHE B 354 19.64 -18.66 -27.40
CA PHE B 354 20.64 -19.72 -27.37
C PHE B 354 21.99 -19.21 -27.80
N ASP B 355 22.12 -17.91 -28.04
CA ASP B 355 23.41 -17.29 -28.33
C ASP B 355 23.64 -16.19 -27.31
N VAL B 356 24.79 -16.22 -26.65
CA VAL B 356 25.30 -15.10 -25.87
C VAL B 356 26.72 -14.86 -26.32
N GLU B 357 27.07 -13.61 -26.54
CA GLU B 357 28.37 -13.29 -27.13
C GLU B 357 29.49 -13.69 -26.20
N SER B 358 30.70 -13.62 -26.71
CA SER B 358 31.88 -13.86 -25.90
C SER B 358 32.08 -12.68 -24.96
N GLY B 359 32.29 -12.97 -23.68
CA GLY B 359 32.56 -11.94 -22.71
C GLY B 359 32.73 -12.56 -21.34
N VAL B 360 33.18 -11.75 -20.39
CA VAL B 360 33.42 -12.21 -19.03
C VAL B 360 32.26 -11.80 -18.15
N TYR B 361 31.37 -12.74 -17.87
CA TYR B 361 30.09 -12.46 -17.26
C TYR B 361 30.17 -12.78 -15.79
N SER B 362 29.37 -12.08 -14.96
CA SER B 362 29.38 -12.31 -13.49
C SER B 362 28.29 -13.32 -13.11
N VAL B 363 28.55 -14.18 -12.12
CA VAL B 363 27.58 -15.25 -11.74
C VAL B 363 27.39 -15.28 -10.22
N SER B 364 26.33 -15.91 -9.75
CA SER B 364 25.99 -15.94 -8.30
C SER B 364 27.10 -16.56 -7.44
N SER B 365 27.56 -15.83 -6.42
CA SER B 365 28.66 -16.30 -5.55
C SER B 365 28.25 -17.51 -4.72
N PHE B 366 29.17 -18.48 -4.53
CA PHE B 366 28.89 -19.63 -3.64
C PHE B 366 28.83 -19.11 -2.20
N GLU B 367 27.85 -19.53 -1.40
CA GLU B 367 27.80 -19.08 0.03
C GLU B 367 28.24 -20.23 0.94
N ALA B 368 28.97 -19.92 2.03
CA ALA B 368 29.49 -21.01 2.89
C ALA B 368 28.35 -21.75 3.60
N LYS B 369 28.46 -23.08 3.73
CA LYS B 369 27.42 -23.90 4.41
C LYS B 369 27.52 -23.74 5.93
N PRO B 370 26.41 -23.71 6.69
CA PRO B 370 26.47 -23.70 8.17
C PRO B 370 26.93 -25.07 8.70
N SER B 371 27.63 -25.09 9.84
CA SER B 371 28.16 -26.37 10.38
C SER B 371 28.32 -26.34 11.90
N GLY B 372 27.32 -26.83 12.65
CA GLY B 372 27.45 -26.90 14.09
C GLY B 372 26.85 -25.78 14.90
N SER B 373 25.56 -25.55 14.70
CA SER B 373 24.81 -24.47 15.33
C SER B 373 25.11 -24.42 16.82
N VAL B 374 25.75 -23.34 17.26
CA VAL B 374 26.03 -23.12 18.67
C VAL B 374 24.80 -22.54 19.34
N VAL B 375 24.53 -22.93 20.57
CA VAL B 375 23.42 -22.42 21.36
C VAL B 375 23.88 -22.13 22.76
N GLU B 376 23.41 -21.02 23.32
CA GLU B 376 23.74 -20.58 24.67
C GLU B 376 22.49 -20.05 25.32
N GLN B 377 22.45 -20.06 26.65
CA GLN B 377 21.24 -19.75 27.41
C GLN B 377 21.52 -19.23 28.81
N GLU B 382 19.53 -26.97 38.72
CA GLU B 382 20.13 -27.45 40.01
C GLU B 382 19.06 -27.54 41.09
N CYS B 383 18.24 -28.60 41.07
CA CYS B 383 17.29 -28.83 42.18
C CYS B 383 18.14 -29.27 43.37
N ASP B 384 18.42 -28.37 44.32
CA ASP B 384 19.38 -28.72 45.41
C ASP B 384 18.86 -29.90 46.24
N PHE B 385 19.71 -30.88 46.52
CA PHE B 385 19.32 -32.01 47.41
C PHE B 385 19.97 -31.73 48.77
N SER B 386 20.55 -30.55 48.94
CA SER B 386 21.22 -30.17 50.21
C SER B 386 20.30 -30.41 51.43
N PRO B 387 18.99 -30.00 51.49
CA PRO B 387 18.19 -30.28 52.69
C PRO B 387 18.16 -31.80 52.93
N LEU B 388 18.03 -32.59 51.87
CA LEU B 388 18.06 -34.08 52.00
C LEU B 388 19.44 -34.50 52.51
N LEU B 389 20.51 -33.88 51.99
CA LEU B 389 21.90 -34.25 52.38
C LEU B 389 22.12 -33.95 53.87
N SER B 390 21.59 -32.84 54.38
CA SER B 390 21.81 -32.45 55.79
C SER B 390 20.70 -32.99 56.70
N GLY B 391 20.90 -32.94 58.02
CA GLY B 391 19.84 -33.33 58.97
C GLY B 391 19.82 -34.81 59.32
N THR B 392 18.80 -35.25 60.06
CA THR B 392 18.66 -36.68 60.45
C THR B 392 17.30 -37.17 59.94
N PRO B 393 17.19 -38.37 59.30
CA PRO B 393 15.93 -38.80 58.70
C PRO B 393 14.78 -38.92 59.71
N PRO B 394 13.58 -38.40 59.40
CA PRO B 394 12.41 -38.53 60.28
C PRO B 394 11.74 -39.90 60.10
N GLN B 395 10.77 -40.25 60.94
CA GLN B 395 10.15 -41.60 60.87
C GLN B 395 9.26 -41.72 59.63
N VAL B 396 8.85 -42.94 59.29
CA VAL B 396 8.03 -43.18 58.06
C VAL B 396 6.78 -42.30 58.12
N TYR B 397 6.19 -42.15 59.30
CA TYR B 397 4.98 -41.30 59.47
C TYR B 397 5.35 -39.81 59.38
N ASN B 398 6.63 -39.48 59.46
CA ASN B 398 7.10 -38.07 59.36
C ASN B 398 7.81 -37.84 58.02
N PHE B 399 7.67 -38.77 57.05
CA PHE B 399 8.36 -38.69 55.73
C PHE B 399 8.73 -37.23 55.38
N LYS B 400 10.03 -36.91 55.36
CA LYS B 400 10.44 -35.53 54.97
C LYS B 400 10.09 -35.33 53.50
N ARG B 401 9.49 -34.18 53.15
CA ARG B 401 9.04 -33.99 51.74
C ARG B 401 9.74 -32.79 51.11
N LEU B 402 10.35 -32.98 49.94
CA LEU B 402 10.98 -31.85 49.21
C LEU B 402 10.34 -31.76 47.83
N VAL B 403 9.87 -30.56 47.43
CA VAL B 403 9.20 -30.39 46.11
C VAL B 403 10.10 -29.53 45.22
N PHE B 404 10.40 -29.99 44.01
CA PHE B 404 11.33 -29.26 43.11
C PHE B 404 10.55 -28.74 41.89
N THR B 405 10.58 -27.43 41.64
CA THR B 405 9.77 -26.85 40.53
C THR B 405 10.65 -26.03 39.58
N ASN B 406 10.50 -26.24 38.26
CA ASN B 406 11.23 -25.45 37.24
C ASN B 406 12.75 -25.50 37.50
N CYS B 407 13.29 -26.67 37.84
CA CYS B 407 14.77 -26.79 38.02
C CYS B 407 15.31 -27.99 37.24
N ASN B 408 16.43 -27.78 36.52
CA ASN B 408 17.09 -28.93 35.83
C ASN B 408 17.80 -29.75 36.92
N TYR B 409 18.11 -31.03 36.65
CA TYR B 409 18.67 -31.85 37.76
C TYR B 409 19.63 -32.95 37.28
N ASN B 410 20.05 -33.80 38.20
CA ASN B 410 20.89 -34.95 37.91
C ASN B 410 20.69 -35.92 39.06
N LEU B 411 19.59 -36.68 39.01
CA LEU B 411 19.20 -37.53 40.12
C LEU B 411 20.29 -38.49 40.49
N THR B 412 21.17 -38.78 39.53
CA THR B 412 22.25 -39.77 39.74
C THR B 412 23.18 -39.31 40.86
N LYS B 413 23.30 -37.99 41.09
CA LYS B 413 24.26 -37.49 42.11
C LYS B 413 23.88 -38.03 43.48
N LEU B 414 22.61 -37.99 43.84
CA LEU B 414 22.16 -38.58 45.13
C LEU B 414 22.34 -40.10 45.08
N LEU B 415 21.95 -40.76 44.01
CA LEU B 415 22.01 -42.25 43.98
C LEU B 415 23.46 -42.74 44.04
N SER B 416 24.40 -42.08 43.33
CA SER B 416 25.81 -42.53 43.31
C SER B 416 26.37 -42.46 44.73
N LEU B 417 25.99 -41.42 45.47
CA LEU B 417 26.44 -41.27 46.88
C LEU B 417 25.90 -42.44 47.71
N PHE B 418 24.75 -42.93 47.49
CA PHE B 418 24.15 -44.03 48.29
C PHE B 418 24.41 -45.37 47.61
N SER B 419 23.98 -46.47 48.25
CA SER B 419 24.07 -47.81 47.62
C SER B 419 22.63 -48.31 47.46
N VAL B 420 22.08 -48.25 46.24
CA VAL B 420 20.62 -48.55 46.06
C VAL B 420 20.39 -50.06 46.04
N ASN B 421 19.30 -50.50 46.66
CA ASN B 421 18.97 -51.95 46.71
C ASN B 421 17.66 -52.19 45.95
N ASP B 422 16.77 -51.19 45.89
CA ASP B 422 15.45 -51.40 45.21
C ASP B 422 15.09 -50.15 44.41
N PHE B 423 14.50 -50.32 43.24
CA PHE B 423 14.03 -49.16 42.43
C PHE B 423 12.81 -49.60 41.61
N THR B 424 11.63 -49.56 42.24
CA THR B 424 10.39 -50.00 41.55
C THR B 424 9.70 -48.77 40.97
N CYS B 425 9.48 -48.75 39.66
CA CYS B 425 8.80 -47.60 39.00
C CYS B 425 7.43 -48.05 38.49
N SER B 426 6.35 -47.57 39.12
CA SER B 426 4.99 -48.02 38.74
C SER B 426 4.49 -47.23 37.53
N GLN B 427 4.00 -47.91 36.49
CA GLN B 427 3.39 -47.24 35.31
C GLN B 427 4.46 -46.54 34.46
N ILE B 428 5.75 -46.83 34.70
CA ILE B 428 6.83 -46.10 33.95
C ILE B 428 8.10 -46.96 33.91
N SER B 429 8.99 -46.66 32.98
CA SER B 429 10.28 -47.40 32.91
C SER B 429 11.22 -46.89 33.98
N PRO B 430 12.02 -47.76 34.62
CA PRO B 430 13.03 -47.32 35.57
C PRO B 430 13.70 -45.98 35.19
N ALA B 431 14.32 -45.88 34.01
CA ALA B 431 15.01 -44.61 33.67
C ALA B 431 14.10 -43.64 32.93
N ALA B 432 12.85 -44.03 32.63
CA ALA B 432 12.00 -43.12 31.81
C ALA B 432 11.81 -41.80 32.58
N ILE B 433 11.65 -41.88 33.90
CA ILE B 433 11.45 -40.66 34.72
C ILE B 433 12.69 -39.77 34.62
N ALA B 434 13.89 -40.36 34.61
CA ALA B 434 15.14 -39.58 34.52
C ALA B 434 15.36 -39.10 33.08
N SER B 435 15.10 -39.96 32.10
CA SER B 435 15.35 -39.61 30.67
C SER B 435 14.39 -38.53 30.17
N ASN B 436 13.08 -38.70 30.42
CA ASN B 436 12.09 -37.68 29.98
C ASN B 436 11.96 -36.64 31.10
N CYS B 437 11.45 -35.44 30.80
CA CYS B 437 11.43 -34.39 31.86
C CYS B 437 10.01 -33.83 32.04
N TYR B 438 9.59 -33.53 33.29
CA TYR B 438 8.15 -33.19 33.52
C TYR B 438 7.82 -31.87 34.22
N SER B 439 6.55 -31.62 34.57
CA SER B 439 6.19 -30.29 35.17
C SER B 439 6.90 -30.06 36.51
N SER B 440 6.77 -31.01 37.44
CA SER B 440 7.44 -30.89 38.76
C SER B 440 7.85 -32.26 39.28
N LEU B 441 8.86 -32.31 40.16
CA LEU B 441 9.30 -33.58 40.77
C LEU B 441 9.20 -33.46 42.29
N ILE B 442 8.61 -34.45 42.97
CA ILE B 442 8.53 -34.42 44.46
C ILE B 442 9.36 -35.59 44.99
N LEU B 443 10.26 -35.32 45.95
CA LEU B 443 11.11 -36.40 46.54
C LEU B 443 10.87 -36.47 48.05
N ASP B 444 10.61 -37.67 48.58
CA ASP B 444 10.37 -37.84 50.04
C ASP B 444 11.48 -38.73 50.61
N TYR B 445 11.94 -38.45 51.82
CA TYR B 445 12.94 -39.35 52.48
C TYR B 445 12.50 -39.61 53.92
N PHE B 446 12.51 -40.89 54.34
CA PHE B 446 11.99 -41.23 55.69
C PHE B 446 12.82 -42.37 56.30
N SER B 447 12.72 -42.57 57.62
CA SER B 447 13.44 -43.69 58.27
C SER B 447 12.57 -44.94 58.14
N TYR B 448 12.78 -45.72 57.07
CA TYR B 448 11.94 -46.92 56.83
C TYR B 448 12.83 -48.15 56.72
N PRO B 449 12.60 -49.26 57.48
CA PRO B 449 13.41 -50.47 57.33
C PRO B 449 13.34 -51.13 55.94
N LEU B 450 14.64 -51.39 55.41
CA LEU B 450 14.74 -52.14 54.11
C LEU B 450 14.13 -53.52 54.32
N SER B 451 14.16 -54.05 55.49
CA SER B 451 13.74 -55.44 55.81
C SER B 451 12.24 -55.60 55.55
N MET B 452 11.44 -54.58 55.85
CA MET B 452 9.99 -54.64 55.52
C MET B 452 9.80 -54.25 54.04
N LYS B 453 10.45 -54.96 53.13
CA LYS B 453 10.30 -54.70 51.67
C LYS B 453 8.86 -55.01 51.26
N SER B 454 8.30 -56.11 51.78
CA SER B 454 6.91 -56.52 51.43
C SER B 454 5.92 -55.45 51.90
N ASP B 455 6.16 -54.85 53.08
CA ASP B 455 5.23 -53.86 53.65
C ASP B 455 5.10 -52.66 52.69
N LEU B 456 6.22 -52.25 52.08
CA LEU B 456 6.15 -51.14 51.07
C LEU B 456 5.80 -51.73 49.72
N SER B 457 4.58 -51.45 49.23
CA SER B 457 4.13 -51.96 47.92
C SER B 457 3.10 -50.98 47.33
N VAL B 458 2.89 -51.02 46.01
CA VAL B 458 1.83 -50.15 45.41
C VAL B 458 0.49 -50.58 46.03
N SER B 459 0.26 -51.88 46.16
CA SER B 459 -0.96 -52.37 46.86
C SER B 459 -0.55 -53.39 47.92
N SER B 460 -0.89 -53.14 49.19
CA SER B 460 -0.57 -54.11 50.27
C SER B 460 -1.55 -53.92 51.44
N ALA B 461 -1.75 -54.96 52.26
CA ALA B 461 -2.60 -54.83 53.46
C ALA B 461 -1.71 -54.44 54.65
N GLY B 462 -0.45 -54.10 54.36
CA GLY B 462 0.51 -53.72 55.43
C GLY B 462 0.13 -52.41 56.10
N PRO B 463 0.56 -52.16 57.36
CA PRO B 463 0.14 -50.96 58.10
C PRO B 463 0.55 -49.64 57.43
N ILE B 464 1.76 -49.54 56.88
CA ILE B 464 2.20 -48.22 56.31
C ILE B 464 1.18 -47.78 55.26
N SER B 465 0.79 -48.67 54.35
CA SER B 465 -0.10 -48.26 53.24
C SER B 465 -1.32 -47.55 53.83
N GLN B 466 -1.97 -48.20 54.79
CA GLN B 466 -3.17 -47.62 55.42
C GLN B 466 -2.85 -46.36 56.24
N PHE B 467 -1.74 -46.35 56.99
CA PHE B 467 -1.51 -45.20 57.91
C PHE B 467 -0.20 -44.43 57.69
N ASN B 468 0.96 -45.11 57.69
CA ASN B 468 2.24 -44.36 57.64
C ASN B 468 2.47 -43.58 56.34
N TYR B 469 2.24 -44.19 55.17
CA TYR B 469 2.57 -43.49 53.90
C TYR B 469 1.75 -44.07 52.74
N LYS B 470 1.50 -43.26 51.71
CA LYS B 470 0.79 -43.75 50.50
C LYS B 470 1.21 -42.90 49.30
N GLN B 471 0.99 -43.39 48.08
CA GLN B 471 1.34 -42.64 46.85
C GLN B 471 0.13 -42.62 45.90
N SER B 472 -0.02 -41.55 45.12
CA SER B 472 -1.20 -41.42 44.23
C SER B 472 -1.14 -42.49 43.13
N PHE B 473 -2.23 -43.25 42.96
CA PHE B 473 -2.27 -44.33 41.93
C PHE B 473 -2.22 -43.74 40.52
N SER B 474 -2.96 -42.65 40.26
CA SER B 474 -3.04 -42.10 38.88
C SER B 474 -1.67 -41.62 38.39
N ASN B 475 -0.92 -40.92 39.24
CA ASN B 475 0.42 -40.40 38.84
C ASN B 475 1.43 -41.55 38.87
N PRO B 476 2.39 -41.64 37.92
CA PRO B 476 3.43 -42.66 37.99
C PRO B 476 4.27 -42.43 39.26
N THR B 477 4.51 -43.49 40.04
CA THR B 477 5.24 -43.33 41.31
C THR B 477 6.45 -44.28 41.36
N CYS B 478 7.62 -43.76 41.71
CA CYS B 478 8.84 -44.62 41.82
C CYS B 478 9.34 -44.61 43.27
N LEU B 479 9.60 -45.79 43.83
CA LEU B 479 10.10 -45.90 45.23
C LEU B 479 11.54 -46.42 45.20
N ILE B 480 12.44 -45.77 45.93
CA ILE B 480 13.87 -46.20 45.97
C ILE B 480 14.22 -46.65 47.40
N LEU B 481 14.66 -47.89 47.57
CA LEU B 481 15.16 -48.35 48.90
C LEU B 481 16.68 -48.39 48.79
N ALA B 482 17.40 -47.54 49.53
CA ALA B 482 18.86 -47.44 49.35
C ALA B 482 19.57 -47.38 50.70
N THR B 483 20.88 -47.14 50.70
CA THR B 483 21.66 -47.18 51.97
C THR B 483 22.87 -46.23 51.87
N VAL B 484 22.98 -45.28 52.80
CA VAL B 484 24.17 -44.37 52.83
C VAL B 484 25.39 -45.25 53.14
N PRO B 485 26.58 -45.01 52.54
CA PRO B 485 27.78 -45.78 52.86
C PRO B 485 28.23 -45.62 54.33
N HIS B 486 27.94 -44.48 54.96
CA HIS B 486 28.35 -44.15 56.36
C HIS B 486 29.72 -43.46 56.30
N ASN B 487 30.32 -43.41 55.11
CA ASN B 487 31.58 -42.64 54.96
C ASN B 487 31.25 -41.17 55.20
N LEU B 488 30.10 -40.71 54.68
CA LEU B 488 29.66 -39.32 54.92
C LEU B 488 29.21 -39.19 56.38
N THR B 489 29.64 -38.13 57.07
CA THR B 489 29.21 -37.89 58.47
C THR B 489 28.07 -36.87 58.47
N THR B 490 27.63 -36.43 57.29
CA THR B 490 26.58 -35.38 57.19
C THR B 490 25.27 -35.87 57.80
N ILE B 491 24.90 -37.13 57.60
CA ILE B 491 23.58 -37.63 58.10
C ILE B 491 23.80 -38.43 59.38
N THR B 492 23.39 -38.09 60.50
CA THR B 492 23.56 -38.92 61.73
C THR B 492 22.35 -39.85 61.85
N LYS B 493 22.43 -40.79 62.82
CA LYS B 493 21.36 -41.81 62.98
C LYS B 493 20.45 -41.53 64.19
N PRO B 494 19.10 -41.71 64.11
CA PRO B 494 18.23 -41.59 65.28
C PRO B 494 18.29 -42.80 66.23
N LEU B 495 17.30 -42.93 67.11
CA LEU B 495 17.24 -44.09 68.04
C LEU B 495 16.81 -45.35 67.29
N LYS B 496 15.51 -45.51 67.03
CA LYS B 496 14.98 -46.72 66.33
C LYS B 496 13.90 -46.34 65.33
N TYR B 497 13.63 -47.17 64.32
CA TYR B 497 12.53 -46.89 63.37
C TYR B 497 11.17 -47.09 64.07
N SER B 498 10.18 -46.29 63.70
CA SER B 498 8.82 -46.43 64.28
C SER B 498 7.78 -46.32 63.17
N TYR B 499 6.66 -47.05 63.29
CA TYR B 499 5.57 -46.98 62.28
C TYR B 499 4.23 -47.04 63.02
N ILE B 500 3.15 -46.52 62.42
CA ILE B 500 1.81 -46.55 63.05
C ILE B 500 1.10 -47.84 62.63
N ASN B 501 1.09 -48.86 63.50
CA ASN B 501 0.36 -50.12 63.19
C ASN B 501 -1.15 -49.87 63.17
N LYS B 502 -1.68 -49.04 64.08
CA LYS B 502 -3.15 -48.89 64.16
C LYS B 502 -3.58 -47.42 64.24
N CYS B 503 -4.38 -46.95 63.27
CA CYS B 503 -4.98 -45.59 63.35
C CYS B 503 -6.46 -45.83 63.03
N SER B 504 -7.36 -45.66 64.01
CA SER B 504 -8.78 -46.02 63.76
C SER B 504 -9.74 -45.10 64.54
N ARG B 505 -10.98 -44.98 64.08
CA ARG B 505 -11.98 -44.13 64.79
C ARG B 505 -12.55 -44.94 65.94
N LEU B 506 -11.81 -45.05 67.04
CA LEU B 506 -12.35 -45.78 68.22
C LEU B 506 -13.57 -45.00 68.71
N LEU B 507 -14.68 -45.70 68.95
CA LEU B 507 -15.93 -45.04 69.39
C LEU B 507 -15.83 -44.73 70.88
N SER B 508 -16.78 -43.95 71.41
CA SER B 508 -16.79 -43.62 72.86
C SER B 508 -17.01 -44.90 73.67
N ASP B 509 -17.41 -45.98 73.00
CA ASP B 509 -17.66 -47.27 73.70
C ASP B 509 -16.43 -48.19 73.66
N ASP B 510 -15.66 -48.22 72.58
CA ASP B 510 -14.49 -49.16 72.43
C ASP B 510 -15.02 -50.54 72.04
N ARG B 511 -16.14 -50.60 71.31
CA ARG B 511 -16.67 -51.91 70.84
C ARG B 511 -16.49 -51.98 69.32
N THR B 512 -17.39 -51.34 68.56
CA THR B 512 -17.23 -51.28 67.09
C THR B 512 -16.07 -50.34 66.76
N GLU B 513 -15.21 -50.70 65.81
CA GLU B 513 -14.10 -49.80 65.41
C GLU B 513 -14.06 -49.66 63.89
N VAL B 514 -13.94 -48.43 63.38
CA VAL B 514 -13.80 -48.22 61.90
C VAL B 514 -12.41 -47.65 61.64
N PRO B 515 -11.56 -48.29 60.81
CA PRO B 515 -10.18 -47.83 60.60
C PRO B 515 -10.08 -46.49 59.84
N GLN B 516 -9.09 -45.66 60.20
CA GLN B 516 -8.87 -44.40 59.45
C GLN B 516 -7.75 -44.65 58.44
N LEU B 517 -8.05 -44.55 57.15
CA LEU B 517 -7.03 -44.85 56.12
C LEU B 517 -6.56 -43.54 55.50
N VAL B 518 -5.25 -43.25 55.60
CA VAL B 518 -4.72 -41.96 55.06
C VAL B 518 -4.73 -42.02 53.53
N ASN B 519 -5.00 -40.88 52.89
CA ASN B 519 -4.92 -40.82 51.40
C ASN B 519 -3.46 -40.51 51.04
N ALA B 520 -3.15 -40.40 49.75
CA ALA B 520 -1.78 -40.03 49.34
C ALA B 520 -1.52 -38.53 49.59
N ASN B 521 -0.30 -38.16 50.01
CA ASN B 521 0.09 -36.73 50.14
C ASN B 521 -0.37 -36.04 51.43
N GLN B 522 -0.87 -36.81 52.41
CA GLN B 522 -1.41 -36.21 53.65
C GLN B 522 -0.80 -36.93 54.85
N TYR B 523 -0.42 -36.19 55.89
CA TYR B 523 0.05 -36.86 57.14
C TYR B 523 -1.17 -37.43 57.85
N SER B 524 -1.03 -38.59 58.51
CA SER B 524 -2.18 -39.25 59.18
C SER B 524 -2.67 -38.36 60.34
N PRO B 525 -3.99 -38.31 60.65
CA PRO B 525 -4.48 -37.54 61.79
C PRO B 525 -3.82 -38.05 63.07
N CYS B 526 -3.61 -39.36 63.16
CA CYS B 526 -2.98 -39.97 64.36
C CYS B 526 -1.57 -39.41 64.58
N VAL B 527 -0.81 -39.15 63.52
CA VAL B 527 0.62 -38.72 63.70
C VAL B 527 0.71 -37.42 64.49
N SER B 528 -0.31 -36.55 64.44
CA SER B 528 -0.26 -35.34 65.28
C SER B 528 -0.19 -35.73 66.76
N ILE B 529 -0.99 -36.70 67.19
CA ILE B 529 -0.94 -37.20 68.60
C ILE B 529 0.42 -37.86 68.86
N VAL B 530 0.92 -38.67 67.91
CA VAL B 530 2.19 -39.42 68.13
C VAL B 530 3.36 -38.44 68.15
N PRO B 531 4.47 -38.73 68.88
CA PRO B 531 5.65 -37.86 68.86
C PRO B 531 6.61 -38.15 67.71
N SER B 532 7.91 -38.21 68.00
CA SER B 532 8.92 -38.49 66.95
C SER B 532 9.26 -39.99 66.92
N THR B 533 9.50 -40.60 68.08
CA THR B 533 9.91 -42.03 68.12
C THR B 533 9.03 -42.79 69.12
N VAL B 534 8.81 -44.09 68.89
CA VAL B 534 7.96 -44.92 69.80
C VAL B 534 8.89 -45.66 70.77
N TRP B 535 8.79 -45.35 72.07
CA TRP B 535 9.72 -45.93 73.09
C TRP B 535 9.53 -47.44 73.26
N GLU B 536 8.29 -47.94 73.28
CA GLU B 536 8.05 -49.38 73.58
C GLU B 536 7.17 -50.03 72.51
N ASP B 537 7.22 -51.36 72.39
CA ASP B 537 6.47 -52.06 71.32
C ASP B 537 4.96 -51.84 71.48
N GLY B 538 4.26 -51.57 70.38
CA GLY B 538 2.79 -51.40 70.41
C GLY B 538 2.34 -50.31 71.38
N ASP B 539 3.09 -49.20 71.46
CA ASP B 539 2.64 -48.07 72.32
C ASP B 539 1.35 -47.49 71.71
N TYR B 540 0.34 -47.22 72.54
CA TYR B 540 -0.92 -46.62 72.06
C TYR B 540 -1.15 -45.29 72.79
N TYR B 541 -1.50 -44.24 72.05
CA TYR B 541 -1.72 -42.91 72.66
C TYR B 541 -3.18 -42.50 72.43
N ARG B 542 -3.92 -42.21 73.51
CA ARG B 542 -5.31 -41.70 73.34
C ARG B 542 -5.35 -40.27 73.88
N LYS B 543 -5.82 -39.33 73.06
CA LYS B 543 -5.87 -37.90 73.49
C LYS B 543 -7.31 -37.56 73.87
N GLN B 544 -7.52 -37.01 75.07
CA GLN B 544 -8.88 -36.58 75.50
C GLN B 544 -9.45 -35.65 74.43
N LEU B 545 -10.62 -35.84 73.91
CA LEU B 545 -11.12 -34.98 72.81
C LEU B 545 -12.20 -34.03 73.32
N SER B 546 -12.04 -32.76 73.11
CA SER B 546 -12.99 -31.70 73.55
C SER B 546 -14.11 -31.56 72.52
N PRO B 547 -15.30 -31.07 72.91
CA PRO B 547 -16.44 -30.95 71.98
C PRO B 547 -16.05 -30.07 70.79
N LEU B 548 -15.24 -29.03 71.02
CA LEU B 548 -14.78 -28.14 69.92
C LEU B 548 -13.95 -28.98 68.94
N GLU B 549 -13.13 -29.90 69.45
CA GLU B 549 -12.33 -30.82 68.58
C GLU B 549 -13.30 -31.69 67.77
N GLY B 550 -14.46 -32.02 68.35
CA GLY B 550 -15.47 -32.85 67.66
C GLY B 550 -15.96 -33.97 68.54
N GLY B 551 -15.31 -34.20 69.69
CA GLY B 551 -15.80 -35.22 70.64
C GLY B 551 -15.46 -36.62 70.20
N GLY B 552 -16.07 -37.63 70.84
CA GLY B 552 -15.74 -39.04 70.51
C GLY B 552 -14.39 -39.42 71.07
N TRP B 553 -13.81 -40.52 70.57
CA TRP B 553 -12.43 -40.89 70.99
C TRP B 553 -11.48 -40.78 69.81
N LEU B 554 -10.40 -40.00 69.95
CA LEU B 554 -9.38 -39.97 68.86
C LEU B 554 -8.16 -40.72 69.41
N VAL B 555 -7.76 -41.83 68.77
CA VAL B 555 -6.66 -42.68 69.33
C VAL B 555 -5.52 -42.82 68.31
N ALA B 556 -4.34 -43.24 68.77
CA ALA B 556 -3.17 -43.46 67.88
C ALA B 556 -2.37 -44.65 68.43
N SER B 557 -1.61 -45.35 67.57
CA SER B 557 -0.74 -46.45 68.07
C SER B 557 0.56 -46.51 67.26
N GLY B 558 1.67 -46.93 67.88
CA GLY B 558 2.96 -47.06 67.16
C GLY B 558 3.67 -48.35 67.54
N SER B 559 4.50 -48.90 66.63
CA SER B 559 5.15 -50.21 66.90
C SER B 559 6.67 -50.13 66.72
N THR B 560 7.43 -50.86 67.55
CA THR B 560 8.92 -50.83 67.50
C THR B 560 9.46 -51.58 66.29
N VAL B 561 10.53 -51.07 65.66
CA VAL B 561 11.21 -51.81 64.55
C VAL B 561 12.66 -52.06 64.95
N ALA B 562 13.38 -51.02 65.44
CA ALA B 562 14.81 -51.11 65.82
C ALA B 562 15.68 -50.90 64.58
N MET B 563 16.96 -50.57 64.75
CA MET B 563 17.80 -50.25 63.55
C MET B 563 19.16 -50.95 63.61
N THR B 564 19.70 -51.33 62.46
CA THR B 564 21.06 -51.95 62.39
C THR B 564 22.12 -50.84 62.37
N GLU B 565 23.40 -51.20 62.53
CA GLU B 565 24.50 -50.20 62.48
C GLU B 565 24.28 -49.24 61.30
N GLN B 566 24.18 -49.80 60.09
CA GLN B 566 23.99 -48.98 58.86
C GLN B 566 22.54 -48.45 58.81
N LEU B 567 22.28 -47.46 57.96
CA LEU B 567 20.93 -46.83 57.96
C LEU B 567 20.13 -47.27 56.73
N GLN B 568 18.87 -47.68 56.94
CA GLN B 568 17.99 -48.06 55.81
C GLN B 568 16.95 -46.94 55.64
N MET B 569 16.83 -46.39 54.43
CA MET B 569 15.91 -45.24 54.21
C MET B 569 14.96 -45.54 53.06
N GLY B 570 13.76 -44.97 53.10
CA GLY B 570 12.80 -45.15 51.99
C GLY B 570 12.61 -43.84 51.24
N PHE B 571 12.61 -43.88 49.91
CA PHE B 571 12.46 -42.65 49.10
C PHE B 571 11.18 -42.75 48.26
N GLY B 572 10.32 -41.73 48.33
CA GLY B 572 9.10 -41.71 47.50
C GLY B 572 9.16 -40.60 46.47
N ILE B 573 9.02 -40.95 45.18
CA ILE B 573 9.10 -39.94 44.08
C ILE B 573 7.77 -39.92 43.33
N THR B 574 7.15 -38.75 43.22
CA THR B 574 5.89 -38.62 42.43
C THR B 574 6.14 -37.63 41.29
N VAL B 575 5.80 -38.01 40.06
CA VAL B 575 6.06 -37.14 38.88
C VAL B 575 4.71 -36.72 38.26
N GLN B 576 4.67 -35.33 37.97
CA GLN B 576 3.44 -34.73 37.41
C GLN B 576 3.70 -34.27 35.97
N TYR B 577 2.78 -34.72 35.00
CA TYR B 577 2.95 -34.19 33.62
C TYR B 577 2.30 -32.80 33.52
N GLY B 578 2.76 -31.99 32.56
CA GLY B 578 2.20 -30.63 32.36
C GLY B 578 1.91 -30.37 30.90
N THR B 579 0.99 -29.44 30.61
CA THR B 579 0.58 -29.18 29.20
C THR B 579 1.77 -28.66 28.39
N ASP B 580 2.58 -27.78 28.97
CA ASP B 580 3.75 -27.20 28.26
C ASP B 580 4.87 -26.92 29.27
N THR B 581 4.52 -26.77 30.55
CA THR B 581 5.53 -26.37 31.57
C THR B 581 6.36 -27.57 32.05
N ASN B 582 6.80 -28.44 31.14
CA ASN B 582 7.70 -29.56 31.54
C ASN B 582 9.14 -29.05 31.55
N SER B 583 9.47 -28.16 32.49
CA SER B 583 10.83 -27.54 32.49
C SER B 583 11.76 -28.13 33.56
N VAL B 584 11.31 -29.14 34.31
CA VAL B 584 12.22 -29.82 35.28
C VAL B 584 12.90 -30.91 34.45
N CYS B 585 14.18 -30.75 34.10
CA CYS B 585 14.83 -31.69 33.14
C CYS B 585 16.22 -32.16 33.55
N PRO B 586 16.78 -33.29 33.02
CA PRO B 586 18.17 -33.67 33.34
C PRO B 586 19.19 -32.68 32.77
N LYS B 595 30.45 -29.99 24.70
CA LYS B 595 29.72 -30.52 23.56
C LYS B 595 30.17 -29.98 22.22
N ILE B 596 29.21 -29.93 21.31
CA ILE B 596 29.37 -29.31 20.00
C ILE B 596 28.81 -27.90 20.01
N ALA B 597 27.75 -27.68 20.77
CA ALA B 597 27.09 -26.39 20.93
C ALA B 597 27.95 -25.40 21.70
N SER B 598 29.22 -25.76 21.92
CA SER B 598 30.16 -24.86 22.64
C SER B 598 31.02 -24.14 21.61
N GLN B 599 31.99 -23.33 22.06
CA GLN B 599 32.92 -22.67 21.09
C GLN B 599 34.06 -23.64 20.75
N LEU B 600 33.70 -24.81 20.20
CA LEU B 600 34.73 -25.80 19.77
C LEU B 600 35.07 -25.50 18.31
N GLY B 601 34.05 -25.18 17.50
CA GLY B 601 34.31 -24.79 16.10
C GLY B 601 34.12 -23.29 15.95
N ASN B 602 35.13 -22.58 15.46
CA ASN B 602 34.98 -21.13 15.18
C ASN B 602 34.57 -21.02 13.71
N CYS B 603 33.81 -22.01 13.21
CA CYS B 603 33.37 -22.03 11.79
C CYS B 603 32.11 -21.18 11.60
N VAL B 604 31.49 -21.28 10.41
CA VAL B 604 30.30 -20.43 10.08
C VAL B 604 29.05 -20.88 10.85
N GLU B 605 28.17 -19.93 11.21
CA GLU B 605 26.85 -20.23 11.86
C GLU B 605 26.93 -20.26 13.39
N TYR B 606 25.81 -19.98 14.06
CA TYR B 606 25.72 -19.99 15.54
C TYR B 606 24.35 -19.45 15.97
N SER B 607 24.05 -19.48 17.27
CA SER B 607 22.82 -18.84 17.79
C SER B 607 23.18 -18.13 19.09
N LEU B 608 23.01 -16.81 19.16
CA LEU B 608 23.29 -16.04 20.40
C LEU B 608 22.09 -16.13 21.34
N TYR B 609 22.22 -15.61 22.56
CA TYR B 609 21.13 -15.72 23.57
C TYR B 609 19.88 -15.02 23.03
N GLY B 610 20.04 -13.84 22.42
CA GLY B 610 18.86 -13.06 21.95
C GLY B 610 18.68 -13.07 20.44
N VAL B 611 19.72 -13.41 19.68
CA VAL B 611 19.62 -13.31 18.18
C VAL B 611 20.22 -14.56 17.54
N SER B 612 19.80 -14.89 16.31
CA SER B 612 20.42 -16.03 15.57
C SER B 612 20.99 -15.54 14.25
N GLY B 613 22.25 -15.89 13.94
CA GLY B 613 22.90 -15.43 12.71
C GLY B 613 24.01 -16.37 12.28
N ARG B 614 24.47 -16.26 11.02
CA ARG B 614 25.63 -17.09 10.58
C ARG B 614 26.88 -16.20 10.61
N GLY B 615 27.92 -16.64 11.34
CA GLY B 615 29.13 -15.81 11.48
C GLY B 615 30.36 -16.62 11.81
N VAL B 616 31.55 -16.05 11.59
CA VAL B 616 32.83 -16.74 11.95
C VAL B 616 33.37 -16.06 13.21
N PHE B 617 33.63 -16.82 14.28
CA PHE B 617 34.04 -16.21 15.57
C PHE B 617 35.54 -16.37 15.82
N GLN B 618 36.14 -15.42 16.55
CA GLN B 618 37.51 -15.59 16.99
C GLN B 618 37.65 -14.96 18.37
N ASN B 619 38.65 -15.41 19.14
CA ASN B 619 38.96 -14.73 20.42
C ASN B 619 39.76 -13.47 20.05
N CYS B 620 39.13 -12.29 20.09
CA CYS B 620 39.81 -11.06 19.59
C CYS B 620 40.38 -10.22 20.75
N THR B 621 40.11 -8.90 20.80
CA THR B 621 40.72 -8.01 21.82
C THR B 621 39.81 -7.89 23.06
N ALA B 622 39.57 -6.67 23.56
CA ALA B 622 38.77 -6.49 24.80
C ALA B 622 37.67 -5.42 24.65
N VAL B 623 37.25 -5.08 23.42
CA VAL B 623 36.27 -3.96 23.25
C VAL B 623 34.89 -4.38 23.77
N GLY B 624 34.04 -3.41 24.16
CA GLY B 624 32.71 -3.70 24.71
C GLY B 624 32.67 -3.41 26.20
N VAL B 625 31.51 -3.01 26.73
CA VAL B 625 31.36 -2.73 28.18
C VAL B 625 31.57 -4.03 28.96
N ARG B 626 31.09 -5.16 28.42
CA ARG B 626 31.15 -6.49 29.10
C ARG B 626 29.96 -6.60 30.05
N GLN B 627 29.13 -5.55 30.10
CA GLN B 627 27.90 -5.60 30.92
C GLN B 627 26.76 -6.10 30.03
N GLN B 628 26.79 -5.76 28.74
CA GLN B 628 25.76 -6.30 27.82
C GLN B 628 26.40 -7.31 26.85
N ARG B 629 25.75 -8.45 26.61
CA ARG B 629 26.35 -9.52 25.78
C ARG B 629 26.55 -9.08 24.32
N PHE B 630 25.57 -8.39 23.73
CA PHE B 630 25.67 -8.04 22.29
C PHE B 630 26.20 -6.61 22.11
N VAL B 631 27.34 -6.46 21.42
CA VAL B 631 27.86 -5.10 21.11
C VAL B 631 27.70 -4.89 19.61
N TYR B 632 27.30 -3.70 19.17
CA TYR B 632 27.00 -3.49 17.73
C TYR B 632 27.99 -2.49 17.13
N ASP B 633 27.86 -2.20 15.83
CA ASP B 633 28.71 -1.19 15.20
C ASP B 633 27.88 -0.30 14.28
N ALA B 634 27.26 0.73 14.84
CA ALA B 634 26.77 1.87 14.07
C ALA B 634 25.75 1.48 13.00
N TYR B 635 25.29 0.24 12.99
CA TYR B 635 24.31 -0.24 12.02
C TYR B 635 23.45 -1.28 12.71
N GLN B 636 22.75 -2.07 11.91
CA GLN B 636 21.91 -3.15 12.41
C GLN B 636 22.67 -4.24 13.14
N ASN B 637 23.85 -4.65 12.65
CA ASN B 637 24.39 -5.93 13.04
C ASN B 637 25.26 -5.82 14.28
N LEU B 638 25.82 -6.98 14.65
CA LEU B 638 26.74 -6.97 15.79
C LEU B 638 28.08 -7.53 15.34
N VAL B 639 29.15 -6.75 15.50
CA VAL B 639 30.52 -7.29 15.30
C VAL B 639 30.78 -7.73 16.74
N GLY B 640 29.68 -7.94 17.47
CA GLY B 640 29.76 -8.25 18.91
C GLY B 640 30.17 -9.64 19.27
N TYR B 641 30.39 -9.90 20.56
CA TYR B 641 30.97 -11.21 20.94
C TYR B 641 29.95 -12.23 21.44
N TYR B 642 30.36 -13.50 21.48
CA TYR B 642 29.47 -14.58 21.97
C TYR B 642 29.13 -14.27 23.42
N SER B 643 30.13 -13.77 24.17
CA SER B 643 29.94 -13.45 25.61
C SER B 643 29.46 -14.72 26.32
N ASP B 644 29.98 -15.87 25.90
CA ASP B 644 29.55 -17.15 26.50
C ASP B 644 30.51 -17.49 27.63
N ASP B 645 29.97 -17.81 28.82
CA ASP B 645 30.83 -18.23 29.95
C ASP B 645 31.86 -17.15 30.28
N GLY B 646 31.78 -15.97 29.63
CA GLY B 646 32.81 -14.95 29.92
C GLY B 646 34.01 -15.04 28.98
N ASN B 647 33.84 -14.69 27.69
CA ASN B 647 35.00 -14.68 26.76
C ASN B 647 34.73 -13.70 25.61
N TYR B 648 35.80 -13.24 24.93
CA TYR B 648 35.64 -12.26 23.82
C TYR B 648 35.73 -12.97 22.47
N TYR B 649 34.64 -13.00 21.70
CA TYR B 649 34.58 -13.64 20.38
C TYR B 649 33.96 -12.69 19.36
N CYS B 650 34.80 -11.82 18.81
CA CYS B 650 34.37 -10.92 17.74
C CYS B 650 34.02 -11.74 16.52
N LEU B 651 32.90 -11.43 15.88
CA LEU B 651 32.40 -12.24 14.78
C LEU B 651 32.17 -11.40 13.53
N ARG B 652 32.19 -12.09 12.38
CA ARG B 652 31.84 -11.52 11.10
C ARG B 652 30.47 -12.03 10.71
N ALA B 653 30.06 -11.75 9.48
CA ALA B 653 28.84 -12.35 8.97
C ALA B 653 29.18 -13.49 8.03
N CYS B 654 28.15 -14.12 7.49
CA CYS B 654 28.36 -15.23 6.57
C CYS B 654 28.98 -14.75 5.27
N VAL B 655 29.85 -15.56 4.71
CA VAL B 655 30.72 -15.15 3.63
C VAL B 655 30.23 -15.79 2.32
N SER B 656 30.63 -15.23 1.18
CA SER B 656 30.41 -15.85 -0.13
C SER B 656 31.73 -15.87 -0.89
N VAL B 657 31.76 -16.73 -1.92
CA VAL B 657 32.94 -16.84 -2.81
C VAL B 657 32.52 -16.32 -4.20
N PRO B 658 33.04 -15.17 -4.71
CA PRO B 658 32.58 -14.60 -5.99
C PRO B 658 33.01 -15.40 -7.22
N VAL B 659 32.05 -15.73 -8.08
CA VAL B 659 32.37 -16.53 -9.25
C VAL B 659 31.89 -15.87 -10.53
N SER B 660 32.70 -15.96 -11.59
CA SER B 660 32.39 -15.31 -12.86
C SER B 660 32.84 -16.25 -13.97
N VAL B 661 32.32 -16.03 -15.17
CA VAL B 661 32.45 -16.99 -16.27
C VAL B 661 33.06 -16.29 -17.47
N ILE B 662 34.07 -16.91 -18.07
CA ILE B 662 34.58 -16.50 -19.37
C ILE B 662 33.91 -17.42 -20.38
N TYR B 663 33.43 -16.90 -21.52
CA TYR B 663 32.62 -17.79 -22.35
C TYR B 663 33.22 -18.06 -23.72
N ASP B 664 33.50 -17.02 -24.52
CA ASP B 664 34.05 -17.20 -25.87
C ASP B 664 33.13 -18.05 -26.76
N LYS B 665 32.02 -17.42 -27.17
CA LYS B 665 31.02 -18.09 -27.99
C LYS B 665 31.56 -18.70 -29.28
N GLU B 666 32.57 -18.07 -29.88
CA GLU B 666 33.11 -18.57 -31.18
C GLU B 666 33.45 -20.06 -31.09
N THR B 667 33.99 -20.50 -29.94
CA THR B 667 34.42 -21.88 -29.76
C THR B 667 33.66 -22.59 -28.65
N LYS B 668 32.86 -21.87 -27.88
CA LYS B 668 32.08 -22.48 -26.79
C LYS B 668 32.99 -23.10 -25.75
N THR B 669 33.96 -22.33 -25.25
CA THR B 669 34.97 -22.82 -24.31
C THR B 669 34.94 -21.97 -23.05
N HIS B 670 34.06 -22.34 -22.12
CA HIS B 670 33.93 -21.68 -20.84
C HIS B 670 35.18 -21.84 -20.00
N ALA B 671 35.31 -20.96 -19.00
CA ALA B 671 36.43 -21.03 -18.06
C ALA B 671 36.02 -20.22 -16.82
N THR B 672 35.92 -20.88 -15.69
CA THR B 672 35.39 -20.24 -14.49
C THR B 672 36.48 -19.39 -13.84
N LEU B 673 36.10 -18.25 -13.27
CA LEU B 673 37.02 -17.39 -12.55
C LEU B 673 36.42 -17.05 -11.18
N PHE B 674 37.23 -17.18 -10.15
CA PHE B 674 36.84 -16.80 -8.81
C PHE B 674 37.55 -15.52 -8.41
N GLY B 675 36.78 -14.48 -8.10
CA GLY B 675 37.38 -13.14 -7.85
C GLY B 675 38.21 -13.03 -6.59
N SER B 676 39.51 -12.76 -6.73
CA SER B 676 40.40 -12.54 -5.56
C SER B 676 40.32 -13.72 -4.58
N VAL B 677 40.22 -14.95 -5.12
CA VAL B 677 40.14 -16.16 -4.26
C VAL B 677 41.50 -16.85 -4.34
N ALA B 678 42.06 -17.25 -3.20
CA ALA B 678 43.42 -17.84 -3.18
C ALA B 678 43.42 -19.13 -4.01
N CYS B 679 44.52 -19.38 -4.73
CA CYS B 679 44.63 -20.62 -5.55
C CYS B 679 44.66 -21.83 -4.62
N GLU B 680 44.09 -21.69 -3.41
CA GLU B 680 44.06 -22.79 -2.45
C GLU B 680 42.79 -22.89 -1.64
N HIS B 681 41.90 -21.91 -1.73
CA HIS B 681 40.74 -21.93 -0.86
C HIS B 681 39.60 -22.77 -1.44
N ILE B 682 39.71 -23.20 -2.69
CA ILE B 682 38.65 -24.00 -3.27
C ILE B 682 39.18 -25.32 -3.81
N SER B 683 38.27 -26.29 -4.01
CA SER B 683 38.67 -27.61 -4.54
C SER B 683 37.85 -27.91 -5.80
N SER B 684 38.20 -29.00 -6.52
CA SER B 684 37.38 -29.41 -7.69
C SER B 684 35.97 -29.72 -7.18
N THR B 685 34.93 -29.20 -7.85
CA THR B 685 33.53 -29.38 -7.37
C THR B 685 33.47 -29.07 -5.87
N MET B 686 33.93 -27.87 -5.47
CA MET B 686 33.93 -27.45 -4.05
C MET B 686 32.61 -27.85 -3.38
N SER B 687 32.67 -28.77 -2.41
CA SER B 687 31.42 -29.27 -1.79
C SER B 687 31.20 -28.64 -0.41
N GLN B 688 31.84 -27.49 -0.12
CA GLN B 688 31.55 -26.86 1.16
C GLN B 688 30.53 -25.73 1.03
N TYR B 689 30.02 -25.48 -0.17
CA TYR B 689 29.23 -24.31 -0.43
C TYR B 689 27.88 -24.73 -1.01
N SER B 690 26.88 -23.83 -0.93
CA SER B 690 25.54 -24.26 -1.38
C SER B 690 25.67 -24.77 -2.81
N ARG B 691 25.87 -23.86 -3.76
CA ARG B 691 26.10 -24.22 -5.18
C ARG B 691 26.54 -22.90 -5.81
N SER B 692 26.44 -22.76 -7.12
CA SER B 692 26.72 -21.43 -7.74
C SER B 692 25.35 -20.73 -7.67
N THR B 693 24.46 -21.22 -6.80
CA THR B 693 23.05 -20.73 -6.67
C THR B 693 22.27 -21.53 -7.71
N ARG B 694 22.96 -22.45 -8.40
CA ARG B 694 22.34 -23.25 -9.49
C ARG B 694 22.23 -24.71 -9.04
N SER B 695 23.10 -25.58 -9.57
CA SER B 695 23.01 -27.01 -9.26
C SER B 695 24.28 -27.74 -9.66
N MET B 696 25.04 -27.18 -10.58
CA MET B 696 26.26 -27.82 -11.05
C MET B 696 27.30 -26.79 -11.40
N LEU B 697 28.56 -27.19 -11.29
CA LEU B 697 29.68 -26.36 -11.70
C LEU B 697 30.02 -26.74 -13.13
N LYS B 698 31.18 -26.31 -13.64
CA LYS B 698 31.68 -26.65 -14.98
C LYS B 698 30.95 -25.83 -16.03
N PRO B 710 44.25 -25.35 -11.72
CA PRO B 710 43.85 -24.17 -10.96
C PRO B 710 44.93 -23.11 -10.89
N VAL B 711 45.46 -22.70 -12.04
CA VAL B 711 46.61 -21.74 -12.02
C VAL B 711 46.07 -20.33 -12.29
N GLY B 712 46.76 -19.31 -11.76
CA GLY B 712 46.31 -17.91 -11.90
C GLY B 712 46.94 -17.07 -10.82
N CYS B 713 46.17 -16.71 -9.78
CA CYS B 713 46.71 -15.98 -8.61
C CYS B 713 47.34 -14.65 -9.00
N VAL B 714 46.95 -14.06 -10.13
CA VAL B 714 47.42 -12.69 -10.49
C VAL B 714 46.12 -11.89 -10.49
N LEU B 715 45.05 -12.49 -11.01
CA LEU B 715 43.71 -11.84 -11.03
C LEU B 715 42.66 -12.71 -10.32
N GLY B 716 43.09 -13.58 -9.41
CA GLY B 716 42.16 -14.50 -8.72
C GLY B 716 42.22 -15.89 -9.33
N LEU B 717 41.73 -16.90 -8.60
CA LEU B 717 41.88 -18.29 -9.11
C LEU B 717 41.07 -18.49 -10.40
N VAL B 718 41.67 -19.14 -11.40
CA VAL B 718 40.94 -19.48 -12.65
C VAL B 718 41.05 -21.00 -12.84
N ASN B 719 39.92 -21.67 -13.02
CA ASN B 719 39.90 -23.16 -13.16
C ASN B 719 40.74 -23.57 -14.37
N SER B 720 40.52 -22.94 -15.53
CA SER B 720 41.36 -23.24 -16.71
C SER B 720 42.83 -23.03 -16.33
N SER B 721 43.66 -24.06 -16.45
CA SER B 721 45.06 -23.99 -15.96
C SER B 721 46.06 -23.77 -17.10
N LEU B 722 46.45 -22.51 -17.35
CA LEU B 722 47.49 -22.22 -18.38
C LEU B 722 48.07 -20.82 -18.14
N PHE B 723 49.34 -20.60 -18.51
CA PHE B 723 49.99 -19.29 -18.26
C PHE B 723 50.80 -18.86 -19.50
N VAL B 724 52.13 -18.87 -19.42
CA VAL B 724 53.03 -18.48 -20.55
C VAL B 724 52.45 -17.30 -21.34
N GLU B 725 52.21 -17.48 -22.64
CA GLU B 725 51.61 -16.42 -23.51
C GLU B 725 52.25 -15.05 -23.23
N ASP B 726 53.56 -14.91 -23.43
CA ASP B 726 54.28 -13.62 -23.22
C ASP B 726 53.84 -12.55 -24.22
N CYS B 727 53.71 -12.85 -25.51
CA CYS B 727 53.29 -11.76 -26.44
C CYS B 727 52.17 -12.22 -27.38
N LYS B 728 50.96 -12.45 -26.86
CA LYS B 728 49.82 -12.76 -27.76
C LYS B 728 49.18 -11.41 -28.10
N LEU B 729 49.01 -11.10 -29.39
CA LEU B 729 48.55 -9.74 -29.78
C LEU B 729 47.26 -9.39 -29.01
N PRO B 730 47.08 -8.13 -28.55
CA PRO B 730 45.91 -7.79 -27.74
C PRO B 730 44.64 -7.72 -28.62
N LEU B 731 43.60 -8.48 -28.25
CA LEU B 731 42.33 -8.53 -29.01
C LEU B 731 41.46 -9.60 -28.35
N GLY B 732 41.73 -9.91 -27.08
CA GLY B 732 41.01 -11.00 -26.39
C GLY B 732 39.64 -10.52 -25.94
N GLN B 733 38.74 -11.41 -25.53
CA GLN B 733 37.46 -10.94 -24.93
C GLN B 733 37.91 -9.93 -23.86
N SER B 734 39.18 -10.03 -23.46
CA SER B 734 39.83 -9.08 -22.51
C SER B 734 39.40 -9.39 -21.08
N LEU B 735 40.17 -10.23 -20.39
CA LEU B 735 39.84 -10.59 -18.98
C LEU B 735 40.16 -9.38 -18.10
N CYS B 736 39.53 -9.28 -16.92
CA CYS B 736 39.71 -8.09 -16.06
C CYS B 736 41.20 -7.88 -15.79
N ALA B 737 41.68 -6.63 -15.87
CA ALA B 737 43.11 -6.29 -15.69
C ALA B 737 43.94 -6.74 -16.89
N LEU B 738 45.26 -6.89 -16.71
CA LEU B 738 46.16 -7.20 -17.86
C LEU B 738 45.96 -8.56 -18.55
N PRO B 739 45.69 -9.71 -17.89
CA PRO B 739 45.59 -10.98 -18.60
C PRO B 739 44.61 -10.87 -19.77
N ASP B 740 44.99 -11.34 -20.95
CA ASP B 740 44.14 -11.19 -22.15
C ASP B 740 43.41 -12.50 -22.46
N THR B 741 43.62 -13.54 -21.63
CA THR B 741 42.99 -14.87 -21.86
C THR B 741 42.80 -15.15 -23.37
N PRO B 742 43.85 -15.17 -24.25
CA PRO B 742 43.60 -15.42 -25.67
C PRO B 742 43.08 -16.86 -25.85
N SER B 743 42.05 -17.06 -26.68
CA SER B 743 41.44 -18.41 -26.82
C SER B 743 41.70 -18.95 -28.24
N THR B 744 42.22 -20.19 -28.32
CA THR B 744 42.48 -20.83 -29.64
C THR B 744 43.21 -19.84 -30.56
N MET B 757 40.70 -20.84 -22.22
CA MET B 757 41.87 -21.70 -22.35
C MET B 757 43.06 -20.85 -22.74
N ARG B 758 44.25 -21.21 -22.26
CA ARG B 758 45.47 -20.48 -22.57
C ARG B 758 45.36 -19.02 -22.13
N LEU B 759 45.27 -18.83 -20.84
CA LEU B 759 45.07 -17.52 -20.27
C LEU B 759 46.35 -16.70 -20.34
N ALA B 760 46.37 -15.56 -19.67
CA ALA B 760 47.60 -14.92 -19.21
C ALA B 760 48.51 -14.42 -20.35
N SER B 761 48.13 -13.30 -20.97
CA SER B 761 49.08 -12.55 -21.78
C SER B 761 49.06 -11.06 -21.45
N ILE B 762 50.19 -10.38 -21.68
CA ILE B 762 50.39 -8.97 -21.28
C ILE B 762 51.04 -8.23 -22.45
N ALA B 763 50.24 -7.73 -23.39
CA ALA B 763 50.87 -7.14 -24.59
C ALA B 763 50.22 -5.83 -25.04
N PHE B 764 50.92 -4.70 -24.87
CA PHE B 764 50.43 -3.37 -25.31
C PHE B 764 51.55 -2.34 -25.12
N ASN B 765 51.29 -1.05 -25.37
CA ASN B 765 52.29 0.03 -25.11
C ASN B 765 53.64 -0.22 -25.79
N HIS B 766 53.67 -0.49 -27.11
CA HIS B 766 54.97 -0.54 -27.82
C HIS B 766 55.12 0.64 -28.78
N PRO B 767 56.17 1.49 -28.66
CA PRO B 767 56.42 2.60 -29.60
C PRO B 767 57.67 2.43 -30.47
N ILE B 768 58.20 3.52 -31.04
CA ILE B 768 59.44 3.46 -31.81
C ILE B 768 60.47 4.45 -31.32
N GLN B 769 61.45 3.97 -30.57
CA GLN B 769 62.28 4.86 -29.75
C GLN B 769 63.49 5.36 -30.53
N VAL B 770 63.40 6.59 -31.01
CA VAL B 770 64.60 7.30 -31.43
C VAL B 770 65.43 7.58 -30.18
N ASP B 771 66.71 7.88 -30.38
CA ASP B 771 67.66 7.99 -29.29
C ASP B 771 68.21 9.40 -29.19
N GLN B 772 68.21 9.95 -28.00
CA GLN B 772 68.65 11.31 -27.79
C GLN B 772 70.15 11.41 -27.92
N LEU B 773 70.62 12.42 -28.64
CA LEU B 773 72.03 12.52 -28.96
C LEU B 773 72.67 13.64 -28.13
N ASN B 774 74.00 13.71 -28.19
CA ASN B 774 74.77 14.52 -27.25
C ASN B 774 75.28 15.83 -27.86
N SER B 775 75.83 15.76 -29.06
CA SER B 775 76.56 16.90 -29.63
C SER B 775 75.59 17.95 -30.13
N SER B 776 76.08 18.88 -30.96
CA SER B 776 75.22 19.93 -31.47
C SER B 776 74.17 19.42 -32.45
N TYR B 777 74.18 18.14 -32.81
CA TYR B 777 73.15 17.61 -33.70
C TYR B 777 71.97 17.10 -32.91
N PHE B 778 71.06 16.44 -33.62
CA PHE B 778 69.99 15.70 -33.00
C PHE B 778 69.41 14.77 -34.05
N LYS B 779 69.16 13.52 -33.67
CA LYS B 779 68.60 12.59 -34.64
C LYS B 779 67.10 12.83 -34.77
N LEU B 780 66.58 12.60 -35.96
CA LEU B 780 65.14 12.70 -36.13
C LEU B 780 64.65 11.53 -36.96
N SER B 781 63.50 10.97 -36.59
CA SER B 781 62.91 9.87 -37.40
C SER B 781 61.97 10.48 -38.44
N ILE B 782 62.11 10.10 -39.72
CA ILE B 782 61.31 10.76 -40.79
C ILE B 782 60.42 9.73 -41.51
N PRO B 783 59.13 10.04 -41.76
CA PRO B 783 58.21 9.12 -42.46
C PRO B 783 58.65 8.82 -43.91
N THR B 784 58.27 7.66 -44.44
CA THR B 784 58.60 7.32 -45.86
C THR B 784 57.35 7.04 -46.70
N ASN B 785 56.21 6.68 -46.08
CA ASN B 785 55.02 6.27 -46.88
C ASN B 785 53.79 7.12 -46.53
N PHE B 786 53.00 7.52 -47.53
CA PHE B 786 51.83 8.40 -47.30
C PHE B 786 50.72 7.72 -46.48
N SER B 787 50.31 6.50 -46.82
CA SER B 787 49.30 5.74 -46.02
C SER B 787 48.05 6.57 -45.69
N PHE B 788 47.43 7.22 -46.67
CA PHE B 788 46.13 7.87 -46.36
C PHE B 788 45.24 6.70 -45.96
N GLY B 789 44.81 6.62 -44.70
CA GLY B 789 44.06 5.41 -44.26
C GLY B 789 42.76 5.71 -43.55
N VAL B 790 42.32 6.97 -43.54
CA VAL B 790 41.01 7.39 -42.92
C VAL B 790 40.88 7.00 -41.43
N THR B 791 39.70 7.24 -40.84
CA THR B 791 39.44 6.89 -39.41
C THR B 791 37.94 6.67 -39.27
N GLN B 792 37.12 7.67 -39.62
CA GLN B 792 35.62 7.57 -39.64
C GLN B 792 35.04 7.93 -38.26
N GLU B 793 33.81 8.47 -38.20
CA GLU B 793 33.24 8.95 -36.91
C GLU B 793 31.71 9.13 -37.01
N TYR B 794 31.03 9.22 -35.86
CA TYR B 794 29.56 9.47 -35.82
C TYR B 794 29.32 10.36 -34.59
N ILE B 795 28.50 11.42 -34.71
CA ILE B 795 28.37 12.37 -33.57
C ILE B 795 26.95 12.32 -32.95
N GLN B 796 26.16 11.28 -33.28
CA GLN B 796 24.79 11.08 -32.71
C GLN B 796 23.88 12.21 -33.16
N THR B 797 24.15 13.48 -32.80
CA THR B 797 23.39 14.65 -33.31
C THR B 797 21.94 14.76 -32.82
N THR B 798 21.07 13.78 -33.09
CA THR B 798 19.63 13.93 -32.76
C THR B 798 19.01 12.62 -32.25
N ILE B 799 17.89 12.69 -31.51
CA ILE B 799 17.19 11.47 -31.04
C ILE B 799 15.79 11.44 -31.69
N GLN B 800 15.15 10.26 -31.75
CA GLN B 800 13.83 10.12 -32.42
C GLN B 800 12.78 11.00 -31.73
N LYS B 801 11.90 11.62 -32.50
CA LYS B 801 10.82 12.47 -31.92
C LYS B 801 9.55 11.64 -31.81
N VAL B 802 9.04 11.44 -30.59
CA VAL B 802 7.81 10.61 -30.39
C VAL B 802 6.84 11.35 -29.47
N THR B 803 5.55 11.36 -29.81
CA THR B 803 4.52 11.97 -28.92
C THR B 803 3.55 10.86 -28.49
N VAL B 804 3.27 10.75 -27.18
CA VAL B 804 2.42 9.63 -26.69
C VAL B 804 1.03 10.18 -26.37
N ASP B 805 -0.02 9.57 -26.95
CA ASP B 805 -1.41 10.00 -26.66
C ASP B 805 -1.71 9.74 -25.18
N CYS B 806 -2.42 10.67 -24.53
CA CYS B 806 -2.73 10.53 -23.08
C CYS B 806 -4.21 10.18 -22.91
N LYS B 807 -4.54 9.20 -22.07
CA LYS B 807 -5.94 8.75 -21.82
C LYS B 807 -6.26 7.68 -22.87
N GLN B 808 -5.41 7.52 -23.90
CA GLN B 808 -5.59 6.42 -24.88
C GLN B 808 -4.57 5.33 -24.57
N TYR B 809 -3.40 5.69 -24.09
CA TYR B 809 -2.42 4.67 -23.64
C TYR B 809 -2.94 4.09 -22.33
N VAL B 810 -3.20 4.95 -21.35
CA VAL B 810 -3.64 4.46 -19.99
C VAL B 810 -5.02 3.81 -20.00
N CYS B 811 -6.02 4.42 -20.66
CA CYS B 811 -7.35 3.76 -20.69
C CYS B 811 -7.58 3.21 -22.10
N ASN B 812 -7.75 1.90 -22.22
CA ASN B 812 -7.91 1.21 -23.53
C ASN B 812 -9.01 1.90 -24.35
N GLY B 813 -9.94 2.60 -23.68
CA GLY B 813 -11.07 3.23 -24.38
C GLY B 813 -12.39 2.86 -23.73
N PHE B 814 -12.41 2.83 -22.40
CA PHE B 814 -13.65 2.52 -21.64
C PHE B 814 -14.06 3.78 -20.87
N GLN B 815 -15.35 4.16 -20.93
CA GLN B 815 -15.80 5.42 -20.30
C GLN B 815 -15.55 5.40 -18.78
N LYS B 816 -15.81 4.27 -18.12
CA LYS B 816 -15.62 4.17 -16.65
C LYS B 816 -14.18 4.55 -16.31
N CYS B 817 -13.21 3.98 -17.02
CA CYS B 817 -11.77 4.27 -16.77
C CYS B 817 -11.50 5.75 -17.03
N GLU B 818 -12.07 6.31 -18.10
CA GLU B 818 -11.81 7.73 -18.45
C GLU B 818 -12.28 8.64 -17.32
N GLN B 819 -13.39 8.31 -16.67
CA GLN B 819 -13.88 9.11 -15.55
C GLN B 819 -12.92 9.04 -14.36
N LEU B 820 -12.55 7.82 -13.97
CA LEU B 820 -11.57 7.70 -12.91
C LEU B 820 -10.30 8.46 -13.23
N LEU B 821 -9.96 8.59 -14.51
CA LEU B 821 -8.76 9.32 -14.87
C LEU B 821 -8.98 10.82 -14.80
N ARG B 822 -10.13 11.31 -15.24
CA ARG B 822 -10.32 12.76 -15.14
C ARG B 822 -10.34 13.19 -13.69
N GLU B 823 -10.48 12.24 -12.77
CA GLU B 823 -10.07 12.53 -11.40
C GLU B 823 -8.62 13.01 -11.33
N TYR B 824 -7.74 12.43 -12.16
CA TYR B 824 -6.30 12.70 -12.11
C TYR B 824 -5.84 13.61 -13.25
N GLY B 825 -6.77 14.11 -14.05
CA GLY B 825 -6.53 14.61 -15.40
C GLY B 825 -5.41 15.63 -15.57
N GLN B 826 -4.81 16.13 -14.50
CA GLN B 826 -3.70 17.08 -14.67
C GLN B 826 -2.44 16.37 -15.17
N PHE B 827 -2.24 15.12 -14.76
CA PHE B 827 -1.02 14.42 -15.12
C PHE B 827 -0.89 14.25 -16.62
N CYS B 828 -1.99 13.90 -17.28
CA CYS B 828 -1.98 13.72 -18.72
C CYS B 828 -1.59 15.02 -19.41
N SER B 829 -2.12 16.14 -18.92
CA SER B 829 -1.80 17.43 -19.48
C SER B 829 -0.31 17.74 -19.34
N LYS B 830 0.25 17.46 -18.17
CA LYS B 830 1.69 17.70 -18.02
C LYS B 830 2.53 16.80 -18.91
N ILE B 831 2.14 15.54 -19.06
CA ILE B 831 2.89 14.63 -19.93
C ILE B 831 2.88 15.14 -21.37
N ASN B 832 1.70 15.51 -21.85
CA ASN B 832 1.59 16.00 -23.22
C ASN B 832 2.37 17.29 -23.39
N GLN B 833 2.31 18.18 -22.41
CA GLN B 833 3.04 19.44 -22.50
C GLN B 833 4.54 19.19 -22.58
N ALA B 834 5.04 18.27 -21.76
CA ALA B 834 6.46 17.97 -21.76
C ALA B 834 6.91 17.40 -23.09
N LEU B 835 6.15 16.45 -23.64
CA LEU B 835 6.57 15.86 -24.89
C LEU B 835 6.51 16.87 -26.02
N HIS B 836 5.47 17.70 -26.05
CA HIS B 836 5.40 18.73 -27.07
C HIS B 836 6.58 19.70 -26.98
N GLY B 837 6.95 20.09 -25.77
CA GLY B 837 8.09 20.97 -25.62
C GLY B 837 9.38 20.34 -26.09
N ALA B 838 9.58 19.07 -25.75
CA ALA B 838 10.80 18.38 -26.18
C ALA B 838 10.88 18.33 -27.69
N ASN B 839 9.77 18.00 -28.35
CA ASN B 839 9.79 17.97 -29.80
C ASN B 839 10.05 19.33 -30.41
N LEU B 840 9.45 20.39 -29.87
CA LEU B 840 9.74 21.71 -30.39
C LEU B 840 11.22 22.03 -30.28
N ARG B 841 11.82 21.69 -29.15
CA ARG B 841 13.23 21.99 -28.98
C ARG B 841 14.07 21.17 -29.94
N GLN B 842 13.66 19.94 -30.22
CA GLN B 842 14.40 19.13 -31.18
C GLN B 842 14.33 19.74 -32.57
N ASP B 843 13.16 20.22 -32.96
CA ASP B 843 13.04 20.91 -34.24
C ASP B 843 13.97 22.10 -34.30
N ASP B 844 14.01 22.88 -33.23
CA ASP B 844 14.91 24.03 -33.21
C ASP B 844 16.37 23.64 -33.32
N SER B 845 16.79 22.56 -32.66
CA SER B 845 18.19 22.17 -32.72
C SER B 845 18.57 21.69 -34.11
N VAL B 846 17.69 20.92 -34.77
CA VAL B 846 17.98 20.50 -36.14
C VAL B 846 18.08 21.71 -37.07
N ARG B 847 17.15 22.64 -36.92
CA ARG B 847 17.14 23.82 -37.77
C ARG B 847 18.41 24.64 -37.58
N ASN B 848 18.80 24.85 -36.32
CA ASN B 848 20.01 25.61 -36.04
C ASN B 848 21.24 24.90 -36.60
N LEU B 849 21.33 23.59 -36.41
CA LEU B 849 22.48 22.86 -36.89
C LEU B 849 22.62 23.03 -38.39
N PHE B 850 21.53 22.83 -39.14
CA PHE B 850 21.68 22.91 -40.57
C PHE B 850 21.90 24.33 -41.05
N ALA B 851 21.34 25.33 -40.35
CA ALA B 851 21.65 26.70 -40.69
C ALA B 851 23.12 27.02 -40.52
N SER B 852 23.80 26.38 -39.58
CA SER B 852 25.23 26.60 -39.44
C SER B 852 26.06 25.58 -40.20
N VAL B 853 25.45 24.82 -41.11
CA VAL B 853 26.22 23.88 -41.90
C VAL B 853 26.65 24.52 -43.20
N LYS B 854 25.69 24.86 -44.06
CA LYS B 854 26.10 25.28 -45.41
C LYS B 854 26.45 26.76 -45.44
N SER B 855 25.48 27.68 -45.41
CA SER B 855 25.77 29.13 -45.57
C SER B 855 27.03 29.37 -46.43
N SER B 856 27.19 28.65 -47.56
CA SER B 856 28.43 28.75 -48.38
C SER B 856 28.17 28.54 -49.86
N GLN B 857 29.08 29.04 -50.70
CA GLN B 857 28.95 28.91 -52.17
C GLN B 857 29.45 27.52 -52.57
N SER B 858 28.67 26.80 -53.36
CA SER B 858 29.04 25.41 -53.71
C SER B 858 29.37 25.31 -55.19
N SER B 859 30.54 24.77 -55.54
CA SER B 859 30.81 24.53 -56.98
C SER B 859 29.76 23.52 -57.42
N PRO B 860 29.15 23.63 -58.62
CA PRO B 860 28.06 22.72 -58.97
C PRO B 860 28.58 21.29 -58.91
N ILE B 861 27.79 20.36 -58.34
CA ILE B 861 28.21 18.94 -58.30
C ILE B 861 28.52 18.51 -59.73
N ILE B 862 29.80 18.41 -60.06
CA ILE B 862 30.19 18.11 -61.47
C ILE B 862 30.31 16.58 -61.57
N PRO B 863 30.03 15.93 -62.72
CA PRO B 863 30.06 14.47 -62.79
C PRO B 863 31.42 13.87 -62.41
N GLY B 864 32.53 14.53 -62.79
CA GLY B 864 33.86 14.05 -62.37
C GLY B 864 34.60 15.10 -61.56
N PHE B 865 34.87 14.86 -60.27
CA PHE B 865 35.49 15.92 -59.43
C PHE B 865 37.01 15.95 -59.62
N GLY B 866 37.77 15.63 -58.58
CA GLY B 866 39.24 15.70 -58.67
C GLY B 866 39.79 14.72 -59.69
N GLY B 867 40.83 15.13 -60.43
CA GLY B 867 41.45 14.20 -61.40
C GLY B 867 42.15 13.05 -60.68
N ASP B 868 41.81 11.81 -61.08
CA ASP B 868 42.27 10.57 -60.40
C ASP B 868 41.79 10.58 -58.95
N PHE B 869 40.68 11.26 -58.66
CA PHE B 869 40.10 11.24 -57.29
C PHE B 869 38.68 10.66 -57.39
N ASN B 870 38.57 9.33 -57.31
CA ASN B 870 37.28 8.69 -57.48
C ASN B 870 36.46 8.99 -56.23
N LEU B 871 35.30 9.61 -56.41
CA LEU B 871 34.45 9.96 -55.29
C LEU B 871 33.14 9.17 -55.36
N THR B 872 32.90 8.38 -54.31
CA THR B 872 31.62 7.73 -54.07
C THR B 872 30.65 8.68 -53.40
N LEU B 873 31.09 9.90 -53.14
CA LEU B 873 30.32 10.91 -52.44
C LEU B 873 29.29 11.60 -53.33
N LEU B 874 29.36 11.41 -54.64
CA LEU B 874 28.52 12.17 -55.55
C LEU B 874 27.05 11.81 -55.37
N GLU B 875 26.23 12.56 -56.00
CA GLU B 875 24.81 12.32 -55.92
C GLU B 875 24.36 11.50 -57.12
N PRO B 876 23.83 10.29 -56.92
CA PRO B 876 23.63 9.41 -58.07
C PRO B 876 22.33 9.67 -58.83
N VAL B 877 21.38 10.34 -58.21
CA VAL B 877 20.06 10.59 -58.80
C VAL B 877 19.38 9.27 -59.15
N ALA B 886 19.88 13.49 -53.57
CA ALA B 886 19.38 12.18 -53.97
C ALA B 886 20.08 11.07 -53.21
N ARG B 887 20.54 11.36 -51.99
CA ARG B 887 21.02 10.30 -51.11
C ARG B 887 22.24 9.57 -51.68
N SER B 888 23.43 10.16 -51.44
CA SER B 888 24.72 9.64 -51.97
C SER B 888 24.92 8.14 -51.82
N ALA B 889 25.87 7.59 -52.59
CA ALA B 889 26.04 6.14 -52.59
C ALA B 889 26.40 5.61 -51.20
N ILE B 890 27.42 6.19 -50.56
CA ILE B 890 27.84 5.71 -49.25
C ILE B 890 26.72 5.91 -48.24
N GLU B 891 26.04 7.03 -48.34
CA GLU B 891 24.96 7.32 -47.42
C GLU B 891 23.87 6.28 -47.55
N ASP B 892 23.58 5.86 -48.79
CA ASP B 892 22.61 4.78 -48.95
C ASP B 892 23.13 3.46 -48.41
N LEU B 893 24.42 3.19 -48.58
CA LEU B 893 24.99 1.99 -47.98
C LEU B 893 24.71 1.94 -46.50
N LEU B 894 25.05 3.01 -45.79
CA LEU B 894 24.89 2.99 -44.31
C LEU B 894 23.39 2.97 -43.97
N PHE B 895 22.54 3.59 -44.78
CA PHE B 895 21.12 3.48 -44.48
C PHE B 895 20.57 2.09 -44.75
N ASP B 896 21.29 1.30 -45.54
CA ASP B 896 20.89 -0.07 -45.81
C ASP B 896 21.39 -1.01 -44.71
N LYS B 897 22.68 -0.99 -44.44
CA LYS B 897 23.25 -1.94 -43.50
C LYS B 897 22.79 -1.72 -42.08
N VAL B 898 22.14 -0.60 -41.79
CA VAL B 898 21.47 -0.41 -40.51
C VAL B 898 20.08 -1.03 -40.60
N THR B 899 19.59 -1.58 -39.50
CA THR B 899 18.25 -2.18 -39.46
C THR B 899 17.31 -1.21 -38.74
N ILE B 900 16.57 -0.43 -39.53
CA ILE B 900 15.56 0.49 -38.94
C ILE B 900 14.18 -0.07 -39.28
N ALA B 901 13.51 -0.72 -38.32
CA ALA B 901 12.15 -1.25 -38.54
C ALA B 901 11.33 -0.28 -39.39
N ASP B 902 11.47 1.03 -39.17
CA ASP B 902 10.80 2.10 -39.96
C ASP B 902 9.44 2.42 -39.32
N PRO B 903 9.00 3.71 -39.28
CA PRO B 903 7.69 4.07 -38.75
C PRO B 903 6.59 4.02 -39.81
N GLY B 904 6.77 4.73 -40.94
CA GLY B 904 5.74 4.80 -41.95
C GLY B 904 5.07 6.15 -42.01
N TYR B 905 5.31 6.88 -43.09
CA TYR B 905 4.67 8.18 -43.33
C TYR B 905 3.98 8.04 -44.68
N MET B 906 2.79 8.62 -44.78
CA MET B 906 1.87 8.62 -45.91
C MET B 906 1.36 7.22 -46.25
N GLN B 907 1.87 6.18 -45.60
CA GLN B 907 1.34 4.84 -45.77
C GLN B 907 1.30 3.98 -44.53
N GLY B 908 1.96 4.36 -43.44
CA GLY B 908 2.26 3.45 -42.36
C GLY B 908 1.09 2.74 -41.74
N TYR B 909 -0.03 3.45 -41.58
CA TYR B 909 -1.23 2.86 -40.99
C TYR B 909 -1.82 1.76 -41.87
N ASP B 910 -1.98 2.00 -43.18
CA ASP B 910 -2.47 0.92 -44.02
C ASP B 910 -1.43 -0.17 -44.21
N ASP B 911 -0.15 0.22 -44.27
CA ASP B 911 0.95 -0.78 -44.42
C ASP B 911 0.93 -1.71 -43.21
N CYS B 912 0.50 -1.21 -42.05
CA CYS B 912 0.38 -2.05 -40.88
C CYS B 912 -0.97 -2.75 -40.82
N MET B 913 -1.97 -2.17 -41.47
CA MET B 913 -3.30 -2.75 -41.42
C MET B 913 -3.42 -3.96 -42.33
N GLN B 914 -2.68 -3.97 -43.44
CA GLN B 914 -2.69 -5.12 -44.35
C GLN B 914 -2.22 -6.40 -43.67
N GLN B 915 -1.30 -6.32 -42.73
CA GLN B 915 -0.86 -7.51 -42.00
C GLN B 915 -2.01 -8.03 -41.16
N ILE B 924 5.56 0.53 -36.09
CA ILE B 924 5.05 -0.81 -35.89
C ILE B 924 3.69 -0.78 -35.20
N CYS B 925 3.69 -0.57 -33.88
CA CYS B 925 2.46 -0.40 -33.10
C CYS B 925 2.22 1.05 -32.75
N ALA B 926 2.72 1.95 -33.61
CA ALA B 926 2.56 3.38 -33.39
C ALA B 926 1.10 3.79 -33.37
N GLN B 927 0.20 2.85 -33.69
CA GLN B 927 -1.19 3.14 -33.99
C GLN B 927 -2.11 2.09 -33.38
N TYR B 928 -1.51 1.08 -32.74
CA TYR B 928 -2.33 -0.04 -32.20
C TYR B 928 -2.47 0.17 -30.70
N VAL B 929 -1.35 0.40 -30.01
CA VAL B 929 -1.46 0.80 -28.57
C VAL B 929 -2.21 2.12 -28.62
N ALA B 930 -1.97 2.92 -29.67
CA ALA B 930 -2.69 4.19 -29.90
C ALA B 930 -2.15 5.28 -28.97
N GLY B 931 -1.01 5.02 -28.32
CA GLY B 931 -0.39 6.07 -27.50
C GLY B 931 0.85 6.61 -28.20
N TYR B 932 1.89 5.78 -28.37
CA TYR B 932 3.16 6.31 -28.93
C TYR B 932 3.04 6.52 -30.45
N LYS B 933 3.28 7.76 -30.91
CA LYS B 933 3.25 8.07 -32.33
C LYS B 933 4.57 8.70 -32.68
N VAL B 934 5.28 8.11 -33.61
CA VAL B 934 6.55 8.65 -34.06
C VAL B 934 6.27 9.82 -34.99
N LEU B 935 6.92 10.88 -34.76
CA LEU B 935 6.60 11.99 -35.65
C LEU B 935 7.62 12.06 -36.78
N PRO B 936 7.22 12.58 -37.94
CA PRO B 936 8.15 12.69 -39.05
C PRO B 936 9.26 13.67 -38.72
N PRO B 937 10.43 13.50 -39.29
CA PRO B 937 11.60 14.26 -38.85
C PRO B 937 11.85 15.59 -39.55
N LEU B 938 10.86 16.45 -39.71
CA LEU B 938 11.06 17.87 -39.98
C LEU B 938 11.74 18.16 -41.30
N MET B 939 12.26 17.14 -41.98
CA MET B 939 13.03 17.39 -43.19
C MET B 939 12.92 16.21 -44.13
N ASP B 940 12.91 16.49 -45.42
CA ASP B 940 12.93 15.41 -46.37
C ASP B 940 14.35 14.91 -46.55
N VAL B 941 14.43 13.63 -46.92
CA VAL B 941 15.70 13.03 -47.25
C VAL B 941 16.38 13.81 -48.34
N ASN B 942 15.61 14.28 -49.32
CA ASN B 942 16.18 15.06 -50.40
C ASN B 942 16.79 16.35 -49.91
N MET B 943 16.16 17.02 -48.95
CA MET B 943 16.71 18.31 -48.57
C MET B 943 17.94 18.14 -47.69
N GLU B 944 17.93 17.13 -46.83
CA GLU B 944 19.16 16.84 -46.11
C GLU B 944 20.28 16.52 -47.07
N ALA B 945 19.99 15.72 -48.09
CA ALA B 945 20.99 15.47 -49.12
C ALA B 945 21.43 16.75 -49.77
N ALA B 946 20.53 17.71 -49.90
CA ALA B 946 20.90 18.98 -50.54
C ALA B 946 21.93 19.73 -49.71
N TYR B 947 21.66 19.92 -48.41
CA TYR B 947 22.68 20.55 -47.56
C TYR B 947 24.00 19.82 -47.60
N THR B 948 23.99 18.50 -47.45
CA THR B 948 25.28 17.81 -47.45
C THR B 948 25.99 17.90 -48.78
N SER B 949 25.26 17.90 -49.90
CA SER B 949 25.91 17.97 -51.19
C SER B 949 26.46 19.35 -51.47
N SER B 950 25.75 20.40 -51.05
CA SER B 950 26.33 21.73 -51.18
C SER B 950 27.58 21.87 -50.34
N LEU B 951 27.58 21.25 -49.17
CA LEU B 951 28.79 21.25 -48.35
C LEU B 951 29.95 20.56 -49.07
N LEU B 952 29.66 19.42 -49.71
CA LEU B 952 30.66 18.77 -50.54
C LEU B 952 31.17 19.68 -51.65
N GLY B 953 30.28 20.44 -52.27
CA GLY B 953 30.71 21.35 -53.31
C GLY B 953 31.61 22.44 -52.78
N SER B 954 31.34 22.90 -51.57
CA SER B 954 32.10 23.99 -50.99
C SER B 954 33.43 23.56 -50.39
N ILE B 955 33.65 22.24 -50.24
CA ILE B 955 34.88 21.77 -49.60
C ILE B 955 36.11 22.43 -50.19
N ALA B 956 36.37 22.18 -51.47
CA ALA B 956 37.66 22.52 -52.05
C ALA B 956 37.82 24.03 -52.16
N GLY B 957 36.71 24.74 -52.32
CA GLY B 957 36.77 26.18 -52.38
C GLY B 957 37.12 26.79 -51.05
N VAL B 958 36.29 26.51 -50.03
CA VAL B 958 36.49 27.07 -48.67
C VAL B 958 37.87 26.64 -48.15
N GLY B 959 38.46 25.61 -48.74
CA GLY B 959 39.83 25.21 -48.33
C GLY B 959 40.86 26.05 -49.06
N TRP B 960 40.77 27.38 -48.95
CA TRP B 960 41.70 28.24 -49.72
C TRP B 960 42.34 29.28 -48.79
N THR B 961 42.26 30.56 -49.14
CA THR B 961 42.88 31.64 -48.33
C THR B 961 42.03 31.92 -47.09
N ALA B 962 42.61 32.62 -46.10
CA ALA B 962 41.89 32.93 -44.85
C ALA B 962 40.66 33.77 -45.17
N GLY B 963 39.54 33.50 -44.49
CA GLY B 963 38.28 34.23 -44.75
C GLY B 963 37.16 33.26 -45.10
N LEU B 964 36.36 32.87 -44.11
CA LEU B 964 35.22 31.94 -44.34
C LEU B 964 34.17 32.61 -45.23
N SER B 965 33.98 33.92 -45.08
CA SER B 965 32.89 34.62 -45.81
C SER B 965 33.03 34.51 -47.33
N SER B 966 34.25 34.63 -47.87
CA SER B 966 34.38 34.66 -49.35
C SER B 966 35.52 33.76 -49.84
N PHE B 967 35.22 32.83 -50.76
CA PHE B 967 36.30 32.00 -51.37
C PHE B 967 36.27 31.94 -52.89
N ALA B 968 36.64 30.77 -53.46
CA ALA B 968 36.78 30.67 -54.93
C ALA B 968 36.27 29.33 -55.47
N ALA B 969 36.61 29.01 -56.72
CA ALA B 969 36.22 27.72 -57.35
C ALA B 969 37.52 27.05 -57.81
N ILE B 970 38.03 26.08 -57.06
CA ILE B 970 39.34 25.47 -57.31
C ILE B 970 39.11 23.99 -57.55
N PRO B 971 39.82 23.34 -58.46
CA PRO B 971 39.66 21.90 -58.61
C PRO B 971 40.17 21.14 -57.40
N PHE B 972 39.51 20.02 -57.14
CA PHE B 972 39.77 19.26 -55.93
C PHE B 972 41.22 18.79 -55.87
N ALA B 973 41.81 18.49 -57.02
CA ALA B 973 43.21 18.00 -57.06
C ALA B 973 44.13 19.07 -56.47
N GLN B 974 44.02 20.31 -56.94
CA GLN B 974 44.90 21.40 -56.44
C GLN B 974 44.63 21.61 -54.95
N SER B 975 43.36 21.56 -54.54
CA SER B 975 43.01 21.77 -53.11
C SER B 975 43.68 20.69 -52.25
N ILE B 976 43.69 19.45 -52.72
CA ILE B 976 44.35 18.33 -51.97
C ILE B 976 45.84 18.66 -51.83
N PHE B 977 46.47 19.14 -52.91
CA PHE B 977 47.93 19.45 -52.88
C PHE B 977 48.20 20.58 -51.87
N TYR B 978 47.35 21.60 -51.85
CA TYR B 978 47.51 22.72 -50.89
C TYR B 978 47.35 22.21 -49.45
N ARG B 979 46.35 21.35 -49.20
CA ARG B 979 46.15 20.77 -47.85
C ARG B 979 47.35 19.87 -47.50
N LEU B 980 47.83 19.09 -48.46
CA LEU B 980 49.02 18.23 -48.25
C LEU B 980 50.23 19.12 -47.98
N ASN B 981 50.17 20.39 -48.38
CA ASN B 981 51.30 21.32 -48.04
C ASN B 981 50.98 22.15 -46.77
N GLY B 982 49.73 22.57 -46.56
CA GLY B 982 49.42 23.47 -45.44
C GLY B 982 49.57 22.90 -44.03
N VAL B 983 49.04 21.70 -43.77
CA VAL B 983 49.23 21.04 -42.43
C VAL B 983 50.14 19.83 -42.66
N GLY B 984 49.87 19.05 -43.70
CA GLY B 984 50.82 17.98 -44.04
C GLY B 984 52.07 18.74 -44.43
N ILE B 985 53.25 18.22 -44.14
CA ILE B 985 54.42 19.10 -44.42
C ILE B 985 55.25 18.65 -45.63
N THR B 986 54.71 17.76 -46.46
CA THR B 986 55.43 17.40 -47.72
C THR B 986 55.47 18.65 -48.61
N GLN B 987 56.64 18.98 -49.18
CA GLN B 987 56.76 20.23 -49.99
C GLN B 987 56.20 20.00 -51.40
N GLN B 988 56.30 21.01 -52.27
CA GLN B 988 55.67 20.92 -53.62
C GLN B 988 56.44 19.98 -54.55
N VAL B 989 57.77 19.91 -54.42
CA VAL B 989 58.56 19.08 -55.38
C VAL B 989 58.10 17.63 -55.22
N LEU B 990 57.87 17.19 -53.97
CA LEU B 990 57.38 15.81 -53.72
C LEU B 990 56.01 15.61 -54.35
N SER B 991 55.13 16.61 -54.25
CA SER B 991 53.79 16.52 -54.88
C SER B 991 53.93 16.42 -56.41
N GLU B 992 54.81 17.24 -57.00
CA GLU B 992 54.95 17.28 -58.47
C GLU B 992 55.93 16.18 -58.92
N ASN B 993 56.46 15.41 -57.96
CA ASN B 993 57.45 14.36 -58.31
C ASN B 993 56.78 13.33 -59.23
N GLN B 994 55.52 12.97 -58.94
CA GLN B 994 54.84 11.95 -59.79
C GLN B 994 53.34 11.87 -59.51
N LYS B 995 52.86 12.55 -58.46
CA LYS B 995 51.45 12.44 -58.02
C LYS B 995 51.33 11.05 -57.38
N LEU B 996 50.44 10.18 -57.89
CA LEU B 996 50.21 8.81 -57.33
C LEU B 996 49.68 8.89 -55.89
N ILE B 997 49.57 10.09 -55.33
CA ILE B 997 48.98 10.30 -53.97
C ILE B 997 47.49 10.03 -54.19
N ALA B 998 46.99 10.38 -55.37
CA ALA B 998 45.58 10.15 -55.73
C ALA B 998 45.25 8.65 -55.71
N ASN B 999 46.21 7.81 -56.07
CA ASN B 999 45.99 6.34 -56.07
C ASN B 999 45.84 5.84 -54.64
N LYS B 1000 46.78 6.17 -53.76
CA LYS B 1000 46.68 5.82 -52.34
C LYS B 1000 45.41 6.38 -51.74
N PHE B 1001 45.07 7.62 -52.10
CA PHE B 1001 43.80 8.20 -51.69
C PHE B 1001 42.65 7.29 -52.08
N ASN B 1002 42.66 6.82 -53.32
CA ASN B 1002 41.55 6.02 -53.82
C ASN B 1002 41.49 4.67 -53.15
N GLN B 1003 42.64 4.08 -52.80
CA GLN B 1003 42.60 2.85 -52.01
C GLN B 1003 41.94 3.08 -50.67
N ALA B 1004 42.24 4.21 -50.03
CA ALA B 1004 41.60 4.53 -48.75
C ALA B 1004 40.09 4.61 -48.91
N LEU B 1005 39.64 5.34 -49.93
CA LEU B 1005 38.19 5.47 -50.12
C LEU B 1005 37.53 4.15 -50.46
N GLY B 1006 38.16 3.32 -51.29
CA GLY B 1006 37.58 2.02 -51.58
C GLY B 1006 37.51 1.13 -50.35
N ALA B 1007 38.54 1.20 -49.51
CA ALA B 1007 38.49 0.49 -48.24
C ALA B 1007 37.24 0.84 -47.46
N MET B 1008 37.00 2.13 -47.25
CA MET B 1008 35.84 2.55 -46.41
C MET B 1008 34.54 2.05 -47.05
N GLN B 1009 34.36 2.27 -48.35
CA GLN B 1009 33.09 1.90 -49.04
C GLN B 1009 32.84 0.40 -48.99
N THR B 1010 33.88 -0.43 -49.19
CA THR B 1010 33.65 -1.91 -49.29
C THR B 1010 33.10 -2.49 -47.99
N GLY B 1011 33.70 -2.13 -46.84
CA GLY B 1011 33.30 -2.76 -45.56
C GLY B 1011 32.57 -1.83 -44.61
N PHE B 1012 31.27 -2.05 -44.43
CA PHE B 1012 30.50 -1.27 -43.42
C PHE B 1012 29.95 -2.27 -42.41
N THR B 1013 30.71 -3.34 -42.15
CA THR B 1013 30.26 -4.42 -41.22
C THR B 1013 30.34 -3.96 -39.76
N THR B 1014 29.74 -4.71 -38.85
CA THR B 1014 29.70 -4.32 -37.41
C THR B 1014 31.12 -4.16 -36.86
N THR B 1015 32.14 -4.51 -37.65
CA THR B 1015 33.55 -4.34 -37.20
C THR B 1015 33.83 -2.85 -36.97
N ASN B 1016 33.31 -1.98 -37.83
CA ASN B 1016 33.58 -0.51 -37.70
C ASN B 1016 32.98 -0.03 -36.38
N GLU B 1017 33.76 0.73 -35.60
CA GLU B 1017 33.28 1.28 -34.31
C GLU B 1017 32.15 2.27 -34.56
N ALA B 1018 32.28 3.11 -35.60
CA ALA B 1018 31.28 4.17 -35.85
C ALA B 1018 29.99 3.60 -36.44
N PHE B 1019 30.10 2.66 -37.39
CA PHE B 1019 28.89 2.00 -37.95
C PHE B 1019 28.16 1.32 -36.80
N GLN B 1020 28.92 0.68 -35.90
CA GLN B 1020 28.31 0.01 -34.72
C GLN B 1020 27.65 1.08 -33.84
N LYS B 1021 28.28 2.26 -33.72
CA LYS B 1021 27.69 3.36 -32.92
C LYS B 1021 26.37 3.81 -33.58
N VAL B 1022 26.33 3.89 -34.91
CA VAL B 1022 25.07 4.26 -35.62
C VAL B 1022 23.98 3.29 -35.20
N GLN B 1023 24.25 1.97 -35.28
CA GLN B 1023 23.27 0.99 -34.89
C GLN B 1023 22.91 1.06 -33.43
N ASP B 1024 23.85 1.45 -32.57
CA ASP B 1024 23.54 1.58 -31.17
C ASP B 1024 22.55 2.70 -30.93
N ALA B 1025 22.69 3.81 -31.65
CA ALA B 1025 21.73 4.90 -31.54
C ALA B 1025 20.33 4.46 -31.99
N VAL B 1026 20.26 3.83 -33.16
CA VAL B 1026 18.97 3.35 -33.64
C VAL B 1026 18.34 2.39 -32.65
N ASN B 1027 19.10 1.40 -32.20
CA ASN B 1027 18.58 0.46 -31.24
C ASN B 1027 18.21 1.10 -29.94
N ASN B 1028 18.92 2.16 -29.55
CA ASN B 1028 18.62 2.82 -28.28
C ASN B 1028 17.26 3.48 -28.33
N ASN B 1029 16.97 4.20 -29.40
CA ASN B 1029 15.66 4.86 -29.39
C ASN B 1029 14.54 3.86 -29.68
N ALA B 1030 14.78 2.89 -30.57
CA ALA B 1030 13.77 1.86 -30.79
C ALA B 1030 13.49 1.09 -29.53
N GLN B 1031 14.52 0.78 -28.75
CA GLN B 1031 14.34 0.11 -27.48
C GLN B 1031 13.46 0.94 -26.56
N ALA B 1032 13.91 2.16 -26.24
CA ALA B 1032 13.11 3.03 -25.40
C ALA B 1032 11.66 3.01 -25.82
N LEU B 1033 11.38 3.46 -27.03
CA LEU B 1033 10.01 3.57 -27.49
C LEU B 1033 9.26 2.26 -27.40
N SER B 1034 9.60 1.33 -28.28
CA SER B 1034 8.70 0.21 -28.44
C SER B 1034 8.72 -0.68 -27.22
N LYS B 1035 9.91 -1.06 -26.75
CA LYS B 1035 9.91 -1.96 -25.62
C LYS B 1035 9.31 -1.31 -24.39
N LEU B 1036 9.78 -0.13 -23.97
CA LEU B 1036 9.23 0.38 -22.74
C LEU B 1036 7.71 0.54 -22.83
N ALA B 1037 7.21 1.25 -23.84
CA ALA B 1037 5.78 1.50 -23.83
C ALA B 1037 4.96 0.22 -23.97
N SER B 1038 5.28 -0.64 -24.93
CA SER B 1038 4.48 -1.84 -25.12
C SER B 1038 4.59 -2.80 -23.96
N GLU B 1039 5.76 -2.87 -23.32
CA GLU B 1039 5.95 -3.76 -22.15
C GLU B 1039 5.17 -3.21 -20.94
N LEU B 1040 5.12 -1.88 -20.81
CA LEU B 1040 4.30 -1.30 -19.70
C LEU B 1040 2.85 -1.72 -19.91
N SER B 1041 2.29 -1.50 -21.09
CA SER B 1041 0.90 -1.94 -21.39
C SER B 1041 0.66 -3.38 -20.93
N ASN B 1042 -0.45 -3.62 -20.22
CA ASN B 1042 -0.84 -4.99 -19.76
C ASN B 1042 0.22 -5.62 -18.86
N THR B 1043 0.92 -4.85 -18.02
CA THR B 1043 1.90 -5.49 -17.11
C THR B 1043 1.79 -4.93 -15.69
N GLY B 1045 0.35 -3.61 -12.40
CA GLY B 1045 -1.00 -3.71 -11.81
C GLY B 1045 -1.21 -4.98 -11.02
N ALA B 1046 -1.74 -4.87 -9.80
CA ALA B 1046 -2.08 -6.01 -8.94
C ALA B 1046 -2.73 -7.10 -9.77
N ILE B 1047 -3.91 -6.83 -10.31
CA ILE B 1047 -4.35 -7.51 -11.53
C ILE B 1047 -4.18 -6.51 -12.65
N SER B 1048 -3.53 -6.98 -13.71
CA SER B 1048 -3.23 -6.16 -14.88
C SER B 1048 -3.83 -6.81 -16.12
N ALA B 1049 -5.06 -7.31 -15.97
CA ALA B 1049 -5.68 -8.10 -17.03
C ALA B 1049 -6.23 -7.19 -18.13
N SER B 1050 -5.40 -6.26 -18.57
CA SER B 1050 -5.59 -5.35 -19.70
C SER B 1050 -6.70 -4.34 -19.43
N ILE B 1051 -7.62 -4.71 -18.54
CA ILE B 1051 -8.40 -3.80 -17.70
C ILE B 1051 -8.84 -4.63 -16.51
N GLY B 1052 -8.37 -4.24 -15.31
CA GLY B 1052 -8.87 -4.94 -14.11
C GLY B 1052 -10.38 -4.94 -14.17
N ASP B 1053 -11.02 -6.10 -14.27
CA ASP B 1053 -12.49 -6.12 -14.47
C ASP B 1053 -12.78 -5.31 -15.75
N ILE B 1054 -12.37 -5.82 -16.92
CA ILE B 1054 -12.54 -5.03 -18.19
C ILE B 1054 -14.01 -4.68 -18.26
N ILE B 1055 -14.85 -5.66 -17.96
CA ILE B 1055 -16.32 -5.44 -17.91
C ILE B 1055 -16.80 -6.77 -17.33
N GLN B 1056 -15.84 -7.68 -17.10
CA GLN B 1056 -16.23 -9.03 -16.61
C GLN B 1056 -15.48 -9.50 -15.37
N ARG B 1057 -15.95 -9.16 -14.17
CA ARG B 1057 -15.36 -9.66 -12.89
C ARG B 1057 -16.21 -9.08 -11.75
N LEU B 1058 -15.89 -9.46 -10.50
CA LEU B 1058 -16.64 -9.07 -9.27
C LEU B 1058 -17.69 -7.97 -9.44
N ASP B 1059 -17.39 -6.74 -9.00
CA ASP B 1059 -18.42 -5.67 -8.98
C ASP B 1059 -17.86 -4.34 -9.47
N VAL B 1060 -18.73 -3.39 -9.79
CA VAL B 1060 -18.29 -2.03 -10.24
C VAL B 1060 -17.52 -1.34 -9.11
N LEU B 1061 -17.94 -1.52 -7.85
CA LEU B 1061 -17.27 -0.84 -6.72
C LEU B 1061 -15.82 -1.34 -6.62
N GLU B 1062 -15.59 -2.65 -6.72
CA GLU B 1062 -14.21 -3.19 -6.71
C GLU B 1062 -13.49 -2.71 -7.98
N GLN B 1063 -14.21 -2.65 -9.11
CA GLN B 1063 -13.59 -2.23 -10.39
C GLN B 1063 -12.83 -0.92 -10.19
N ASP B 1064 -13.44 0.07 -9.53
CA ASP B 1064 -12.80 1.35 -9.37
C ASP B 1064 -11.47 1.22 -8.65
N ALA B 1065 -11.39 0.36 -7.64
CA ALA B 1065 -10.14 0.21 -6.90
C ALA B 1065 -9.04 -0.38 -7.77
N GLN B 1066 -9.34 -1.49 -8.45
CA GLN B 1066 -8.31 -2.10 -9.29
C GLN B 1066 -7.91 -1.18 -10.43
N ILE B 1067 -8.87 -0.51 -11.06
CA ILE B 1067 -8.52 0.39 -12.14
C ILE B 1067 -7.72 1.58 -11.61
N ASP B 1068 -8.00 2.04 -10.38
CA ASP B 1068 -7.17 3.08 -9.80
C ASP B 1068 -5.73 2.61 -9.66
N ARG B 1069 -5.53 1.40 -9.17
CA ARG B 1069 -4.15 0.85 -9.03
C ARG B 1069 -3.48 0.79 -10.40
N LEU B 1070 -4.19 0.29 -11.41
CA LEU B 1070 -3.62 0.14 -12.75
C LEU B 1070 -3.33 1.49 -13.40
N ILE B 1071 -4.22 2.46 -13.21
CA ILE B 1071 -3.99 3.81 -13.72
C ILE B 1071 -2.77 4.43 -13.08
N ASN B 1072 -2.70 4.38 -11.75
CA ASN B 1072 -1.58 5.04 -11.03
C ASN B 1072 -0.26 4.72 -11.75
N GLY B 1073 0.10 3.45 -11.80
CA GLY B 1073 1.36 3.04 -12.44
C GLY B 1073 1.43 3.22 -13.95
N ARG B 1074 0.34 2.95 -14.68
CA ARG B 1074 0.39 3.22 -16.15
C ARG B 1074 0.86 4.67 -16.31
N LEU B 1075 0.37 5.57 -15.45
CA LEU B 1075 0.85 6.95 -15.45
C LEU B 1075 2.26 7.08 -14.91
N THR B 1076 2.61 6.29 -13.90
CA THR B 1076 3.97 6.36 -13.38
C THR B 1076 4.98 5.95 -14.44
N THR B 1077 4.69 4.90 -15.19
CA THR B 1077 5.73 4.57 -16.21
C THR B 1077 5.64 5.52 -17.40
N LEU B 1078 4.51 6.23 -17.58
CA LEU B 1078 4.53 7.23 -18.63
C LEU B 1078 5.37 8.44 -18.23
N ASN B 1079 5.27 8.87 -16.98
CA ASN B 1079 6.17 9.89 -16.44
C ASN B 1079 7.62 9.47 -16.56
N ALA B 1080 7.92 8.21 -16.27
CA ALA B 1080 9.29 7.73 -16.46
C ALA B 1080 9.75 7.88 -17.89
N PHE B 1081 8.89 7.51 -18.84
CA PHE B 1081 9.23 7.66 -20.25
C PHE B 1081 9.56 9.10 -20.59
N VAL B 1082 8.74 10.03 -20.09
CA VAL B 1082 8.97 11.43 -20.40
C VAL B 1082 10.31 11.89 -19.84
N ALA B 1083 10.63 11.49 -18.61
CA ALA B 1083 11.90 11.89 -18.01
C ALA B 1083 13.08 11.38 -18.83
N GLN B 1084 13.00 10.12 -19.26
CA GLN B 1084 14.08 9.58 -20.07
C GLN B 1084 14.19 10.30 -21.40
N GLN B 1085 13.06 10.66 -22.00
CA GLN B 1085 13.10 11.41 -23.26
C GLN B 1085 13.78 12.74 -23.07
N LEU B 1086 13.52 13.41 -21.96
CA LEU B 1086 14.19 14.67 -21.70
C LEU B 1086 15.69 14.51 -21.57
N VAL B 1087 16.14 13.47 -20.86
CA VAL B 1087 17.58 13.26 -20.70
C VAL B 1087 18.24 13.00 -22.04
N ARG B 1088 17.64 12.11 -22.84
CA ARG B 1088 18.22 11.81 -24.15
C ARG B 1088 18.23 13.02 -25.06
N SER B 1089 17.18 13.85 -25.01
CA SER B 1089 17.15 15.03 -25.85
C SER B 1089 18.24 16.00 -25.46
N GLU B 1090 18.51 16.17 -24.18
CA GLU B 1090 19.54 17.13 -23.79
C GLU B 1090 20.92 16.63 -24.18
N SER B 1091 21.18 15.33 -24.01
CA SER B 1091 22.45 14.80 -24.50
C SER B 1091 22.58 14.99 -25.99
N ALA B 1092 21.53 14.70 -26.75
CA ALA B 1092 21.56 14.91 -28.18
C ALA B 1092 21.81 16.36 -28.53
N ALA B 1093 21.30 17.31 -27.76
CA ALA B 1093 21.57 18.71 -28.07
C ALA B 1093 23.02 19.09 -27.84
N LEU B 1094 23.62 18.60 -26.76
CA LEU B 1094 25.05 18.85 -26.57
C LEU B 1094 25.86 18.29 -27.72
N SER B 1095 25.54 17.08 -28.15
CA SER B 1095 26.28 16.50 -29.26
C SER B 1095 25.96 17.16 -30.59
N ALA B 1096 24.76 17.74 -30.72
CA ALA B 1096 24.46 18.53 -31.91
C ALA B 1096 25.39 19.72 -32.00
N GLN B 1097 25.60 20.40 -30.88
CA GLN B 1097 26.58 21.47 -30.84
C GLN B 1097 27.97 20.95 -31.20
N LEU B 1098 28.31 19.76 -30.72
CA LEU B 1098 29.61 19.19 -31.06
C LEU B 1098 29.74 18.95 -32.54
N ALA B 1099 28.68 18.46 -33.19
CA ALA B 1099 28.71 18.20 -34.62
C ALA B 1099 28.82 19.49 -35.40
N LYS B 1100 28.15 20.55 -34.94
CA LYS B 1100 28.32 21.85 -35.56
C LYS B 1100 29.76 22.31 -35.50
N ASP B 1101 30.38 22.17 -34.33
CA ASP B 1101 31.81 22.55 -34.17
C ASP B 1101 32.64 21.70 -35.14
N LYS B 1102 32.30 20.42 -35.28
CA LYS B 1102 33.06 19.51 -36.19
C LYS B 1102 32.91 19.96 -37.65
N VAL B 1103 31.71 20.34 -38.07
CA VAL B 1103 31.49 20.79 -39.48
C VAL B 1103 32.32 22.04 -39.73
N ASN B 1104 32.39 22.95 -38.76
CA ASN B 1104 33.11 24.24 -38.95
C ASN B 1104 34.62 24.06 -38.73
N GLU B 1105 35.03 22.98 -38.06
CA GLU B 1105 36.47 22.79 -37.75
C GLU B 1105 37.07 21.77 -38.72
N CYS B 1106 36.87 20.47 -38.48
CA CYS B 1106 37.56 19.46 -39.33
C CYS B 1106 37.13 19.61 -40.80
N VAL B 1107 35.81 19.63 -41.08
CA VAL B 1107 35.34 19.67 -42.49
C VAL B 1107 35.72 20.99 -43.18
N LYS B 1108 35.29 22.14 -42.65
CA LYS B 1108 35.47 23.43 -43.37
C LYS B 1108 36.93 23.68 -43.76
N ALA B 1109 37.68 24.40 -42.91
CA ALA B 1109 39.12 24.62 -43.18
C ALA B 1109 39.88 23.35 -42.84
N GLN B 1110 41.11 23.19 -43.33
CA GLN B 1110 41.90 22.01 -42.91
C GLN B 1110 42.00 22.13 -41.39
N SER B 1111 41.89 21.02 -40.66
CA SER B 1111 41.84 21.14 -39.18
C SER B 1111 43.14 21.79 -38.69
N LYS B 1112 44.29 21.43 -39.26
CA LYS B 1112 45.59 21.96 -38.78
C LYS B 1112 45.57 21.88 -37.26
N ARG B 1113 44.83 20.92 -36.71
CA ARG B 1113 44.66 20.85 -35.24
C ARG B 1113 45.32 19.60 -34.67
N SER B 1114 45.97 19.71 -33.51
CA SER B 1114 46.59 18.53 -32.84
C SER B 1114 45.48 17.54 -32.48
N GLY B 1115 44.30 18.04 -32.10
CA GLY B 1115 43.14 17.19 -31.73
C GLY B 1115 43.06 15.89 -32.51
N PHE B 1116 42.74 14.79 -31.83
CA PHE B 1116 42.64 13.45 -32.45
C PHE B 1116 42.03 13.50 -33.85
N CYS B 1117 41.06 14.40 -34.10
CA CYS B 1117 40.36 14.46 -35.40
C CYS B 1117 41.21 13.95 -36.55
N GLY B 1118 40.90 12.75 -37.05
CA GLY B 1118 41.59 12.18 -38.23
C GLY B 1118 42.62 11.10 -37.96
N GLN B 1119 43.12 10.94 -36.73
CA GLN B 1119 44.22 9.97 -36.43
C GLN B 1119 45.39 10.27 -37.37
N GLY B 1120 46.44 10.93 -36.87
CA GLY B 1120 47.49 11.44 -37.79
C GLY B 1120 47.12 12.80 -38.33
N THR B 1121 47.95 13.36 -39.22
CA THR B 1121 47.69 14.73 -39.73
C THR B 1121 46.36 14.71 -40.49
N HIS B 1122 45.52 15.72 -40.25
CA HIS B 1122 44.18 15.76 -40.91
C HIS B 1122 44.32 16.47 -42.26
N ILE B 1123 43.61 15.99 -43.28
CA ILE B 1123 43.75 16.59 -44.61
C ILE B 1123 42.41 17.01 -45.16
N VAL B 1124 41.46 16.08 -45.26
CA VAL B 1124 40.12 16.39 -45.74
C VAL B 1124 39.16 15.58 -44.89
N SER B 1125 37.90 16.00 -44.86
CA SER B 1125 36.90 15.16 -44.23
C SER B 1125 35.55 15.46 -44.84
N PHE B 1126 34.78 14.41 -45.06
CA PHE B 1126 33.50 14.51 -45.73
C PHE B 1126 32.40 14.20 -44.74
N VAL B 1127 31.18 14.63 -45.04
CA VAL B 1127 30.05 14.42 -44.16
C VAL B 1127 28.95 13.80 -44.97
N VAL B 1128 28.17 12.92 -44.35
CA VAL B 1128 26.93 12.44 -44.93
C VAL B 1128 25.91 12.34 -43.82
N ASN B 1129 24.64 12.26 -44.19
CA ASN B 1129 23.58 12.01 -43.23
C ASN B 1129 23.65 10.58 -42.76
N ALA B 1130 23.25 10.36 -41.53
CA ALA B 1130 23.13 9.05 -40.94
C ALA B 1130 21.88 9.01 -40.10
N PRO B 1131 21.27 7.82 -39.80
CA PRO B 1131 19.99 7.79 -39.08
C PRO B 1131 19.92 8.72 -37.85
N ASN B 1132 19.23 9.85 -37.98
CA ASN B 1132 19.09 10.83 -36.87
C ASN B 1132 20.47 11.28 -36.39
N GLY B 1133 21.44 11.45 -37.30
CA GLY B 1133 22.81 11.80 -36.89
C GLY B 1133 23.66 12.28 -38.05
N LEU B 1134 24.86 12.78 -37.77
CA LEU B 1134 25.79 13.18 -38.86
C LEU B 1134 26.97 12.21 -38.87
N TYR B 1135 27.31 11.65 -40.04
CA TYR B 1135 28.42 10.68 -40.14
C TYR B 1135 29.64 11.40 -40.74
N PHE B 1136 30.80 11.26 -40.10
CA PHE B 1136 32.02 11.97 -40.56
C PHE B 1136 33.05 10.95 -41.06
N MET B 1137 33.76 11.29 -42.14
CA MET B 1137 34.77 10.37 -42.72
C MET B 1137 36.10 11.11 -42.88
N HIS B 1138 36.81 11.33 -41.77
CA HIS B 1138 38.09 12.10 -41.81
C HIS B 1138 39.16 11.32 -42.56
N VAL B 1139 40.07 12.02 -43.24
CA VAL B 1139 41.20 11.33 -43.92
C VAL B 1139 42.45 11.58 -43.07
N GLY B 1140 43.11 10.51 -42.61
CA GLY B 1140 44.27 10.68 -41.71
C GLY B 1140 45.57 10.17 -42.33
N TYR B 1141 46.60 11.02 -42.37
CA TYR B 1141 47.92 10.63 -42.92
C TYR B 1141 48.65 9.73 -41.92
N TYR B 1142 49.27 8.63 -42.38
CA TYR B 1142 50.06 7.76 -41.47
C TYR B 1142 51.49 7.63 -42.00
N PRO B 1143 52.53 7.92 -41.19
CA PRO B 1143 53.92 7.83 -41.65
C PRO B 1143 54.30 6.39 -42.01
N SER B 1144 53.90 5.39 -41.19
CA SER B 1144 54.13 3.95 -41.48
C SER B 1144 55.61 3.52 -41.37
N ASN B 1145 56.51 4.11 -42.18
CA ASN B 1145 57.94 3.68 -42.19
C ASN B 1145 58.81 4.88 -41.81
N HIS B 1146 59.75 4.71 -40.88
CA HIS B 1146 60.58 5.86 -40.40
C HIS B 1146 62.07 5.58 -40.58
N ILE B 1147 62.89 6.64 -40.65
CA ILE B 1147 64.38 6.49 -40.80
C ILE B 1147 65.01 7.54 -39.88
N GLU B 1148 65.97 7.14 -39.02
CA GLU B 1148 66.67 8.14 -38.16
C GLU B 1148 67.77 8.82 -38.97
N VAL B 1149 67.67 10.15 -39.17
CA VAL B 1149 68.68 10.91 -39.95
C VAL B 1149 69.28 11.99 -39.04
N VAL B 1150 70.61 12.06 -38.94
CA VAL B 1150 71.28 13.11 -38.13
C VAL B 1150 71.05 14.46 -38.81
N SER B 1151 70.65 15.49 -38.05
CA SER B 1151 70.33 16.80 -38.67
C SER B 1151 71.21 17.92 -38.11
N ALA B 1152 71.92 18.63 -38.98
CA ALA B 1152 72.72 19.79 -38.54
C ALA B 1152 71.76 20.91 -38.12
N TYR B 1153 72.08 21.57 -37.00
CA TYR B 1153 71.15 22.50 -36.32
C TYR B 1153 71.34 23.90 -36.90
N GLY B 1154 70.74 24.19 -38.07
CA GLY B 1154 70.91 25.49 -38.73
C GLY B 1154 72.21 25.56 -39.52
N LEU B 1155 72.48 26.68 -40.21
CA LEU B 1155 73.80 26.76 -40.90
C LEU B 1155 74.34 28.19 -40.72
N CYS B 1156 75.59 28.32 -40.28
CA CYS B 1156 76.23 29.65 -40.07
C CYS B 1156 77.65 29.60 -40.65
N ASP B 1157 78.28 30.75 -40.82
CA ASP B 1157 79.64 30.79 -41.42
C ASP B 1157 80.55 31.72 -40.61
N ALA B 1158 81.70 32.11 -41.17
CA ALA B 1158 82.61 33.05 -40.53
C ALA B 1158 81.85 34.26 -39.98
N ALA B 1159 81.02 34.87 -40.81
CA ALA B 1159 80.30 36.10 -40.38
C ALA B 1159 79.01 35.77 -39.63
N ASN B 1160 78.07 36.72 -39.55
CA ASN B 1160 76.82 36.51 -38.76
C ASN B 1160 75.58 36.02 -39.56
N PRO B 1161 75.55 35.83 -40.90
CA PRO B 1161 74.33 35.32 -41.56
C PRO B 1161 73.94 33.94 -41.04
N THR B 1162 72.62 33.69 -40.90
CA THR B 1162 72.14 32.41 -40.31
C THR B 1162 71.12 31.75 -41.23
N ASN B 1163 70.78 30.47 -40.99
CA ASN B 1163 69.74 29.77 -41.77
C ASN B 1163 69.00 28.78 -40.86
N CYS B 1164 67.80 29.10 -40.36
CA CYS B 1164 67.15 28.23 -39.34
C CYS B 1164 65.97 27.38 -39.85
N ILE B 1165 65.79 27.27 -41.18
CA ILE B 1165 64.70 26.44 -41.80
C ILE B 1165 63.32 27.03 -41.47
N ALA B 1166 62.59 27.47 -42.50
CA ALA B 1166 61.28 28.12 -42.26
C ALA B 1166 60.22 27.17 -41.69
N PRO B 1167 60.01 25.93 -42.20
CA PRO B 1167 58.90 25.10 -41.72
C PRO B 1167 59.02 23.93 -40.73
N VAL B 1168 59.92 22.96 -40.94
CA VAL B 1168 59.90 21.75 -40.03
C VAL B 1168 61.27 21.25 -39.55
N ASN B 1169 62.13 20.74 -40.44
CA ASN B 1169 63.39 20.10 -39.95
C ASN B 1169 64.65 20.81 -40.45
N GLY B 1170 65.73 20.73 -39.66
CA GLY B 1170 66.99 21.44 -39.99
C GLY B 1170 67.80 20.81 -41.10
N TYR B 1171 68.88 21.48 -41.52
CA TYR B 1171 69.70 21.00 -42.65
C TYR B 1171 70.16 19.56 -42.39
N PHE B 1172 70.07 18.70 -43.41
CA PHE B 1172 70.44 17.28 -43.24
C PHE B 1172 71.96 17.09 -43.28
N ILE B 1173 72.43 15.88 -42.95
CA ILE B 1173 73.89 15.60 -42.89
C ILE B 1173 74.50 15.58 -44.31
N LYS B 1174 73.78 15.08 -45.31
CA LYS B 1174 74.39 14.94 -46.67
C LYS B 1174 74.36 16.28 -47.41
N THR B 1175 75.53 16.89 -47.62
CA THR B 1175 75.65 18.16 -48.42
C THR B 1175 74.75 19.25 -47.86
N ASN B 1176 74.48 19.28 -46.55
CA ASN B 1176 73.69 20.37 -45.93
C ASN B 1176 72.37 20.53 -46.70
N ASN B 1177 71.72 19.43 -47.07
CA ASN B 1177 70.47 19.53 -47.88
C ASN B 1177 69.34 20.05 -46.99
N THR B 1178 68.58 21.05 -47.46
CA THR B 1178 67.41 21.52 -46.67
C THR B 1178 66.20 20.70 -47.10
N ARG B 1179 65.75 19.76 -46.25
CA ARG B 1179 64.64 18.88 -46.69
C ARG B 1179 63.54 18.82 -45.64
N ILE B 1180 62.28 18.94 -46.08
CA ILE B 1180 61.11 18.90 -45.16
C ILE B 1180 60.83 17.44 -44.74
N VAL B 1181 59.91 17.23 -43.79
CA VAL B 1181 59.63 15.85 -43.29
C VAL B 1181 58.72 15.09 -44.27
N ASP B 1182 59.09 13.85 -44.66
CA ASP B 1182 58.31 12.94 -45.56
C ASP B 1182 59.31 12.20 -46.45
N GLU B 1183 60.43 12.81 -46.77
CA GLU B 1183 61.43 12.22 -47.71
C GLU B 1183 62.76 12.87 -47.36
N TRP B 1184 63.88 12.45 -47.98
CA TRP B 1184 65.16 13.16 -47.72
C TRP B 1184 65.84 13.53 -49.04
N SER B 1185 66.69 14.58 -49.05
CA SER B 1185 67.47 15.01 -50.25
C SER B 1185 66.78 16.11 -51.08
N TYR B 1186 66.91 17.38 -50.68
CA TYR B 1186 66.40 18.53 -51.49
C TYR B 1186 67.47 19.63 -51.40
N THR B 1187 67.97 20.14 -52.53
CA THR B 1187 69.08 21.12 -52.48
C THR B 1187 68.48 22.47 -52.05
N GLY B 1188 69.19 23.27 -51.25
CA GLY B 1188 68.60 24.52 -50.74
C GLY B 1188 68.26 25.48 -51.86
N SER B 1189 67.04 26.03 -51.86
CA SER B 1189 66.62 26.99 -52.92
C SER B 1189 66.71 28.43 -52.40
N SER B 1190 67.09 28.61 -51.13
CA SER B 1190 67.26 29.95 -50.50
C SER B 1190 65.91 30.52 -50.05
N PHE B 1191 64.80 29.85 -50.36
CA PHE B 1191 63.49 30.28 -49.86
C PHE B 1191 63.21 29.50 -48.57
N TYR B 1192 63.79 28.30 -48.48
CA TYR B 1192 63.63 27.43 -47.28
C TYR B 1192 64.27 28.10 -46.07
N ALA B 1193 65.39 28.79 -46.25
CA ALA B 1193 66.13 29.32 -45.08
C ALA B 1193 65.82 30.80 -44.79
N PRO B 1194 65.19 31.14 -43.63
CA PRO B 1194 65.01 32.53 -43.22
C PRO B 1194 66.30 32.94 -42.52
N GLU B 1195 66.52 34.22 -42.23
CA GLU B 1195 67.75 34.57 -41.47
C GLU B 1195 67.39 35.05 -40.06
N PRO B 1196 67.48 34.20 -39.00
CA PRO B 1196 67.28 34.65 -37.62
C PRO B 1196 68.53 34.92 -36.78
N ILE B 1197 68.41 34.92 -35.45
CA ILE B 1197 69.49 35.21 -34.52
C ILE B 1197 70.43 34.01 -34.42
N THR B 1198 71.66 34.27 -34.02
CA THR B 1198 72.63 33.20 -33.84
C THR B 1198 72.38 32.44 -32.54
N SER B 1199 73.16 31.37 -32.35
CA SER B 1199 73.14 30.57 -31.12
C SER B 1199 74.41 29.75 -30.99
N LEU B 1200 74.43 28.81 -30.06
CA LEU B 1200 75.68 28.22 -29.59
C LEU B 1200 76.16 27.13 -30.54
N ASN B 1201 77.41 26.68 -30.34
CA ASN B 1201 78.16 25.76 -31.20
C ASN B 1201 78.49 26.41 -32.55
N THR B 1202 79.24 27.50 -32.46
CA THR B 1202 79.42 28.44 -33.55
C THR B 1202 79.70 27.75 -34.88
N LYS B 1203 79.26 28.42 -35.95
CA LYS B 1203 79.11 27.97 -37.34
C LYS B 1203 77.88 27.08 -37.50
N TYR B 1204 77.25 26.68 -36.40
CA TYR B 1204 75.95 26.02 -36.47
C TYR B 1204 75.10 26.52 -35.30
N VAL B 1205 73.93 27.05 -35.64
CA VAL B 1205 73.18 27.92 -34.74
C VAL B 1205 72.51 27.01 -33.72
N ALA B 1206 72.99 25.78 -33.63
CA ALA B 1206 72.83 24.90 -32.47
C ALA B 1206 72.72 25.66 -31.15
N TYR C 18 3.00 -12.04 51.38
CA TYR C 18 3.72 -10.81 51.67
C TYR C 18 5.00 -11.16 52.42
N VAL C 19 6.03 -10.32 52.30
CA VAL C 19 7.40 -10.74 52.60
C VAL C 19 7.80 -10.33 54.01
N ASP C 20 8.22 -11.33 54.78
CA ASP C 20 8.77 -11.12 56.12
C ASP C 20 10.04 -10.27 56.04
N VAL C 21 9.99 -9.07 56.60
CA VAL C 21 11.13 -8.15 56.60
C VAL C 21 11.39 -7.57 57.98
N GLY C 22 10.61 -7.97 58.97
CA GLY C 22 10.70 -7.36 60.27
C GLY C 22 9.36 -6.91 60.80
N PRO C 23 9.30 -6.59 62.09
CA PRO C 23 8.01 -6.35 62.74
C PRO C 23 7.49 -4.94 62.46
N ASP C 24 6.39 -4.61 63.14
CA ASP C 24 5.87 -3.25 63.12
C ASP C 24 6.62 -2.38 64.13
N SER C 25 6.79 -1.11 63.78
CA SER C 25 7.44 -0.17 64.69
C SER C 25 6.50 0.15 65.85
N VAL C 26 7.08 0.32 67.04
CA VAL C 26 6.32 0.40 68.27
C VAL C 26 6.29 1.81 68.84
N LYS C 27 7.02 2.75 68.25
CA LYS C 27 6.89 4.14 68.65
C LYS C 27 5.47 4.64 68.37
N SER C 28 4.99 5.53 69.23
CA SER C 28 3.62 6.00 69.18
C SER C 28 3.49 7.43 68.68
N ALA C 29 4.60 8.11 68.40
CA ALA C 29 4.59 9.47 67.89
C ALA C 29 5.87 9.71 67.11
N CYS C 30 5.78 10.49 66.05
CA CYS C 30 6.93 10.74 65.21
C CYS C 30 7.94 11.62 65.93
N ILE C 31 9.15 11.65 65.37
CA ILE C 31 10.13 12.66 65.75
C ILE C 31 9.79 13.96 65.02
N GLU C 32 9.64 15.03 65.78
CA GLU C 32 9.10 16.27 65.26
C GLU C 32 10.03 16.88 64.22
N VAL C 33 9.47 17.73 63.36
CA VAL C 33 10.13 18.18 62.13
C VAL C 33 10.23 19.70 62.12
N ASP C 34 11.41 20.21 61.75
CA ASP C 34 11.66 21.62 61.52
C ASP C 34 11.25 22.01 60.10
N ILE C 35 10.72 23.22 59.95
CA ILE C 35 10.44 23.81 58.64
C ILE C 35 11.04 25.21 58.60
N GLN C 36 12.28 25.33 58.07
CA GLN C 36 12.88 26.63 57.77
C GLN C 36 13.44 26.58 56.35
N GLN C 37 12.57 26.81 55.36
CA GLN C 37 12.99 26.62 53.98
C GLN C 37 14.06 27.61 53.57
N THR C 38 14.10 28.78 54.22
CA THR C 38 15.08 29.79 53.88
C THR C 38 16.51 29.30 54.05
N PHE C 39 16.78 28.57 55.12
CA PHE C 39 18.10 27.95 55.26
C PHE C 39 18.47 27.04 54.10
N PHE C 40 17.49 26.45 53.42
CA PHE C 40 17.76 25.56 52.29
C PHE C 40 17.59 26.25 50.94
N ASP C 41 17.01 27.44 50.92
CA ASP C 41 16.80 28.15 49.66
C ASP C 41 18.14 28.67 49.21
N LYS C 42 18.83 27.87 48.40
CA LYS C 42 20.15 28.20 47.89
C LYS C 42 20.20 28.02 46.39
N THR C 43 21.04 28.81 45.74
CA THR C 43 21.34 28.65 44.32
C THR C 43 22.71 28.00 44.21
N TRP C 44 22.72 26.75 43.76
CA TRP C 44 23.95 26.01 43.52
C TRP C 44 23.95 25.56 42.06
N PRO C 45 24.85 26.12 41.25
CA PRO C 45 24.85 25.79 39.83
C PRO C 45 25.49 24.44 39.57
N ARG C 46 24.66 23.43 39.31
CA ARG C 46 25.09 22.16 38.73
C ARG C 46 24.05 21.70 37.73
N PRO C 47 23.87 22.44 36.64
CA PRO C 47 22.89 22.02 35.64
C PRO C 47 23.39 20.82 34.84
N ILE C 48 22.47 20.13 34.19
CA ILE C 48 22.86 19.07 33.27
C ILE C 48 23.85 19.62 32.27
N ASP C 49 25.00 18.97 32.18
CA ASP C 49 25.99 19.27 31.16
C ASP C 49 26.19 17.99 30.37
N VAL C 50 25.43 17.80 29.29
CA VAL C 50 25.58 16.57 28.52
C VAL C 50 26.90 16.52 27.78
N SER C 51 27.71 17.56 27.86
N SER C 51 27.73 17.56 27.89
CA SER C 51 29.05 17.49 27.28
CA SER C 51 29.06 17.51 27.30
C SER C 51 29.99 16.68 28.15
C SER C 51 29.99 16.65 28.13
N LYS C 52 29.57 16.28 29.34
CA LYS C 52 30.26 15.29 30.12
C LYS C 52 29.29 14.21 30.59
N ALA C 53 28.29 13.92 29.77
CA ALA C 53 27.47 12.71 29.85
C ALA C 53 26.71 12.66 31.16
N ASP C 54 26.35 13.82 31.67
CA ASP C 54 25.65 13.87 32.95
C ASP C 54 24.22 13.39 32.75
N GLY C 55 23.78 12.52 33.65
CA GLY C 55 22.41 12.03 33.59
C GLY C 55 22.08 11.18 32.37
N ILE C 56 23.01 10.35 31.91
CA ILE C 56 22.80 9.52 30.73
C ILE C 56 22.45 8.11 31.19
N ILE C 57 21.33 7.60 30.71
CA ILE C 57 21.02 6.18 30.86
C ILE C 57 21.57 5.43 29.67
N TYR C 58 22.40 4.43 29.92
CA TYR C 58 23.05 3.73 28.82
C TYR C 58 21.98 3.06 27.97
N PRO C 59 22.16 2.99 26.65
CA PRO C 59 21.18 2.27 25.83
C PRO C 59 21.01 0.84 26.29
N GLN C 60 19.75 0.37 26.33
CA GLN C 60 19.42 -0.97 26.91
C GLN C 60 20.37 -2.09 26.50
N GLY C 61 20.17 -2.71 25.33
CA GLY C 61 20.97 -3.88 24.94
C GLY C 61 22.12 -3.53 24.01
N ARG C 62 22.35 -2.23 23.78
CA ARG C 62 23.38 -1.85 22.78
C ARG C 62 24.62 -1.28 23.48
N THR C 63 25.79 -1.86 23.21
CA THR C 63 27.07 -1.30 23.74
C THR C 63 27.96 -1.05 22.52
N TYR C 64 28.74 0.02 22.50
CA TYR C 64 29.46 0.32 21.22
C TYR C 64 30.96 0.55 21.41
N SER C 65 31.70 0.52 20.30
CA SER C 65 33.17 0.76 20.33
C SER C 65 33.44 2.25 20.12
N ASN C 66 34.66 2.61 19.73
CA ASN C 66 35.05 4.03 19.55
C ASN C 66 34.09 4.78 18.61
N ILE C 67 33.08 4.12 18.02
CA ILE C 67 32.19 4.87 17.14
C ILE C 67 31.43 5.94 17.92
N THR C 68 30.91 6.92 17.18
CA THR C 68 29.88 7.84 17.66
C THR C 68 28.67 7.82 16.73
N ILE C 69 27.50 7.69 17.32
CA ILE C 69 26.25 7.55 16.57
C ILE C 69 25.21 8.44 17.19
N THR C 70 24.16 8.72 16.43
CA THR C 70 22.95 9.33 16.94
C THR C 70 22.08 8.24 17.54
N TYR C 71 21.63 8.46 18.76
CA TYR C 71 20.82 7.46 19.42
C TYR C 71 19.63 8.18 20.02
N GLN C 72 18.62 7.43 20.44
CA GLN C 72 17.30 7.96 20.67
C GLN C 72 16.65 7.24 21.84
N GLY C 73 16.16 8.02 22.80
CA GLY C 73 15.59 7.43 23.99
C GLY C 73 15.25 8.50 25.00
N LEU C 74 15.10 8.07 26.26
CA LEU C 74 14.74 8.96 27.35
C LEU C 74 15.98 9.62 27.92
N PHE C 75 15.96 10.94 28.01
CA PHE C 75 17.12 11.71 28.45
C PHE C 75 16.68 12.97 29.17
N PRO C 76 17.58 13.59 29.94
CA PRO C 76 17.38 14.96 30.37
C PRO C 76 18.06 15.91 29.40
N TYR C 77 17.50 17.09 29.25
CA TYR C 77 18.05 18.00 28.26
C TYR C 77 19.02 19.03 28.83
N GLN C 78 20.01 19.37 28.00
CA GLN C 78 21.05 20.34 28.31
C GLN C 78 20.55 21.54 29.08
N GLY C 79 21.41 22.05 29.96
CA GLY C 79 21.14 23.27 30.65
C GLY C 79 19.98 23.21 31.60
N ASP C 80 19.24 22.11 31.63
CA ASP C 80 18.28 21.94 32.70
C ASP C 80 19.02 22.08 34.01
N HIS C 81 18.49 22.92 34.88
CA HIS C 81 19.23 23.24 36.08
C HIS C 81 18.58 22.54 37.27
N GLY C 82 17.48 21.85 37.01
CA GLY C 82 16.95 20.83 37.87
C GLY C 82 16.46 21.36 39.20
N ASP C 83 15.72 20.51 39.89
CA ASP C 83 15.33 20.75 41.27
C ASP C 83 16.54 20.56 42.15
N MET C 84 16.53 21.15 43.33
CA MET C 84 17.57 20.90 44.32
C MET C 84 16.91 20.52 45.64
N TYR C 85 17.60 19.69 46.41
CA TYR C 85 17.09 19.17 47.67
C TYR C 85 18.27 18.83 48.56
N VAL C 86 18.29 19.35 49.78
CA VAL C 86 19.41 19.08 50.69
C VAL C 86 18.90 18.59 52.03
N SER C 88 20.28 18.12 55.98
CA SER C 88 21.28 18.64 56.89
C SER C 88 21.12 18.01 58.26
N ALA C 89 22.09 18.29 59.14
CA ALA C 89 22.06 17.75 60.49
C ALA C 89 20.85 18.26 61.25
N GLY C 90 20.31 17.41 62.13
CA GLY C 90 19.22 17.80 62.99
C GLY C 90 19.64 18.77 64.07
N HIS C 91 18.65 19.47 64.62
CA HIS C 91 18.87 20.35 65.75
C HIS C 91 19.51 19.58 66.89
N ALA C 92 20.19 20.31 67.77
CA ALA C 92 20.85 19.63 68.88
C ALA C 92 21.00 20.58 70.05
N THR C 93 21.12 19.99 71.23
CA THR C 93 21.64 20.70 72.38
C THR C 93 23.15 20.47 72.41
N GLY C 94 23.81 20.79 73.53
CA GLY C 94 25.23 20.52 73.62
C GLY C 94 25.55 19.05 73.48
N THR C 95 24.62 18.19 73.84
CA THR C 95 24.76 16.75 73.70
C THR C 95 23.56 16.05 73.08
N THR C 96 22.35 16.61 73.21
CA THR C 96 21.15 15.92 72.77
C THR C 96 20.69 16.46 71.43
N PRO C 97 20.84 15.70 70.35
CA PRO C 97 20.29 16.13 69.06
C PRO C 97 18.77 16.15 69.08
N GLN C 98 18.19 16.95 68.20
CA GLN C 98 16.78 17.31 68.25
C GLN C 98 16.16 17.33 66.85
N LYS C 99 15.01 18.00 66.74
CA LYS C 99 14.16 17.93 65.55
C LYS C 99 14.97 18.02 64.26
N LEU C 100 14.48 17.32 63.24
CA LEU C 100 15.17 17.23 61.97
C LEU C 100 15.13 18.59 61.25
N PHE C 101 16.33 19.08 60.93
CA PHE C 101 16.49 20.40 60.32
C PHE C 101 16.32 20.23 58.82
N VAL C 102 15.07 20.28 58.34
CA VAL C 102 14.75 19.99 56.96
C VAL C 102 13.85 21.07 56.40
N ALA C 103 13.60 20.99 55.09
CA ALA C 103 12.69 21.88 54.40
C ALA C 103 11.33 21.22 54.21
N ASN C 104 10.49 21.84 53.39
CA ASN C 104 9.13 21.40 53.10
C ASN C 104 9.07 20.28 52.07
N TYR C 105 10.18 19.58 51.83
CA TYR C 105 10.28 18.71 50.66
C TYR C 105 9.07 17.79 50.50
N SER C 106 8.43 17.43 51.61
CA SER C 106 7.33 16.46 51.55
C SER C 106 6.12 16.99 50.80
N GLN C 107 6.09 18.30 50.54
CA GLN C 107 4.94 18.93 49.92
C GLN C 107 4.92 18.84 48.41
N ASP C 108 6.08 19.00 47.77
CA ASP C 108 6.16 19.25 46.34
C ASP C 108 5.85 17.97 45.58
N VAL C 109 4.57 17.63 45.55
CA VAL C 109 4.10 16.54 44.71
C VAL C 109 4.24 16.93 43.26
N LYS C 110 4.92 16.08 42.48
CA LYS C 110 5.16 16.33 41.08
C LYS C 110 4.42 15.29 40.25
N GLN C 111 4.70 15.27 38.94
CA GLN C 111 4.10 14.24 38.06
C GLN C 111 5.19 13.27 37.63
N PHE C 112 4.81 12.10 37.13
CA PHE C 112 5.81 11.08 36.70
C PHE C 112 5.47 10.68 35.27
N ALA C 113 5.63 11.63 34.34
CA ALA C 113 5.35 11.34 32.91
C ALA C 113 6.35 10.31 32.38
N ASN C 114 7.62 10.43 32.75
CA ASN C 114 8.65 9.53 32.17
C ASN C 114 9.74 9.17 33.19
N GLY C 115 9.65 9.61 34.45
CA GLY C 115 10.73 9.28 35.35
C GLY C 115 11.68 10.44 35.53
N PHE C 116 12.88 10.12 36.00
CA PHE C 116 13.85 11.16 36.28
C PHE C 116 15.19 10.55 36.63
N VAL C 117 16.22 11.38 36.65
CA VAL C 117 17.51 11.00 37.20
C VAL C 117 17.75 11.84 38.44
N VAL C 118 18.72 11.43 39.24
CA VAL C 118 19.09 12.14 40.46
C VAL C 118 20.61 12.18 40.55
N ARG C 119 21.16 13.37 40.74
CA ARG C 119 22.59 13.53 40.96
C ARG C 119 22.86 13.40 42.45
N ILE C 120 23.85 12.61 42.83
CA ILE C 120 24.09 12.26 44.22
C ILE C 120 25.53 12.59 44.58
N GLY C 121 25.72 13.22 45.74
CA GLY C 121 27.06 13.49 46.23
C GLY C 121 27.86 14.40 45.33
N ALA C 122 27.24 15.45 44.81
CA ALA C 122 27.89 16.24 43.77
C ALA C 122 29.13 16.94 44.30
N ALA C 123 29.10 17.40 45.54
CA ALA C 123 30.16 18.20 46.11
C ALA C 123 31.15 17.39 46.93
N ALA C 124 31.47 16.17 46.48
CA ALA C 124 32.31 15.26 47.25
C ALA C 124 33.64 15.88 47.62
N ASN C 125 34.20 15.42 48.74
CA ASN C 125 35.59 15.70 49.11
C ASN C 125 35.87 17.19 49.24
N SER C 126 34.83 18.00 49.44
CA SER C 126 35.06 19.43 49.36
C SER C 126 34.56 20.16 50.60
N THR C 127 35.14 21.33 50.84
CA THR C 127 34.78 22.20 51.94
C THR C 127 33.37 22.70 51.72
N GLY C 128 32.58 22.73 52.78
CA GLY C 128 31.23 23.26 52.70
C GLY C 128 30.89 24.04 53.95
N THR C 129 29.60 24.34 54.09
CA THR C 129 29.09 24.92 55.31
C THR C 129 27.89 24.11 55.81
N VAL C 130 27.68 24.16 57.13
CA VAL C 130 26.55 23.46 57.73
C VAL C 130 25.26 24.24 57.61
N ILE C 131 24.19 23.62 57.14
CA ILE C 131 22.97 24.34 56.85
C ILE C 131 22.29 24.83 58.12
N ILE C 132 22.32 24.02 59.19
CA ILE C 132 21.58 24.39 60.39
C ILE C 132 22.17 25.60 61.10
N SER C 133 23.49 25.69 61.22
CA SER C 133 24.15 26.84 61.83
C SER C 133 24.94 27.54 60.74
N PRO C 134 24.44 28.66 60.23
CA PRO C 134 25.03 29.27 59.03
C PRO C 134 26.50 29.61 59.17
N SER C 135 26.97 29.89 60.39
CA SER C 135 28.36 30.24 60.61
C SER C 135 29.26 29.03 60.81
N THR C 136 28.86 27.85 60.35
CA THR C 136 29.59 26.62 60.56
C THR C 136 30.15 26.12 59.23
N SER C 137 31.27 25.41 59.29
CA SER C 137 31.84 24.74 58.13
C SER C 137 31.92 23.26 58.37
N ALA C 138 32.13 22.52 57.29
CA ALA C 138 32.36 21.09 57.30
C ALA C 138 32.76 20.66 55.90
N THR C 139 33.67 19.69 55.83
CA THR C 139 33.97 19.10 54.54
C THR C 139 32.76 18.30 54.08
N ILE C 140 32.43 18.41 52.80
CA ILE C 140 31.15 17.92 52.31
C ILE C 140 31.19 16.40 52.20
N ARG C 141 30.18 15.75 52.76
CA ARG C 141 30.08 14.30 52.78
C ARG C 141 28.75 13.86 52.22
N LYS C 142 28.76 12.72 51.52
CA LYS C 142 27.63 12.32 50.70
C LYS C 142 26.46 11.80 51.55
N ILE C 143 25.25 11.95 51.02
CA ILE C 143 24.05 11.39 51.62
C ILE C 143 23.22 10.76 50.51
N TYR C 144 22.32 9.86 50.87
CA TYR C 144 21.49 9.29 49.81
C TYR C 144 20.02 9.63 50.03
N PRO C 145 19.28 9.89 48.96
CA PRO C 145 17.93 10.42 49.08
C PRO C 145 16.87 9.34 49.05
N ALA C 146 15.74 9.64 49.67
CA ALA C 146 14.60 8.75 49.68
C ALA C 146 13.49 9.33 48.82
N PHE C 147 12.67 8.46 48.26
CA PHE C 147 11.60 8.89 47.36
C PHE C 147 10.34 8.12 47.70
N MET C 148 9.21 8.74 47.41
CA MET C 148 7.91 8.12 47.67
C MET C 148 7.12 8.15 46.38
N LEU C 149 6.72 6.99 45.90
CA LEU C 149 6.20 6.82 44.55
C LEU C 149 4.84 6.13 44.59
N GLY C 150 3.98 6.49 43.66
CA GLY C 150 2.67 5.89 43.67
C GLY C 150 1.85 6.32 42.49
N SER C 151 0.62 5.82 42.46
CA SER C 151 -0.29 6.04 41.35
C SER C 151 -1.31 7.14 41.61
N SER C 152 -1.76 7.30 42.84
CA SER C 152 -2.75 8.32 43.15
C SER C 152 -2.35 9.03 44.44
N VAL C 153 -2.63 10.33 44.51
CA VAL C 153 -2.34 11.12 45.68
C VAL C 153 -3.62 11.76 46.21
N GLY C 154 -3.50 12.32 47.40
CA GLY C 154 -4.59 13.03 48.03
C GLY C 154 -4.03 13.80 49.20
N ASN C 155 -4.92 14.35 50.02
CA ASN C 155 -4.53 15.09 51.20
C ASN C 155 -4.41 14.13 52.38
N PHE C 156 -3.58 14.52 53.35
CA PHE C 156 -3.51 13.78 54.59
C PHE C 156 -4.64 14.20 55.52
N SER C 157 -4.50 13.82 56.79
CA SER C 157 -5.48 14.21 57.80
C SER C 157 -5.58 15.72 57.93
N ASP C 158 -4.43 16.42 57.96
CA ASP C 158 -4.42 17.87 58.02
C ASP C 158 -4.81 18.53 56.70
N GLY C 159 -4.98 17.74 55.64
CA GLY C 159 -5.30 18.27 54.32
C GLY C 159 -4.10 18.68 53.51
N LYS C 160 -2.90 18.62 54.08
CA LYS C 160 -1.70 18.93 53.31
C LYS C 160 -1.47 17.88 52.23
N MET C 161 -0.97 18.34 51.09
CA MET C 161 -0.76 17.44 49.97
C MET C 161 0.48 16.58 50.22
N GLY C 162 0.45 15.37 49.68
CA GLY C 162 1.55 14.45 49.80
C GLY C 162 1.18 13.01 50.07
N ARG C 163 -0.11 12.69 50.16
CA ARG C 163 -0.55 11.34 50.47
C ARG C 163 -0.36 10.42 49.28
N PHE C 164 -0.08 9.15 49.56
CA PHE C 164 -0.17 8.09 48.57
C PHE C 164 -1.14 7.00 49.03
N PHE C 165 -1.98 6.57 48.10
CA PHE C 165 -3.09 5.63 48.22
C PHE C 165 -2.62 4.22 47.89
N ASN C 166 -3.52 3.46 47.24
CA ASN C 166 -3.30 2.01 46.99
C ASN C 166 -1.96 1.67 46.34
N HIS C 167 -1.28 0.65 46.88
CA HIS C 167 -0.02 0.14 46.28
C HIS C 167 0.97 1.26 45.92
N THR C 168 1.80 1.64 46.89
CA THR C 168 2.81 2.66 46.66
C THR C 168 4.17 1.99 46.58
N LEU C 169 4.98 2.42 45.63
CA LEU C 169 6.38 2.09 45.65
C LEU C 169 7.05 3.11 46.57
N VAL C 170 8.04 2.67 47.33
CA VAL C 170 8.85 3.57 48.12
C VAL C 170 10.31 3.18 47.91
N LEU C 171 11.19 4.17 47.94
CA LEU C 171 12.63 3.94 47.92
C LEU C 171 13.17 4.48 49.24
N LEU C 172 14.10 3.75 49.85
CA LEU C 172 14.69 4.18 51.10
C LEU C 172 16.16 3.80 51.19
N PRO C 173 17.09 4.75 51.28
CA PRO C 173 18.45 4.41 51.68
C PRO C 173 18.51 4.15 53.17
N ASP C 174 19.70 3.75 53.64
CA ASP C 174 19.75 3.21 55.00
C ASP C 174 21.20 3.02 55.43
N GLY C 175 21.36 2.78 56.73
CA GLY C 175 22.60 2.24 57.27
C GLY C 175 23.82 3.11 57.13
N CYS C 176 23.69 4.41 57.45
CA CYS C 176 24.82 5.34 57.36
C CYS C 176 25.45 5.31 55.98
N GLY C 177 24.62 5.35 54.94
CA GLY C 177 25.11 5.33 53.58
C GLY C 177 25.84 4.07 53.20
N THR C 178 25.33 2.90 53.60
CA THR C 178 25.94 1.63 53.26
C THR C 178 24.97 0.64 52.61
N LEU C 179 23.67 0.90 52.63
CA LEU C 179 22.77 0.07 51.84
C LEU C 179 21.57 0.88 51.39
N LEU C 180 20.87 0.30 50.42
CA LEU C 180 19.67 0.87 49.83
C LEU C 180 18.58 -0.19 49.88
N ARG C 181 17.38 0.20 50.31
CA ARG C 181 16.26 -0.71 50.43
C ARG C 181 15.06 -0.12 49.72
N ALA C 182 14.34 -0.96 48.95
CA ALA C 182 13.21 -0.47 48.13
C ALA C 182 12.00 -1.39 48.31
N PHE C 183 10.79 -0.84 48.36
CA PHE C 183 9.60 -1.68 48.63
C PHE C 183 8.34 -1.20 47.89
N TYR C 184 7.44 -2.11 47.52
CA TYR C 184 6.14 -1.75 46.91
C TYR C 184 5.09 -2.10 47.96
N CYS C 185 4.42 -1.12 48.56
CA CYS C 185 3.57 -1.42 49.70
C CYS C 185 2.23 -0.74 49.51
N ILE C 186 1.29 -0.97 50.43
CA ILE C 186 0.03 -0.17 50.43
C ILE C 186 0.24 0.86 51.53
N LEU C 187 0.54 2.11 51.18
CA LEU C 187 0.87 3.08 52.25
C LEU C 187 -0.36 3.33 53.12
N GLU C 188 -0.18 3.39 54.44
CA GLU C 188 -1.28 3.70 55.38
C GLU C 188 -0.73 4.65 56.45
N PRO C 189 -1.07 5.95 56.46
CA PRO C 189 -0.46 6.91 57.40
C PRO C 189 -0.68 6.60 58.89
N ARG C 190 0.39 6.64 59.70
CA ARG C 190 0.24 6.48 61.13
C ARG C 190 -0.31 7.73 61.78
N SER C 191 -1.19 7.55 62.75
CA SER C 191 -1.74 8.66 63.52
C SER C 191 -0.80 9.15 64.62
N GLY C 192 0.48 8.79 64.57
CA GLY C 192 1.43 9.28 65.55
C GLY C 192 1.64 10.78 65.48
N ASN C 193 1.86 11.38 66.64
CA ASN C 193 2.10 12.82 66.66
C ASN C 193 3.33 13.17 65.85
N HIS C 194 3.23 14.23 65.06
CA HIS C 194 4.20 14.70 64.06
C HIS C 194 4.22 13.80 62.83
N CYS C 195 3.49 12.68 62.83
CA CYS C 195 3.30 11.82 61.67
C CYS C 195 2.18 12.42 60.83
N PRO C 196 2.10 12.10 59.53
CA PRO C 196 1.08 12.73 58.68
C PRO C 196 -0.35 12.54 59.14
N ALA C 197 -0.72 11.38 59.67
CA ALA C 197 -2.08 11.19 60.17
C ALA C 197 -2.21 11.61 61.63
N GLY C 198 -1.12 12.06 62.25
CA GLY C 198 -1.09 12.38 63.65
C GLY C 198 -1.23 13.87 63.93
N ASN C 199 -0.85 14.23 65.16
CA ASN C 199 -1.02 15.60 65.63
C ASN C 199 0.25 16.41 65.39
N SER C 200 0.03 17.73 65.22
CA SER C 200 1.11 18.68 64.97
C SER C 200 1.90 18.30 63.72
N TYR C 201 1.19 17.82 62.71
CA TYR C 201 1.85 17.31 61.52
C TYR C 201 2.46 18.45 60.71
N THR C 202 3.79 18.41 60.56
CA THR C 202 4.50 19.34 59.69
C THR C 202 5.09 18.58 58.51
N SER C 203 5.61 17.37 58.74
CA SER C 203 6.06 16.48 57.67
C SER C 203 6.30 15.11 58.26
N PHE C 204 6.43 14.12 57.39
CA PHE C 204 7.10 12.87 57.69
C PHE C 204 8.59 13.02 57.40
N ALA C 205 9.39 12.02 57.79
CA ALA C 205 10.83 12.13 57.63
C ALA C 205 11.48 10.76 57.77
N THR C 206 12.81 10.78 57.92
CA THR C 206 13.70 9.66 58.20
C THR C 206 14.92 10.18 58.95
N TYR C 207 15.71 9.26 59.51
CA TYR C 207 16.96 9.66 60.16
C TYR C 207 17.85 8.45 60.39
N HIS C 208 19.14 8.72 60.55
CA HIS C 208 20.07 7.76 61.12
C HIS C 208 20.94 8.48 62.13
N THR C 209 20.95 7.97 63.36
CA THR C 209 21.57 8.63 64.50
C THR C 209 23.05 8.30 64.55
N PRO C 210 23.93 9.27 64.33
CA PRO C 210 25.33 8.97 63.99
C PRO C 210 26.06 8.11 65.01
N ALA C 211 26.16 8.54 66.27
CA ALA C 211 27.09 7.92 67.20
C ALA C 211 26.78 6.45 67.45
N THR C 212 25.54 6.03 67.19
CA THR C 212 25.17 4.63 67.36
C THR C 212 25.04 3.87 66.05
N ASP C 213 24.41 4.48 65.03
CA ASP C 213 24.05 3.76 63.83
C ASP C 213 25.09 3.87 62.73
N CYS C 214 26.11 4.70 62.91
CA CYS C 214 27.30 4.68 62.08
C CYS C 214 28.41 3.89 62.78
N SER C 215 28.00 2.86 63.53
CA SER C 215 28.89 2.13 64.42
C SER C 215 30.13 1.65 63.69
N ASP C 216 31.29 1.95 64.29
CA ASP C 216 32.55 1.75 63.59
C ASP C 216 32.82 0.27 63.42
N GLY C 217 32.51 -0.24 62.23
CA GLY C 217 32.54 -1.66 62.00
C GLY C 217 31.32 -2.41 62.49
N ASN C 218 30.26 -1.71 62.88
CA ASN C 218 29.02 -2.38 63.24
C ASN C 218 27.82 -1.60 62.73
N TYR C 219 27.88 -1.15 61.47
CA TYR C 219 26.84 -0.29 60.93
C TYR C 219 25.46 -0.92 61.12
N ASN C 220 24.52 -0.12 61.61
CA ASN C 220 23.14 -0.57 61.70
C ASN C 220 22.63 -0.75 60.29
N ARG C 221 21.73 -1.70 60.10
CA ARG C 221 21.06 -1.84 58.81
C ARG C 221 19.57 -1.51 58.89
N ASN C 222 19.09 -1.04 60.04
CA ASN C 222 17.68 -0.74 60.21
C ASN C 222 17.45 0.64 60.80
N ALA C 223 18.50 1.46 60.88
CA ALA C 223 18.36 2.81 61.43
C ALA C 223 17.36 3.63 60.62
N SER C 224 17.69 3.93 59.38
CA SER C 224 16.82 4.74 58.54
C SER C 224 15.51 4.04 58.27
N LEU C 225 15.58 2.72 58.07
CA LEU C 225 14.39 1.94 57.80
C LEU C 225 13.37 2.10 58.92
N ASN C 226 13.79 1.85 60.16
CA ASN C 226 12.86 1.94 61.29
C ASN C 226 12.50 3.38 61.59
N SER C 227 13.43 4.31 61.34
CA SER C 227 13.08 5.71 61.53
C SER C 227 11.90 6.09 60.65
N PHE C 228 11.92 5.66 59.39
CA PHE C 228 10.73 5.84 58.55
C PHE C 228 9.53 5.06 59.05
N LYS C 229 9.75 3.81 59.47
CA LYS C 229 8.61 3.01 59.92
C LYS C 229 7.91 3.63 61.12
N GLU C 230 8.60 4.52 61.81
CA GLU C 230 7.97 5.35 62.83
C GLU C 230 6.83 6.19 62.27
N TYR C 231 6.89 6.51 60.97
CA TYR C 231 6.02 7.49 60.34
C TYR C 231 4.74 6.89 59.76
N PHE C 232 4.84 5.76 59.07
CA PHE C 232 3.74 5.17 58.31
C PHE C 232 3.58 3.68 58.60
N ASN C 233 2.63 3.08 57.90
CA ASN C 233 2.38 1.65 58.01
C ASN C 233 2.73 0.95 56.70
N LEU C 234 3.85 0.23 56.69
CA LEU C 234 4.18 -0.63 55.56
C LEU C 234 3.29 -1.86 55.53
N ARG C 235 2.37 -1.89 54.57
CA ARG C 235 1.33 -2.90 54.51
C ARG C 235 1.28 -3.47 53.10
N ASN C 236 1.10 -4.77 53.00
CA ASN C 236 1.03 -5.47 51.71
C ASN C 236 2.26 -5.18 50.86
N CYS C 237 3.42 -5.22 51.50
CA CYS C 237 4.67 -4.98 50.78
C CYS C 237 5.02 -6.19 49.94
N THR C 238 4.62 -6.16 48.67
CA THR C 238 4.79 -7.30 47.79
C THR C 238 6.24 -7.74 47.66
N PHE C 239 7.18 -6.85 48.00
CA PHE C 239 8.64 -7.18 47.90
C PHE C 239 9.51 -6.10 48.53
N MET C 240 10.46 -6.49 49.38
CA MET C 240 11.42 -5.51 49.96
C MET C 240 12.83 -6.06 49.72
N TYR C 241 13.76 -5.24 49.22
CA TYR C 241 15.10 -5.79 48.85
C TYR C 241 16.26 -5.04 49.51
N THR C 242 17.48 -5.56 49.39
CA THR C 242 18.66 -4.92 49.91
C THR C 242 19.69 -4.83 48.80
N TYR C 243 20.49 -3.79 48.84
CA TYR C 243 21.56 -3.60 47.88
C TYR C 243 22.77 -3.07 48.61
N ASN C 244 23.77 -3.92 48.75
CA ASN C 244 24.95 -3.62 49.55
C ASN C 244 25.73 -2.49 48.89
N ILE C 245 25.92 -1.40 49.63
CA ILE C 245 26.57 -0.22 49.09
C ILE C 245 27.89 -0.02 49.79
N THR C 246 28.96 0.03 49.00
CA THR C 246 30.29 0.30 49.54
C THR C 246 30.39 1.77 49.92
N GLU C 247 31.11 2.04 51.00
CA GLU C 247 31.46 3.43 51.33
C GLU C 247 32.29 4.03 50.20
N ASP C 248 31.98 5.27 49.84
CA ASP C 248 32.91 6.07 49.06
C ASP C 248 32.53 7.54 49.20
N GLU C 249 33.42 8.40 48.72
CA GLU C 249 33.16 9.80 48.45
C GLU C 249 33.35 10.12 46.97
N ILE C 250 32.77 9.29 46.12
CA ILE C 250 32.89 9.43 44.68
C ILE C 250 31.53 9.83 44.11
N LEU C 251 31.52 10.82 43.24
CA LEU C 251 30.29 11.28 42.62
C LEU C 251 29.63 10.14 41.86
N GLU C 252 28.30 10.13 41.85
CA GLU C 252 27.58 9.09 41.15
C GLU C 252 26.27 9.64 40.61
N TRP C 253 25.41 8.73 40.19
CA TRP C 253 24.11 9.04 39.61
C TRP C 253 23.12 7.94 39.93
N PHE C 254 21.86 8.30 39.92
CA PHE C 254 20.78 7.34 40.08
C PHE C 254 19.73 7.64 39.04
N GLY C 255 19.10 6.60 38.51
CA GLY C 255 18.05 6.78 37.54
C GLY C 255 16.84 5.96 37.91
N ILE C 256 15.73 6.24 37.23
CA ILE C 256 14.49 5.54 37.46
C ILE C 256 13.53 5.88 36.33
N THR C 257 12.70 4.91 35.95
CA THR C 257 11.64 5.13 34.98
C THR C 257 10.71 3.93 35.01
N GLN C 258 9.71 3.97 34.14
CA GLN C 258 8.78 2.86 34.03
C GLN C 258 8.40 2.63 32.58
N THR C 259 8.33 1.36 32.23
CA THR C 259 7.91 0.93 30.90
C THR C 259 6.88 -0.17 31.09
N ALA C 260 6.57 -0.88 30.01
CA ALA C 260 5.55 -1.92 30.07
C ALA C 260 5.89 -3.02 31.08
N GLN C 261 7.16 -3.27 31.34
CA GLN C 261 7.58 -4.40 32.15
C GLN C 261 7.48 -4.14 33.64
N GLY C 262 7.28 -2.90 34.03
CA GLY C 262 7.39 -2.49 35.41
C GLY C 262 8.32 -1.31 35.51
N VAL C 263 8.74 -1.03 36.74
CA VAL C 263 9.55 0.14 37.04
C VAL C 263 11.02 -0.26 37.08
N HIS C 264 11.85 0.50 36.41
CA HIS C 264 13.26 0.17 36.24
C HIS C 264 14.11 1.11 37.09
N LEU C 265 15.19 0.58 37.64
CA LEU C 265 16.17 1.41 38.34
C LEU C 265 17.48 1.41 37.59
N PHE C 266 18.31 2.40 37.90
CA PHE C 266 19.52 2.70 37.18
C PHE C 266 20.52 3.33 38.13
N SER C 267 21.76 2.84 38.10
CA SER C 267 22.78 3.48 38.90
C SER C 267 24.12 3.31 38.22
N SER C 268 25.02 4.24 38.53
CA SER C 268 26.36 4.20 37.99
C SER C 268 27.33 3.46 38.90
N ARG C 269 26.85 2.95 40.04
CA ARG C 269 27.76 2.44 41.05
C ARG C 269 28.57 1.27 40.52
N TYR C 270 27.90 0.31 39.89
CA TYR C 270 28.56 -0.93 39.48
C TYR C 270 29.56 -0.74 38.34
N VAL C 271 29.10 -0.35 37.16
CA VAL C 271 29.93 -0.39 35.98
C VAL C 271 30.80 0.86 35.81
N ASP C 272 30.22 2.05 35.90
CA ASP C 272 30.91 3.29 35.59
C ASP C 272 31.04 4.11 36.87
N LEU C 273 31.48 3.46 37.94
CA LEU C 273 31.56 4.13 39.23
C LEU C 273 32.32 5.44 39.13
N TYR C 274 33.44 5.45 38.42
CA TYR C 274 34.20 6.67 38.22
C TYR C 274 33.60 7.61 37.18
N GLY C 275 32.64 7.15 36.37
CA GLY C 275 32.22 7.97 35.26
C GLY C 275 30.78 8.44 35.23
N GLY C 276 29.85 7.66 35.77
CA GLY C 276 28.50 8.11 35.99
C GLY C 276 27.44 7.51 35.09
N ASN C 277 27.83 6.80 34.04
CA ASN C 277 26.84 6.20 33.16
C ASN C 277 25.98 5.21 33.94
N MET C 278 24.68 5.35 33.84
CA MET C 278 23.79 4.60 34.71
C MET C 278 23.15 3.45 33.96
N PHE C 279 23.48 2.23 34.38
CA PHE C 279 22.95 1.01 33.70
C PHE C 279 21.84 0.40 34.56
N GLN C 280 20.97 -0.41 33.95
CA GLN C 280 19.89 -1.09 34.73
C GLN C 280 20.52 -2.15 35.63
N PHE C 281 20.15 -2.18 36.91
CA PHE C 281 20.66 -3.24 37.82
C PHE C 281 19.49 -4.08 38.34
N ALA C 282 18.32 -3.45 38.52
CA ALA C 282 17.16 -4.17 39.09
C ALA C 282 15.86 -3.72 38.41
N THR C 283 14.89 -4.63 38.27
CA THR C 283 13.57 -4.24 37.72
C THR C 283 12.51 -4.57 38.78
N LEU C 284 11.65 -3.62 39.11
CA LEU C 284 10.57 -3.87 40.11
C LEU C 284 9.27 -4.10 39.33
N PRO C 285 8.52 -5.19 39.58
CA PRO C 285 7.31 -5.48 38.80
C PRO C 285 6.12 -4.67 39.33
N VAL C 286 6.16 -3.35 39.12
CA VAL C 286 5.01 -2.49 39.54
C VAL C 286 4.17 -2.23 38.28
N TYR C 287 2.95 -2.75 38.24
CA TYR C 287 2.12 -2.60 37.02
C TYR C 287 1.21 -1.37 37.13
N ASP C 288 1.24 -0.70 38.29
CA ASP C 288 0.46 0.56 38.42
C ASP C 288 1.10 1.61 37.53
N THR C 289 0.29 2.38 36.80
CA THR C 289 0.83 3.48 35.96
C THR C 289 1.18 4.66 36.86
N ILE C 290 2.43 4.72 37.36
CA ILE C 290 2.80 5.79 38.26
C ILE C 290 2.56 7.11 37.56
N LYS C 291 2.01 8.09 38.28
CA LYS C 291 1.88 9.43 37.73
C LYS C 291 2.18 10.53 38.74
N TYR C 292 2.52 10.20 39.98
CA TYR C 292 2.89 11.20 40.96
C TYR C 292 4.16 10.74 41.67
N TYR C 293 4.90 11.69 42.20
CA TYR C 293 6.04 11.35 43.03
C TYR C 293 6.39 12.51 43.94
N SER C 294 6.88 12.18 45.12
CA SER C 294 7.34 13.16 46.08
C SER C 294 8.64 12.67 46.70
N ILE C 295 9.08 13.36 47.74
CA ILE C 295 10.40 13.12 48.31
C ILE C 295 10.28 12.98 49.81
N ILE C 296 11.08 12.10 50.39
CA ILE C 296 11.10 11.89 51.84
C ILE C 296 12.28 12.59 52.48
N PRO C 297 12.06 13.44 53.46
CA PRO C 297 13.18 14.21 54.03
C PRO C 297 13.92 13.45 55.12
N HIS C 298 15.20 13.79 55.26
CA HIS C 298 16.17 13.12 56.11
C HIS C 298 17.01 14.18 56.81
N SER C 299 17.32 13.93 58.08
CA SER C 299 18.24 14.80 58.79
C SER C 299 19.00 13.99 59.83
N ILE C 300 20.31 14.18 59.83
CA ILE C 300 21.24 13.35 60.59
C ILE C 300 21.33 13.93 62.00
N ARG C 301 20.86 13.16 62.98
CA ARG C 301 20.62 13.63 64.35
C ARG C 301 21.94 13.67 65.12
N SER C 302 22.86 14.51 64.65
CA SER C 302 24.17 14.58 65.24
C SER C 302 24.22 15.68 66.31
N ILE C 303 25.17 15.54 67.24
CA ILE C 303 25.38 16.55 68.26
C ILE C 303 26.02 17.76 67.59
N GLN C 304 26.06 18.88 68.32
CA GLN C 304 26.51 20.15 67.72
C GLN C 304 27.95 20.07 67.24
N SER C 305 28.74 19.16 67.81
CA SER C 305 30.11 18.99 67.33
C SER C 305 30.23 17.91 66.27
N ASP C 306 29.14 17.20 65.95
CA ASP C 306 29.13 16.20 64.90
C ASP C 306 28.38 16.65 63.65
N ARG C 307 28.27 17.95 63.43
CA ARG C 307 27.47 18.44 62.31
C ARG C 307 28.35 18.57 61.07
N LYS C 308 28.03 17.80 60.02
CA LYS C 308 28.86 17.67 58.83
C LYS C 308 28.18 18.32 57.62
N ALA C 309 28.88 18.29 56.50
CA ALA C 309 28.41 18.92 55.27
C ALA C 309 27.93 17.87 54.28
N TRP C 310 26.71 18.07 53.78
CA TRP C 310 26.03 17.09 52.95
C TRP C 310 25.84 17.68 51.56
N ALA C 311 26.13 16.90 50.53
CA ALA C 311 25.92 17.40 49.17
C ALA C 311 24.43 17.46 48.87
N ALA C 312 24.07 18.27 47.88
CA ALA C 312 22.69 18.28 47.42
C ALA C 312 22.41 17.06 46.57
N PHE C 313 21.14 16.69 46.49
CA PHE C 313 20.72 15.78 45.44
C PHE C 313 19.69 16.48 44.56
N TYR C 314 20.02 16.55 43.28
CA TYR C 314 19.21 17.27 42.31
C TYR C 314 18.42 16.24 41.53
N VAL C 315 17.17 16.56 41.23
CA VAL C 315 16.29 15.67 40.48
C VAL C 315 15.96 16.34 39.16
N TYR C 316 16.28 15.67 38.06
CA TYR C 316 16.07 16.21 36.72
C TYR C 316 15.08 15.34 35.98
N LYS C 317 14.08 15.96 35.36
CA LYS C 317 13.01 15.19 34.68
C LYS C 317 13.54 14.48 33.42
N LEU C 318 12.99 13.31 33.09
CA LEU C 318 13.39 12.60 31.85
C LEU C 318 12.38 12.95 30.75
N GLN C 319 12.86 13.27 29.55
CA GLN C 319 11.96 13.60 28.41
C GLN C 319 12.38 12.75 27.21
N PRO C 320 11.46 12.27 26.35
CA PRO C 320 11.87 11.54 25.14
C PRO C 320 12.69 12.53 24.30
N LEU C 321 13.87 12.12 23.83
CA LEU C 321 14.76 13.07 23.11
C LEU C 321 15.68 12.31 22.16
N THR C 322 16.41 13.04 21.32
CA THR C 322 17.40 12.42 20.46
C THR C 322 18.74 13.05 20.79
N PHE C 323 19.71 12.24 21.20
CA PHE C 323 21.06 12.68 21.44
C PHE C 323 21.96 12.11 20.36
N LEU C 324 23.28 12.39 20.57
CA LEU C 324 24.36 11.84 19.72
C LEU C 324 25.41 11.36 20.74
N LEU C 325 25.50 10.05 21.05
CA LEU C 325 26.34 9.55 22.12
C LEU C 325 27.69 9.20 21.54
N ASP C 326 28.74 9.47 22.29
CA ASP C 326 30.10 9.23 21.81
C ASP C 326 30.73 8.12 22.64
N PHE C 327 30.47 6.87 22.25
CA PHE C 327 31.01 5.73 22.95
C PHE C 327 32.52 5.69 22.82
N SER C 328 33.19 5.45 23.95
CA SER C 328 34.64 5.39 23.96
C SER C 328 35.08 3.99 23.55
N VAL C 329 36.40 3.81 23.39
CA VAL C 329 36.91 2.48 23.06
C VAL C 329 36.46 1.49 24.10
N ASP C 330 36.66 1.80 25.37
CA ASP C 330 36.14 0.95 26.42
C ASP C 330 34.63 1.00 26.54
N GLY C 331 33.93 1.69 25.65
CA GLY C 331 32.50 1.59 25.53
C GLY C 331 31.69 2.47 26.45
N TYR C 332 32.32 3.38 27.19
CA TYR C 332 31.55 4.28 28.02
C TYR C 332 31.26 5.57 27.28
N ILE C 333 30.13 6.17 27.60
CA ILE C 333 29.75 7.47 27.07
C ILE C 333 30.43 8.54 27.89
N ARG C 334 31.29 9.31 27.27
CA ARG C 334 31.91 10.45 27.92
C ARG C 334 31.31 11.78 27.45
N ARG C 335 30.86 11.87 26.21
CA ARG C 335 30.39 13.11 25.61
C ARG C 335 29.03 12.88 24.99
N ALA C 336 28.26 13.96 24.85
CA ALA C 336 26.98 13.89 24.16
C ALA C 336 26.59 15.28 23.71
N ILE C 337 25.53 15.34 22.91
CA ILE C 337 24.91 16.59 22.50
C ILE C 337 23.41 16.40 22.55
N ASP C 338 22.69 17.46 22.94
CA ASP C 338 21.26 17.32 23.21
C ASP C 338 20.44 17.41 21.93
N CYS C 339 21.06 17.82 20.83
CA CYS C 339 20.42 17.98 19.52
C CYS C 339 19.32 19.03 19.54
N GLY C 340 19.09 19.69 20.67
CA GLY C 340 18.00 20.64 20.74
C GLY C 340 18.30 21.95 21.45
N PHE C 341 19.40 21.97 22.19
CA PHE C 341 19.75 23.19 22.98
C PHE C 341 19.87 24.38 22.03
N ASN C 342 20.42 24.17 20.84
CA ASN C 342 20.63 25.33 19.92
C ASN C 342 20.79 24.87 18.47
N ASP C 343 21.32 25.74 17.62
CA ASP C 343 21.54 25.46 16.21
C ASP C 343 22.84 24.72 15.97
N LEU C 344 23.89 25.04 16.72
CA LEU C 344 25.13 24.27 16.58
C LEU C 344 24.92 22.83 16.99
N SER C 345 24.07 22.60 17.99
CA SER C 345 23.71 21.24 18.33
C SER C 345 22.98 20.57 17.18
N GLN C 346 22.04 21.29 16.56
CA GLN C 346 21.35 20.74 15.40
C GLN C 346 22.33 20.30 14.31
N LEU C 347 23.31 21.15 14.00
CA LEU C 347 24.28 20.81 12.97
C LEU C 347 25.13 19.62 13.36
N HIS C 348 25.64 19.61 14.59
CA HIS C 348 26.44 18.48 15.02
C HIS C 348 25.62 17.20 14.93
N CYS C 349 24.38 17.25 15.39
CA CYS C 349 23.54 16.07 15.42
C CYS C 349 23.09 15.67 14.02
N SER C 350 23.14 16.60 13.07
CA SER C 350 22.87 16.26 11.68
C SER C 350 24.05 15.57 11.04
N TYR C 351 25.22 16.20 11.10
CA TYR C 351 26.41 15.59 10.54
C TYR C 351 26.89 14.39 11.33
N GLU C 352 26.26 14.10 12.46
CA GLU C 352 26.55 12.95 13.30
C GLU C 352 28.01 12.99 13.72
N SER C 353 28.51 14.20 13.92
CA SER C 353 29.89 14.38 14.33
C SER C 353 29.95 15.27 15.55
N PHE C 354 31.17 15.52 16.02
CA PHE C 354 31.36 16.62 16.96
C PHE C 354 32.13 17.76 16.33
N ASP C 355 32.78 17.52 15.20
CA ASP C 355 33.53 18.53 14.47
C ASP C 355 32.84 18.76 13.14
N VAL C 356 32.36 19.98 12.92
CA VAL C 356 31.74 20.40 11.67
C VAL C 356 32.54 21.57 11.13
N GLU C 357 32.57 21.71 9.81
CA GLU C 357 33.44 22.72 9.23
C GLU C 357 32.83 24.11 9.31
N SER C 358 33.61 25.07 8.84
CA SER C 358 33.24 26.47 8.93
C SER C 358 32.40 26.86 7.71
N GLY C 359 31.21 27.42 7.96
CA GLY C 359 30.34 27.86 6.85
C GLY C 359 29.01 28.41 7.34
N VAL C 360 28.07 28.63 6.42
CA VAL C 360 26.71 29.16 6.79
C VAL C 360 25.68 28.05 6.57
N TYR C 361 24.93 27.69 7.62
CA TYR C 361 23.95 26.57 7.52
C TYR C 361 22.56 27.04 7.94
N SER C 362 21.53 26.73 7.15
CA SER C 362 20.13 27.15 7.46
C SER C 362 19.56 26.36 8.65
N VAL C 363 18.63 26.96 9.41
CA VAL C 363 18.01 26.27 10.58
C VAL C 363 16.48 26.46 10.50
N SER C 364 15.71 25.63 11.21
CA SER C 364 14.23 25.70 11.15
C SER C 364 13.75 27.11 11.49
N SER C 365 13.03 27.75 10.57
CA SER C 365 12.53 29.14 10.77
C SER C 365 11.53 29.21 11.92
N PHE C 366 11.58 30.29 12.70
CA PHE C 366 10.63 30.49 13.82
C PHE C 366 9.23 30.75 13.25
N GLU C 367 8.18 30.22 13.89
CA GLU C 367 6.78 30.45 13.43
C GLU C 367 6.06 31.33 14.46
N ALA C 368 5.09 32.15 14.03
CA ALA C 368 4.45 33.10 14.99
C ALA C 368 3.47 32.36 15.92
N LYS C 369 3.41 32.77 17.18
CA LYS C 369 2.50 32.12 18.17
C LYS C 369 1.04 32.49 17.86
N PRO C 370 0.09 31.52 17.88
CA PRO C 370 -1.33 31.83 17.69
C PRO C 370 -1.96 32.54 18.90
N SER C 371 -2.82 33.55 18.66
CA SER C 371 -3.51 34.26 19.77
C SER C 371 -4.78 34.93 19.26
N GLY C 372 -5.72 35.25 20.16
CA GLY C 372 -6.92 36.01 19.74
C GLY C 372 -7.64 35.40 18.55
N SER C 373 -7.94 34.10 18.60
CA SER C 373 -8.56 33.42 17.43
C SER C 373 -9.92 34.09 17.13
N VAL C 374 -10.23 34.28 15.84
CA VAL C 374 -11.48 35.00 15.47
C VAL C 374 -12.59 33.99 15.17
N VAL C 375 -13.74 34.12 15.84
CA VAL C 375 -14.89 33.19 15.61
C VAL C 375 -16.05 33.96 15.00
N GLU C 376 -16.43 33.62 13.76
CA GLU C 376 -17.55 34.25 13.08
C GLU C 376 -18.53 33.17 12.69
N GLN C 377 -19.65 33.12 13.38
CA GLN C 377 -20.67 32.14 13.08
C GLN C 377 -22.03 32.79 13.16
N GLU C 382 -31.23 34.83 19.23
CA GLU C 382 -32.34 35.77 19.51
C GLU C 382 -33.65 35.02 19.73
N CYS C 383 -33.84 34.44 20.92
CA CYS C 383 -35.16 33.83 21.25
C CYS C 383 -36.11 35.00 21.47
N ASP C 384 -36.95 35.31 20.48
CA ASP C 384 -37.78 36.54 20.60
C ASP C 384 -38.73 36.46 21.79
N PHE C 385 -38.81 37.53 22.58
CA PHE C 385 -39.79 37.58 23.71
C PHE C 385 -40.95 38.45 23.25
N SER C 386 -40.96 38.83 21.97
CA SER C 386 -42.04 39.68 21.41
C SER C 386 -43.44 39.13 21.74
N PRO C 387 -43.79 37.82 21.57
CA PRO C 387 -45.16 37.39 21.92
C PRO C 387 -45.42 37.70 23.41
N LEU C 388 -44.43 37.48 24.26
CA LEU C 388 -44.57 37.82 25.71
C LEU C 388 -44.74 39.34 25.85
N LEU C 389 -43.97 40.12 25.08
CA LEU C 389 -44.03 41.61 25.17
C LEU C 389 -45.41 42.11 24.76
N SER C 390 -46.02 41.51 23.73
CA SER C 390 -47.34 41.97 23.22
C SER C 390 -48.49 41.23 23.90
N GLY C 391 -49.73 41.71 23.74
CA GLY C 391 -50.90 40.99 24.27
C GLY C 391 -51.26 41.33 25.70
N THR C 392 -52.23 40.60 26.28
CA THR C 392 -52.67 40.84 27.68
C THR C 392 -52.50 39.52 28.44
N PRO C 393 -51.93 39.49 29.67
CA PRO C 393 -51.65 38.23 30.36
C PRO C 393 -52.91 37.39 30.63
N PRO C 394 -52.88 36.07 30.35
CA PRO C 394 -54.01 35.18 30.63
C PRO C 394 -54.00 34.77 32.11
N GLN C 395 -55.06 34.10 32.58
CA GLN C 395 -55.17 33.73 34.02
C GLN C 395 -54.16 32.62 34.36
N VAL C 396 -53.94 32.39 35.66
CA VAL C 396 -52.95 31.36 36.11
C VAL C 396 -53.30 30.01 35.48
N TYR C 397 -54.59 29.71 35.36
CA TYR C 397 -55.02 28.42 34.74
C TYR C 397 -54.84 28.47 33.21
N ASN C 398 -54.61 29.65 32.65
CA ASN C 398 -54.36 29.81 31.18
C ASN C 398 -52.89 30.13 30.91
N PHE C 399 -52.01 29.97 31.91
CA PHE C 399 -50.56 30.31 31.79
C PHE C 399 -50.02 30.29 30.34
N LYS C 400 -49.78 31.46 29.75
CA LYS C 400 -49.28 31.51 28.34
C LYS C 400 -47.94 30.80 28.29
N ARG C 401 -47.72 29.93 27.30
CA ARG C 401 -46.47 29.14 27.27
C ARG C 401 -45.67 29.43 25.99
N LEU C 402 -44.38 29.78 26.14
CA LEU C 402 -43.51 30.00 24.96
C LEU C 402 -42.32 29.05 25.07
N VAL C 403 -42.03 28.29 24.00
CA VAL C 403 -40.91 27.31 24.02
C VAL C 403 -39.82 27.80 23.07
N PHE C 404 -38.57 27.88 23.54
CA PHE C 404 -37.47 28.43 22.70
C PHE C 404 -36.47 27.31 22.41
N THR C 405 -36.20 27.03 21.13
CA THR C 405 -35.30 25.90 20.77
C THR C 405 -34.16 26.36 19.87
N ASN C 406 -32.92 25.95 20.17
CA ASN C 406 -31.75 26.27 19.31
C ASN C 406 -31.64 27.79 19.07
N CYS C 407 -31.86 28.60 20.10
CA CYS C 407 -31.68 30.06 19.95
C CYS C 407 -30.80 30.64 21.07
N ASN C 408 -29.84 31.50 20.72
CA ASN C 408 -29.03 32.19 21.75
C ASN C 408 -29.92 33.28 22.37
N TYR C 409 -29.61 33.74 23.58
CA TYR C 409 -30.56 34.69 24.23
C TYR C 409 -29.89 35.70 25.16
N ASN C 410 -30.70 36.49 25.87
CA ASN C 410 -30.22 37.43 26.86
C ASN C 410 -31.40 37.69 27.79
N LEU C 411 -31.62 36.77 28.73
CA LEU C 411 -32.80 36.81 29.57
C LEU C 411 -32.92 38.12 30.30
N THR C 412 -31.77 38.80 30.48
CA THR C 412 -31.74 40.06 31.25
C THR C 412 -32.60 41.13 30.56
N LYS C 413 -32.78 41.03 29.24
CA LYS C 413 -33.52 42.10 28.52
C LYS C 413 -34.96 42.16 29.03
N LEU C 414 -35.62 41.01 29.20
CA LEU C 414 -36.99 41.00 29.79
C LEU C 414 -36.91 41.45 31.25
N LEU C 415 -35.97 40.95 32.02
CA LEU C 415 -35.95 41.29 33.47
C LEU C 415 -35.67 42.78 33.70
N SER C 416 -34.75 43.37 32.92
CA SER C 416 -34.40 44.81 33.11
C SER C 416 -35.64 45.65 32.86
N LEU C 417 -36.44 45.27 31.86
CA LEU C 417 -37.71 46.00 31.56
C LEU C 417 -38.65 45.89 32.76
N PHE C 418 -38.71 44.83 33.46
CA PHE C 418 -39.65 44.66 34.60
C PHE C 418 -38.94 45.00 35.92
N SER C 419 -39.68 44.94 37.03
CA SER C 419 -39.06 45.14 38.38
C SER C 419 -39.26 43.82 39.12
N VAL C 420 -38.21 43.00 39.23
CA VAL C 420 -38.38 41.63 39.80
C VAL C 420 -38.43 41.69 41.32
N ASN C 421 -39.33 40.89 41.94
CA ASN C 421 -39.50 40.95 43.41
C ASN C 421 -39.27 39.56 44.02
N ASP C 422 -39.21 38.52 43.18
CA ASP C 422 -38.90 37.16 43.69
C ASP C 422 -38.22 36.34 42.59
N PHE C 423 -37.20 35.56 42.96
CA PHE C 423 -36.51 34.69 41.97
C PHE C 423 -36.01 33.42 42.68
N THR C 424 -36.81 32.36 42.64
CA THR C 424 -36.45 31.09 43.33
C THR C 424 -36.03 30.06 42.27
N CYS C 425 -34.81 29.55 42.37
CA CYS C 425 -34.31 28.53 41.40
C CYS C 425 -34.15 27.19 42.12
N SER C 426 -35.01 26.22 41.80
CA SER C 426 -34.97 24.92 42.52
C SER C 426 -33.92 24.01 41.90
N GLN C 427 -33.02 23.43 42.72
CA GLN C 427 -32.01 22.44 42.23
C GLN C 427 -30.93 23.14 41.40
N ILE C 428 -30.85 24.48 41.44
CA ILE C 428 -29.86 25.20 40.58
C ILE C 428 -29.54 26.57 41.19
N SER C 429 -28.39 27.15 40.83
CA SER C 429 -27.99 28.50 41.33
C SER C 429 -28.86 29.58 40.67
N PRO C 430 -29.18 30.75 41.31
CA PRO C 430 -29.92 31.81 40.62
C PRO C 430 -29.44 32.07 39.19
N ALA C 431 -28.14 32.32 39.00
CA ALA C 431 -27.62 32.67 37.66
C ALA C 431 -27.10 31.44 36.91
N ALA C 432 -27.12 30.25 37.52
CA ALA C 432 -26.52 29.09 36.83
C ALA C 432 -27.29 28.83 35.53
N ILE C 433 -28.62 28.99 35.57
CA ILE C 433 -29.45 28.77 34.35
C ILE C 433 -29.03 29.76 33.26
N ALA C 434 -28.75 31.01 33.63
CA ALA C 434 -28.36 32.03 32.64
C ALA C 434 -26.90 31.83 32.21
N SER C 435 -26.01 31.51 33.16
CA SER C 435 -24.56 31.35 32.85
C SER C 435 -24.30 30.11 31.99
N ASN C 436 -24.86 28.96 32.38
CA ASN C 436 -24.65 27.71 31.59
C ASN C 436 -25.75 27.65 30.52
N CYS C 437 -25.57 26.87 29.45
CA CYS C 437 -26.59 26.90 28.37
C CYS C 437 -27.10 25.48 28.05
N TYR C 438 -28.40 25.31 27.77
CA TYR C 438 -28.96 23.93 27.69
C TYR C 438 -29.71 23.52 26.41
N SER C 439 -30.34 22.34 26.36
CA SER C 439 -30.98 21.89 25.10
C SER C 439 -32.11 22.84 24.67
N SER C 440 -33.06 23.10 25.57
CA SER C 440 -34.19 24.02 25.24
C SER C 440 -34.63 24.80 26.50
N LEU C 441 -35.23 25.98 26.31
CA LEU C 441 -35.74 26.78 27.45
C LEU C 441 -37.24 27.01 27.25
N ILE C 442 -38.04 26.78 28.30
CA ILE C 442 -39.51 27.04 28.21
C ILE C 442 -39.85 28.19 29.17
N LEU C 443 -40.55 29.22 28.69
CA LEU C 443 -40.95 30.37 29.55
C LEU C 443 -42.47 30.49 29.59
N ASP C 444 -43.06 30.59 30.79
CA ASP C 444 -44.53 30.74 30.91
C ASP C 444 -44.84 32.10 31.54
N TYR C 445 -45.91 32.77 31.12
CA TYR C 445 -46.32 34.04 31.77
C TYR C 445 -47.83 34.00 32.04
N PHE C 446 -48.25 34.35 33.26
CA PHE C 446 -49.69 34.23 33.62
C PHE C 446 -50.10 35.38 34.56
N SER C 447 -51.40 35.63 34.69
CA SER C 447 -51.88 36.67 35.63
C SER C 447 -51.98 36.05 37.02
N TYR C 448 -50.90 36.15 37.80
CA TYR C 448 -50.88 35.52 39.15
C TYR C 448 -50.57 36.57 40.21
N PRO C 449 -51.37 36.73 41.29
CA PRO C 449 -51.06 37.70 42.35
C PRO C 449 -49.74 37.44 43.09
N LEU C 450 -48.90 38.61 43.13
CA LEU C 450 -47.65 38.54 43.92
C LEU C 450 -48.02 38.27 45.38
N SER C 451 -49.14 38.68 45.83
CA SER C 451 -49.58 38.61 47.25
C SER C 451 -49.67 37.14 47.69
N MET C 452 -50.14 36.26 46.81
CA MET C 452 -50.16 34.81 47.17
C MET C 452 -48.78 34.22 46.89
N LYS C 453 -47.74 34.76 47.53
CA LYS C 453 -46.36 34.23 47.38
C LYS C 453 -46.30 32.82 47.97
N SER C 454 -46.95 32.61 49.11
CA SER C 454 -46.96 31.28 49.79
C SER C 454 -47.64 30.24 48.89
N ASP C 455 -48.71 30.63 48.19
CA ASP C 455 -49.48 29.68 47.35
C ASP C 455 -48.56 29.12 46.26
N LEU C 456 -47.69 29.97 45.68
CA LEU C 456 -46.72 29.47 44.67
C LEU C 456 -45.48 28.91 45.39
N SER C 457 -45.31 27.60 45.36
CA SER C 457 -44.14 26.96 46.02
C SER C 457 -43.80 25.66 45.28
N VAL C 458 -42.58 25.16 45.42
CA VAL C 458 -42.24 23.84 44.80
C VAL C 458 -43.16 22.79 45.42
N SER C 459 -43.35 22.85 46.75
CA SER C 459 -44.33 21.93 47.41
C SER C 459 -45.28 22.77 48.26
N SER C 460 -46.59 22.69 48.01
CA SER C 460 -47.58 23.41 48.84
C SER C 460 -48.94 22.71 48.76
N ALA C 461 -49.80 22.92 49.78
CA ALA C 461 -51.16 22.35 49.73
C ALA C 461 -52.10 23.40 49.12
N GLY C 462 -51.52 24.48 48.58
CA GLY C 462 -52.32 25.56 47.97
C GLY C 462 -53.05 25.11 46.71
N PRO C 463 -54.16 25.76 46.33
CA PRO C 463 -54.95 25.31 45.17
C PRO C 463 -54.20 25.29 43.83
N ILE C 464 -53.38 26.30 43.55
CA ILE C 464 -52.72 26.34 42.21
C ILE C 464 -51.92 25.05 42.02
N SER C 465 -51.14 24.63 43.02
CA SER C 465 -50.27 23.44 42.83
C SER C 465 -51.13 22.29 42.33
N GLN C 466 -52.22 22.01 43.03
CA GLN C 466 -53.12 20.90 42.64
C GLN C 466 -53.81 21.16 41.30
N PHE C 467 -54.29 22.39 41.05
CA PHE C 467 -55.10 22.60 39.82
C PHE C 467 -54.57 23.67 38.84
N ASN C 468 -54.30 24.89 39.30
CA ASN C 468 -53.94 25.97 38.34
C ASN C 468 -52.61 25.74 37.61
N TYR C 469 -51.53 25.37 38.32
CA TYR C 469 -50.22 25.25 37.64
C TYR C 469 -49.29 24.32 38.42
N LYS C 470 -48.34 23.68 37.72
CA LYS C 470 -47.34 22.81 38.41
C LYS C 470 -46.06 22.77 37.56
N GLN C 471 -44.94 22.38 38.17
CA GLN C 471 -43.64 22.29 37.42
C GLN C 471 -43.01 20.91 37.68
N SER C 472 -42.28 20.39 36.70
CA SER C 472 -41.69 19.02 36.85
C SER C 472 -40.62 19.03 37.95
N PHE C 473 -40.72 18.10 38.89
CA PHE C 473 -39.75 18.03 40.02
C PHE C 473 -38.36 17.64 39.51
N SER C 474 -38.28 16.67 38.58
CA SER C 474 -36.94 16.16 38.14
C SER C 474 -36.13 17.27 37.45
N ASN C 475 -36.77 18.05 36.58
CA ASN C 475 -36.06 19.14 35.86
C ASN C 475 -35.86 20.33 36.80
N PRO C 476 -34.72 21.04 36.76
CA PRO C 476 -34.55 22.24 37.59
C PRO C 476 -35.58 23.28 37.13
N THR C 477 -36.28 23.90 38.08
CA THR C 477 -37.35 24.87 37.72
C THR C 477 -37.12 26.21 38.43
N CYS C 478 -37.18 27.31 37.70
CA CYS C 478 -37.01 28.66 38.30
C CYS C 478 -38.28 29.46 38.13
N LEU C 479 -38.77 30.11 39.20
CA LEU C 479 -40.00 30.94 39.13
C LEU C 479 -39.64 32.41 39.37
N ILE C 480 -40.06 33.29 38.45
CA ILE C 480 -39.81 34.76 38.64
C ILE C 480 -41.13 35.44 38.98
N LEU C 481 -41.11 36.40 39.90
CA LEU C 481 -42.34 37.18 40.20
C LEU C 481 -42.03 38.64 39.86
N ALA C 482 -42.02 38.98 38.57
CA ALA C 482 -41.62 40.34 38.15
C ALA C 482 -42.86 41.24 37.99
N THR C 483 -42.65 42.55 37.91
CA THR C 483 -43.78 43.52 37.80
C THR C 483 -43.43 44.58 36.76
N VAL C 484 -44.32 44.82 35.78
CA VAL C 484 -44.06 45.78 34.67
C VAL C 484 -44.07 47.19 35.29
N PRO C 485 -43.21 48.14 34.88
CA PRO C 485 -43.26 49.51 35.40
C PRO C 485 -44.56 50.25 35.08
N HIS C 486 -45.24 49.89 33.98
CA HIS C 486 -46.49 50.55 33.50
C HIS C 486 -46.10 51.71 32.58
N ASN C 487 -44.80 52.01 32.48
CA ASN C 487 -44.34 53.03 31.52
C ASN C 487 -44.64 52.49 30.12
N LEU C 488 -44.40 51.19 29.91
CA LEU C 488 -44.71 50.55 28.61
C LEU C 488 -46.24 50.43 28.48
N THR C 489 -46.79 50.81 27.31
CA THR C 489 -48.25 50.67 27.08
C THR C 489 -48.51 49.39 26.28
N THR C 490 -47.46 48.62 25.99
CA THR C 490 -47.60 47.39 25.16
C THR C 490 -48.52 46.37 25.84
N ILE C 491 -48.42 46.22 27.16
CA ILE C 491 -49.23 45.18 27.86
C ILE C 491 -50.44 45.83 28.53
N THR C 492 -51.61 45.63 28.21
CA THR C 492 -52.77 46.24 28.92
C THR C 492 -53.19 45.28 30.04
N LYS C 493 -54.13 45.75 30.90
CA LYS C 493 -54.54 44.96 32.08
C LYS C 493 -55.93 44.32 31.91
N PRO C 494 -56.18 43.05 32.33
CA PRO C 494 -57.52 42.46 32.30
C PRO C 494 -58.45 42.98 33.42
N LEU C 495 -59.54 42.26 33.69
CA LEU C 495 -60.48 42.63 34.78
C LEU C 495 -59.85 42.29 36.13
N LYS C 496 -59.92 41.01 36.54
CA LYS C 496 -59.38 40.59 37.87
C LYS C 496 -58.67 39.24 37.74
N TYR C 497 -57.76 38.92 38.67
CA TYR C 497 -57.09 37.59 38.65
C TYR C 497 -58.10 36.49 39.05
N SER C 498 -57.97 35.31 38.45
CA SER C 498 -58.86 34.17 38.80
C SER C 498 -58.02 32.89 38.95
N TYR C 499 -58.41 31.99 39.87
CA TYR C 499 -57.69 30.71 40.05
C TYR C 499 -58.72 29.61 40.32
N ILE C 500 -58.39 28.35 40.02
CA ILE C 500 -59.33 27.22 40.26
C ILE C 500 -59.10 26.68 41.68
N ASN C 501 -59.96 27.07 42.63
CA ASN C 501 -59.85 26.53 44.02
C ASN C 501 -60.18 25.04 44.05
N LYS C 502 -61.18 24.60 43.28
CA LYS C 502 -61.61 23.18 43.38
C LYS C 502 -61.76 22.51 42.02
N CYS C 503 -61.01 21.43 41.76
CA CYS C 503 -61.21 20.62 40.53
C CYS C 503 -61.26 19.19 41.05
N SER C 504 -62.42 18.52 40.99
CA SER C 504 -62.52 17.17 41.61
C SER C 504 -63.50 16.26 40.83
N ARG C 505 -63.35 14.95 40.96
CA ARG C 505 -64.26 14.01 40.27
C ARG C 505 -65.53 13.87 41.11
N LEU C 506 -66.42 14.85 41.02
CA LEU C 506 -67.70 14.75 41.75
C LEU C 506 -68.45 13.55 41.18
N LEU C 507 -68.96 12.68 42.07
CA LEU C 507 -69.67 11.46 41.61
C LEU C 507 -71.10 11.84 41.20
N SER C 508 -71.83 10.91 40.59
CA SER C 508 -73.23 11.18 40.18
C SER C 508 -74.08 11.39 41.43
N ASP C 509 -73.55 11.06 42.61
CA ASP C 509 -74.30 11.23 43.87
C ASP C 509 -73.99 12.57 44.56
N ASP C 510 -72.75 13.07 44.51
CA ASP C 510 -72.33 14.32 45.23
C ASP C 510 -72.11 13.98 46.71
N ARG C 511 -71.67 12.75 47.01
CA ARG C 511 -71.34 12.39 48.41
C ARG C 511 -69.83 12.22 48.54
N THR C 512 -69.30 11.07 48.11
CA THR C 512 -67.83 10.87 48.11
C THR C 512 -67.23 11.72 46.99
N GLU C 513 -66.11 12.39 47.25
CA GLU C 513 -65.44 13.18 46.18
C GLU C 513 -63.95 12.85 46.13
N VAL C 514 -63.41 12.61 44.93
CA VAL C 514 -61.93 12.37 44.78
C VAL C 514 -61.35 13.53 43.98
N PRO C 515 -60.34 14.27 44.51
CA PRO C 515 -59.81 15.44 43.82
C PRO C 515 -59.03 15.12 42.52
N GLN C 516 -59.14 15.98 41.51
CA GLN C 516 -58.34 15.79 40.27
C GLN C 516 -57.10 16.67 40.39
N LEU C 517 -55.90 16.07 40.41
CA LEU C 517 -54.67 16.85 40.58
C LEU C 517 -53.93 16.91 39.25
N VAL C 518 -53.73 18.12 38.72
CA VAL C 518 -53.06 18.27 37.40
C VAL C 518 -51.57 17.91 37.53
N ASN C 519 -50.99 17.29 36.50
CA ASN C 519 -49.53 17.02 36.51
C ASN C 519 -48.84 18.27 35.97
N ALA C 520 -47.51 18.25 35.88
CA ALA C 520 -46.78 19.39 35.29
C ALA C 520 -46.94 19.41 33.76
N ASN C 521 -47.05 20.60 33.15
CA ASN C 521 -47.07 20.74 31.66
C ASN C 521 -48.42 20.47 30.99
N GLN C 522 -49.50 20.37 31.79
CA GLN C 522 -50.82 20.02 31.23
C GLN C 522 -51.86 21.02 31.76
N TYR C 523 -52.77 21.48 30.90
CA TYR C 523 -53.87 22.35 31.40
C TYR C 523 -54.87 21.44 32.14
N SER C 524 -55.48 21.96 33.21
CA SER C 524 -56.43 21.14 34.02
C SER C 524 -57.64 20.77 33.17
N PRO C 525 -58.25 19.58 33.35
CA PRO C 525 -59.46 19.21 32.61
C PRO C 525 -60.57 20.24 32.93
N CYS C 526 -60.61 20.71 34.18
CA CYS C 526 -61.65 21.70 34.59
C CYS C 526 -61.53 22.99 33.78
N VAL C 527 -60.31 23.43 33.44
CA VAL C 527 -60.13 24.75 32.76
C VAL C 527 -60.87 24.77 31.41
N SER C 528 -61.05 23.63 30.74
CA SER C 528 -61.84 23.65 29.49
C SER C 528 -63.27 24.12 29.78
N ILE C 529 -63.88 23.65 30.86
CA ILE C 529 -65.25 24.11 31.26
C ILE C 529 -65.19 25.59 31.65
N VAL C 530 -64.15 25.99 32.40
CA VAL C 530 -64.07 27.41 32.90
C VAL C 530 -63.81 28.35 31.72
N PRO C 531 -64.25 29.62 31.77
CA PRO C 531 -63.96 30.58 30.70
C PRO C 531 -62.60 31.29 30.88
N SER C 532 -62.57 32.61 30.69
CA SER C 532 -61.32 33.39 30.84
C SER C 532 -61.23 33.98 32.25
N THR C 533 -62.30 34.59 32.74
CA THR C 533 -62.27 35.28 34.07
C THR C 533 -63.46 34.80 34.92
N VAL C 534 -63.29 34.78 36.25
CA VAL C 534 -64.40 34.34 37.17
C VAL C 534 -65.13 35.59 37.66
N TRP C 535 -66.41 35.74 37.30
CA TRP C 535 -67.18 36.97 37.65
C TRP C 535 -67.42 37.11 39.17
N GLU C 536 -67.74 36.02 39.87
CA GLU C 536 -68.10 36.14 41.32
C GLU C 536 -67.28 35.17 42.16
N ASP C 537 -67.17 35.45 43.47
CA ASP C 537 -66.32 34.61 44.36
C ASP C 537 -66.83 33.17 44.40
N GLY C 538 -65.92 32.20 44.33
CA GLY C 538 -66.31 30.77 44.43
C GLY C 538 -67.34 30.36 43.38
N ASP C 539 -67.23 30.88 42.16
CA ASP C 539 -68.14 30.43 41.07
C ASP C 539 -67.86 28.96 40.78
N TYR C 540 -68.90 28.14 40.64
CA TYR C 540 -68.72 26.70 40.30
C TYR C 540 -69.47 26.40 39.00
N TYR C 541 -68.81 25.70 38.08
CA TYR C 541 -69.45 25.38 36.78
C TYR C 541 -69.57 23.85 36.65
N ARG C 542 -70.79 23.34 36.43
CA ARG C 542 -70.95 21.88 36.19
C ARG C 542 -71.47 21.69 34.77
N LYS C 543 -70.77 20.89 33.97
CA LYS C 543 -71.17 20.67 32.56
C LYS C 543 -71.89 19.32 32.47
N GLN C 544 -73.10 19.29 31.89
CA GLN C 544 -73.82 18.00 31.69
C GLN C 544 -72.90 17.04 30.93
N LEU C 545 -72.69 15.84 31.37
CA LEU C 545 -71.73 14.95 30.67
C LEU C 545 -72.46 13.86 29.90
N SER C 546 -72.20 13.72 28.64
CA SER C 546 -72.85 12.71 27.74
C SER C 546 -72.10 11.38 27.86
N PRO C 547 -72.77 10.23 27.59
CA PRO C 547 -72.14 8.92 27.72
C PRO C 547 -70.87 8.84 26.86
N LEU C 548 -70.89 9.47 25.68
CA LEU C 548 -69.70 9.49 24.79
C LEU C 548 -68.55 10.21 25.51
N GLU C 549 -68.87 11.30 26.23
CA GLU C 549 -67.85 12.03 27.04
C GLU C 549 -67.30 11.08 28.12
N GLY C 550 -68.15 10.17 28.61
CA GLY C 550 -67.73 9.21 29.66
C GLY C 550 -68.72 9.14 30.80
N GLY C 551 -69.69 10.07 30.84
CA GLY C 551 -70.74 10.03 31.88
C GLY C 551 -70.24 10.51 33.22
N GLY C 552 -71.02 10.27 34.28
CA GLY C 552 -70.64 10.76 35.62
C GLY C 552 -70.86 12.26 35.72
N TRP C 553 -70.25 12.91 36.72
CA TRP C 553 -70.36 14.39 36.81
C TRP C 553 -68.97 15.00 36.61
N LEU C 554 -68.84 15.92 35.64
CA LEU C 554 -67.54 16.64 35.49
C LEU C 554 -67.80 18.06 35.98
N VAL C 555 -67.09 18.50 37.03
CA VAL C 555 -67.38 19.85 37.62
C VAL C 555 -66.12 20.73 37.61
N ALA C 556 -66.30 22.04 37.79
CA ALA C 556 -65.15 22.99 37.85
C ALA C 556 -65.51 24.11 38.84
N SER C 557 -64.52 24.77 39.44
CA SER C 557 -64.80 25.92 40.33
C SER C 557 -63.71 26.99 40.21
N GLY C 558 -64.05 28.27 40.39
CA GLY C 558 -63.06 29.36 40.32
C GLY C 558 -63.26 30.36 41.44
N SER C 559 -62.19 31.06 41.87
CA SER C 559 -62.32 31.98 43.03
C SER C 559 -61.77 33.38 42.69
N THR C 560 -62.42 34.43 43.21
CA THR C 560 -62.01 35.83 42.92
C THR C 560 -60.71 36.22 43.63
N VAL C 561 -59.85 37.00 42.97
CA VAL C 561 -58.62 37.52 43.64
C VAL C 561 -58.67 39.05 43.61
N ALA C 562 -58.95 39.65 42.44
CA ALA C 562 -58.99 41.12 42.23
C ALA C 562 -57.57 41.63 41.95
N MET C 563 -57.43 42.83 41.37
CA MET C 563 -56.06 43.29 40.98
C MET C 563 -55.80 44.74 41.41
N THR C 564 -54.55 45.06 41.77
CA THR C 564 -54.17 46.45 42.13
C THR C 564 -53.89 47.25 40.85
N GLU C 565 -53.75 48.58 40.96
CA GLU C 565 -53.43 49.43 39.78
C GLU C 565 -52.32 48.77 38.95
N GLN C 566 -51.17 48.50 39.58
CA GLN C 566 -50.02 47.87 38.89
C GLN C 566 -50.30 46.39 38.63
N LEU C 567 -49.53 45.75 37.74
CA LEU C 567 -49.83 44.34 37.37
C LEU C 567 -48.84 43.37 38.03
N GLN C 568 -49.35 42.31 38.65
CA GLN C 568 -48.46 41.26 39.24
C GLN C 568 -48.54 40.04 38.34
N MET C 569 -47.38 39.53 37.89
CA MET C 569 -47.38 38.38 36.93
C MET C 569 -46.48 37.27 37.47
N GLY C 570 -46.80 36.02 37.12
CA GLY C 570 -45.95 34.88 37.54
C GLY C 570 -45.26 34.29 36.33
N PHE C 571 -43.97 33.99 36.45
CA PHE C 571 -43.19 33.42 35.31
C PHE C 571 -42.69 32.03 35.68
N GLY C 572 -42.95 31.03 34.83
CA GLY C 572 -42.43 29.67 35.08
C GLY C 572 -41.40 29.29 34.04
N ILE C 573 -40.18 28.92 34.47
CA ILE C 573 -39.08 28.55 33.53
C ILE C 573 -38.67 27.10 33.79
N THR C 574 -38.70 26.26 32.75
CA THR C 574 -38.23 24.85 32.91
C THR C 574 -37.04 24.64 31.96
N VAL C 575 -35.93 24.11 32.47
CA VAL C 575 -34.70 23.91 31.63
C VAL C 575 -34.43 22.41 31.50
N GLN C 576 -34.14 22.04 30.16
CA GLN C 576 -33.88 20.61 29.82
C GLN C 576 -32.41 20.46 29.41
N TYR C 577 -31.70 19.43 30.07
CA TYR C 577 -30.31 19.18 29.59
C TYR C 577 -30.34 18.27 28.36
N GLY C 578 -29.29 18.33 27.53
CA GLY C 578 -29.22 17.51 26.31
C GLY C 578 -27.86 16.83 26.19
N THR C 579 -27.78 15.71 25.46
CA THR C 579 -26.52 14.94 25.36
C THR C 579 -25.44 15.80 24.68
N ASP C 580 -25.80 16.55 23.63
CA ASP C 580 -24.81 17.38 22.89
C ASP C 580 -25.53 18.63 22.36
N THR C 581 -26.85 18.57 22.21
CA THR C 581 -27.60 19.69 21.57
C THR C 581 -27.89 20.82 22.57
N ASN C 582 -26.91 21.19 23.41
CA ASN C 582 -27.11 22.35 24.32
C ASN C 582 -26.76 23.63 23.55
N SER C 583 -27.59 24.01 22.56
CA SER C 583 -27.26 25.18 21.70
C SER C 583 -28.09 26.43 22.06
N VAL C 584 -28.93 26.36 23.09
CA VAL C 584 -29.65 27.59 23.54
C VAL C 584 -28.71 28.24 24.54
N CYS C 585 -28.06 29.36 24.16
CA CYS C 585 -26.99 29.93 25.03
C CYS C 585 -27.06 31.44 25.22
N PRO C 586 -26.46 32.03 26.28
CA PRO C 586 -26.41 33.49 26.43
C PRO C 586 -25.51 34.09 25.34
N LYS C 595 -15.29 41.63 21.15
CA LYS C 595 -14.63 40.84 22.18
C LYS C 595 -13.28 40.32 21.70
N ILE C 596 -12.96 39.10 22.11
CA ILE C 596 -11.77 38.41 21.65
C ILE C 596 -12.02 37.72 20.32
N ALA C 597 -13.15 37.01 20.20
CA ALA C 597 -13.49 36.27 18.99
C ALA C 597 -13.71 37.17 17.79
N SER C 598 -13.68 38.49 17.99
CA SER C 598 -14.03 39.43 16.88
C SER C 598 -12.80 40.00 16.17
N GLN C 599 -12.84 41.27 15.78
CA GLN C 599 -11.73 41.86 14.97
C GLN C 599 -10.63 42.46 15.85
N LEU C 600 -10.70 42.23 17.17
CA LEU C 600 -9.69 42.78 18.11
C LEU C 600 -8.31 42.23 17.71
N GLY C 601 -8.24 40.96 17.32
CA GLY C 601 -6.95 40.38 16.86
C GLY C 601 -6.92 40.27 15.35
N ASN C 602 -5.89 40.84 14.72
CA ASN C 602 -5.76 40.78 13.24
C ASN C 602 -4.65 39.79 12.86
N CYS C 603 -3.61 39.67 13.70
CA CYS C 603 -2.36 38.97 13.29
C CYS C 603 -2.31 37.44 13.25
N VAL C 604 -3.00 36.72 14.14
CA VAL C 604 -2.77 35.25 14.17
C VAL C 604 -3.95 34.33 13.84
N GLU C 605 -4.04 33.20 14.56
CA GLU C 605 -5.03 32.14 14.22
C GLU C 605 -6.48 32.64 14.20
N TYR C 606 -7.28 32.11 13.28
CA TYR C 606 -8.72 32.45 13.20
C TYR C 606 -9.48 31.13 13.13
N SER C 607 -10.81 31.15 13.24
CA SER C 607 -11.59 29.92 13.03
C SER C 607 -13.03 30.29 12.69
N LEU C 608 -13.42 30.09 11.44
CA LEU C 608 -14.70 30.52 10.89
C LEU C 608 -15.73 29.38 10.92
N TYR C 609 -16.79 29.54 10.09
CA TYR C 609 -17.92 28.63 9.97
C TYR C 609 -17.53 27.16 9.88
N GLY C 610 -16.81 26.79 8.84
CA GLY C 610 -16.42 25.40 8.69
C GLY C 610 -14.96 25.33 8.33
N VAL C 611 -14.36 26.51 8.19
CA VAL C 611 -13.00 26.65 7.70
C VAL C 611 -12.15 27.27 8.80
N SER C 612 -11.06 26.60 9.14
CA SER C 612 -10.22 27.05 10.23
C SER C 612 -8.77 27.10 9.78
N GLY C 613 -7.93 27.79 10.54
CA GLY C 613 -6.53 27.92 10.20
C GLY C 613 -5.91 29.17 10.76
N ARG C 614 -4.70 29.51 10.35
CA ARG C 614 -4.00 30.69 10.83
C ARG C 614 -3.96 31.71 9.71
N GLY C 615 -4.12 32.99 10.05
CA GLY C 615 -4.00 34.03 9.05
C GLY C 615 -3.47 35.31 9.63
N VAL C 616 -3.37 36.31 8.76
CA VAL C 616 -3.27 37.69 9.15
C VAL C 616 -4.30 38.43 8.30
N PHE C 617 -5.10 39.29 8.92
CA PHE C 617 -6.20 39.93 8.22
C PHE C 617 -5.89 41.39 7.92
N GLN C 618 -6.56 41.94 6.92
CA GLN C 618 -6.52 43.36 6.59
C GLN C 618 -7.85 43.73 5.98
N ASN C 619 -8.13 45.05 5.97
CA ASN C 619 -9.36 45.52 5.28
C ASN C 619 -8.96 45.89 3.84
N CYS C 620 -8.71 44.88 3.00
CA CYS C 620 -8.29 45.13 1.59
C CYS C 620 -9.47 45.74 0.84
N THR C 621 -9.24 46.42 -0.29
CA THR C 621 -10.35 47.20 -0.92
C THR C 621 -11.58 46.38 -1.37
N ALA C 622 -11.43 45.33 -2.19
CA ALA C 622 -12.63 44.60 -2.71
C ALA C 622 -12.32 43.58 -3.81
N VAL C 623 -12.50 42.28 -3.55
CA VAL C 623 -12.36 41.23 -4.62
C VAL C 623 -13.36 40.11 -4.31
N GLY C 624 -14.23 39.71 -5.25
CA GLY C 624 -15.09 38.54 -4.97
C GLY C 624 -16.57 38.69 -5.27
N VAL C 625 -17.32 37.58 -5.27
CA VAL C 625 -18.76 37.56 -5.54
C VAL C 625 -19.58 37.89 -4.31
N ARG C 626 -18.98 37.78 -3.14
CA ARG C 626 -19.52 38.40 -1.93
C ARG C 626 -20.81 37.77 -1.46
N GLN C 627 -21.32 36.76 -2.14
CA GLN C 627 -22.57 36.12 -1.73
C GLN C 627 -22.33 34.84 -0.97
N GLN C 628 -21.64 33.87 -1.58
CA GLN C 628 -20.90 32.92 -0.77
C GLN C 628 -19.55 33.54 -0.44
N ARG C 629 -19.14 33.36 0.81
CA ARG C 629 -18.25 34.31 1.46
C ARG C 629 -16.89 33.72 1.73
N PHE C 630 -16.33 33.04 0.74
CA PHE C 630 -14.94 32.65 0.80
C PHE C 630 -14.35 32.86 -0.59
N VAL C 631 -13.13 33.39 -0.65
CA VAL C 631 -12.50 33.53 -1.96
C VAL C 631 -11.17 32.80 -1.94
N TYR C 632 -11.10 31.73 -2.74
CA TYR C 632 -9.90 30.93 -2.93
C TYR C 632 -9.07 31.55 -4.04
N ASP C 633 -7.98 30.90 -4.41
CA ASP C 633 -7.16 31.37 -5.53
C ASP C 633 -6.52 30.17 -6.21
N ALA C 634 -7.19 29.65 -7.23
CA ALA C 634 -6.60 28.71 -8.17
C ALA C 634 -6.05 27.47 -7.49
N TYR C 635 -6.23 27.36 -6.19
CA TYR C 635 -5.61 26.34 -5.35
C TYR C 635 -6.68 25.91 -4.36
N GLN C 636 -6.27 25.27 -3.29
CA GLN C 636 -7.16 25.05 -2.17
C GLN C 636 -7.24 26.27 -1.24
N ASN C 637 -6.17 27.03 -1.09
CA ASN C 637 -6.12 28.06 -0.07
C ASN C 637 -6.96 29.28 -0.45
N LEU C 638 -7.22 30.15 0.53
CA LEU C 638 -8.16 31.26 0.27
C LEU C 638 -7.53 32.65 0.40
N VAL C 639 -7.87 33.55 -0.53
CA VAL C 639 -7.43 34.97 -0.39
C VAL C 639 -8.11 35.49 0.87
N GLY C 640 -9.39 35.17 1.10
CA GLY C 640 -10.03 35.56 2.38
C GLY C 640 -11.39 36.22 2.26
N TYR C 641 -11.68 37.19 3.13
CA TYR C 641 -12.94 37.99 3.10
C TYR C 641 -14.09 37.41 3.93
N TYR C 642 -14.85 38.30 4.59
CA TYR C 642 -16.05 37.91 5.38
C TYR C 642 -15.76 37.31 6.76
N SER C 643 -14.52 37.42 7.26
CA SER C 643 -14.28 37.05 8.68
C SER C 643 -15.02 38.11 9.48
N ASP C 644 -15.87 38.89 8.81
CA ASP C 644 -16.69 39.94 9.48
C ASP C 644 -17.87 40.28 8.57
N ASP C 645 -18.82 41.06 9.08
CA ASP C 645 -19.96 41.53 8.25
C ASP C 645 -19.62 42.93 7.74
N GLY C 646 -18.35 43.34 7.83
CA GLY C 646 -17.96 44.71 7.45
C GLY C 646 -17.52 44.86 6.01
N ASN C 647 -16.23 45.13 5.76
CA ASN C 647 -15.82 45.43 4.36
C ASN C 647 -14.56 44.65 3.92
N TYR C 648 -14.66 43.34 3.67
CA TYR C 648 -13.55 42.55 3.08
C TYR C 648 -12.34 42.35 4.01
N TYR C 649 -11.82 41.12 4.09
CA TYR C 649 -10.62 40.84 4.85
C TYR C 649 -9.71 39.88 4.08
N CYS C 650 -8.81 40.47 3.30
CA CYS C 650 -7.77 39.69 2.64
C CYS C 650 -6.89 38.99 3.68
N LEU C 651 -6.72 37.69 3.54
CA LEU C 651 -5.83 36.92 4.40
C LEU C 651 -4.41 36.89 3.85
N ARG C 652 -3.55 36.21 4.61
CA ARG C 652 -2.24 35.76 4.18
C ARG C 652 -1.85 34.57 5.02
N ALA C 653 -0.59 34.15 4.87
CA ALA C 653 -0.07 32.96 5.52
C ALA C 653 0.66 33.33 6.81
N CYS C 654 1.37 32.34 7.35
CA CYS C 654 2.11 32.54 8.59
C CYS C 654 3.42 33.29 8.37
N VAL C 655 3.74 34.11 9.35
CA VAL C 655 5.11 34.52 9.64
C VAL C 655 6.05 33.31 9.64
N SER C 656 7.29 33.52 9.21
CA SER C 656 8.40 32.63 9.52
C SER C 656 9.71 33.35 9.26
N VAL C 657 10.46 33.54 10.35
CA VAL C 657 11.78 34.22 10.30
C VAL C 657 12.85 33.20 9.88
N PRO C 658 13.41 33.26 8.64
CA PRO C 658 14.35 32.23 8.14
C PRO C 658 15.76 32.31 8.71
N VAL C 659 15.97 31.67 9.85
CA VAL C 659 17.24 31.71 10.57
C VAL C 659 18.33 30.89 9.88
N SER C 660 19.59 31.30 10.02
CA SER C 660 20.74 30.53 9.58
C SER C 660 21.87 30.77 10.58
N VAL C 661 23.00 30.10 10.39
CA VAL C 661 24.07 30.12 11.38
C VAL C 661 25.42 30.19 10.68
N ILE C 662 26.32 31.03 11.20
CA ILE C 662 27.70 31.12 10.75
C ILE C 662 28.57 30.40 11.78
N TYR C 663 29.50 29.54 11.35
CA TYR C 663 30.16 28.75 12.37
C TYR C 663 31.62 29.12 12.62
N ASP C 664 32.48 29.02 11.62
CA ASP C 664 33.93 29.23 11.81
C ASP C 664 34.51 28.28 12.87
N LYS C 665 34.65 27.02 12.47
CA LYS C 665 35.09 25.96 13.38
C LYS C 665 36.34 26.29 14.17
N GLU C 666 37.35 26.91 13.53
CA GLU C 666 38.66 27.13 14.19
C GLU C 666 38.50 27.78 15.56
N THR C 667 37.57 28.73 15.70
CA THR C 667 37.42 29.47 16.93
C THR C 667 36.07 29.27 17.62
N LYS C 668 35.21 28.42 17.05
CA LYS C 668 33.94 28.04 17.69
C LYS C 668 33.06 29.26 17.96
N THR C 669 33.23 30.31 17.18
CA THR C 669 32.52 31.57 17.38
C THR C 669 31.35 31.62 16.39
N HIS C 670 30.14 31.46 16.89
CA HIS C 670 28.99 31.40 16.02
C HIS C 670 28.27 32.74 15.96
N ALA C 671 27.50 32.93 14.88
CA ALA C 671 26.76 34.18 14.67
C ALA C 671 25.54 33.83 13.82
N THR C 672 24.37 34.30 14.23
CA THR C 672 23.15 33.87 13.57
C THR C 672 22.64 34.97 12.64
N LEU C 673 22.28 34.58 11.41
CA LEU C 673 21.82 35.49 10.39
C LEU C 673 20.35 35.25 10.13
N PHE C 674 19.57 36.33 10.11
CA PHE C 674 18.18 36.21 9.76
C PHE C 674 17.97 36.73 8.36
N GLY C 675 17.68 35.82 7.44
CA GLY C 675 17.63 36.17 6.04
C GLY C 675 16.56 37.18 5.70
N SER C 676 17.02 38.33 5.21
CA SER C 676 16.25 39.30 4.45
C SER C 676 15.35 40.20 5.26
N ALA C 678 14.53 41.28 9.88
CA ALA C 678 14.55 42.74 9.65
C ALA C 678 15.38 43.37 10.75
N CYS C 679 16.05 44.49 10.45
CA CYS C 679 16.97 45.12 11.44
C CYS C 679 16.20 45.57 12.69
N GLU C 680 14.99 46.10 12.53
CA GLU C 680 14.23 46.63 13.69
C GLU C 680 13.04 45.71 14.04
N HIS C 681 12.97 44.50 13.48
CA HIS C 681 11.78 43.64 13.71
C HIS C 681 11.96 42.70 14.90
N ILE C 682 12.91 41.76 14.80
CA ILE C 682 13.18 40.80 15.90
C ILE C 682 14.22 41.42 16.85
N SER C 683 14.46 40.77 17.99
CA SER C 683 15.45 41.26 18.99
C SER C 683 16.27 40.07 19.49
N SER C 684 17.40 40.32 20.16
CA SER C 684 18.16 39.19 20.75
C SER C 684 17.25 38.47 21.75
N THR C 685 17.27 37.13 21.75
CA THR C 685 16.37 36.32 22.63
C THR C 685 14.92 36.75 22.40
N MET C 686 14.52 36.91 21.13
CA MET C 686 13.13 37.37 20.80
C MET C 686 12.13 36.32 21.28
N SER C 687 11.00 36.76 21.84
CA SER C 687 9.99 35.82 22.39
C SER C 687 8.67 35.97 21.65
N GLN C 688 8.70 36.22 20.33
CA GLN C 688 7.45 36.26 19.59
C GLN C 688 7.27 35.08 18.65
N TYR C 689 8.08 34.04 18.77
CA TYR C 689 8.04 32.95 17.80
C TYR C 689 8.21 31.61 18.51
N SER C 690 8.44 30.56 17.73
CA SER C 690 8.30 29.22 18.28
C SER C 690 9.63 28.46 18.36
N ARG C 691 10.28 28.31 17.20
CA ARG C 691 11.50 27.47 17.10
C ARG C 691 11.04 26.02 17.27
N SER C 692 11.06 25.21 16.21
CA SER C 692 10.48 23.85 16.38
C SER C 692 11.25 23.16 17.50
N THR C 693 12.58 23.25 17.50
CA THR C 693 13.35 22.74 18.67
C THR C 693 13.56 23.92 19.63
N ARG C 694 12.49 24.33 20.33
CA ARG C 694 12.37 25.69 20.93
C ARG C 694 13.49 25.88 21.95
N SER C 695 13.80 24.84 22.71
CA SER C 695 14.84 24.88 23.77
C SER C 695 15.54 26.23 23.95
N MET C 696 16.41 26.66 23.00
CA MET C 696 17.18 27.85 23.33
C MET C 696 17.78 28.45 22.07
N LEU C 697 17.92 29.77 22.09
CA LEU C 697 18.61 30.50 21.04
C LEU C 697 20.10 30.55 21.40
N LYS C 698 20.87 31.41 20.75
CA LYS C 698 22.27 31.62 21.07
C LYS C 698 23.10 30.40 20.66
N PRO C 710 21.80 43.41 17.49
CA PRO C 710 21.17 43.54 16.17
C PRO C 710 21.89 44.51 15.28
N VAL C 711 22.70 44.00 14.35
CA VAL C 711 23.59 44.95 13.58
C VAL C 711 23.54 44.71 12.08
N GLY C 712 23.38 45.78 11.29
CA GLY C 712 23.47 45.66 9.82
C GLY C 712 22.14 45.38 9.17
N CYS C 713 21.97 45.84 7.92
CA CYS C 713 20.75 45.51 7.15
C CYS C 713 21.17 44.83 5.84
N VAL C 714 22.41 45.08 5.38
CA VAL C 714 22.91 44.54 4.08
C VAL C 714 22.20 43.24 3.68
N LEU C 715 22.48 42.14 4.38
CA LEU C 715 21.87 40.83 4.01
C LEU C 715 20.65 40.54 4.88
N GLY C 716 20.34 41.43 5.83
CA GLY C 716 19.23 41.17 6.76
C GLY C 716 19.66 41.54 8.17
N LEU C 717 19.05 40.96 9.20
CA LEU C 717 19.55 41.23 10.57
C LEU C 717 20.45 40.08 11.02
N VAL C 718 21.70 40.39 11.40
CA VAL C 718 22.59 39.34 11.96
C VAL C 718 23.01 39.84 13.35
N ASN C 719 22.85 39.00 14.38
CA ASN C 719 23.13 39.43 15.78
C ASN C 719 24.63 39.46 16.07
N SER C 720 25.45 39.89 15.10
CA SER C 720 26.91 40.05 15.35
C SER C 720 27.32 41.50 15.10
N SER C 721 28.08 42.10 16.03
CA SER C 721 28.46 43.53 15.92
C SER C 721 29.65 43.76 14.98
N LEU C 722 30.08 45.01 14.78
CA LEU C 722 31.30 45.37 13.98
C LEU C 722 31.03 45.41 12.48
N PHE C 723 31.14 46.60 11.87
CA PHE C 723 30.92 46.76 10.40
C PHE C 723 32.19 47.29 9.71
N VAL C 724 33.35 47.19 10.35
CA VAL C 724 34.60 47.81 9.76
C VAL C 724 35.48 46.75 9.10
N GLU C 725 36.81 46.98 9.08
CA GLU C 725 37.77 46.05 8.40
C GLU C 725 37.66 46.18 6.88
N ASP C 726 38.38 47.15 6.29
CA ASP C 726 38.31 47.39 4.82
C ASP C 726 38.84 46.17 4.06
N CYS C 727 38.23 45.86 2.91
CA CYS C 727 38.65 44.73 2.04
C CYS C 727 39.64 43.79 2.76
N LYS C 728 39.14 42.99 3.69
CA LYS C 728 40.02 42.02 4.41
C LYS C 728 40.48 40.97 3.41
N LEU C 729 41.64 40.34 3.66
CA LEU C 729 42.20 39.37 2.69
C LEU C 729 41.14 38.28 2.49
N PRO C 730 40.91 37.78 1.26
CA PRO C 730 39.82 36.83 1.02
C PRO C 730 39.95 35.60 1.92
N LEU C 731 38.86 35.20 2.57
CA LEU C 731 38.88 34.05 3.50
C LEU C 731 37.48 33.44 3.53
N GLY C 732 37.03 32.87 2.41
CA GLY C 732 35.69 32.25 2.34
C GLY C 732 35.08 31.76 3.64
N GLN C 733 34.06 32.46 4.13
CA GLN C 733 33.30 31.95 5.31
C GLN C 733 31.95 31.42 4.81
N SER C 734 31.78 31.34 3.49
CA SER C 734 30.52 30.82 2.85
C SER C 734 29.40 31.85 2.88
N LEU C 735 29.71 33.11 3.23
CA LEU C 735 28.66 34.16 3.33
C LEU C 735 28.25 34.68 1.94
N CYS C 736 27.07 35.28 1.84
CA CYS C 736 26.52 35.71 0.52
C CYS C 736 26.95 37.11 0.08
N ALA C 737 26.44 37.59 -1.06
CA ALA C 737 26.76 38.90 -1.66
C ALA C 737 27.89 39.69 -1.00
N LEU C 738 27.59 40.53 -0.01
CA LEU C 738 28.64 41.43 0.55
C LEU C 738 29.32 40.90 1.83
N PRO C 739 28.61 40.40 2.87
CA PRO C 739 29.28 40.00 4.13
C PRO C 739 30.29 38.85 3.96
N ASP C 740 31.37 38.86 4.76
CA ASP C 740 32.41 37.80 4.66
C ASP C 740 32.73 37.27 6.06
N THR C 741 32.44 38.04 7.12
CA THR C 741 32.65 37.58 8.53
C THR C 741 34.10 37.12 8.80
N PRO C 742 35.15 37.98 8.69
CA PRO C 742 36.51 37.56 9.09
C PRO C 742 36.51 37.42 10.62
N SER C 743 36.18 36.22 11.13
CA SER C 743 36.09 36.01 12.60
C SER C 743 37.47 36.19 13.25
N THR C 744 37.51 36.82 14.42
CA THR C 744 38.73 36.97 15.25
C THR C 744 39.94 37.23 14.34
N MET C 757 32.24 36.91 14.28
CA MET C 757 32.64 38.18 14.84
C MET C 757 33.16 39.09 13.75
N ARG C 758 32.96 40.40 13.92
CA ARG C 758 33.59 41.39 13.05
C ARG C 758 33.21 41.17 11.59
N LEU C 759 31.93 41.42 11.32
CA LEU C 759 31.30 41.12 10.04
C LEU C 759 31.77 42.13 8.99
N ALA C 760 31.08 42.18 7.86
CA ALA C 760 31.21 43.28 6.92
C ALA C 760 32.62 43.39 6.33
N SER C 761 32.96 42.42 5.49
CA SER C 761 34.15 42.50 4.66
C SER C 761 33.76 42.40 3.19
N ILE C 762 34.32 43.30 2.37
CA ILE C 762 33.86 43.50 0.99
C ILE C 762 35.11 43.75 0.14
N ALA C 763 35.43 42.80 -0.76
CA ALA C 763 36.67 42.90 -1.57
C ALA C 763 36.48 43.87 -2.75
N PHE C 764 37.54 44.10 -3.54
CA PHE C 764 37.48 45.05 -4.67
C PHE C 764 38.08 44.40 -5.93
N ASN C 765 37.67 44.87 -7.12
CA ASN C 765 38.12 44.23 -8.39
C ASN C 765 39.21 45.05 -9.09
N HIS C 766 39.77 46.06 -8.44
CA HIS C 766 40.75 46.95 -9.14
C HIS C 766 41.97 46.16 -9.60
N PRO C 767 42.43 46.30 -10.87
CA PRO C 767 43.64 45.64 -11.37
C PRO C 767 44.79 46.64 -11.52
N ILE C 768 45.64 46.49 -12.54
CA ILE C 768 46.68 47.48 -12.77
C ILE C 768 46.37 48.31 -14.01
N GLN C 769 45.87 49.52 -13.80
CA GLN C 769 45.20 50.26 -14.86
C GLN C 769 46.19 51.17 -15.58
N VAL C 770 46.64 50.74 -16.75
CA VAL C 770 47.36 51.62 -17.64
C VAL C 770 46.38 52.65 -18.19
N ASP C 771 46.89 53.83 -18.57
CA ASP C 771 46.00 54.93 -19.05
C ASP C 771 46.22 55.16 -20.55
N GLN C 772 45.13 55.34 -21.30
CA GLN C 772 45.24 55.60 -22.77
C GLN C 772 45.90 56.96 -22.99
N LEU C 773 46.71 57.10 -24.05
CA LEU C 773 47.45 58.37 -24.30
C LEU C 773 46.82 59.12 -25.47
N ASN C 774 46.56 60.42 -25.31
CA ASN C 774 46.01 61.25 -26.42
C ASN C 774 47.03 61.29 -27.56
N SER C 775 48.32 61.32 -27.24
CA SER C 775 49.39 61.41 -28.27
C SER C 775 49.50 60.11 -29.07
N SER C 776 50.08 60.17 -30.27
CA SER C 776 50.22 58.97 -31.13
C SER C 776 51.06 57.91 -30.42
N TYR C 777 52.10 58.33 -29.69
CA TYR C 777 52.90 57.36 -28.89
C TYR C 777 51.99 56.75 -27.82
N PHE C 778 52.09 55.44 -27.59
CA PHE C 778 51.17 54.78 -26.62
C PHE C 778 51.95 54.03 -25.53
N LYS C 779 51.54 54.21 -24.27
CA LYS C 779 52.20 53.50 -23.13
C LYS C 779 51.85 52.02 -23.17
N LEU C 780 52.78 51.15 -22.75
CA LEU C 780 52.47 49.70 -22.65
C LEU C 780 53.09 49.15 -21.36
N SER C 781 52.52 48.10 -20.80
CA SER C 781 53.04 47.54 -19.52
C SER C 781 53.93 46.34 -19.80
N ILE C 782 55.18 46.37 -19.35
CA ILE C 782 56.13 45.26 -19.69
C ILE C 782 56.76 44.69 -18.42
N PRO C 783 56.71 43.35 -18.20
CA PRO C 783 57.27 42.72 -16.99
C PRO C 783 58.79 42.54 -16.89
N THR C 784 59.30 42.29 -15.67
CA THR C 784 60.75 42.02 -15.50
C THR C 784 61.02 40.65 -14.83
N ASN C 785 59.99 39.85 -14.56
CA ASN C 785 60.21 38.57 -13.80
C ASN C 785 59.52 37.38 -14.48
N PHE C 786 59.97 36.15 -14.17
CA PHE C 786 59.42 34.93 -14.83
C PHE C 786 58.38 34.23 -13.95
N SER C 787 58.69 33.93 -12.68
CA SER C 787 57.70 33.35 -11.72
C SER C 787 56.90 32.18 -12.32
N PHE C 788 57.55 31.13 -12.83
CA PHE C 788 56.84 30.03 -13.54
C PHE C 788 56.13 29.01 -12.64
N GLY C 789 55.31 28.13 -13.23
CA GLY C 789 54.72 26.97 -12.52
C GLY C 789 53.43 27.20 -11.76
N VAL C 790 52.57 26.17 -11.69
CA VAL C 790 51.31 26.23 -10.88
C VAL C 790 50.82 24.79 -10.67
N THR C 791 50.00 24.55 -9.63
CA THR C 791 49.37 23.21 -9.47
C THR C 791 48.14 23.21 -10.39
N GLN C 792 47.76 22.07 -10.97
CA GLN C 792 46.68 22.12 -12.01
C GLN C 792 45.54 21.11 -11.81
N GLU C 793 44.50 21.19 -12.64
CA GLU C 793 43.26 20.39 -12.44
C GLU C 793 43.42 18.88 -12.61
N TYR C 794 42.48 18.12 -12.03
CA TYR C 794 42.44 16.66 -12.21
C TYR C 794 41.34 16.44 -13.25
N ILE C 795 41.34 15.33 -13.98
CA ILE C 795 40.36 15.21 -15.10
C ILE C 795 39.30 14.13 -14.87
N GLN C 796 39.45 13.29 -13.84
CA GLN C 796 38.41 12.28 -13.46
C GLN C 796 38.23 11.13 -14.47
N THR C 797 38.98 11.10 -15.58
CA THR C 797 38.82 10.05 -16.63
C THR C 797 37.58 9.17 -16.44
N THR C 798 37.68 8.04 -15.72
CA THR C 798 36.53 7.09 -15.64
C THR C 798 36.21 6.67 -14.20
N ILE C 799 34.93 6.35 -13.93
CA ILE C 799 34.50 5.92 -12.58
C ILE C 799 34.84 4.44 -12.35
N GLN C 800 34.78 3.98 -11.09
CA GLN C 800 35.11 2.57 -10.73
C GLN C 800 34.07 1.62 -11.35
N LYS C 801 34.49 0.41 -11.72
CA LYS C 801 33.57 -0.60 -12.31
C LYS C 801 33.12 -1.56 -11.20
N VAL C 802 31.79 -1.68 -10.99
CA VAL C 802 31.25 -2.59 -9.95
C VAL C 802 30.14 -3.47 -10.54
N THR C 803 30.16 -4.77 -10.27
CA THR C 803 29.05 -5.66 -10.73
C THR C 803 28.31 -6.19 -9.49
N VAL C 804 27.02 -5.91 -9.37
CA VAL C 804 26.22 -6.47 -8.24
C VAL C 804 25.88 -7.92 -8.57
N ASP C 805 25.70 -8.76 -7.54
CA ASP C 805 25.27 -10.17 -7.81
C ASP C 805 23.79 -10.27 -7.43
N CYS C 806 22.93 -10.50 -8.43
CA CYS C 806 21.47 -10.67 -8.16
C CYS C 806 21.22 -12.08 -7.63
N LYS C 807 20.18 -12.27 -6.82
CA LYS C 807 19.83 -13.59 -6.21
C LYS C 807 20.73 -13.79 -4.97
N GLN C 808 21.65 -12.86 -4.73
CA GLN C 808 22.49 -12.91 -3.50
C GLN C 808 22.19 -11.64 -2.70
N TYR C 809 22.10 -10.49 -3.39
CA TYR C 809 21.75 -9.21 -2.73
C TYR C 809 20.28 -9.26 -2.30
N VAL C 810 19.37 -9.52 -3.24
CA VAL C 810 17.92 -9.53 -2.93
C VAL C 810 17.60 -10.61 -1.88
N CYS C 811 17.84 -11.88 -2.22
CA CYS C 811 17.66 -12.95 -1.19
C CYS C 811 19.03 -13.44 -0.73
N ASN C 812 19.42 -13.11 0.51
CA ASN C 812 20.73 -13.45 1.11
C ASN C 812 21.12 -14.89 0.77
N GLY C 813 20.16 -15.82 0.82
CA GLY C 813 20.44 -17.23 0.44
C GLY C 813 19.37 -18.14 0.98
N PHE C 814 18.10 -17.89 0.64
CA PHE C 814 17.01 -18.68 1.17
C PHE C 814 16.15 -19.18 0.02
N GLN C 815 15.75 -20.45 0.08
CA GLN C 815 14.95 -21.03 -0.98
C GLN C 815 13.57 -20.38 -1.10
N LYS C 816 12.95 -20.09 0.04
CA LYS C 816 11.58 -19.50 0.03
C LYS C 816 11.63 -18.13 -0.66
N CYS C 817 12.62 -17.29 -0.33
CA CYS C 817 12.74 -15.97 -0.92
C CYS C 817 13.24 -16.07 -2.36
N GLU C 818 14.07 -17.06 -2.69
CA GLU C 818 14.49 -17.22 -4.07
C GLU C 818 13.33 -17.62 -4.97
N GLN C 819 12.40 -18.44 -4.48
CA GLN C 819 11.20 -18.71 -5.26
C GLN C 819 10.39 -17.44 -5.50
N LEU C 820 10.11 -16.72 -4.42
CA LEU C 820 9.34 -15.49 -4.59
C LEU C 820 10.08 -14.52 -5.48
N LEU C 821 11.39 -14.68 -5.63
CA LEU C 821 12.14 -13.86 -6.58
C LEU C 821 12.00 -14.38 -8.00
N ARG C 822 11.93 -15.70 -8.19
CA ARG C 822 11.62 -16.21 -9.53
C ARG C 822 10.29 -15.68 -10.00
N GLU C 823 9.48 -15.19 -9.07
CA GLU C 823 8.28 -14.48 -9.51
C GLU C 823 8.62 -13.15 -10.21
N TYR C 824 9.67 -12.46 -9.79
CA TYR C 824 10.10 -11.22 -10.44
C TYR C 824 11.32 -11.40 -11.34
N GLY C 825 11.64 -12.64 -11.71
CA GLY C 825 12.89 -13.00 -12.36
C GLY C 825 13.34 -12.11 -13.52
N GLN C 826 12.47 -11.31 -14.12
CA GLN C 826 12.91 -10.40 -15.18
C GLN C 826 13.91 -9.37 -14.65
N PHE C 827 13.63 -8.82 -13.47
CA PHE C 827 14.34 -7.65 -12.98
C PHE C 827 15.80 -7.95 -12.72
N CYS C 828 16.08 -9.09 -12.10
CA CYS C 828 17.47 -9.45 -11.84
C CYS C 828 18.26 -9.48 -13.12
N SER C 829 17.69 -10.11 -14.15
CA SER C 829 18.32 -10.16 -15.45
C SER C 829 18.61 -8.76 -15.97
N LYS C 830 17.63 -7.87 -15.90
CA LYS C 830 17.84 -6.56 -16.50
C LYS C 830 18.88 -5.73 -15.74
N ILE C 831 18.95 -5.89 -14.43
CA ILE C 831 20.01 -5.24 -13.66
C ILE C 831 21.38 -5.77 -14.09
N ASN C 832 21.53 -7.08 -14.14
CA ASN C 832 22.82 -7.63 -14.54
C ASN C 832 23.18 -7.20 -15.94
N GLN C 833 22.21 -7.17 -16.86
CA GLN C 833 22.46 -6.70 -18.21
C GLN C 833 23.00 -5.29 -18.21
N ALA C 834 22.32 -4.39 -17.48
CA ALA C 834 22.69 -2.99 -17.51
C ALA C 834 24.08 -2.77 -16.95
N LEU C 835 24.42 -3.44 -15.84
CA LEU C 835 25.76 -3.26 -15.29
C LEU C 835 26.82 -3.88 -16.20
N HIS C 836 26.56 -5.04 -16.78
CA HIS C 836 27.52 -5.63 -17.69
C HIS C 836 27.80 -4.68 -18.85
N GLY C 837 26.76 -4.03 -19.37
CA GLY C 837 26.96 -3.08 -20.44
C GLY C 837 27.73 -1.86 -19.98
N ALA C 838 27.44 -1.37 -18.78
CA ALA C 838 28.15 -0.20 -18.28
C ALA C 838 29.64 -0.47 -18.18
N ASN C 839 29.99 -1.64 -17.64
CA ASN C 839 31.40 -2.01 -17.53
C ASN C 839 32.06 -2.17 -18.88
N LEU C 840 31.40 -2.84 -19.84
CA LEU C 840 31.99 -2.90 -21.17
C LEU C 840 32.24 -1.53 -21.75
N ARG C 841 31.30 -0.60 -21.53
CA ARG C 841 31.48 0.73 -22.07
C ARG C 841 32.69 1.41 -21.46
N GLN C 842 32.89 1.27 -20.16
CA GLN C 842 34.04 1.92 -19.55
C GLN C 842 35.33 1.30 -20.03
N ASP C 843 35.34 -0.03 -20.20
CA ASP C 843 36.54 -0.67 -20.73
C ASP C 843 36.88 -0.10 -22.10
N ASP C 844 35.88 0.04 -22.95
CA ASP C 844 36.15 0.61 -24.25
C ASP C 844 36.62 2.05 -24.18
N SER C 845 36.06 2.85 -23.28
CA SER C 845 36.52 4.23 -23.18
C SER C 845 37.97 4.30 -22.71
N VAL C 846 38.35 3.45 -21.76
CA VAL C 846 39.74 3.44 -21.32
C VAL C 846 40.66 3.08 -22.47
N ARG C 847 40.28 2.03 -23.21
CA ARG C 847 41.12 1.60 -24.30
C ARG C 847 41.27 2.70 -25.33
N ASN C 848 40.20 3.42 -25.63
CA ASN C 848 40.29 4.56 -26.55
C ASN C 848 41.18 5.65 -26.00
N LEU C 849 40.95 6.06 -24.75
CA LEU C 849 41.71 7.16 -24.18
C LEU C 849 43.19 6.89 -24.29
N PHE C 850 43.61 5.68 -23.95
CA PHE C 850 45.03 5.40 -23.99
C PHE C 850 45.53 5.08 -25.38
N ALA C 851 44.67 4.63 -26.28
CA ALA C 851 45.13 4.44 -27.64
C ALA C 851 45.36 5.75 -28.34
N SER C 852 44.73 6.81 -27.88
CA SER C 852 44.99 8.14 -28.41
C SER C 852 45.97 8.93 -27.56
N VAL C 853 46.72 8.25 -26.69
CA VAL C 853 47.69 8.94 -25.79
C VAL C 853 49.12 8.55 -26.19
N LYS C 854 49.28 7.42 -26.89
CA LYS C 854 50.63 6.93 -27.28
C LYS C 854 50.89 7.25 -28.76
N SER C 855 51.57 6.35 -29.48
CA SER C 855 51.85 6.50 -30.93
C SER C 855 52.83 7.65 -31.19
N SER C 856 53.75 7.92 -30.25
CA SER C 856 54.79 8.94 -30.50
C SER C 856 56.17 8.37 -30.16
N GLN C 857 57.18 8.71 -30.97
CA GLN C 857 58.55 8.18 -30.74
C GLN C 857 58.99 8.67 -29.36
N SER C 858 59.49 7.78 -28.51
CA SER C 858 59.83 8.25 -27.15
C SER C 858 61.34 8.16 -26.94
N SER C 859 61.99 9.29 -26.65
CA SER C 859 63.43 9.19 -26.29
C SER C 859 63.47 8.37 -25.00
N PRO C 860 64.38 7.40 -24.82
CA PRO C 860 64.33 6.56 -23.63
C PRO C 860 64.44 7.49 -22.42
N ILE C 861 63.55 7.32 -21.43
CA ILE C 861 63.56 8.21 -20.23
C ILE C 861 65.00 8.30 -19.75
N ILE C 862 65.64 9.45 -19.91
CA ILE C 862 67.09 9.50 -19.56
C ILE C 862 67.21 9.96 -18.11
N PRO C 863 68.25 9.55 -17.34
CA PRO C 863 68.34 9.90 -15.92
C PRO C 863 68.41 11.41 -15.66
N GLY C 864 69.12 12.16 -16.50
CA GLY C 864 69.21 13.63 -16.34
C GLY C 864 68.65 14.35 -17.55
N PHE C 865 67.32 14.43 -17.69
CA PHE C 865 66.68 15.00 -18.92
C PHE C 865 67.33 16.32 -19.37
N GLY C 866 66.84 17.45 -18.85
CA GLY C 866 67.44 18.75 -19.20
C GLY C 866 68.87 18.84 -18.69
N GLY C 867 69.13 18.34 -17.48
CA GLY C 867 70.47 18.43 -16.88
C GLY C 867 70.56 19.70 -16.03
N ASP C 868 69.61 20.62 -16.22
CA ASP C 868 69.54 21.83 -15.38
C ASP C 868 68.16 21.84 -14.74
N PHE C 869 67.31 20.89 -15.12
CA PHE C 869 65.92 20.82 -14.59
C PHE C 869 65.73 19.54 -13.79
N ASN C 870 65.52 19.67 -12.48
CA ASN C 870 65.30 18.49 -11.60
C ASN C 870 63.88 17.96 -11.80
N LEU C 871 63.69 17.01 -12.72
CA LEU C 871 62.37 16.42 -12.89
C LEU C 871 62.12 15.37 -11.83
N THR C 872 61.06 15.57 -11.04
CA THR C 872 60.56 14.57 -10.12
C THR C 872 59.92 13.41 -10.86
N LEU C 873 59.61 13.63 -12.12
CA LEU C 873 58.69 12.84 -12.94
C LEU C 873 59.31 11.57 -13.49
N LEU C 874 60.57 11.30 -13.19
CA LEU C 874 61.19 10.06 -13.63
C LEU C 874 60.69 8.90 -12.79
N GLU C 875 60.68 7.74 -13.37
CA GLU C 875 60.28 6.59 -12.56
C GLU C 875 61.41 6.19 -11.63
N PRO C 876 61.13 5.91 -10.36
CA PRO C 876 62.24 5.65 -9.43
C PRO C 876 62.93 4.32 -9.66
N VAL C 877 62.18 3.28 -9.98
CA VAL C 877 62.74 1.95 -10.24
C VAL C 877 63.55 1.44 -9.04
N ALA C 886 58.50 2.46 -12.95
CA ALA C 886 57.10 2.17 -12.71
C ALA C 886 56.52 3.09 -11.64
N ARG C 887 55.55 3.91 -12.03
CA ARG C 887 54.87 4.82 -11.11
C ARG C 887 55.84 5.80 -10.46
N SER C 888 56.08 6.88 -11.22
CA SER C 888 57.02 7.97 -10.84
C SER C 888 56.79 8.53 -9.45
N ALA C 889 57.68 9.43 -9.02
CA ALA C 889 57.62 9.88 -7.64
C ALA C 889 56.36 10.68 -7.33
N ILE C 890 56.01 11.66 -8.16
CA ILE C 890 54.82 12.45 -7.90
C ILE C 890 53.60 11.57 -7.87
N GLU C 891 53.54 10.61 -8.79
CA GLU C 891 52.39 9.73 -8.87
C GLU C 891 52.29 8.86 -7.63
N ASP C 892 53.43 8.31 -7.19
CA ASP C 892 53.50 7.64 -5.89
C ASP C 892 52.96 8.52 -4.78
N LEU C 893 53.40 9.77 -4.72
CA LEU C 893 53.02 10.62 -3.62
C LEU C 893 51.53 10.87 -3.62
N LEU C 894 51.00 11.35 -4.75
CA LEU C 894 49.56 11.68 -4.82
C LEU C 894 48.77 10.40 -4.49
N PHE C 895 49.27 9.22 -4.87
CA PHE C 895 48.55 8.02 -4.47
C PHE C 895 48.63 7.75 -2.98
N ASP C 896 49.74 8.11 -2.34
CA ASP C 896 49.84 7.94 -0.90
C ASP C 896 48.89 8.86 -0.15
N LYS C 897 48.88 10.14 -0.51
CA LYS C 897 48.12 11.10 0.26
C LYS C 897 46.62 11.03 0.01
N VAL C 898 46.17 10.23 -0.93
CA VAL C 898 44.74 9.97 -1.10
C VAL C 898 44.38 8.77 -0.25
N THR C 899 43.23 8.84 0.41
CA THR C 899 42.84 7.81 1.36
C THR C 899 42.01 6.76 0.63
N ILE C 900 42.67 5.67 0.22
CA ILE C 900 41.96 4.60 -0.55
C ILE C 900 42.02 3.30 0.25
N ALA C 901 40.86 2.72 0.56
CA ALA C 901 40.80 1.43 1.31
C ALA C 901 41.46 0.32 0.48
N ASP C 902 41.22 0.30 -0.83
CA ASP C 902 41.81 -0.72 -1.75
C ASP C 902 41.02 -2.04 -1.66
N PRO C 903 40.22 -2.42 -2.68
CA PRO C 903 39.51 -3.69 -2.67
C PRO C 903 40.48 -4.88 -2.68
N GLY C 904 41.56 -4.79 -3.47
CA GLY C 904 42.57 -5.86 -3.52
C GLY C 904 42.28 -6.88 -4.60
N TYR C 905 43.32 -7.54 -5.12
CA TYR C 905 43.17 -8.59 -6.16
C TYR C 905 44.00 -9.78 -5.71
N MET C 906 43.62 -11.02 -6.04
CA MET C 906 44.28 -12.23 -5.54
C MET C 906 44.58 -12.13 -4.05
N GLN C 907 44.01 -11.14 -3.37
CA GLN C 907 44.29 -10.90 -1.97
C GLN C 907 43.07 -10.63 -1.13
N GLY C 908 42.04 -9.99 -1.66
CA GLY C 908 41.08 -9.28 -0.84
C GLY C 908 40.27 -10.18 0.08
N TYR C 909 39.85 -11.31 -0.47
CA TYR C 909 39.01 -12.22 0.30
C TYR C 909 39.75 -12.78 1.51
N ASP C 910 41.03 -13.13 1.34
CA ASP C 910 41.84 -13.48 2.50
C ASP C 910 42.08 -12.30 3.41
N ASP C 911 42.49 -11.17 2.83
CA ASP C 911 42.81 -9.96 3.64
C ASP C 911 41.68 -9.71 4.64
N CYS C 912 40.43 -9.79 4.18
CA CYS C 912 39.32 -9.52 5.08
C CYS C 912 38.75 -10.78 5.70
N MET C 913 39.23 -11.97 5.30
CA MET C 913 38.93 -13.17 6.07
C MET C 913 39.71 -13.20 7.37
N GLN C 914 40.92 -12.63 7.37
CA GLN C 914 41.73 -12.64 8.57
C GLN C 914 41.29 -11.59 9.57
N GLN C 915 40.32 -10.74 9.21
CA GLN C 915 39.73 -9.82 10.19
C GLN C 915 38.89 -10.59 11.20
N ILE C 924 33.74 -2.29 0.57
CA ILE C 924 34.81 -2.92 1.33
C ILE C 924 34.53 -4.42 1.46
N CYS C 925 33.29 -4.75 1.80
CA CYS C 925 32.81 -6.12 1.80
C CYS C 925 32.18 -6.49 0.46
N ALA C 926 32.92 -6.20 -0.60
CA ALA C 926 32.56 -6.71 -1.91
C ALA C 926 32.65 -8.22 -1.95
N GLN C 927 33.68 -8.79 -1.34
CA GLN C 927 33.94 -10.23 -1.41
C GLN C 927 33.10 -10.98 -0.40
N TYR C 928 32.23 -10.31 0.37
CA TYR C 928 31.55 -11.05 1.48
C TYR C 928 30.01 -10.95 1.42
N VAL C 929 29.48 -9.73 1.38
CA VAL C 929 28.00 -9.60 1.26
C VAL C 929 27.65 -10.31 -0.05
N ALA C 930 28.47 -10.12 -1.09
CA ALA C 930 28.25 -10.76 -2.41
C ALA C 930 26.93 -10.22 -2.97
N GLY C 931 26.49 -9.09 -2.40
CA GLY C 931 25.65 -8.15 -3.14
C GLY C 931 26.40 -7.66 -4.35
N TYR C 932 27.58 -7.08 -4.21
CA TYR C 932 28.35 -6.45 -5.26
C TYR C 932 29.77 -6.99 -5.30
N LYS C 933 30.53 -6.48 -6.26
CA LYS C 933 31.88 -6.94 -6.48
C LYS C 933 32.57 -5.90 -7.34
N VAL C 934 33.65 -5.35 -6.84
CA VAL C 934 34.43 -4.39 -7.58
C VAL C 934 35.27 -5.15 -8.61
N LEU C 935 35.26 -4.70 -9.77
CA LEU C 935 36.12 -5.37 -10.74
C LEU C 935 37.46 -4.65 -10.87
N PRO C 936 38.48 -5.37 -11.31
CA PRO C 936 39.79 -4.75 -11.46
C PRO C 936 39.83 -3.79 -12.63
N PRO C 937 40.77 -2.86 -12.65
CA PRO C 937 40.71 -1.77 -13.63
C PRO C 937 41.39 -2.02 -14.97
N LEU C 938 41.28 -3.19 -15.57
CA LEU C 938 41.56 -3.37 -17.00
C LEU C 938 43.02 -3.08 -17.38
N MET C 939 43.77 -2.44 -16.50
CA MET C 939 45.19 -2.24 -16.72
C MET C 939 45.90 -2.20 -15.39
N ASP C 940 47.09 -2.76 -15.35
CA ASP C 940 47.86 -2.67 -14.13
C ASP C 940 48.64 -1.36 -14.06
N VAL C 941 49.03 -1.00 -12.85
CA VAL C 941 49.68 0.27 -12.63
C VAL C 941 50.96 0.35 -13.41
N ASN C 942 51.63 -0.77 -13.60
CA ASN C 942 52.89 -0.76 -14.34
C ASN C 942 52.68 -0.36 -15.78
N MET C 943 51.60 -0.80 -16.41
CA MET C 943 51.44 -0.40 -17.80
C MET C 943 50.81 0.97 -17.95
N GLU C 944 49.96 1.38 -17.03
CA GLU C 944 49.51 2.77 -17.07
C GLU C 944 50.70 3.71 -16.92
N ALA C 945 51.62 3.39 -16.02
CA ALA C 945 52.84 4.15 -15.91
C ALA C 945 53.69 4.02 -17.16
N ALA C 946 53.63 2.87 -17.85
CA ALA C 946 54.36 2.74 -19.10
C ALA C 946 53.84 3.72 -20.14
N TYR C 947 52.52 3.83 -20.26
CA TYR C 947 51.94 4.77 -21.20
C TYR C 947 52.39 6.19 -20.88
N THR C 948 52.24 6.61 -19.62
CA THR C 948 52.60 7.96 -19.26
C THR C 948 54.10 8.23 -19.37
N SER C 949 54.95 7.24 -19.13
CA SER C 949 56.37 7.50 -19.25
C SER C 949 56.78 7.60 -20.71
N SER C 950 56.14 6.83 -21.59
CA SER C 950 56.38 7.08 -23.00
C SER C 950 55.94 8.46 -23.41
N LEU C 951 54.81 8.94 -22.88
CA LEU C 951 54.38 10.30 -23.16
C LEU C 951 55.42 11.32 -22.72
N LEU C 952 55.92 11.15 -21.50
CA LEU C 952 56.94 12.05 -20.98
C LEU C 952 58.17 12.04 -21.85
N GLY C 953 58.60 10.87 -22.31
CA GLY C 953 59.72 10.83 -23.22
C GLY C 953 59.42 11.59 -24.50
N SER C 954 58.22 11.45 -25.02
CA SER C 954 57.87 12.07 -26.29
C SER C 954 57.78 13.58 -26.23
N ILE C 955 57.70 14.17 -25.03
CA ILE C 955 57.43 15.61 -24.89
C ILE C 955 58.32 16.44 -25.83
N ALA C 956 59.63 16.40 -25.62
CA ALA C 956 60.52 17.34 -26.27
C ALA C 956 60.52 17.16 -27.79
N GLY C 957 60.50 15.91 -28.24
CA GLY C 957 60.48 15.66 -29.67
C GLY C 957 59.18 16.12 -30.32
N VAL C 958 58.04 15.79 -29.72
CA VAL C 958 56.77 16.10 -30.37
C VAL C 958 56.52 17.59 -30.37
N GLY C 959 56.91 18.26 -29.28
CA GLY C 959 56.65 19.72 -29.14
C GLY C 959 57.62 20.55 -29.96
N TRP C 960 57.35 20.70 -31.25
CA TRP C 960 58.25 21.48 -32.15
C TRP C 960 57.42 21.97 -33.34
N THR C 961 58.02 22.82 -34.19
CA THR C 961 57.32 23.28 -35.43
C THR C 961 57.02 22.06 -36.29
N ALA C 962 57.85 21.01 -36.22
CA ALA C 962 57.63 19.74 -36.96
C ALA C 962 56.15 19.55 -37.31
N GLY C 963 55.25 19.60 -36.32
CA GLY C 963 53.82 19.38 -36.56
C GLY C 963 53.20 18.48 -35.51
N LEU C 964 52.79 17.28 -35.91
CA LEU C 964 52.14 16.33 -34.95
C LEU C 964 53.15 15.27 -34.51
N SER C 965 52.94 14.01 -34.90
CA SER C 965 53.70 12.86 -34.34
C SER C 965 55.18 12.99 -34.69
N SER C 966 55.48 13.42 -35.92
CA SER C 966 56.89 13.56 -36.37
C SER C 966 57.76 14.03 -35.19
N PHE C 967 58.03 13.15 -34.23
CA PHE C 967 58.91 13.50 -33.09
C PHE C 967 60.35 13.70 -33.58
N ALA C 968 61.11 14.62 -32.96
CA ALA C 968 62.54 14.75 -33.29
C ALA C 968 63.34 14.64 -31.98
N ALA C 969 64.18 13.61 -31.83
CA ALA C 969 64.91 13.40 -30.56
C ALA C 969 65.65 14.68 -30.15
N ILE C 970 65.08 15.51 -29.27
CA ILE C 970 65.78 16.78 -28.96
C ILE C 970 65.97 16.88 -27.45
N PRO C 971 67.01 17.58 -26.93
CA PRO C 971 67.18 17.77 -25.49
C PRO C 971 66.05 18.62 -24.86
N PHE C 972 65.69 18.33 -23.61
CA PHE C 972 64.58 19.07 -22.94
C PHE C 972 64.94 20.54 -22.81
N ALA C 973 66.21 20.85 -22.53
CA ALA C 973 66.66 22.27 -22.43
C ALA C 973 66.24 23.02 -23.70
N GLN C 974 66.76 22.61 -24.87
CA GLN C 974 66.45 23.26 -26.12
C GLN C 974 64.96 23.33 -26.34
N SER C 975 64.22 22.28 -25.97
CA SER C 975 62.77 22.33 -26.12
C SER C 975 62.18 23.50 -25.36
N ILE C 976 62.54 23.66 -24.08
CA ILE C 976 62.05 24.81 -23.32
C ILE C 976 62.49 26.14 -23.89
N PHE C 977 63.74 26.29 -24.29
CA PHE C 977 64.10 27.61 -24.79
C PHE C 977 63.41 27.94 -26.09
N TYR C 978 63.08 26.95 -26.92
CA TYR C 978 62.24 27.26 -28.07
C TYR C 978 60.81 27.58 -27.69
N ARG C 979 60.20 26.78 -26.82
CA ARG C 979 58.85 27.08 -26.36
C ARG C 979 58.79 28.46 -25.73
N LEU C 980 59.92 28.92 -25.20
CA LEU C 980 59.93 30.13 -24.42
C LEU C 980 60.19 31.34 -25.31
N ASN C 981 61.07 31.17 -26.30
CA ASN C 981 61.32 32.26 -27.28
C ASN C 981 60.13 32.33 -28.24
N GLY C 982 59.31 31.28 -28.30
CA GLY C 982 58.21 31.26 -29.28
C GLY C 982 56.85 31.67 -28.72
N VAL C 983 56.40 31.04 -27.62
CA VAL C 983 55.11 31.41 -26.99
C VAL C 983 55.23 32.84 -26.46
N GLY C 984 56.37 33.17 -25.83
CA GLY C 984 56.59 34.52 -25.27
C GLY C 984 57.44 35.39 -26.17
N ILE C 985 57.57 36.68 -25.83
CA ILE C 985 58.35 37.64 -26.67
C ILE C 985 59.76 37.82 -26.06
N THR C 986 60.11 37.02 -25.05
CA THR C 986 61.50 37.12 -24.55
C THR C 986 62.42 36.86 -25.74
N GLN C 987 63.41 37.72 -25.95
CA GLN C 987 64.29 37.59 -27.15
C GLN C 987 65.34 36.50 -26.89
N GLN C 988 66.01 36.04 -27.95
CA GLN C 988 67.11 35.05 -27.73
C GLN C 988 68.15 35.58 -26.72
N VAL C 989 68.49 36.86 -26.82
CA VAL C 989 69.55 37.45 -25.94
C VAL C 989 69.16 37.19 -24.48
N LEU C 990 67.87 37.37 -24.14
CA LEU C 990 67.40 37.15 -22.76
C LEU C 990 67.57 35.68 -22.36
N SER C 991 67.40 34.76 -23.32
CA SER C 991 67.48 33.30 -23.02
C SER C 991 68.90 32.77 -23.18
N GLU C 992 69.46 32.80 -24.39
CA GLU C 992 70.80 32.20 -24.63
C GLU C 992 71.90 32.90 -23.84
N ASN C 993 71.92 34.25 -23.82
CA ASN C 993 73.03 34.95 -23.14
C ASN C 993 72.99 34.66 -21.63
N GLN C 994 71.80 34.70 -21.03
CA GLN C 994 71.68 34.33 -19.59
C GLN C 994 70.61 33.24 -19.46
N LYS C 995 70.99 32.05 -19.01
CA LYS C 995 70.01 30.95 -18.82
C LYS C 995 69.72 30.81 -17.33
N LEU C 996 69.83 29.60 -16.79
CA LEU C 996 69.64 29.38 -15.32
C LEU C 996 68.23 29.83 -14.94
N ILE C 997 67.39 30.15 -15.92
CA ILE C 997 65.96 30.43 -15.59
C ILE C 997 65.55 29.06 -15.04
N ALA C 998 66.40 28.06 -15.33
CA ALA C 998 66.21 26.72 -14.80
C ALA C 998 65.93 26.76 -13.31
N ASN C 999 66.52 27.72 -12.60
CA ASN C 999 66.29 27.82 -11.17
C ASN C 999 64.85 28.19 -10.83
N LYS C 1000 64.24 29.13 -11.54
CA LYS C 1000 62.83 29.41 -11.27
C LYS C 1000 61.95 28.25 -11.68
N PHE C 1001 62.29 27.60 -12.79
CA PHE C 1001 61.57 26.39 -13.18
C PHE C 1001 61.56 25.39 -12.05
N ASN C 1002 62.73 25.12 -11.48
CA ASN C 1002 62.83 24.10 -10.44
C ASN C 1002 62.18 24.54 -9.15
N GLN C 1003 62.16 25.85 -8.86
CA GLN C 1003 61.39 26.29 -7.70
C GLN C 1003 59.91 25.98 -7.89
N ALA C 1004 59.39 26.21 -9.09
CA ALA C 1004 57.99 25.88 -9.35
C ALA C 1004 57.74 24.39 -9.17
N LEU C 1005 58.58 23.56 -9.78
CA LEU C 1005 58.45 22.12 -9.61
C LEU C 1005 58.54 21.69 -8.15
N GLY C 1006 59.44 22.28 -7.37
CA GLY C 1006 59.57 21.90 -5.98
C GLY C 1006 58.34 22.25 -5.16
N ALA C 1007 57.81 23.46 -5.37
CA ALA C 1007 56.59 23.80 -4.64
C ALA C 1007 55.48 22.83 -4.98
N MET C 1008 55.36 22.45 -6.26
CA MET C 1008 54.48 21.35 -6.59
C MET C 1008 54.74 20.12 -5.75
N GLN C 1009 56.00 19.68 -5.69
CA GLN C 1009 56.31 18.41 -4.97
C GLN C 1009 56.04 18.55 -3.47
N THR C 1010 56.45 19.66 -2.85
CA THR C 1010 56.34 19.80 -1.37
C THR C 1010 54.89 19.77 -0.87
N GLY C 1011 53.98 20.48 -1.54
CA GLY C 1011 52.59 20.59 -1.05
C GLY C 1011 51.60 19.78 -1.86
N PHE C 1012 51.35 18.53 -1.47
CA PHE C 1012 50.31 17.71 -2.14
C PHE C 1012 49.14 17.55 -1.16
N THR C 1013 49.04 18.46 -0.19
CA THR C 1013 47.97 18.40 0.84
C THR C 1013 46.61 18.79 0.22
N THR C 1014 45.53 18.56 0.97
CA THR C 1014 44.17 18.84 0.45
C THR C 1014 44.04 20.33 0.08
N THR C 1015 44.68 21.22 0.83
CA THR C 1015 44.53 22.68 0.56
C THR C 1015 44.95 22.97 -0.88
N ASN C 1016 45.88 22.18 -1.44
CA ASN C 1016 46.11 22.29 -2.89
C ASN C 1016 44.74 21.92 -3.48
N GLU C 1017 44.02 22.87 -4.08
CA GLU C 1017 42.59 22.61 -4.48
C GLU C 1017 42.47 21.42 -5.44
N ALA C 1018 43.39 21.27 -6.39
CA ALA C 1018 43.25 20.19 -7.39
C ALA C 1018 43.26 18.82 -6.74
N PHE C 1019 44.15 18.60 -5.77
CA PHE C 1019 44.27 17.28 -5.08
C PHE C 1019 42.94 16.96 -4.38
N GLN C 1020 42.21 18.00 -3.98
CA GLN C 1020 40.92 17.84 -3.24
C GLN C 1020 39.90 17.18 -4.18
N LYS C 1021 39.89 17.60 -5.45
CA LYS C 1021 38.95 17.03 -6.45
C LYS C 1021 39.20 15.53 -6.62
N VAL C 1022 40.47 15.10 -6.62
CA VAL C 1022 40.80 13.66 -6.74
C VAL C 1022 40.20 12.92 -5.55
N GLN C 1023 40.33 13.50 -4.35
CA GLN C 1023 39.77 12.87 -3.12
C GLN C 1023 38.24 12.82 -3.25
N ASP C 1024 37.64 13.88 -3.77
CA ASP C 1024 36.15 13.94 -3.91
C ASP C 1024 35.68 12.84 -4.88
N ALA C 1025 36.42 12.63 -5.97
CA ALA C 1025 36.03 11.58 -6.96
C ALA C 1025 36.11 10.20 -6.30
N VAL C 1026 37.14 9.97 -5.50
CA VAL C 1026 37.27 8.70 -4.77
C VAL C 1026 36.18 8.57 -3.73
N ASN C 1027 35.94 9.63 -2.96
CA ASN C 1027 34.82 9.63 -2.03
C ASN C 1027 33.52 9.41 -2.74
N ASN C 1028 33.37 9.87 -3.98
CA ASN C 1028 32.12 9.71 -4.70
C ASN C 1028 31.82 8.26 -4.95
N ASN C 1029 32.78 7.55 -5.54
CA ASN C 1029 32.43 6.18 -5.88
C ASN C 1029 32.42 5.29 -4.65
N ALA C 1030 33.28 5.57 -3.67
CA ALA C 1030 33.16 4.86 -2.40
C ALA C 1030 31.82 5.10 -1.74
N GLN C 1031 31.38 6.35 -1.70
CA GLN C 1031 30.06 6.69 -1.11
C GLN C 1031 29.00 5.69 -1.60
N ALA C 1032 28.72 5.67 -2.91
CA ALA C 1032 27.63 4.79 -3.40
C ALA C 1032 27.97 3.30 -3.19
N LEU C 1033 29.18 2.87 -3.54
CA LEU C 1033 29.48 1.42 -3.46
C LEU C 1033 29.55 0.95 -2.00
N SER C 1034 30.33 1.64 -1.17
CA SER C 1034 30.51 1.24 0.26
C SER C 1034 29.27 1.52 1.09
N LYS C 1035 28.60 2.65 0.86
CA LYS C 1035 27.48 3.05 1.76
C LYS C 1035 26.10 2.76 1.16
N LEU C 1036 25.78 3.31 -0.02
CA LEU C 1036 24.43 3.12 -0.49
C LEU C 1036 24.01 1.65 -0.44
N ALA C 1037 24.83 0.73 -0.96
CA ALA C 1037 24.40 -0.66 -0.95
C ALA C 1037 24.24 -1.19 0.45
N SER C 1038 25.25 -1.03 1.31
CA SER C 1038 25.19 -1.63 2.67
C SER C 1038 23.97 -1.13 3.46
N GLU C 1039 23.66 0.16 3.38
CA GLU C 1039 22.55 0.71 4.22
C GLU C 1039 21.18 0.34 3.65
N LEU C 1040 21.08 0.03 2.36
CA LEU C 1040 19.75 -0.24 1.76
C LEU C 1040 19.52 -1.75 1.67
N SER C 1041 20.28 -2.54 2.44
CA SER C 1041 20.07 -4.01 2.48
C SER C 1041 20.02 -4.46 3.94
N ASN C 1042 20.26 -3.55 4.87
CA ASN C 1042 20.27 -3.89 6.32
C ASN C 1042 18.83 -3.97 6.83
N THR C 1043 18.27 -2.83 7.23
CA THR C 1043 16.88 -2.79 7.74
C THR C 1043 16.05 -1.85 6.86
N PHE C 1044 15.79 -2.24 5.61
CA PHE C 1044 15.07 -1.35 4.66
C PHE C 1044 13.56 -1.41 4.92
N GLY C 1045 12.98 -2.61 4.99
CA GLY C 1045 11.52 -2.73 5.14
C GLY C 1045 11.07 -2.66 6.59
N ALA C 1046 9.77 -2.82 6.84
CA ALA C 1046 9.24 -2.80 8.21
C ALA C 1046 9.85 -3.87 9.09
N ILE C 1047 9.60 -5.15 8.80
CA ILE C 1047 10.30 -6.20 9.60
C ILE C 1047 11.36 -6.84 8.71
N SER C 1048 12.62 -6.39 8.83
CA SER C 1048 13.68 -6.87 7.91
C SER C 1048 14.94 -7.31 8.67
N ALA C 1049 14.92 -8.46 9.34
CA ALA C 1049 16.15 -8.97 9.99
C ALA C 1049 16.96 -9.74 8.95
N SER C 1050 17.65 -9.05 8.04
CA SER C 1050 18.41 -9.68 6.92
C SER C 1050 17.40 -10.26 5.92
N ILE C 1051 16.59 -11.24 6.34
CA ILE C 1051 15.48 -11.76 5.49
C ILE C 1051 14.25 -11.71 6.37
N GLY C 1052 13.13 -11.18 5.87
CA GLY C 1052 11.94 -10.96 6.73
C GLY C 1052 11.42 -12.18 7.47
N ASP C 1053 11.83 -12.38 8.74
CA ASP C 1053 11.21 -13.40 9.56
C ASP C 1053 11.32 -14.77 8.89
N ILE C 1054 12.57 -15.27 8.77
CA ILE C 1054 12.84 -16.35 7.82
C ILE C 1054 11.89 -17.52 8.05
N ILE C 1055 12.01 -18.17 9.18
CA ILE C 1055 11.03 -19.13 9.67
C ILE C 1055 10.76 -18.76 11.11
N GLN C 1056 11.84 -18.51 11.85
CA GLN C 1056 11.80 -18.33 13.29
C GLN C 1056 11.03 -17.09 13.75
N ARG C 1057 10.69 -16.17 12.85
CA ARG C 1057 9.85 -15.09 13.34
C ARG C 1057 8.44 -15.08 12.76
N LEU C 1058 8.09 -15.97 11.84
CA LEU C 1058 6.74 -15.95 11.29
C LEU C 1058 6.50 -17.22 10.48
N ASP C 1059 5.22 -17.55 10.31
CA ASP C 1059 4.84 -18.73 9.55
C ASP C 1059 4.82 -18.44 8.05
N VAL C 1060 4.50 -19.49 7.28
CA VAL C 1060 4.74 -19.47 5.85
C VAL C 1060 3.83 -18.46 5.14
N LEU C 1061 2.53 -18.47 5.46
CA LEU C 1061 1.56 -17.77 4.62
C LEU C 1061 1.71 -16.26 4.73
N GLU C 1062 2.21 -15.77 5.87
CA GLU C 1062 2.40 -14.34 5.99
C GLU C 1062 3.87 -13.96 5.84
N GLN C 1063 4.76 -14.92 6.03
CA GLN C 1063 6.18 -14.63 5.81
C GLN C 1063 6.36 -14.46 4.31
N ASP C 1064 5.52 -15.11 3.52
CA ASP C 1064 5.52 -14.80 2.09
C ASP C 1064 5.30 -13.32 1.85
N ALA C 1065 4.27 -12.73 2.46
CA ALA C 1065 3.97 -11.33 2.21
C ALA C 1065 5.09 -10.43 2.68
N GLN C 1066 5.64 -10.69 3.87
CA GLN C 1066 6.66 -9.77 4.38
C GLN C 1066 7.97 -9.91 3.61
N ILE C 1067 8.38 -11.12 3.28
CA ILE C 1067 9.51 -11.29 2.39
C ILE C 1067 9.25 -10.63 1.05
N ASP C 1068 8.01 -10.65 0.58
CA ASP C 1068 7.72 -10.01 -0.69
C ASP C 1068 7.92 -8.50 -0.60
N ARG C 1069 7.45 -7.88 0.48
CA ARG C 1069 7.67 -6.44 0.65
C ARG C 1069 9.16 -6.14 0.62
N LEU C 1070 9.93 -6.92 1.37
CA LEU C 1070 11.37 -6.73 1.42
C LEU C 1070 12.03 -6.90 0.05
N ILE C 1071 11.62 -7.92 -0.70
CA ILE C 1071 12.12 -8.12 -2.06
C ILE C 1071 11.84 -6.90 -2.92
N ASN C 1072 10.61 -6.40 -2.87
CA ASN C 1072 10.26 -5.26 -3.72
C ASN C 1072 11.12 -4.06 -3.39
N GLY C 1073 11.28 -3.77 -2.10
CA GLY C 1073 12.09 -2.62 -1.72
C GLY C 1073 13.54 -2.79 -2.13
N ARG C 1074 14.06 -4.00 -2.01
CA ARG C 1074 15.48 -4.21 -2.26
C ARG C 1074 15.76 -4.17 -3.76
N LEU C 1075 14.82 -4.66 -4.57
CA LEU C 1075 14.89 -4.44 -6.00
C LEU C 1075 14.83 -2.96 -6.38
N THR C 1076 13.96 -2.19 -5.75
CA THR C 1076 13.92 -0.76 -6.07
C THR C 1076 15.24 -0.10 -5.79
N THR C 1077 15.84 -0.42 -4.65
CA THR C 1077 17.15 0.13 -4.35
C THR C 1077 18.18 -0.24 -5.40
N LEU C 1078 18.17 -1.49 -5.85
CA LEU C 1078 19.17 -1.90 -6.81
C LEU C 1078 18.95 -1.24 -8.17
N ASN C 1079 17.70 -1.06 -8.58
CA ASN C 1079 17.41 -0.30 -9.79
C ASN C 1079 17.93 1.12 -9.68
N ALA C 1080 17.71 1.78 -8.54
CA ALA C 1080 18.24 3.11 -8.35
C ALA C 1080 19.75 3.12 -8.50
N PHE C 1081 20.41 2.13 -7.93
CA PHE C 1081 21.86 2.06 -8.02
C PHE C 1081 22.32 1.96 -9.46
N VAL C 1082 21.64 1.14 -10.25
CA VAL C 1082 22.03 1.00 -11.66
C VAL C 1082 21.85 2.31 -12.40
N ALA C 1083 20.73 2.99 -12.18
CA ALA C 1083 20.49 4.23 -12.91
C ALA C 1083 21.56 5.27 -12.58
N GLN C 1084 21.91 5.38 -11.30
CA GLN C 1084 22.90 6.37 -10.94
C GLN C 1084 24.29 6.00 -11.46
N GLN C 1085 24.60 4.70 -11.53
CA GLN C 1085 25.86 4.28 -12.15
C GLN C 1085 25.89 4.65 -13.62
N LEU C 1086 24.78 4.51 -14.33
CA LEU C 1086 24.74 4.96 -15.71
C LEU C 1086 25.04 6.45 -15.82
N VAL C 1087 24.45 7.25 -14.93
CA VAL C 1087 24.71 8.69 -14.98
C VAL C 1087 26.19 8.98 -14.80
N ARG C 1088 26.81 8.41 -13.76
CA ARG C 1088 28.23 8.71 -13.58
C ARG C 1088 29.07 8.18 -14.72
N SER C 1089 28.68 7.07 -15.34
CA SER C 1089 29.46 6.54 -16.44
C SER C 1089 29.41 7.46 -17.65
N GLU C 1090 28.24 8.03 -17.94
CA GLU C 1090 28.15 9.00 -19.03
C GLU C 1090 29.03 10.20 -18.76
N SER C 1091 28.96 10.76 -17.55
CA SER C 1091 29.77 11.92 -17.26
C SER C 1091 31.25 11.61 -17.37
N ALA C 1092 31.68 10.43 -16.90
CA ALA C 1092 33.08 10.05 -17.00
C ALA C 1092 33.51 9.91 -18.46
N ALA C 1093 32.67 9.35 -19.31
CA ALA C 1093 33.05 9.25 -20.71
C ALA C 1093 33.22 10.62 -21.35
N LEU C 1094 32.34 11.57 -21.04
CA LEU C 1094 32.54 12.91 -21.57
C LEU C 1094 33.85 13.52 -21.06
N SER C 1095 34.11 13.43 -19.76
CA SER C 1095 35.34 14.00 -19.26
C SER C 1095 36.57 13.28 -19.77
N ALA C 1096 36.46 12.01 -20.13
CA ALA C 1096 37.55 11.31 -20.78
C ALA C 1096 37.82 11.90 -22.15
N GLN C 1097 36.77 12.23 -22.88
CA GLN C 1097 36.97 12.97 -24.12
C GLN C 1097 37.71 14.27 -23.85
N LEU C 1098 37.36 14.96 -22.76
CA LEU C 1098 38.08 16.21 -22.40
C LEU C 1098 39.56 15.88 -22.12
N ALA C 1099 39.83 14.74 -21.47
CA ALA C 1099 41.21 14.34 -21.13
C ALA C 1099 42.03 14.13 -22.41
N LYS C 1100 41.47 13.40 -23.38
CA LYS C 1100 42.17 13.18 -24.68
C LYS C 1100 42.54 14.53 -25.28
N ASP C 1101 41.55 15.44 -25.35
CA ASP C 1101 41.80 16.78 -25.93
C ASP C 1101 42.87 17.51 -25.11
N LYS C 1102 42.76 17.50 -23.78
CA LYS C 1102 43.72 18.22 -22.91
C LYS C 1102 45.16 17.78 -23.22
N VAL C 1103 45.39 16.48 -23.35
CA VAL C 1103 46.78 15.98 -23.61
C VAL C 1103 47.25 16.51 -24.96
N ASN C 1104 46.41 16.42 -25.99
CA ASN C 1104 46.78 16.92 -27.34
C ASN C 1104 46.95 18.44 -27.33
N GLU C 1105 46.01 19.16 -26.72
CA GLU C 1105 46.04 20.65 -26.73
C GLU C 1105 47.21 21.22 -25.92
N CYS C 1106 47.48 20.68 -24.73
CA CYS C 1106 48.52 21.30 -23.86
C CYS C 1106 49.81 20.50 -23.82
N VAL C 1107 49.73 19.20 -23.51
CA VAL C 1107 50.97 18.37 -23.34
C VAL C 1107 51.69 18.18 -24.68
N LYS C 1108 51.14 17.36 -25.59
CA LYS C 1108 51.87 17.03 -26.84
C LYS C 1108 52.11 18.25 -27.74
N ALA C 1109 51.10 19.10 -27.94
CA ALA C 1109 51.31 20.33 -28.76
C ALA C 1109 51.85 21.46 -27.89
N GLN C 1110 52.18 22.60 -28.50
CA GLN C 1110 52.64 23.79 -27.74
C GLN C 1110 51.41 24.64 -27.38
N SER C 1111 51.62 25.90 -27.01
CA SER C 1111 50.48 26.74 -26.57
C SER C 1111 49.91 27.52 -27.76
N LYS C 1112 50.14 28.84 -27.81
CA LYS C 1112 49.56 29.69 -28.89
C LYS C 1112 48.03 29.62 -28.80
N ARG C 1113 47.51 29.42 -27.58
CA ARG C 1113 46.04 29.37 -27.37
C ARG C 1113 45.73 30.11 -26.07
N SER C 1114 44.52 30.62 -25.92
CA SER C 1114 44.20 31.45 -24.73
C SER C 1114 43.16 30.75 -23.84
N GLY C 1115 42.75 29.52 -24.18
CA GLY C 1115 41.66 28.92 -23.37
C GLY C 1115 41.90 27.53 -22.82
N PHE C 1116 42.47 26.59 -23.59
CA PHE C 1116 42.58 25.20 -23.09
C PHE C 1116 44.00 24.92 -22.58
N CYS C 1117 44.60 25.86 -21.83
CA CYS C 1117 46.01 25.69 -21.37
C CYS C 1117 46.29 26.39 -20.03
N GLY C 1118 47.45 26.12 -19.42
CA GLY C 1118 47.76 26.63 -18.06
C GLY C 1118 47.76 28.14 -17.93
N GLN C 1119 47.41 28.65 -16.74
CA GLN C 1119 47.34 30.11 -16.48
C GLN C 1119 48.52 30.88 -17.07
N GLY C 1120 48.27 32.11 -17.56
CA GLY C 1120 49.30 32.92 -18.23
C GLY C 1120 49.75 32.25 -19.52
N THR C 1121 50.88 32.68 -20.09
CA THR C 1121 51.40 31.99 -21.30
C THR C 1121 51.76 30.56 -20.89
N HIS C 1122 51.44 29.58 -21.73
CA HIS C 1122 51.69 28.16 -21.35
C HIS C 1122 53.02 27.69 -21.95
N ILE C 1123 53.93 27.20 -21.10
CA ILE C 1123 55.28 26.78 -21.58
C ILE C 1123 55.36 25.27 -21.79
N VAL C 1124 54.78 24.47 -20.88
CA VAL C 1124 54.89 22.98 -20.98
C VAL C 1124 53.89 22.33 -20.01
N SER C 1125 53.52 21.06 -20.23
CA SER C 1125 52.63 20.38 -19.31
C SER C 1125 53.07 18.93 -19.16
N PHE C 1126 52.70 18.33 -18.05
CA PHE C 1126 53.05 16.96 -17.72
C PHE C 1126 51.80 16.23 -17.27
N VAL C 1127 51.78 14.91 -17.44
CA VAL C 1127 50.63 14.12 -17.02
C VAL C 1127 51.17 12.97 -16.18
N VAL C 1128 50.40 12.60 -15.18
CA VAL C 1128 50.61 11.36 -14.44
C VAL C 1128 49.24 10.81 -14.13
N ASN C 1129 49.16 9.49 -13.98
CA ASN C 1129 47.90 8.88 -13.63
C ASN C 1129 47.50 9.32 -12.23
N ALA C 1130 46.24 9.13 -11.90
CA ALA C 1130 45.69 9.40 -10.59
C ALA C 1130 44.52 8.47 -10.34
N PRO C 1131 44.02 8.40 -9.13
CA PRO C 1131 42.84 7.56 -8.89
C PRO C 1131 41.70 7.93 -9.82
N ASN C 1132 41.29 6.97 -10.62
CA ASN C 1132 40.16 7.08 -11.56
C ASN C 1132 40.39 8.07 -12.69
N GLY C 1133 41.59 8.62 -12.86
CA GLY C 1133 41.76 9.57 -13.93
C GLY C 1133 43.18 10.08 -14.11
N LEU C 1134 43.35 11.17 -14.84
CA LEU C 1134 44.67 11.72 -15.11
C LEU C 1134 44.93 12.93 -14.22
N TYR C 1135 46.18 13.37 -14.16
CA TYR C 1135 46.54 14.52 -13.32
C TYR C 1135 47.50 15.39 -14.09
N PHE C 1136 47.22 16.69 -14.15
CA PHE C 1136 47.81 17.60 -15.09
C PHE C 1136 48.60 18.67 -14.36
N MET C 1137 49.79 18.97 -14.86
CA MET C 1137 50.68 19.90 -14.21
C MET C 1137 51.14 21.02 -15.14
N HIS C 1138 50.19 21.71 -15.75
CA HIS C 1138 50.53 22.78 -16.67
C HIS C 1138 51.51 23.75 -16.05
N VAL C 1139 52.56 24.09 -16.78
CA VAL C 1139 53.61 24.99 -16.30
C VAL C 1139 53.51 26.27 -17.11
N GLY C 1140 53.39 27.40 -16.43
CA GLY C 1140 53.18 28.64 -17.14
C GLY C 1140 54.20 29.72 -16.91
N TYR C 1141 53.93 30.88 -17.48
CA TYR C 1141 54.74 32.08 -17.33
C TYR C 1141 53.92 33.14 -16.62
N TYR C 1142 54.61 34.08 -15.97
CA TYR C 1142 53.95 35.07 -15.13
C TYR C 1142 54.75 36.38 -15.13
N PRO C 1143 54.15 37.47 -15.49
CA PRO C 1143 54.88 38.73 -15.63
C PRO C 1143 55.38 39.42 -14.35
N SER C 1144 54.45 39.74 -13.45
CA SER C 1144 54.72 40.12 -12.05
C SER C 1144 55.46 41.42 -11.74
N ASN C 1145 56.02 42.09 -12.76
CA ASN C 1145 56.73 43.38 -12.54
C ASN C 1145 56.47 44.31 -13.72
N HIS C 1146 55.21 44.69 -13.95
CA HIS C 1146 54.86 45.53 -15.13
C HIS C 1146 55.46 46.93 -15.02
N ILE C 1147 56.06 47.44 -16.10
CA ILE C 1147 56.62 48.81 -16.13
C ILE C 1147 56.01 49.52 -17.35
N GLU C 1148 55.47 50.73 -17.16
CA GLU C 1148 54.79 51.44 -18.28
C GLU C 1148 55.82 52.19 -19.14
N VAL C 1149 56.01 51.77 -20.40
CA VAL C 1149 57.00 52.42 -21.30
C VAL C 1149 56.25 52.97 -22.53
N VAL C 1150 56.45 54.25 -22.85
CA VAL C 1150 55.84 54.85 -24.07
C VAL C 1150 56.51 54.25 -25.29
N SER C 1151 55.75 53.95 -26.36
CA SER C 1151 56.36 53.30 -27.55
C SER C 1151 55.75 53.86 -28.86
N ALA C 1152 56.60 54.26 -29.80
CA ALA C 1152 56.11 54.75 -31.11
C ALA C 1152 55.56 53.56 -31.91
N TYR C 1153 54.52 53.79 -32.71
CA TYR C 1153 54.08 52.78 -33.71
C TYR C 1153 54.90 52.94 -34.99
N GLY C 1154 55.79 51.98 -35.30
CA GLY C 1154 56.48 52.03 -36.61
C GLY C 1154 57.62 53.02 -36.73
N LEU C 1155 58.25 53.07 -37.90
CA LEU C 1155 59.41 53.96 -38.13
C LEU C 1155 59.56 54.24 -39.63
N CYS C 1156 59.37 55.49 -40.07
CA CYS C 1156 59.50 55.88 -41.46
C CYS C 1156 60.80 56.64 -41.63
N ASP C 1157 60.92 57.38 -42.72
CA ASP C 1157 62.07 58.24 -42.94
C ASP C 1157 61.64 59.41 -43.82
N ALA C 1158 62.62 60.07 -44.44
CA ALA C 1158 62.32 60.97 -45.55
C ALA C 1158 61.43 60.28 -46.59
N ALA C 1159 61.92 59.20 -47.18
CA ALA C 1159 61.08 58.32 -47.98
C ALA C 1159 60.11 57.61 -47.07
N ASN C 1160 59.32 56.68 -47.63
CA ASN C 1160 58.33 55.97 -46.85
C ASN C 1160 58.41 54.45 -46.99
N PRO C 1161 59.47 53.77 -46.48
CA PRO C 1161 59.53 52.30 -46.42
C PRO C 1161 59.44 51.99 -44.93
N THR C 1162 58.24 52.07 -44.34
CA THR C 1162 58.10 51.95 -42.86
C THR C 1162 58.53 50.59 -42.30
N ASN C 1163 59.13 50.59 -41.12
CA ASN C 1163 59.53 49.32 -40.44
C ASN C 1163 58.66 49.13 -39.20
N CYS C 1164 57.75 48.14 -39.23
CA CYS C 1164 56.83 47.90 -38.09
C CYS C 1164 57.60 47.34 -36.90
N TYR C 1171 59.04 48.91 -30.44
CA TYR C 1171 59.99 50.04 -30.58
C TYR C 1171 59.87 50.97 -29.37
N PHE C 1172 60.47 50.59 -28.23
CA PHE C 1172 60.45 51.47 -27.04
C PHE C 1172 61.25 52.74 -27.35
N ILE C 1173 60.78 53.89 -26.87
CA ILE C 1173 61.48 55.18 -27.12
C ILE C 1173 62.44 55.46 -25.97
N THR C 1175 66.65 55.42 -27.86
CA THR C 1175 65.90 56.09 -28.97
C THR C 1175 64.95 55.08 -29.62
N ASN C 1176 65.42 53.85 -29.83
CA ASN C 1176 64.58 52.78 -30.47
C ASN C 1176 65.01 51.43 -29.88
N ASN C 1177 64.12 50.75 -29.16
CA ASN C 1177 64.49 49.48 -28.48
C ASN C 1177 63.76 48.32 -29.16
N THR C 1178 64.49 47.34 -29.69
CA THR C 1178 63.82 46.25 -30.44
C THR C 1178 63.57 45.06 -29.52
N ASP C 1182 59.82 39.96 -23.28
CA ASP C 1182 59.13 40.50 -22.09
C ASP C 1182 59.97 41.56 -21.36
N GLU C 1183 61.28 41.66 -21.65
CA GLU C 1183 62.12 42.61 -20.84
C GLU C 1183 63.40 43.03 -21.57
N TRP C 1184 64.10 44.06 -21.05
CA TRP C 1184 65.42 44.51 -21.58
C TRP C 1184 65.28 45.38 -22.84
N SER C 1185 66.40 45.88 -23.37
CA SER C 1185 66.36 46.78 -24.55
C SER C 1185 67.36 46.30 -25.60
N TYR C 1186 67.05 46.47 -26.89
CA TYR C 1186 67.93 45.98 -27.98
C TYR C 1186 68.17 47.07 -29.01
N THR C 1187 69.44 47.39 -29.30
CA THR C 1187 69.77 48.53 -30.21
C THR C 1187 69.31 48.34 -31.66
N GLY C 1188 69.48 47.16 -32.26
CA GLY C 1188 69.16 47.03 -33.70
C GLY C 1188 68.14 45.95 -34.03
N SER C 1189 67.11 46.32 -34.80
CA SER C 1189 66.08 45.33 -35.23
C SER C 1189 66.68 44.28 -36.16
N SER C 1190 67.46 44.69 -37.15
CA SER C 1190 68.01 43.73 -38.17
C SER C 1190 66.88 42.90 -38.78
N PHE C 1191 66.56 41.75 -38.19
CA PHE C 1191 65.51 40.84 -38.72
C PHE C 1191 64.21 41.02 -37.93
N TYR C 1192 64.23 41.86 -36.89
CA TYR C 1192 63.05 42.00 -36.01
C TYR C 1192 61.95 42.81 -36.72
N ALA C 1193 62.34 43.89 -37.41
CA ALA C 1193 61.34 44.76 -38.08
C ALA C 1193 61.03 44.31 -39.52
N PRO C 1194 59.75 44.12 -39.88
CA PRO C 1194 59.36 43.79 -41.27
C PRO C 1194 59.18 45.11 -42.04
N GLU C 1195 58.68 45.05 -43.27
CA GLU C 1195 58.44 46.30 -44.05
C GLU C 1195 57.01 46.34 -44.61
N PRO C 1196 55.98 46.73 -43.82
CA PRO C 1196 54.62 46.91 -44.36
C PRO C 1196 54.39 48.29 -44.98
N ILE C 1197 53.17 48.59 -45.44
CA ILE C 1197 52.86 49.85 -46.08
C ILE C 1197 52.69 50.92 -45.01
N THR C 1198 52.71 52.18 -45.42
CA THR C 1198 52.71 53.26 -44.48
C THR C 1198 51.33 53.49 -43.90
N SER C 1199 51.30 54.12 -42.74
CA SER C 1199 50.07 54.57 -42.10
C SER C 1199 50.26 56.00 -41.61
N LEU C 1200 49.30 56.51 -40.84
CA LEU C 1200 49.09 57.95 -40.75
C LEU C 1200 50.09 58.60 -39.79
N ASN C 1201 50.09 59.93 -39.76
CA ASN C 1201 50.80 60.77 -38.78
C ASN C 1201 52.32 60.60 -38.90
N THR C 1202 52.83 61.03 -40.05
CA THR C 1202 54.02 60.47 -40.65
C THR C 1202 55.28 60.65 -39.80
N LYS C 1203 56.37 60.01 -40.27
CA LYS C 1203 57.66 59.92 -39.52
C LYS C 1203 57.52 58.64 -38.69
N TYR C 1204 56.29 58.26 -38.39
CA TYR C 1204 56.00 56.99 -37.68
C TYR C 1204 54.75 56.39 -38.31
N VAL C 1205 54.53 55.07 -38.20
CA VAL C 1205 53.28 54.46 -38.72
C VAL C 1205 52.10 55.08 -37.96
N ALA C 1206 52.25 55.34 -36.66
CA ALA C 1206 51.20 56.01 -35.85
C ALA C 1206 49.81 55.80 -36.47
N GLU D 1 -52.64 -8.49 -33.84
CA GLU D 1 -53.17 -8.28 -35.21
C GLU D 1 -52.31 -9.04 -36.22
N VAL D 2 -52.61 -10.32 -36.44
CA VAL D 2 -51.84 -11.15 -37.41
C VAL D 2 -52.09 -10.61 -38.84
N GLN D 3 -51.07 -10.59 -39.68
CA GLN D 3 -51.22 -10.13 -41.09
C GLN D 3 -50.75 -11.22 -42.05
N LEU D 4 -51.55 -11.52 -43.09
CA LEU D 4 -51.17 -12.57 -44.07
C LEU D 4 -51.16 -12.00 -45.49
N VAL D 5 -50.08 -12.24 -46.24
CA VAL D 5 -50.01 -11.80 -47.66
C VAL D 5 -49.74 -13.02 -48.54
N GLN D 6 -50.51 -13.20 -49.62
CA GLN D 6 -50.37 -14.41 -50.47
C GLN D 6 -49.91 -14.00 -51.88
N SER D 7 -49.41 -14.97 -52.66
CA SER D 7 -48.86 -14.65 -54.01
C SER D 7 -49.95 -14.20 -54.98
N GLY D 8 -49.55 -13.61 -56.11
CA GLY D 8 -50.50 -13.15 -57.13
C GLY D 8 -51.09 -14.31 -57.93
N ALA D 9 -52.18 -14.07 -58.66
CA ALA D 9 -52.85 -15.16 -59.41
C ALA D 9 -51.87 -15.77 -60.40
N GLU D 10 -51.84 -17.11 -60.50
CA GLU D 10 -50.85 -17.79 -61.38
C GLU D 10 -51.60 -18.68 -62.39
N VAL D 11 -51.23 -18.61 -63.66
CA VAL D 11 -51.85 -19.51 -64.69
C VAL D 11 -50.78 -20.52 -65.12
N LYS D 12 -51.08 -21.82 -65.03
CA LYS D 12 -50.08 -22.87 -65.37
C LYS D 12 -50.73 -23.96 -66.20
N LYS D 13 -50.14 -25.16 -66.24
CA LYS D 13 -50.64 -26.24 -67.13
C LYS D 13 -50.90 -27.51 -66.30
N PRO D 14 -51.80 -28.42 -66.74
CA PRO D 14 -51.99 -29.69 -66.03
C PRO D 14 -50.71 -30.51 -66.09
N GLY D 15 -50.35 -31.19 -64.99
CA GLY D 15 -49.10 -31.96 -64.95
C GLY D 15 -47.90 -31.09 -64.59
N SER D 16 -48.14 -29.80 -64.32
CA SER D 16 -47.03 -28.90 -63.89
C SER D 16 -46.91 -28.93 -62.37
N SER D 17 -46.18 -27.98 -61.79
CA SER D 17 -46.03 -27.90 -60.31
C SER D 17 -46.32 -26.46 -59.86
N VAL D 18 -47.12 -26.28 -58.80
CA VAL D 18 -47.48 -24.91 -58.35
C VAL D 18 -46.91 -24.64 -56.95
N LYS D 19 -46.27 -23.48 -56.75
CA LYS D 19 -45.73 -23.12 -55.43
C LYS D 19 -46.33 -21.76 -55.01
N VAL D 20 -47.20 -21.76 -54.00
CA VAL D 20 -47.85 -20.51 -53.53
C VAL D 20 -47.27 -20.15 -52.16
N SER D 21 -46.89 -18.88 -51.96
CA SER D 21 -46.22 -18.50 -50.69
C SER D 21 -47.17 -17.73 -49.77
N CYS D 22 -47.30 -18.19 -48.51
CA CYS D 22 -48.12 -17.46 -47.52
C CYS D 22 -47.16 -16.80 -46.54
N LYS D 23 -47.20 -15.47 -46.43
CA LYS D 23 -46.23 -14.74 -45.55
C LYS D 23 -47.02 -14.16 -44.37
N ALA D 24 -46.47 -14.25 -43.16
CA ALA D 24 -47.25 -13.82 -41.97
C ALA D 24 -46.48 -12.79 -41.15
N SER D 25 -47.18 -12.03 -40.30
CA SER D 25 -46.54 -11.01 -39.41
C SER D 25 -47.56 -10.60 -38.35
N GLY D 26 -47.13 -9.85 -37.33
CA GLY D 26 -48.09 -9.34 -36.31
C GLY D 26 -48.44 -10.38 -35.27
N GLY D 27 -47.77 -11.54 -35.31
CA GLY D 27 -47.98 -12.61 -34.31
C GLY D 27 -46.74 -13.47 -34.22
N THR D 28 -46.51 -14.13 -33.09
CA THR D 28 -45.25 -14.91 -32.94
C THR D 28 -45.24 -16.02 -34.00
N PHE D 29 -44.12 -16.14 -34.74
CA PHE D 29 -44.07 -17.12 -35.86
C PHE D 29 -44.18 -18.55 -35.32
N SER D 30 -43.50 -18.83 -34.21
CA SER D 30 -43.54 -20.19 -33.59
C SER D 30 -44.95 -20.52 -33.11
N SER D 31 -45.68 -19.52 -32.63
CA SER D 31 -47.01 -19.79 -32.02
C SER D 31 -48.09 -20.08 -33.06
N TYR D 32 -48.08 -19.40 -34.22
CA TYR D 32 -49.20 -19.57 -35.19
C TYR D 32 -49.13 -20.92 -35.92
N ALA D 33 -50.27 -21.41 -36.41
CA ALA D 33 -50.31 -22.67 -37.20
C ALA D 33 -50.99 -22.36 -38.54
N ILE D 34 -50.32 -22.66 -39.66
CA ILE D 34 -50.88 -22.27 -40.99
C ILE D 34 -51.69 -23.43 -41.58
N CYS D 35 -52.95 -23.19 -41.93
CA CYS D 35 -53.79 -24.24 -42.56
C CYS D 35 -54.16 -23.80 -43.98
N TRP D 36 -53.95 -24.67 -44.96
CA TRP D 36 -54.24 -24.32 -46.38
C TRP D 36 -55.61 -24.89 -46.77
N VAL D 37 -56.48 -24.05 -47.34
CA VAL D 37 -57.83 -24.51 -47.77
C VAL D 37 -58.03 -24.11 -49.24
N ARG D 38 -58.83 -24.88 -49.98
CA ARG D 38 -59.11 -24.55 -51.39
C ARG D 38 -60.61 -24.31 -51.57
N GLN D 39 -60.99 -23.18 -52.15
CA GLN D 39 -62.43 -22.93 -52.43
C GLN D 39 -62.66 -23.07 -53.94
N ALA D 40 -63.36 -24.12 -54.37
CA ALA D 40 -63.68 -24.28 -55.81
C ALA D 40 -64.76 -23.26 -56.19
N PRO D 41 -64.74 -22.68 -57.40
CA PRO D 41 -65.71 -21.65 -57.75
C PRO D 41 -67.13 -22.24 -57.71
N GLY D 42 -68.06 -21.52 -57.07
CA GLY D 42 -69.46 -22.01 -56.96
C GLY D 42 -69.52 -23.39 -56.32
N GLN D 43 -68.68 -23.66 -55.31
CA GLN D 43 -68.63 -25.01 -54.70
C GLN D 43 -68.38 -24.88 -53.19
N GLY D 44 -68.63 -25.95 -52.42
CA GLY D 44 -68.39 -25.93 -50.97
C GLY D 44 -66.91 -25.84 -50.65
N LEU D 45 -66.57 -25.16 -49.53
CA LEU D 45 -65.15 -24.99 -49.12
C LEU D 45 -64.54 -26.35 -48.76
N GLU D 46 -63.25 -26.54 -49.06
CA GLU D 46 -62.56 -27.80 -48.67
C GLU D 46 -61.22 -27.42 -48.04
N TRP D 47 -60.67 -28.29 -47.18
CA TRP D 47 -59.35 -28.03 -46.55
C TRP D 47 -58.33 -29.04 -47.08
N MET D 48 -57.20 -28.57 -47.58
CA MET D 48 -56.13 -29.52 -48.01
C MET D 48 -54.79 -29.13 -47.38
N GLY D 49 -54.33 -29.87 -46.37
CA GLY D 49 -52.99 -29.61 -45.80
C GLY D 49 -53.01 -28.72 -44.57
N GLY D 50 -52.53 -29.21 -43.43
CA GLY D 50 -52.41 -28.38 -42.22
C GLY D 50 -50.99 -28.50 -41.68
N ILE D 51 -50.30 -27.37 -41.47
CA ILE D 51 -48.87 -27.46 -41.04
C ILE D 51 -48.58 -26.51 -39.88
N ILE D 52 -47.83 -26.97 -38.88
CA ILE D 52 -47.39 -26.03 -37.80
C ILE D 52 -45.95 -25.67 -38.19
N PRO D 53 -45.62 -24.39 -38.43
CA PRO D 53 -44.28 -24.05 -38.93
C PRO D 53 -43.12 -24.44 -38.01
N PHE D 54 -43.22 -24.16 -36.71
CA PHE D 54 -42.07 -24.45 -35.81
C PHE D 54 -41.85 -25.96 -35.69
N PHE D 55 -42.92 -26.71 -35.45
CA PHE D 55 -42.83 -28.20 -35.33
C PHE D 55 -42.50 -28.83 -36.68
N GLY D 56 -43.06 -28.29 -37.77
CA GLY D 56 -42.76 -28.81 -39.12
C GLY D 56 -43.60 -30.04 -39.43
N THR D 57 -44.48 -30.42 -38.51
CA THR D 57 -45.38 -31.59 -38.73
C THR D 57 -46.41 -31.25 -39.81
N VAL D 58 -46.71 -32.20 -40.70
CA VAL D 58 -47.66 -31.92 -41.81
C VAL D 58 -48.78 -32.97 -41.82
N ASN D 59 -50.03 -32.53 -41.90
CA ASN D 59 -51.17 -33.48 -42.03
C ASN D 59 -51.91 -33.11 -43.31
N TYR D 60 -52.24 -34.08 -44.17
CA TYR D 60 -52.85 -33.75 -45.48
C TYR D 60 -54.23 -34.40 -45.61
N ALA D 61 -55.12 -33.78 -46.39
CA ALA D 61 -56.47 -34.35 -46.63
C ALA D 61 -56.31 -35.67 -47.39
N GLN D 62 -57.19 -36.65 -47.12
CA GLN D 62 -57.05 -37.99 -47.75
C GLN D 62 -57.16 -37.86 -49.27
N LYS D 63 -58.06 -37.01 -49.76
CA LYS D 63 -58.26 -36.85 -51.23
C LYS D 63 -56.97 -36.33 -51.88
N PHE D 64 -56.28 -35.38 -51.23
CA PHE D 64 -55.07 -34.77 -51.82
C PHE D 64 -53.80 -35.42 -51.26
N GLN D 65 -53.93 -36.49 -50.46
CA GLN D 65 -52.73 -37.07 -49.81
C GLN D 65 -51.74 -37.58 -50.85
N GLY D 66 -50.46 -37.27 -50.69
CA GLY D 66 -49.41 -37.74 -51.61
C GLY D 66 -49.32 -36.86 -52.85
N ARG D 67 -50.19 -35.86 -52.95
CA ARG D 67 -50.19 -34.95 -54.14
C ARG D 67 -49.79 -33.54 -53.68
N VAL D 68 -49.94 -33.26 -52.38
CA VAL D 68 -49.60 -31.91 -51.85
C VAL D 68 -48.47 -32.02 -50.81
N THR D 69 -47.42 -31.22 -50.96
CA THR D 69 -46.34 -31.20 -49.95
C THR D 69 -46.17 -29.76 -49.47
N ILE D 70 -46.19 -29.53 -48.15
CA ILE D 70 -46.12 -28.13 -47.64
C ILE D 70 -44.84 -27.95 -46.83
N THR D 71 -44.03 -26.94 -47.19
CA THR D 71 -42.76 -26.67 -46.46
C THR D 71 -42.79 -25.24 -45.92
N ALA D 72 -42.45 -25.05 -44.64
CA ALA D 72 -42.50 -23.70 -44.02
C ALA D 72 -41.09 -23.30 -43.56
N ASP D 73 -40.67 -22.07 -43.88
CA ASP D 73 -39.36 -21.55 -43.42
C ASP D 73 -39.61 -20.55 -42.28
N GLU D 74 -39.23 -20.92 -41.05
CA GLU D 74 -39.49 -20.05 -39.87
C GLU D 74 -38.74 -18.72 -40.02
N SER D 75 -37.51 -18.75 -40.54
CA SER D 75 -36.70 -17.51 -40.63
C SER D 75 -37.37 -16.48 -41.53
N THR D 76 -37.91 -16.91 -42.68
CA THR D 76 -38.55 -15.97 -43.64
C THR D 76 -40.05 -15.90 -43.35
N SER D 77 -40.54 -16.70 -42.39
CA SER D 77 -41.99 -16.73 -42.04
C SER D 77 -42.82 -17.00 -43.31
N THR D 78 -42.25 -17.73 -44.27
CA THR D 78 -42.96 -18.04 -45.53
C THR D 78 -43.38 -19.51 -45.54
N VAL D 79 -44.63 -19.79 -45.89
CA VAL D 79 -45.10 -21.21 -45.99
C VAL D 79 -45.40 -21.50 -47.46
N TYR D 80 -44.83 -22.58 -48.01
CA TYR D 80 -45.01 -22.87 -49.46
C TYR D 80 -45.85 -24.12 -49.63
N MET D 81 -46.92 -24.04 -50.42
CA MET D 81 -47.75 -25.25 -50.70
C MET D 81 -47.38 -25.74 -52.10
N GLU D 82 -46.97 -27.00 -52.21
CA GLU D 82 -46.52 -27.54 -53.52
C GLU D 82 -47.52 -28.60 -54.00
N LEU D 83 -48.10 -28.41 -55.18
CA LEU D 83 -49.06 -29.38 -55.76
C LEU D 83 -48.56 -29.80 -57.15
N SER D 84 -48.49 -31.09 -57.43
CA SER D 84 -48.05 -31.58 -58.76
C SER D 84 -49.22 -32.28 -59.45
N SER D 85 -49.00 -32.83 -60.65
CA SER D 85 -50.07 -33.58 -61.36
C SER D 85 -51.32 -32.70 -61.44
N LEU D 86 -51.17 -31.44 -61.88
CA LEU D 86 -52.32 -30.49 -61.87
C LEU D 86 -53.47 -31.02 -62.73
N ARG D 87 -54.71 -30.76 -62.31
CA ARG D 87 -55.92 -31.23 -63.06
C ARG D 87 -56.89 -30.06 -63.19
N SER D 88 -57.90 -30.19 -64.06
CA SER D 88 -58.92 -29.11 -64.25
C SER D 88 -59.63 -28.85 -62.92
N GLU D 89 -59.87 -29.90 -62.13
CA GLU D 89 -60.57 -29.78 -60.83
C GLU D 89 -59.75 -28.87 -59.90
N ASP D 90 -58.41 -28.89 -60.02
CA ASP D 90 -57.54 -28.09 -59.11
C ASP D 90 -57.84 -26.59 -59.23
N THR D 91 -58.23 -26.11 -60.42
CA THR D 91 -58.44 -24.64 -60.59
C THR D 91 -59.41 -24.16 -59.52
N ALA D 92 -59.04 -23.10 -58.78
CA ALA D 92 -59.87 -22.57 -57.67
C ALA D 92 -59.13 -21.43 -56.98
N VAL D 93 -59.59 -21.01 -55.79
CA VAL D 93 -58.88 -19.97 -55.01
C VAL D 93 -58.31 -20.63 -53.75
N TYR D 94 -57.06 -20.29 -53.37
CA TYR D 94 -56.41 -20.96 -52.21
C TYR D 94 -56.24 -19.96 -51.08
N TYR D 95 -56.67 -20.33 -49.87
CA TYR D 95 -56.59 -19.41 -48.70
C TYR D 95 -55.72 -20.02 -47.60
N CYS D 96 -54.82 -19.23 -47.00
CA CYS D 96 -54.01 -19.73 -45.85
C CYS D 96 -54.44 -18.97 -44.58
N ALA D 97 -54.61 -19.69 -43.47
CA ALA D 97 -55.10 -19.05 -42.24
C ALA D 97 -54.20 -19.44 -41.07
N ASN D 98 -53.79 -18.45 -40.26
CA ASN D 98 -52.94 -18.74 -39.08
C ASN D 98 -53.85 -18.77 -37.84
N SER D 99 -53.88 -19.92 -37.15
CA SER D 99 -54.67 -20.04 -35.90
C SER D 99 -54.23 -19.00 -34.87
N TYR D 100 -55.03 -18.80 -33.82
CA TYR D 100 -54.71 -17.74 -32.82
C TYR D 100 -53.35 -18.06 -32.18
N CYS D 101 -52.49 -17.05 -32.07
CA CYS D 101 -51.13 -17.25 -31.50
C CYS D 101 -51.25 -17.56 -30.00
N SER D 102 -50.38 -18.42 -29.48
CA SER D 102 -50.45 -18.81 -28.04
C SER D 102 -49.46 -17.99 -27.23
N SER D 103 -48.74 -18.61 -26.30
CA SER D 103 -47.70 -17.93 -25.46
C SER D 103 -48.33 -17.15 -24.31
N THR D 104 -49.65 -17.27 -24.10
CA THR D 104 -50.33 -16.47 -23.05
C THR D 104 -51.68 -17.08 -22.66
N ASN D 105 -52.55 -17.37 -23.65
CA ASN D 105 -53.93 -17.81 -23.31
C ASN D 105 -54.42 -18.84 -24.33
N CYS D 106 -53.74 -19.98 -24.45
CA CYS D 106 -54.18 -21.08 -25.37
C CYS D 106 -53.51 -22.37 -24.92
N TYR D 107 -54.07 -23.54 -25.26
CA TYR D 107 -53.38 -24.81 -24.93
C TYR D 107 -53.76 -25.94 -25.90
N ARG D 108 -54.38 -25.64 -27.04
CA ARG D 108 -54.64 -26.72 -28.03
C ARG D 108 -53.99 -26.33 -29.36
N TYR D 109 -53.13 -25.15 -29.19
CA TYR D 109 -52.42 -24.56 -30.36
C TYR D 109 -53.43 -23.94 -31.32
N TYR D 110 -54.72 -24.32 -31.20
CA TYR D 110 -55.79 -23.65 -32.00
C TYR D 110 -56.72 -22.99 -30.99
N GLN D 111 -57.64 -23.78 -30.40
CA GLN D 111 -58.52 -23.30 -29.30
C GLN D 111 -59.25 -22.00 -29.62
N ASN D 112 -58.97 -20.95 -28.85
CA ASN D 112 -59.70 -19.65 -29.01
C ASN D 112 -59.66 -19.19 -30.47
N GLY D 113 -60.82 -18.85 -31.02
CA GLY D 113 -60.84 -18.34 -32.40
C GLY D 113 -60.23 -19.35 -33.34
N LEU D 114 -59.13 -19.01 -34.01
CA LEU D 114 -58.38 -19.91 -34.93
C LEU D 114 -58.73 -19.62 -36.39
N ASP D 115 -57.76 -19.09 -37.17
CA ASP D 115 -57.93 -18.71 -38.60
C ASP D 115 -58.09 -17.18 -38.70
N VAL D 116 -57.34 -16.53 -39.58
CA VAL D 116 -57.49 -15.05 -39.81
C VAL D 116 -57.74 -14.87 -41.30
N TRP D 117 -57.19 -15.76 -42.14
CA TRP D 117 -57.40 -15.74 -43.62
C TRP D 117 -56.43 -14.81 -44.37
N GLY D 118 -56.43 -14.91 -45.70
CA GLY D 118 -55.49 -14.13 -46.53
C GLY D 118 -56.19 -13.69 -47.81
N GLN D 119 -55.52 -12.84 -48.62
CA GLN D 119 -56.17 -12.29 -49.84
C GLN D 119 -56.58 -13.44 -50.77
N GLY D 120 -55.74 -14.48 -50.88
CA GLY D 120 -56.08 -15.65 -51.70
C GLY D 120 -55.49 -15.55 -53.10
N THR D 121 -55.26 -16.70 -53.75
CA THR D 121 -54.69 -16.71 -55.13
C THR D 121 -55.58 -17.56 -56.03
N THR D 122 -55.96 -17.02 -57.20
CA THR D 122 -56.78 -17.80 -58.17
C THR D 122 -55.85 -18.49 -59.17
N VAL D 123 -55.65 -19.80 -59.02
CA VAL D 123 -54.75 -20.56 -59.93
C VAL D 123 -55.60 -21.13 -61.08
N THR D 124 -55.21 -20.87 -62.32
CA THR D 124 -56.00 -21.33 -63.50
C THR D 124 -55.18 -22.39 -64.26
N VAL D 125 -55.80 -23.52 -64.61
CA VAL D 125 -55.07 -24.62 -65.29
C VAL D 125 -55.43 -24.63 -66.77
N SER D 126 -54.46 -24.41 -67.65
CA SER D 126 -54.70 -24.45 -69.12
C SER D 126 -53.67 -25.35 -69.80
N SER D 127 -54.11 -26.36 -70.57
CA SER D 127 -53.16 -27.32 -71.18
C SER D 127 -52.21 -26.63 -72.16
N ALA D 128 -52.75 -25.81 -73.07
CA ALA D 128 -51.90 -25.07 -74.03
C ALA D 128 -52.53 -23.69 -74.29
N TRP D 129 -53.52 -23.30 -73.49
CA TRP D 129 -54.25 -22.05 -73.79
C TRP D 129 -53.49 -20.81 -73.28
N SER D 130 -52.78 -20.12 -74.18
CA SER D 130 -52.03 -18.89 -73.83
C SER D 130 -52.99 -17.69 -73.86
N THR D 131 -52.51 -16.50 -73.51
CA THR D 131 -53.41 -15.31 -73.44
C THR D 131 -54.07 -15.10 -74.81
N LYS D 132 -55.40 -14.97 -74.83
CA LYS D 132 -56.13 -14.70 -76.10
C LYS D 132 -56.75 -13.32 -76.01
N GLY D 133 -57.25 -12.80 -77.14
CA GLY D 133 -57.91 -11.48 -77.14
C GLY D 133 -59.42 -11.64 -77.21
N PRO D 134 -60.19 -11.01 -76.31
CA PRO D 134 -61.64 -11.21 -76.28
C PRO D 134 -62.30 -10.75 -77.58
N SER D 135 -63.24 -11.55 -78.10
CA SER D 135 -63.97 -11.16 -79.33
C SER D 135 -65.41 -10.81 -78.95
N VAL D 136 -65.83 -9.59 -79.26
CA VAL D 136 -67.21 -9.14 -78.89
C VAL D 136 -68.16 -9.51 -80.04
N PHE D 137 -69.12 -10.39 -79.76
CA PHE D 137 -70.13 -10.77 -80.79
C PHE D 137 -71.45 -10.10 -80.42
N PRO D 138 -72.04 -9.26 -81.30
CA PRO D 138 -73.29 -8.57 -81.01
C PRO D 138 -74.49 -9.50 -80.81
N LEU D 139 -75.38 -9.16 -79.88
CA LEU D 139 -76.63 -9.95 -79.76
C LEU D 139 -77.60 -9.31 -80.75
N ALA D 140 -78.00 -10.06 -81.79
CA ALA D 140 -78.80 -9.46 -82.88
C ALA D 140 -80.16 -8.95 -82.39
N PRO D 141 -80.60 -7.73 -82.81
CA PRO D 141 -81.94 -7.25 -82.49
C PRO D 141 -82.86 -7.60 -83.66
N SER D 142 -83.65 -8.68 -83.52
CA SER D 142 -84.52 -9.13 -84.63
C SER D 142 -85.90 -8.48 -84.51
N SER D 143 -86.15 -7.73 -83.43
CA SER D 143 -87.49 -7.15 -83.17
C SER D 143 -88.52 -8.28 -83.19
N LYS D 144 -88.15 -9.43 -82.63
CA LYS D 144 -89.07 -10.60 -82.55
C LYS D 144 -90.02 -10.38 -81.37
N SER D 145 -89.52 -9.81 -80.27
CA SER D 145 -90.36 -9.63 -79.05
C SER D 145 -91.53 -8.70 -79.37
N THR D 146 -92.72 -9.04 -78.87
CA THR D 146 -93.94 -8.22 -79.12
C THR D 146 -94.14 -7.22 -77.99
N SER D 147 -93.26 -7.23 -76.98
CA SER D 147 -93.46 -6.34 -75.80
C SER D 147 -92.75 -5.00 -76.04
N GLY D 148 -93.52 -3.93 -76.22
CA GLY D 148 -92.92 -2.58 -76.37
C GLY D 148 -92.21 -2.14 -75.11
N GLY D 149 -92.80 -2.41 -73.94
CA GLY D 149 -92.22 -1.93 -72.68
C GLY D 149 -90.83 -2.51 -72.42
N THR D 150 -90.63 -3.80 -72.69
CA THR D 150 -89.32 -4.42 -72.35
C THR D 150 -88.58 -4.89 -73.60
N ALA D 151 -87.40 -4.34 -73.86
CA ALA D 151 -86.56 -4.82 -74.98
C ALA D 151 -85.16 -5.09 -74.42
N ALA D 152 -84.60 -6.28 -74.62
CA ALA D 152 -83.31 -6.60 -73.99
C ALA D 152 -82.24 -6.92 -75.05
N LEU D 153 -81.09 -6.24 -74.98
CA LEU D 153 -80.00 -6.45 -75.98
C LEU D 153 -78.67 -6.56 -75.22
N GLY D 154 -77.65 -7.18 -75.82
CA GLY D 154 -76.40 -7.41 -75.09
C GLY D 154 -75.20 -7.67 -75.98
N CYS D 155 -74.01 -7.85 -75.38
CA CYS D 155 -72.81 -8.21 -76.15
C CYS D 155 -72.22 -9.51 -75.59
N LEU D 156 -71.73 -10.39 -76.46
CA LEU D 156 -71.13 -11.67 -76.01
C LEU D 156 -69.61 -11.58 -76.13
N VAL D 157 -68.89 -11.86 -75.05
CA VAL D 157 -67.40 -11.87 -75.09
C VAL D 157 -66.96 -13.33 -75.24
N LYS D 158 -66.11 -13.63 -76.22
CA LYS D 158 -65.74 -15.06 -76.50
C LYS D 158 -64.29 -15.11 -76.99
N ASP D 159 -63.66 -16.29 -76.98
CA ASP D 159 -62.28 -16.48 -77.51
C ASP D 159 -61.24 -15.78 -76.64
N TYR D 160 -61.49 -15.65 -75.34
CA TYR D 160 -60.44 -15.10 -74.44
C TYR D 160 -60.15 -16.13 -73.34
N PHE D 161 -58.92 -16.66 -73.29
CA PHE D 161 -58.55 -17.63 -72.21
C PHE D 161 -58.46 -16.97 -70.82
N PRO D 162 -57.79 -15.82 -70.57
CA PRO D 162 -57.66 -15.28 -69.18
C PRO D 162 -58.98 -15.00 -68.43
N GLU D 163 -58.98 -15.11 -67.10
CA GLU D 163 -60.23 -14.98 -66.29
C GLU D 163 -60.91 -13.60 -66.24
N PRO D 164 -60.23 -12.45 -66.06
CA PRO D 164 -60.94 -11.16 -65.84
C PRO D 164 -61.19 -10.13 -66.94
N VAL D 165 -62.47 -9.88 -67.27
CA VAL D 165 -62.82 -8.84 -68.29
C VAL D 165 -63.94 -7.95 -67.70
N THR D 166 -63.98 -6.67 -68.07
CA THR D 166 -64.97 -5.71 -67.51
C THR D 166 -65.67 -5.00 -68.66
N VAL D 167 -67.00 -4.96 -68.67
CA VAL D 167 -67.73 -4.37 -69.84
C VAL D 167 -68.68 -3.26 -69.37
N SER D 168 -68.51 -2.04 -69.88
CA SER D 168 -69.43 -0.92 -69.53
C SER D 168 -70.42 -0.68 -70.68
N TRP D 169 -71.59 -0.12 -70.36
CA TRP D 169 -72.62 0.16 -71.40
C TRP D 169 -72.83 1.68 -71.51
N ASN D 170 -72.75 2.22 -72.73
CA ASN D 170 -72.88 3.69 -72.93
C ASN D 170 -71.85 4.40 -72.05
N SER D 171 -70.62 3.86 -71.97
CA SER D 171 -69.56 4.43 -71.10
C SER D 171 -70.04 4.51 -69.65
N GLY D 172 -70.79 3.51 -69.19
CA GLY D 172 -71.25 3.47 -67.79
C GLY D 172 -72.47 4.34 -67.53
N ALA D 173 -73.07 4.90 -68.58
CA ALA D 173 -74.23 5.81 -68.39
C ALA D 173 -75.38 5.06 -67.71
N LEU D 174 -75.73 3.88 -68.23
CA LEU D 174 -76.90 3.12 -67.68
C LEU D 174 -76.40 2.03 -66.71
N THR D 175 -76.58 2.25 -65.40
CA THR D 175 -76.21 1.23 -64.40
C THR D 175 -77.49 0.48 -63.96
N SER D 176 -78.62 0.76 -64.62
CA SER D 176 -79.90 0.15 -64.20
C SER D 176 -80.39 -0.84 -65.27
N GLY D 177 -80.80 -2.04 -64.84
CA GLY D 177 -81.30 -3.06 -65.79
C GLY D 177 -80.17 -3.85 -66.43
N VAL D 178 -78.93 -3.59 -66.00
CA VAL D 178 -77.76 -4.36 -66.53
C VAL D 178 -77.67 -5.69 -65.76
N HIS D 179 -77.50 -6.80 -66.48
CA HIS D 179 -77.36 -8.12 -65.83
C HIS D 179 -76.15 -8.85 -66.41
N THR D 180 -74.94 -8.41 -66.04
CA THR D 180 -73.71 -9.10 -66.52
C THR D 180 -73.69 -10.52 -65.96
N PHE D 181 -73.29 -11.50 -66.77
CA PHE D 181 -73.31 -12.91 -66.32
C PHE D 181 -71.87 -13.39 -66.05
N PRO D 182 -71.59 -14.06 -64.92
CA PRO D 182 -70.23 -14.49 -64.59
C PRO D 182 -69.67 -15.42 -65.68
N ALA D 183 -68.39 -15.26 -66.01
CA ALA D 183 -67.78 -16.06 -67.11
C ALA D 183 -67.77 -17.54 -66.73
N VAL D 184 -68.03 -18.42 -67.71
CA VAL D 184 -68.10 -19.88 -67.45
C VAL D 184 -67.03 -20.59 -68.29
N LEU D 185 -66.26 -21.51 -67.68
CA LEU D 185 -65.26 -22.29 -68.45
C LEU D 185 -65.99 -23.24 -69.40
N GLN D 186 -65.45 -23.45 -70.60
CA GLN D 186 -66.07 -24.40 -71.57
C GLN D 186 -65.00 -25.38 -72.06
N SER D 187 -65.42 -26.53 -72.58
CA SER D 187 -64.47 -27.58 -73.04
C SER D 187 -63.28 -26.99 -73.80
N SER D 188 -63.50 -25.91 -74.56
CA SER D 188 -62.40 -25.30 -75.38
C SER D 188 -61.36 -24.63 -74.48
N GLY D 189 -61.39 -24.89 -73.17
CA GLY D 189 -60.37 -24.35 -72.26
C GLY D 189 -60.30 -22.83 -72.25
N LEU D 190 -61.44 -22.15 -72.36
CA LEU D 190 -61.46 -20.66 -72.27
C LEU D 190 -62.78 -20.22 -71.63
N TYR D 191 -62.86 -18.96 -71.17
CA TYR D 191 -64.09 -18.46 -70.50
C TYR D 191 -64.95 -17.67 -71.47
N SER D 192 -66.28 -17.69 -71.31
CA SER D 192 -67.18 -16.86 -72.15
C SER D 192 -68.29 -16.29 -71.27
N LEU D 193 -68.76 -15.07 -71.57
CA LEU D 193 -69.84 -14.43 -70.77
C LEU D 193 -70.62 -13.42 -71.62
N SER D 194 -71.83 -13.06 -71.19
CA SER D 194 -72.64 -12.06 -71.92
C SER D 194 -73.16 -11.00 -70.94
N SER D 195 -73.22 -9.73 -71.37
CA SER D 195 -73.80 -8.66 -70.52
C SER D 195 -75.04 -8.13 -71.22
N VAL D 196 -76.18 -8.03 -70.52
CA VAL D 196 -77.45 -7.64 -71.20
C VAL D 196 -78.05 -6.39 -70.56
N VAL D 197 -78.60 -5.48 -71.38
CA VAL D 197 -79.27 -4.26 -70.85
C VAL D 197 -80.69 -4.19 -71.40
N THR D 198 -81.66 -3.89 -70.53
CA THR D 198 -83.09 -3.80 -70.94
C THR D 198 -83.48 -2.33 -71.10
N VAL D 199 -83.99 -1.95 -72.28
CA VAL D 199 -84.39 -0.54 -72.56
C VAL D 199 -85.76 -0.54 -73.24
N PRO D 200 -86.55 0.54 -73.18
CA PRO D 200 -87.83 0.59 -73.92
C PRO D 200 -87.55 0.55 -75.43
N SER D 201 -88.48 0.00 -76.21
CA SER D 201 -88.25 -0.17 -77.67
C SER D 201 -88.03 1.19 -78.35
N SER D 202 -88.79 2.20 -77.93
CA SER D 202 -88.67 3.56 -78.55
C SER D 202 -87.27 4.11 -78.33
N SER D 203 -86.71 3.92 -77.13
CA SER D 203 -85.34 4.43 -76.80
C SER D 203 -84.30 3.75 -77.70
N LEU D 204 -84.51 2.47 -78.01
CA LEU D 204 -83.49 1.71 -78.79
C LEU D 204 -83.29 2.39 -80.14
N GLY D 205 -84.37 2.79 -80.81
CA GLY D 205 -84.23 3.53 -82.08
C GLY D 205 -83.56 4.88 -81.91
N THR D 206 -83.94 5.64 -80.88
CA THR D 206 -83.43 7.03 -80.69
C THR D 206 -81.92 7.06 -80.37
N GLN D 207 -81.42 6.15 -79.54
CA GLN D 207 -80.00 6.24 -79.10
C GLN D 207 -79.26 4.93 -79.38
N THR D 208 -77.95 5.02 -79.65
CA THR D 208 -77.12 3.80 -79.87
C THR D 208 -76.53 3.36 -78.53
N TYR D 209 -76.38 2.06 -78.32
CA TYR D 209 -75.82 1.55 -77.04
C TYR D 209 -74.46 0.91 -77.31
N ILE D 210 -73.43 1.34 -76.59
CA ILE D 210 -72.05 0.83 -76.88
C ILE D 210 -71.58 -0.05 -75.73
N CYS D 211 -71.07 -1.24 -76.04
CA CYS D 211 -70.49 -2.11 -74.97
C CYS D 211 -68.97 -2.05 -75.10
N ASN D 212 -68.29 -1.65 -74.02
CA ASN D 212 -66.81 -1.50 -74.09
C ASN D 212 -66.18 -2.60 -73.22
N VAL D 213 -65.33 -3.44 -73.81
CA VAL D 213 -64.76 -4.59 -73.04
C VAL D 213 -63.29 -4.29 -72.72
N ASN D 214 -62.91 -4.42 -71.44
CA ASN D 214 -61.50 -4.16 -71.03
C ASN D 214 -60.93 -5.45 -70.43
N HIS D 215 -59.75 -5.86 -70.90
CA HIS D 215 -59.10 -7.09 -70.39
C HIS D 215 -57.69 -6.73 -69.91
N LYS D 216 -57.42 -6.87 -68.60
CA LYS D 216 -56.09 -6.52 -68.04
C LYS D 216 -54.97 -7.34 -68.72
N PRO D 217 -55.00 -8.70 -68.77
CA PRO D 217 -53.88 -9.44 -69.35
C PRO D 217 -53.67 -9.13 -70.84
N SER D 218 -54.75 -9.07 -71.63
CA SER D 218 -54.65 -8.70 -73.06
C SER D 218 -54.22 -7.24 -73.19
N ASN D 219 -54.70 -6.37 -72.30
CA ASN D 219 -54.41 -4.90 -72.38
C ASN D 219 -55.07 -4.37 -73.66
N THR D 220 -56.29 -4.85 -73.96
CA THR D 220 -56.97 -4.43 -75.22
C THR D 220 -58.39 -3.96 -74.88
N LYS D 221 -58.77 -2.78 -75.38
CA LYS D 221 -60.14 -2.27 -75.15
C LYS D 221 -60.88 -2.27 -76.49
N VAL D 222 -62.02 -2.97 -76.56
CA VAL D 222 -62.79 -3.06 -77.83
C VAL D 222 -64.18 -2.48 -77.59
N ASP D 223 -64.63 -1.58 -78.47
CA ASP D 223 -65.99 -0.99 -78.34
C ASP D 223 -66.85 -1.45 -79.50
N LYS D 224 -68.06 -1.96 -79.21
CA LYS D 224 -68.99 -2.41 -80.28
C LYS D 224 -70.23 -1.51 -80.24
N ARG D 225 -70.65 -1.00 -81.40
CA ARG D 225 -71.82 -0.08 -81.45
C ARG D 225 -73.06 -0.91 -81.81
N VAL D 226 -74.10 -0.85 -80.97
CA VAL D 226 -75.36 -1.59 -81.24
C VAL D 226 -76.44 -0.58 -81.64
N ALA E 1 -64.15 -41.53 -42.27
CA ALA E 1 -64.52 -41.60 -40.83
C ALA E 1 -65.23 -40.30 -40.44
N ILE E 2 -64.85 -39.18 -41.06
CA ILE E 2 -65.48 -37.86 -40.73
C ILE E 2 -66.23 -37.33 -41.95
N ARG E 3 -67.52 -37.02 -41.78
CA ARG E 3 -68.32 -36.43 -42.89
C ARG E 3 -69.26 -35.38 -42.28
N MET E 4 -69.64 -34.36 -43.05
CA MET E 4 -70.49 -33.27 -42.47
C MET E 4 -71.75 -33.06 -43.30
N THR E 5 -72.91 -32.97 -42.64
CA THR E 5 -74.18 -32.66 -43.34
C THR E 5 -74.70 -31.34 -42.77
N GLN E 6 -75.04 -30.36 -43.60
CA GLN E 6 -75.46 -29.05 -43.03
C GLN E 6 -76.98 -28.96 -43.06
N SER E 7 -77.56 -27.83 -42.62
CA SER E 7 -79.02 -27.63 -42.68
C SER E 7 -79.41 -27.45 -44.15
N PRO E 8 -80.68 -27.64 -44.56
CA PRO E 8 -81.03 -27.56 -45.97
C PRO E 8 -80.49 -26.22 -46.51
N VAL E 9 -79.84 -26.26 -47.67
CA VAL E 9 -79.19 -25.03 -48.22
C VAL E 9 -80.28 -24.06 -48.67
N THR E 10 -79.90 -22.79 -48.88
CA THR E 10 -80.87 -21.76 -49.32
C THR E 10 -82.04 -21.62 -48.34
N LEU E 11 -81.76 -21.50 -47.04
CA LEU E 11 -82.84 -21.24 -46.05
C LEU E 11 -83.52 -19.92 -46.43
N SER E 12 -84.85 -19.84 -46.34
CA SER E 12 -85.56 -18.61 -46.80
C SER E 12 -85.95 -17.74 -45.61
N ALA E 13 -85.15 -16.71 -45.31
CA ALA E 13 -85.48 -15.78 -44.21
C ALA E 13 -85.46 -14.32 -44.66
N SER E 14 -86.53 -13.57 -44.38
CA SER E 14 -86.56 -12.12 -44.71
C SER E 14 -85.83 -11.34 -43.61
N VAL E 15 -85.48 -10.08 -43.86
CA VAL E 15 -84.71 -9.29 -42.86
C VAL E 15 -85.51 -9.17 -41.56
N GLY E 16 -84.86 -9.27 -40.41
CA GLY E 16 -85.55 -9.19 -39.11
C GLY E 16 -86.16 -10.51 -38.68
N ASP E 17 -85.84 -11.61 -39.39
CA ASP E 17 -86.43 -12.93 -39.08
C ASP E 17 -85.35 -13.84 -38.49
N ARG E 18 -85.70 -14.62 -37.46
CA ARG E 18 -84.72 -15.52 -36.80
C ARG E 18 -84.23 -16.56 -37.81
N VAL E 19 -82.91 -16.82 -37.82
CA VAL E 19 -82.32 -17.83 -38.76
C VAL E 19 -81.72 -18.95 -37.91
N THR E 20 -82.11 -20.20 -38.16
CA THR E 20 -81.48 -21.33 -37.42
C THR E 20 -80.82 -22.29 -38.42
N ILE E 21 -79.51 -22.53 -38.27
CA ILE E 21 -78.77 -23.47 -39.17
C ILE E 21 -78.06 -24.51 -38.30
N THR E 22 -78.18 -25.80 -38.64
CA THR E 22 -77.56 -26.87 -37.82
C THR E 22 -76.74 -27.79 -38.71
N CYS E 23 -75.46 -28.02 -38.36
CA CYS E 23 -74.64 -29.00 -39.13
C CYS E 23 -74.29 -30.18 -38.23
N ARG E 24 -74.43 -31.40 -38.74
CA ARG E 24 -74.22 -32.61 -37.88
C ARG E 24 -72.90 -33.29 -38.24
N ALA E 25 -72.04 -33.51 -37.24
CA ALA E 25 -70.75 -34.22 -37.46
C ALA E 25 -71.01 -35.72 -37.64
N SER E 26 -70.10 -36.44 -38.29
CA SER E 26 -70.26 -37.91 -38.40
C SER E 26 -70.18 -38.55 -37.02
N GLN E 27 -69.25 -38.10 -36.17
CA GLN E 27 -69.06 -38.75 -34.85
C GLN E 27 -69.21 -37.73 -33.71
N SER E 28 -68.67 -38.03 -32.53
CA SER E 28 -68.86 -37.12 -31.37
C SER E 28 -67.63 -36.24 -31.13
N ILE E 29 -67.50 -35.13 -31.88
CA ILE E 29 -66.39 -34.17 -31.63
C ILE E 29 -66.60 -33.57 -30.22
N SER E 30 -67.86 -33.32 -29.84
CA SER E 30 -68.21 -32.83 -28.48
C SER E 30 -67.91 -31.35 -28.23
N SER E 31 -66.66 -30.90 -28.33
CA SER E 31 -66.37 -29.49 -27.95
C SER E 31 -65.77 -28.63 -29.06
N TRP E 32 -65.68 -29.13 -30.31
CA TRP E 32 -64.98 -28.30 -31.32
C TRP E 32 -65.71 -28.22 -32.67
N LEU E 33 -66.39 -27.10 -32.92
CA LEU E 33 -67.08 -26.89 -34.22
C LEU E 33 -67.27 -25.38 -34.44
N ALA E 34 -66.25 -24.71 -34.99
CA ALA E 34 -66.32 -23.26 -35.23
C ALA E 34 -67.28 -22.96 -36.39
N TRP E 35 -67.92 -21.79 -36.37
CA TRP E 35 -68.82 -21.39 -37.48
C TRP E 35 -68.15 -20.28 -38.30
N TYR E 36 -68.16 -20.40 -39.63
CA TYR E 36 -67.44 -19.42 -40.49
C TYR E 36 -68.43 -18.72 -41.43
N GLN E 37 -68.33 -17.39 -41.54
CA GLN E 37 -69.20 -16.63 -42.48
C GLN E 37 -68.36 -16.28 -43.71
N GLN E 38 -68.80 -16.72 -44.89
CA GLN E 38 -68.00 -16.47 -46.12
C GLN E 38 -68.77 -15.48 -47.01
N LYS E 39 -68.13 -14.36 -47.36
CA LYS E 39 -68.76 -13.38 -48.28
C LYS E 39 -68.39 -13.80 -49.70
N PRO E 40 -69.34 -13.83 -50.67
CA PRO E 40 -69.03 -14.34 -52.01
C PRO E 40 -67.92 -13.52 -52.69
N GLY E 41 -66.95 -14.21 -53.31
CA GLY E 41 -65.85 -13.52 -54.02
C GLY E 41 -64.79 -13.01 -53.07
N LYS E 42 -64.91 -13.31 -51.77
CA LYS E 42 -63.96 -12.74 -50.77
C LYS E 42 -63.50 -13.80 -49.75
N ALA E 43 -62.64 -13.41 -48.82
CA ALA E 43 -62.13 -14.34 -47.78
C ALA E 43 -63.21 -14.60 -46.72
N PRO E 44 -63.21 -15.76 -46.03
CA PRO E 44 -64.17 -16.05 -44.96
C PRO E 44 -63.92 -15.24 -43.68
N LYS E 45 -64.92 -15.14 -42.80
CA LYS E 45 -64.78 -14.40 -41.51
C LYS E 45 -65.20 -15.33 -40.36
N LEU E 46 -64.50 -15.26 -39.23
CA LEU E 46 -64.82 -16.15 -38.06
C LEU E 46 -66.11 -15.68 -37.38
N LEU E 47 -66.81 -16.60 -36.71
CA LEU E 47 -68.09 -16.26 -36.01
C LEU E 47 -68.03 -16.76 -34.57
N ILE E 48 -68.58 -17.95 -34.30
CA ILE E 48 -68.58 -18.53 -32.93
C ILE E 48 -67.50 -19.61 -32.88
N TYR E 49 -66.66 -19.64 -31.88
CA TYR E 49 -65.53 -20.59 -31.84
C TYR E 49 -65.83 -21.68 -30.80
N LYS E 50 -65.53 -22.94 -31.12
CA LYS E 50 -65.84 -24.10 -30.23
C LYS E 50 -67.37 -24.21 -30.13
N ALA E 51 -68.09 -23.30 -30.80
CA ALA E 51 -69.57 -23.27 -30.74
C ALA E 51 -70.00 -22.95 -29.31
N SER E 52 -69.12 -22.32 -28.53
CA SER E 52 -69.46 -21.94 -27.14
C SER E 52 -69.24 -20.44 -26.92
N THR E 53 -68.37 -19.81 -27.73
CA THR E 53 -68.02 -18.40 -27.46
C THR E 53 -67.89 -17.59 -28.77
N LEU E 54 -68.33 -16.35 -28.77
CA LEU E 54 -68.23 -15.44 -29.94
C LEU E 54 -66.79 -14.97 -30.13
N GLN E 55 -66.31 -14.86 -31.37
CA GLN E 55 -64.96 -14.27 -31.60
C GLN E 55 -65.06 -12.78 -31.29
N SER E 56 -64.03 -12.20 -30.67
CA SER E 56 -64.03 -10.73 -30.39
C SER E 56 -64.45 -9.95 -31.63
N GLY E 57 -65.35 -8.97 -31.49
CA GLY E 57 -65.77 -8.13 -32.61
C GLY E 57 -66.91 -8.71 -33.44
N VAL E 58 -67.55 -9.78 -32.97
CA VAL E 58 -68.74 -10.31 -33.71
C VAL E 58 -70.02 -9.80 -33.03
N PRO E 59 -70.83 -8.95 -33.70
CA PRO E 59 -72.08 -8.41 -33.13
C PRO E 59 -73.33 -9.22 -33.49
N SER E 60 -74.52 -8.70 -33.16
CA SER E 60 -75.82 -9.35 -33.53
C SER E 60 -76.12 -10.56 -32.64
N ARG E 61 -75.37 -10.74 -31.55
CA ARG E 61 -75.67 -11.83 -30.57
C ARG E 61 -75.77 -13.19 -31.26
N PHE E 62 -74.84 -13.47 -32.18
CA PHE E 62 -74.80 -14.80 -32.86
C PHE E 62 -74.81 -15.88 -31.78
N SER E 63 -75.83 -16.76 -31.77
CA SER E 63 -75.91 -17.75 -30.66
C SER E 63 -75.64 -19.17 -31.18
N GLY E 64 -74.63 -19.85 -30.61
CA GLY E 64 -74.35 -21.25 -30.98
C GLY E 64 -74.47 -22.15 -29.77
N SER E 65 -75.25 -23.23 -29.86
CA SER E 65 -75.47 -24.10 -28.67
C SER E 65 -75.51 -25.57 -29.10
N GLY E 66 -75.20 -26.49 -28.18
CA GLY E 66 -75.31 -27.92 -28.48
C GLY E 66 -74.24 -28.74 -27.79
N SER E 67 -74.20 -30.05 -28.07
CA SER E 67 -73.16 -30.94 -27.48
C SER E 67 -72.95 -32.15 -28.39
N GLY E 68 -71.75 -32.74 -28.36
CA GLY E 68 -71.45 -33.92 -29.19
C GLY E 68 -71.62 -33.62 -30.67
N THR E 69 -72.28 -34.53 -31.40
CA THR E 69 -72.47 -34.37 -32.86
C THR E 69 -73.37 -33.18 -33.19
N GLU E 70 -74.44 -32.95 -32.41
CA GLU E 70 -75.41 -31.88 -32.75
C GLU E 70 -74.89 -30.50 -32.36
N PHE E 71 -74.98 -29.53 -33.28
CA PHE E 71 -74.60 -28.12 -32.98
C PHE E 71 -75.58 -27.20 -33.70
N THR E 72 -75.83 -25.99 -33.16
CA THR E 72 -76.86 -25.09 -33.77
C THR E 72 -76.31 -23.67 -33.92
N LEU E 73 -76.90 -22.86 -34.80
CA LEU E 73 -76.49 -21.44 -34.96
C LEU E 73 -77.75 -20.60 -35.16
N THR E 74 -78.09 -19.73 -34.20
CA THR E 74 -79.34 -18.94 -34.29
C THR E 74 -79.04 -17.44 -34.31
N ILE E 75 -79.59 -16.71 -35.30
CA ILE E 75 -79.44 -15.23 -35.31
C ILE E 75 -80.84 -14.68 -35.02
N SER E 76 -81.03 -14.01 -33.88
CA SER E 76 -82.39 -13.53 -33.49
C SER E 76 -82.90 -12.47 -34.48
N SER E 77 -82.03 -11.54 -34.88
CA SER E 77 -82.44 -10.44 -35.80
C SER E 77 -81.63 -10.51 -37.08
N LEU E 78 -82.28 -10.41 -38.25
CA LEU E 78 -81.54 -10.55 -39.53
C LEU E 78 -81.27 -9.16 -40.13
N GLN E 79 -80.09 -8.97 -40.74
CA GLN E 79 -79.72 -7.66 -41.32
C GLN E 79 -79.17 -7.92 -42.74
N PRO E 80 -79.16 -6.93 -43.65
CA PRO E 80 -78.71 -7.15 -45.03
C PRO E 80 -77.24 -7.61 -45.06
N ASP E 81 -76.39 -7.01 -44.21
CA ASP E 81 -74.96 -7.41 -44.12
C ASP E 81 -74.88 -8.87 -43.67
N ASP E 82 -75.79 -9.29 -42.78
CA ASP E 82 -75.74 -10.67 -42.21
C ASP E 82 -75.85 -11.71 -43.33
N PHE E 83 -76.66 -11.49 -44.36
CA PHE E 83 -76.86 -12.56 -45.36
C PHE E 83 -75.51 -12.92 -45.98
N ALA E 84 -75.12 -14.20 -45.92
CA ALA E 84 -73.85 -14.67 -46.51
C ALA E 84 -73.86 -16.21 -46.49
N THR E 85 -72.94 -16.85 -47.22
CA THR E 85 -72.83 -18.33 -47.12
C THR E 85 -72.24 -18.67 -45.75
N TYR E 86 -72.76 -19.71 -45.08
CA TYR E 86 -72.28 -20.06 -43.72
C TYR E 86 -71.71 -21.49 -43.71
N TYR E 87 -70.51 -21.68 -43.16
CA TYR E 87 -69.87 -23.02 -43.11
C TYR E 87 -69.55 -23.39 -41.65
N CYS E 88 -69.27 -24.67 -41.37
CA CYS E 88 -68.84 -25.07 -40.01
C CYS E 88 -67.57 -25.93 -40.11
N GLN E 89 -66.63 -25.75 -39.18
CA GLN E 89 -65.33 -26.46 -39.27
C GLN E 89 -65.19 -27.41 -38.07
N GLN E 90 -64.73 -28.64 -38.31
CA GLN E 90 -64.50 -29.58 -37.19
C GLN E 90 -63.00 -29.57 -36.88
N TYR E 91 -62.63 -29.28 -35.62
CA TYR E 91 -61.19 -29.17 -35.27
C TYR E 91 -60.88 -29.99 -34.02
N ASP E 92 -59.60 -30.17 -33.69
CA ASP E 92 -59.15 -31.06 -32.57
C ASP E 92 -58.97 -32.41 -33.24
N ASN E 93 -58.10 -33.29 -32.72
CA ASN E 93 -57.81 -34.53 -33.49
C ASN E 93 -57.59 -33.99 -34.91
N TYR E 94 -56.66 -33.05 -35.06
CA TYR E 94 -56.54 -32.35 -36.37
C TYR E 94 -55.88 -33.26 -37.40
N SER E 95 -56.56 -34.36 -37.69
CA SER E 95 -56.08 -35.26 -38.76
C SER E 95 -56.75 -34.73 -40.02
N GLN E 96 -57.94 -34.11 -39.88
CA GLN E 96 -58.56 -33.69 -41.17
C GLN E 96 -59.60 -32.59 -40.89
N LEU E 97 -59.19 -31.32 -40.81
CA LEU E 97 -60.23 -30.26 -40.67
C LEU E 97 -61.23 -30.44 -41.82
N THR E 98 -62.42 -30.93 -41.51
CA THR E 98 -63.43 -31.15 -42.57
C THR E 98 -64.44 -30.00 -42.58
N PHE E 99 -64.34 -29.10 -43.56
CA PHE E 99 -65.33 -28.00 -43.67
C PHE E 99 -66.70 -28.58 -44.07
N GLY E 100 -67.78 -28.02 -43.52
CA GLY E 100 -69.13 -28.47 -43.87
C GLY E 100 -69.52 -28.00 -45.27
N PRO E 101 -70.55 -28.60 -45.91
CA PRO E 101 -70.92 -28.22 -47.28
C PRO E 101 -71.32 -26.74 -47.32
N GLY E 102 -72.01 -26.26 -46.27
CA GLY E 102 -72.38 -24.84 -46.18
C GLY E 102 -73.83 -24.59 -46.54
N THR E 103 -74.41 -23.50 -46.02
CA THR E 103 -75.82 -23.14 -46.34
C THR E 103 -75.86 -21.70 -46.86
N LYS E 104 -76.52 -21.46 -47.99
CA LYS E 104 -76.66 -20.08 -48.52
C LYS E 104 -77.82 -19.38 -47.78
N LEU E 105 -77.66 -18.11 -47.42
CA LEU E 105 -78.77 -17.36 -46.78
C LEU E 105 -79.23 -16.27 -47.75
N GLU E 106 -80.52 -16.24 -48.08
CA GLU E 106 -81.03 -15.25 -49.06
C GLU E 106 -82.33 -14.62 -48.53
N ILE E 107 -82.62 -13.39 -48.96
CA ILE E 107 -83.88 -12.71 -48.53
C ILE E 107 -85.07 -13.45 -49.15
N LYS E 108 -86.18 -13.55 -48.42
CA LYS E 108 -87.39 -14.18 -49.00
C LYS E 108 -88.36 -13.09 -49.48
N ARG E 109 -88.85 -13.22 -50.71
CA ARG E 109 -89.76 -12.19 -51.29
C ARG E 109 -90.82 -12.91 -52.13
N THR E 110 -91.86 -12.19 -52.56
CA THR E 110 -92.95 -12.83 -53.34
C THR E 110 -92.37 -13.44 -54.62
N VAL E 111 -92.82 -14.64 -54.98
CA VAL E 111 -92.29 -15.33 -56.20
C VAL E 111 -92.48 -14.42 -57.42
N ALA E 112 -91.42 -14.24 -58.21
CA ALA E 112 -91.50 -13.35 -59.39
C ALA E 112 -91.39 -14.19 -60.67
N ALA E 113 -92.35 -14.03 -61.60
CA ALA E 113 -92.31 -14.76 -62.88
C ALA E 113 -91.11 -14.30 -63.70
N PRO E 114 -90.37 -15.20 -64.37
CA PRO E 114 -89.18 -14.82 -65.13
C PRO E 114 -89.44 -14.38 -66.57
N SER E 115 -88.90 -13.22 -66.98
CA SER E 115 -89.04 -12.77 -68.38
C SER E 115 -88.23 -13.70 -69.29
N VAL E 116 -88.80 -14.14 -70.42
CA VAL E 116 -88.10 -15.14 -71.28
C VAL E 116 -87.66 -14.46 -72.58
N PHE E 117 -86.39 -14.62 -72.96
CA PHE E 117 -85.86 -14.03 -74.21
C PHE E 117 -84.99 -15.05 -74.94
N ILE E 118 -84.68 -14.83 -76.22
CA ILE E 118 -83.77 -15.74 -76.97
C ILE E 118 -82.99 -14.90 -77.99
N PHE E 119 -81.70 -15.17 -78.15
CA PHE E 119 -80.87 -14.35 -79.08
C PHE E 119 -80.32 -15.21 -80.21
N PRO E 120 -80.64 -14.88 -81.49
CA PRO E 120 -80.11 -15.63 -82.63
C PRO E 120 -78.63 -15.30 -82.86
N PRO E 121 -77.79 -16.22 -83.38
CA PRO E 121 -76.40 -15.89 -83.71
C PRO E 121 -76.38 -14.84 -84.82
N SER E 122 -75.47 -13.87 -84.73
CA SER E 122 -75.38 -12.79 -85.75
C SER E 122 -74.77 -13.34 -87.05
N ASP E 123 -74.99 -12.65 -88.17
CA ASP E 123 -74.46 -13.10 -89.48
C ASP E 123 -72.92 -13.13 -89.42
N GLU E 124 -72.32 -12.13 -88.78
CA GLU E 124 -70.83 -12.11 -88.63
C GLU E 124 -70.42 -13.32 -87.77
N GLN E 125 -71.20 -13.64 -86.75
CA GLN E 125 -70.90 -14.80 -85.86
C GLN E 125 -70.96 -16.09 -86.70
N LEU E 126 -71.95 -16.19 -87.60
CA LEU E 126 -72.07 -17.39 -88.47
C LEU E 126 -70.85 -17.45 -89.40
N LYS E 127 -70.43 -16.30 -89.95
CA LYS E 127 -69.26 -16.25 -90.86
C LYS E 127 -68.01 -16.66 -90.08
N SER E 128 -67.99 -16.38 -88.77
CA SER E 128 -66.84 -16.76 -87.91
C SER E 128 -66.76 -18.29 -87.83
N GLY E 129 -67.88 -18.98 -88.08
CA GLY E 129 -67.92 -20.45 -87.94
C GLY E 129 -68.39 -20.83 -86.56
N THR E 130 -68.80 -19.84 -85.76
CA THR E 130 -69.33 -20.11 -84.39
C THR E 130 -70.86 -19.99 -84.42
N ALA E 131 -71.58 -21.02 -83.96
CA ALA E 131 -73.04 -20.90 -83.88
C ALA E 131 -73.47 -20.95 -82.40
N SER E 132 -74.01 -19.84 -81.89
CA SER E 132 -74.41 -19.79 -80.46
C SER E 132 -75.86 -19.31 -80.33
N VAL E 133 -76.69 -20.08 -79.61
CA VAL E 133 -78.08 -19.61 -79.36
C VAL E 133 -78.19 -19.37 -77.85
N VAL E 134 -78.56 -18.17 -77.43
CA VAL E 134 -78.58 -17.85 -75.97
C VAL E 134 -80.01 -17.46 -75.58
N CYS E 135 -80.57 -18.12 -74.55
CA CYS E 135 -81.90 -17.69 -74.06
C CYS E 135 -81.72 -17.03 -72.69
N LEU E 136 -82.33 -15.85 -72.49
CA LEU E 136 -82.09 -15.11 -71.23
C LEU E 136 -83.33 -15.14 -70.34
N LEU E 137 -83.16 -15.58 -69.09
CA LEU E 137 -84.28 -15.56 -68.10
C LEU E 137 -83.96 -14.42 -67.14
N ASN E 138 -84.97 -13.73 -66.59
CA ASN E 138 -84.66 -12.56 -65.73
C ASN E 138 -85.71 -12.35 -64.64
N ASN E 139 -85.32 -11.72 -63.53
CA ASN E 139 -86.30 -11.37 -62.44
C ASN E 139 -87.07 -12.58 -61.90
N PHE E 140 -86.38 -13.68 -61.56
CA PHE E 140 -87.09 -14.82 -60.91
C PHE E 140 -86.57 -15.00 -59.48
N TYR E 141 -87.46 -14.89 -58.48
CA TYR E 141 -87.03 -15.02 -57.06
C TYR E 141 -86.51 -16.43 -56.71
N PRO E 142 -87.18 -17.55 -57.07
CA PRO E 142 -86.63 -18.88 -56.80
C PRO E 142 -85.35 -19.17 -57.61
N ARG E 143 -84.33 -19.71 -56.94
CA ARG E 143 -83.06 -20.04 -57.62
C ARG E 143 -83.31 -21.13 -58.68
N GLU E 144 -84.13 -22.11 -58.34
CA GLU E 144 -84.34 -23.26 -59.27
C GLU E 144 -85.05 -22.78 -60.55
N ALA E 145 -84.49 -23.10 -61.71
CA ALA E 145 -85.11 -22.74 -63.01
C ALA E 145 -84.62 -23.73 -64.06
N LYS E 146 -85.16 -24.95 -64.10
CA LYS E 146 -84.61 -25.97 -65.04
C LYS E 146 -84.76 -25.44 -66.47
N VAL E 147 -83.70 -25.50 -67.26
CA VAL E 147 -83.74 -24.93 -68.65
C VAL E 147 -83.36 -26.02 -69.65
N GLN E 148 -84.11 -26.14 -70.74
CA GLN E 148 -83.86 -27.23 -71.73
C GLN E 148 -83.84 -26.67 -73.15
N TRP E 149 -83.16 -27.36 -74.07
CA TRP E 149 -83.11 -26.94 -75.49
C TRP E 149 -83.90 -27.94 -76.34
N LYS E 150 -84.80 -27.46 -77.19
CA LYS E 150 -85.61 -28.37 -78.03
C LYS E 150 -85.31 -28.16 -79.51
N VAL E 151 -84.90 -29.22 -80.21
CA VAL E 151 -84.71 -29.13 -81.69
C VAL E 151 -85.66 -30.19 -82.26
N ASP E 152 -86.55 -29.82 -83.19
CA ASP E 152 -87.56 -30.78 -83.69
C ASP E 152 -88.29 -31.34 -82.47
N ASN E 153 -88.50 -30.51 -81.44
CA ASN E 153 -89.20 -30.94 -80.20
C ASN E 153 -88.44 -32.10 -79.54
N ALA E 154 -87.11 -32.08 -79.58
CA ALA E 154 -86.30 -33.12 -78.91
C ALA E 154 -85.32 -32.47 -77.92
N LEU E 155 -85.26 -32.98 -76.68
CA LEU E 155 -84.37 -32.38 -75.65
C LEU E 155 -82.90 -32.54 -76.06
N GLN E 156 -82.08 -31.53 -75.76
CA GLN E 156 -80.62 -31.61 -76.08
C GLN E 156 -79.85 -31.73 -74.77
N SER E 157 -78.95 -32.71 -74.66
CA SER E 157 -78.23 -32.95 -73.37
C SER E 157 -76.73 -32.73 -73.56
N GLY E 158 -76.10 -32.00 -72.62
CA GLY E 158 -74.66 -31.71 -72.71
C GLY E 158 -74.40 -30.53 -73.62
N ASN E 159 -75.46 -29.90 -74.11
CA ASN E 159 -75.34 -28.75 -75.04
C ASN E 159 -75.74 -27.47 -74.31
N SER E 160 -75.76 -27.48 -72.98
CA SER E 160 -76.25 -26.28 -72.24
C SER E 160 -75.18 -25.72 -71.30
N GLN E 161 -74.95 -24.40 -71.36
CA GLN E 161 -74.02 -23.73 -70.41
C GLN E 161 -74.86 -22.78 -69.57
N GLU E 162 -74.80 -22.87 -68.23
CA GLU E 162 -75.72 -22.05 -67.40
C GLU E 162 -74.95 -21.01 -66.56
N SER E 163 -75.35 -19.74 -66.64
CA SER E 163 -74.71 -18.68 -65.82
C SER E 163 -75.78 -17.93 -65.03
N VAL E 164 -75.68 -17.96 -63.70
CA VAL E 164 -76.72 -17.30 -62.85
C VAL E 164 -76.09 -16.12 -62.09
N THR E 165 -76.64 -14.92 -62.27
CA THR E 165 -76.15 -13.72 -61.53
C THR E 165 -76.65 -13.78 -60.08
N GLU E 166 -75.89 -13.22 -59.13
CA GLU E 166 -76.32 -13.17 -57.71
C GLU E 166 -77.46 -12.15 -57.56
N GLN E 167 -78.25 -12.26 -56.48
CA GLN E 167 -79.42 -11.36 -56.32
C GLN E 167 -78.97 -9.90 -56.28
N ASP E 168 -79.69 -9.01 -56.99
CA ASP E 168 -79.37 -7.57 -56.95
C ASP E 168 -79.67 -7.06 -55.53
N SER E 169 -78.84 -6.17 -54.98
CA SER E 169 -79.18 -5.62 -53.66
C SER E 169 -80.50 -4.83 -53.77
N LYS E 170 -80.63 -4.01 -54.81
CA LYS E 170 -81.84 -3.16 -55.00
C LYS E 170 -83.09 -3.99 -55.28
N ASP E 171 -83.01 -5.00 -56.17
CA ASP E 171 -84.24 -5.71 -56.58
C ASP E 171 -84.34 -7.12 -56.00
N SER E 172 -83.24 -7.68 -55.47
CA SER E 172 -83.24 -9.08 -54.96
C SER E 172 -83.72 -10.04 -56.05
N THR E 173 -83.28 -9.84 -57.30
CA THR E 173 -83.77 -10.67 -58.43
C THR E 173 -82.62 -11.46 -59.07
N TYR E 174 -82.94 -12.58 -59.74
CA TYR E 174 -81.89 -13.44 -60.33
C TYR E 174 -82.06 -13.50 -61.85
N SER E 175 -80.97 -13.73 -62.58
CA SER E 175 -81.05 -13.86 -64.06
C SER E 175 -80.26 -15.10 -64.51
N LEU E 176 -80.76 -15.82 -65.52
CA LEU E 176 -80.09 -17.07 -65.98
C LEU E 176 -79.77 -16.98 -67.47
N SER E 177 -78.55 -17.34 -67.87
CA SER E 177 -78.20 -17.36 -69.31
C SER E 177 -77.86 -18.80 -69.73
N SER E 178 -78.47 -19.29 -70.81
CA SER E 178 -78.19 -20.66 -71.31
C SER E 178 -77.57 -20.57 -72.71
N THR E 179 -76.51 -21.35 -72.97
CA THR E 179 -75.80 -21.24 -74.27
C THR E 179 -75.84 -22.57 -75.02
N LEU E 180 -75.73 -22.54 -76.35
CA LEU E 180 -75.77 -23.77 -77.19
C LEU E 180 -74.46 -24.55 -77.03
N THR E 181 -73.44 -23.96 -76.40
CA THR E 181 -72.10 -24.60 -76.25
C THR E 181 -71.34 -24.43 -77.57
N LEU E 182 -71.84 -23.56 -78.45
CA LEU E 182 -71.14 -23.23 -79.73
C LEU E 182 -70.93 -24.46 -80.62
N SER E 183 -72.02 -25.12 -81.02
CA SER E 183 -71.91 -26.26 -81.98
C SER E 183 -71.46 -25.69 -83.34
N LYS E 184 -70.14 -25.71 -83.60
CA LYS E 184 -69.60 -25.14 -84.86
C LYS E 184 -70.17 -25.91 -86.06
N ALA E 185 -70.32 -27.22 -85.92
CA ALA E 185 -70.83 -28.06 -87.03
C ALA E 185 -72.14 -28.71 -86.59
N ASP E 186 -72.98 -29.14 -87.55
CA ASP E 186 -74.29 -29.80 -87.27
C ASP E 186 -75.38 -28.74 -87.08
N TYR E 187 -75.01 -27.46 -87.08
CA TYR E 187 -76.03 -26.38 -87.02
C TYR E 187 -76.88 -26.49 -88.29
N GLU E 188 -76.24 -26.83 -89.41
CA GLU E 188 -76.95 -26.96 -90.71
C GLU E 188 -78.01 -28.07 -90.62
N LYS E 189 -77.72 -29.15 -89.89
CA LYS E 189 -78.65 -30.31 -89.82
C LYS E 189 -80.02 -29.88 -89.28
N HIS E 190 -80.04 -29.01 -88.26
CA HIS E 190 -81.35 -28.65 -87.63
C HIS E 190 -81.76 -27.22 -87.99
N LYS E 191 -82.98 -27.05 -88.51
CA LYS E 191 -83.45 -25.70 -88.94
C LYS E 191 -84.21 -25.00 -87.81
N VAL E 192 -84.48 -25.70 -86.69
CA VAL E 192 -85.32 -25.08 -85.61
C VAL E 192 -84.57 -25.09 -84.28
N TYR E 193 -84.86 -24.14 -83.39
CA TYR E 193 -84.20 -24.05 -82.05
C TYR E 193 -85.24 -23.56 -81.04
N ALA E 194 -85.28 -24.14 -79.83
CA ALA E 194 -86.22 -23.65 -78.80
C ALA E 194 -85.59 -23.71 -77.41
N CYS E 195 -85.93 -22.76 -76.53
CA CYS E 195 -85.44 -22.80 -75.12
C CYS E 195 -86.65 -22.70 -74.18
N GLU E 196 -86.74 -23.60 -73.19
CA GLU E 196 -87.90 -23.60 -72.25
C GLU E 196 -87.39 -23.54 -70.81
N VAL E 197 -88.05 -22.75 -69.96
CA VAL E 197 -87.65 -22.68 -68.51
C VAL E 197 -88.84 -23.14 -67.67
N THR E 198 -88.63 -24.08 -66.74
CA THR E 198 -89.71 -24.51 -65.82
C THR E 198 -89.61 -23.67 -64.53
N HIS E 199 -90.67 -22.96 -64.17
CA HIS E 199 -90.61 -22.06 -62.99
C HIS E 199 -91.96 -22.02 -62.27
N GLN E 200 -91.93 -21.90 -60.94
CA GLN E 200 -93.19 -21.83 -60.15
C GLN E 200 -93.95 -20.57 -60.53
N GLY E 201 -93.23 -19.46 -60.76
CA GLY E 201 -93.87 -18.18 -61.09
C GLY E 201 -94.65 -18.25 -62.39
N LEU E 202 -94.12 -18.94 -63.40
CA LEU E 202 -94.87 -19.11 -64.67
C LEU E 202 -96.13 -19.92 -64.40
N SER E 203 -97.29 -19.43 -64.86
CA SER E 203 -98.55 -20.22 -64.71
C SER E 203 -98.44 -21.49 -65.56
N SER E 204 -97.87 -21.36 -66.76
CA SER E 204 -97.71 -22.51 -67.68
C SER E 204 -96.26 -22.52 -68.19
N PRO E 205 -95.70 -23.68 -68.63
CA PRO E 205 -94.35 -23.68 -69.19
C PRO E 205 -94.29 -22.77 -70.42
N VAL E 206 -93.25 -21.93 -70.51
CA VAL E 206 -93.16 -20.96 -71.64
C VAL E 206 -91.90 -21.30 -72.46
N THR E 207 -92.07 -21.44 -73.78
CA THR E 207 -90.93 -21.80 -74.67
C THR E 207 -90.69 -20.67 -75.67
N LYS E 208 -89.45 -20.19 -75.78
CA LYS E 208 -89.14 -19.18 -76.82
C LYS E 208 -88.45 -19.92 -77.96
N SER E 209 -89.03 -19.92 -79.16
CA SER E 209 -88.45 -20.71 -80.27
C SER E 209 -88.13 -19.83 -81.47
N PHE E 210 -86.91 -19.94 -82.00
CA PHE E 210 -86.59 -19.19 -83.25
C PHE E 210 -86.25 -20.20 -84.34
N ASN E 211 -86.95 -20.11 -85.48
CA ASN E 211 -86.70 -21.03 -86.62
C ASN E 211 -86.43 -20.20 -87.86
N ARG E 212 -85.37 -20.54 -88.62
CA ARG E 212 -85.04 -19.81 -89.87
C ARG E 212 -84.93 -18.31 -89.55
N GLY E 213 -84.28 -17.96 -88.44
CA GLY E 213 -84.21 -16.55 -88.03
C GLY E 213 -83.49 -15.70 -89.06
N GLU E 214 -84.02 -14.52 -89.38
CA GLU E 214 -83.41 -13.62 -90.39
C GLU E 214 -83.23 -14.37 -91.71
N GLU F 1 18.89 -57.35 21.28
CA GLU F 1 20.07 -58.24 21.26
C GLU F 1 21.27 -57.52 21.89
N VAL F 2 21.40 -57.57 23.21
CA VAL F 2 22.53 -56.90 23.92
C VAL F 2 23.84 -57.62 23.54
N GLN F 3 24.93 -56.87 23.36
CA GLN F 3 26.24 -57.48 23.03
C GLN F 3 27.29 -57.03 24.05
N LEU F 4 28.08 -57.97 24.58
CA LEU F 4 29.13 -57.64 25.59
C LEU F 4 30.51 -58.11 25.11
N VAL F 5 31.51 -57.23 25.16
CA VAL F 5 32.91 -57.62 24.80
C VAL F 5 33.81 -57.31 25.99
N GLN F 6 34.66 -58.26 26.41
CA GLN F 6 35.50 -58.07 27.61
C GLN F 6 36.98 -58.10 27.21
N SER F 7 37.87 -57.60 28.08
CA SER F 7 39.32 -57.49 27.75
C SER F 7 39.97 -58.87 27.61
N GLY F 8 41.17 -58.90 27.01
CA GLY F 8 41.91 -60.17 26.83
C GLY F 8 42.52 -60.65 28.14
N ALA F 9 42.94 -61.92 28.18
CA ALA F 9 43.48 -62.49 29.44
C ALA F 9 44.70 -61.69 29.89
N GLU F 10 44.79 -61.39 31.18
CA GLU F 10 45.90 -60.54 31.70
C GLU F 10 46.67 -61.28 32.79
N VAL F 11 48.00 -61.27 32.72
CA VAL F 11 48.82 -61.91 33.80
C VAL F 11 49.52 -60.79 34.59
N LYS F 12 49.34 -60.76 35.91
CA LYS F 12 49.93 -59.67 36.73
C LYS F 12 50.56 -60.24 38.00
N LYS F 13 50.73 -59.42 39.03
CA LYS F 13 51.45 -59.88 40.26
C LYS F 13 50.58 -59.64 41.49
N PRO F 14 50.76 -60.39 42.61
CA PRO F 14 50.02 -60.11 43.84
C PRO F 14 50.41 -58.72 44.36
N GLY F 15 49.44 -57.96 44.88
CA GLY F 15 49.71 -56.59 45.36
C GLY F 15 49.68 -55.58 44.23
N SER F 16 49.36 -56.02 43.01
CA SER F 16 49.25 -55.07 41.87
C SER F 16 47.81 -54.56 41.77
N SER F 17 47.45 -53.94 40.65
CA SER F 17 46.06 -53.45 40.45
C SER F 17 45.56 -53.93 39.08
N VAL F 18 44.33 -54.45 39.01
CA VAL F 18 43.80 -55.00 37.72
C VAL F 18 42.60 -54.16 37.24
N LYS F 19 42.59 -53.77 35.97
CA LYS F 19 41.44 -53.01 35.41
C LYS F 19 40.90 -53.77 34.19
N VAL F 20 39.70 -54.33 34.32
CA VAL F 20 39.09 -55.11 33.20
C VAL F 20 37.92 -54.30 32.65
N SER F 21 37.83 -54.18 31.32
CA SER F 21 36.77 -53.31 30.72
C SER F 21 35.64 -54.14 30.12
N CYS F 22 34.40 -53.85 30.50
CA CYS F 22 33.23 -54.54 29.92
C CYS F 22 32.52 -53.53 29.00
N LYS F 23 32.42 -53.83 27.70
CA LYS F 23 31.82 -52.88 26.73
C LYS F 23 30.49 -53.44 26.25
N ALA F 24 29.46 -52.61 26.15
CA ALA F 24 28.11 -53.14 25.81
C ALA F 24 27.53 -52.43 24.59
N SER F 25 26.53 -53.05 23.96
CA SER F 25 25.85 -52.45 22.78
C SER F 25 24.55 -53.24 22.52
N GLY F 26 23.68 -52.75 21.63
CA GLY F 26 22.45 -53.49 21.27
C GLY F 26 21.36 -53.33 22.30
N GLY F 27 21.56 -52.45 23.28
CA GLY F 27 20.53 -52.16 24.31
C GLY F 27 20.76 -50.78 24.88
N THR F 28 19.72 -50.12 25.41
CA THR F 28 19.90 -48.73 25.89
C THR F 28 20.93 -48.73 27.02
N PHE F 29 21.92 -47.85 26.95
CA PHE F 29 23.02 -47.85 27.97
C PHE F 29 22.46 -47.50 29.35
N SER F 30 21.56 -46.52 29.41
CA SER F 30 20.95 -46.10 30.70
C SER F 30 20.12 -47.24 31.29
N SER F 31 19.47 -48.02 30.44
CA SER F 31 18.54 -49.05 30.96
C SER F 31 19.25 -50.28 31.54
N TYR F 32 20.37 -50.70 30.94
CA TYR F 32 21.02 -51.96 31.42
C TYR F 32 21.75 -51.78 32.76
N ALA F 33 21.91 -52.88 33.52
CA ALA F 33 22.66 -52.83 34.80
C ALA F 33 23.78 -53.87 34.73
N ILE F 34 25.04 -53.46 34.96
CA ILE F 34 26.18 -54.41 34.77
C ILE F 34 26.53 -55.05 36.12
N CYS F 35 26.54 -56.39 36.17
CA CYS F 35 26.91 -57.11 37.42
C CYS F 35 28.20 -57.90 37.16
N TRP F 36 29.20 -57.76 38.03
CA TRP F 36 30.50 -58.47 37.83
C TRP F 36 30.51 -59.73 38.70
N VAL F 37 30.83 -60.87 38.12
CA VAL F 37 30.90 -62.15 38.89
C VAL F 37 32.27 -62.80 38.63
N ARG F 38 32.76 -63.57 39.60
CA ARG F 38 34.07 -64.27 39.44
C ARG F 38 33.84 -65.77 39.54
N GLN F 39 34.32 -66.54 38.55
CA GLN F 39 34.22 -68.02 38.64
C GLN F 39 35.61 -68.58 38.91
N ALA F 40 35.84 -69.11 40.11
CA ALA F 40 37.14 -69.74 40.44
C ALA F 40 37.23 -71.08 39.70
N PRO F 41 38.42 -71.50 39.20
CA PRO F 41 38.51 -72.74 38.42
C PRO F 41 38.09 -73.92 39.30
N GLY F 42 37.23 -74.80 38.77
CA GLY F 42 36.76 -75.98 39.54
C GLY F 42 36.13 -75.57 40.86
N GLN F 43 35.37 -74.47 40.87
CA GLN F 43 34.78 -73.95 42.14
C GLN F 43 33.39 -73.38 41.86
N GLY F 44 32.58 -73.18 42.91
CA GLY F 44 31.25 -72.58 42.75
C GLY F 44 31.30 -71.13 42.31
N LEU F 45 30.33 -70.68 41.52
CA LEU F 45 30.30 -69.28 41.02
C LEU F 45 30.10 -68.31 42.18
N GLU F 46 30.73 -67.13 42.11
CA GLU F 46 30.52 -66.10 43.17
C GLU F 46 30.26 -64.76 42.46
N TRP F 47 29.58 -63.83 43.14
CA TRP F 47 29.31 -62.49 42.56
C TRP F 47 30.07 -61.44 43.36
N MET F 48 30.87 -60.59 42.69
CA MET F 48 31.54 -59.49 43.42
C MET F 48 31.29 -58.16 42.71
N GLY F 49 30.43 -57.30 43.28
CA GLY F 49 30.23 -55.96 42.69
C GLY F 49 29.05 -55.86 41.75
N GLY F 50 28.07 -55.02 42.05
CA GLY F 50 26.94 -54.78 41.14
C GLY F 50 26.78 -53.30 40.91
N ILE F 51 26.76 -52.84 39.66
CA ILE F 51 26.72 -51.37 39.40
C ILE F 51 25.67 -51.02 38.34
N ILE F 52 24.91 -49.94 38.56
CA ILE F 52 23.98 -49.47 37.49
C ILE F 52 24.73 -48.31 36.86
N PRO F 53 25.06 -48.33 35.54
CA PRO F 53 25.90 -47.28 34.96
C PRO F 53 25.30 -45.86 35.04
N PHE F 54 24.03 -45.69 34.70
CA PHE F 54 23.45 -44.31 34.67
C PHE F 54 23.38 -43.74 36.09
N PHE F 55 22.88 -44.53 37.05
CA PHE F 55 22.77 -44.07 38.46
C PHE F 55 24.15 -43.96 39.10
N GLY F 56 25.06 -44.87 38.75
CA GLY F 56 26.44 -44.82 39.29
C GLY F 56 26.52 -45.42 40.68
N THR F 57 25.39 -45.93 41.18
CA THR F 57 25.37 -46.55 42.54
C THR F 57 26.14 -47.88 42.49
N VAL F 58 26.92 -48.18 43.53
CA VAL F 58 27.76 -49.42 43.54
C VAL F 58 27.46 -50.23 44.80
N ASN F 59 27.22 -51.54 44.65
CA ASN F 59 27.04 -52.43 45.83
C ASN F 59 28.09 -53.53 45.70
N TYR F 60 28.82 -53.84 46.78
CA TYR F 60 29.93 -54.83 46.67
C TYR F 60 29.70 -56.01 47.62
N ALA F 61 30.22 -57.18 47.25
CA ALA F 61 30.10 -58.38 48.11
C ALA F 61 30.87 -58.13 49.41
N GLN F 62 30.37 -58.66 50.53
CA GLN F 62 31.01 -58.39 51.85
C GLN F 62 32.45 -58.90 51.86
N LYS F 63 32.70 -60.07 51.24
CA LYS F 63 34.06 -60.66 51.22
C LYS F 63 35.02 -59.73 50.47
N PHE F 64 34.58 -59.13 49.37
CA PHE F 64 35.48 -58.27 48.55
C PHE F 64 35.26 -56.79 48.87
N GLN F 65 34.46 -56.47 49.89
CA GLN F 65 34.12 -55.04 50.16
C GLN F 65 35.39 -54.27 50.52
N GLY F 66 35.56 -53.09 49.92
CA GLY F 66 36.73 -52.23 50.21
C GLY F 66 37.95 -52.65 49.42
N ARG F 67 37.84 -53.72 48.63
CA ARG F 67 38.98 -54.23 47.82
C ARG F 67 38.65 -54.05 46.34
N VAL F 68 37.35 -53.92 46.01
CA VAL F 68 36.94 -53.78 44.58
C VAL F 68 36.23 -52.43 44.39
N THR F 69 36.65 -51.66 43.39
CA THR F 69 35.95 -50.39 43.07
C THR F 69 35.54 -50.43 41.59
N ILE F 70 34.27 -50.17 41.29
CA ILE F 70 33.80 -50.29 39.88
C ILE F 70 33.36 -48.91 39.38
N THR F 71 33.91 -48.47 38.25
CA THR F 71 33.55 -47.15 37.66
C THR F 71 33.02 -47.37 36.24
N ALA F 72 31.88 -46.77 35.90
CA ALA F 72 31.28 -46.96 34.56
C ALA F 72 31.19 -45.61 33.84
N ASP F 73 31.62 -45.58 32.57
CA ASP F 73 31.52 -44.33 31.75
C ASP F 73 30.36 -44.51 30.77
N GLU F 74 29.27 -43.75 30.95
CA GLU F 74 28.07 -43.90 30.10
C GLU F 74 28.42 -43.53 28.64
N SER F 75 29.24 -42.49 28.44
CA SER F 75 29.55 -42.03 27.06
C SER F 75 30.24 -43.13 26.26
N THR F 76 31.21 -43.82 26.87
CA THR F 76 31.97 -44.88 26.15
C THR F 76 31.31 -46.24 26.39
N SER F 77 30.25 -46.27 27.21
CA SER F 77 29.53 -47.55 27.53
C SER F 77 30.53 -48.59 28.05
N THR F 78 31.61 -48.13 28.70
CA THR F 78 32.65 -49.05 29.24
C THR F 78 32.53 -49.11 30.76
N VAL F 79 32.55 -50.32 31.34
CA VAL F 79 32.52 -50.46 32.82
C VAL F 79 33.85 -51.05 33.25
N TYR F 80 34.53 -50.41 34.21
CA TYR F 80 35.88 -50.88 34.63
C TYR F 80 35.81 -51.43 36.05
N MET F 81 36.30 -52.66 36.25
CA MET F 81 36.35 -53.24 37.62
C MET F 81 37.79 -53.13 38.10
N GLU F 82 38.00 -52.49 39.26
CA GLU F 82 39.38 -52.28 39.77
C GLU F 82 39.57 -53.11 41.05
N LEU F 83 40.57 -53.99 41.06
CA LEU F 83 40.87 -54.82 42.25
C LEU F 83 42.33 -54.60 42.63
N SER F 84 42.62 -54.32 43.90
CA SER F 84 44.02 -54.13 44.37
C SER F 84 44.38 -55.25 45.35
N SER F 85 45.58 -55.22 45.91
CA SER F 85 46.00 -56.25 46.91
C SER F 85 45.75 -57.64 46.33
N LEU F 86 46.22 -57.90 45.11
CA LEU F 86 45.92 -59.19 44.42
C LEU F 86 46.45 -60.37 45.24
N ARG F 87 45.72 -61.49 45.23
CA ARG F 87 46.13 -62.70 45.98
C ARG F 87 46.00 -63.92 45.07
N SER F 88 46.58 -65.05 45.46
CA SER F 88 46.51 -66.30 44.64
C SER F 88 45.04 -66.71 44.47
N GLU F 89 44.22 -66.49 45.49
CA GLU F 89 42.77 -66.84 45.44
C GLU F 89 42.09 -66.04 44.31
N ASP F 90 42.55 -64.81 44.05
CA ASP F 90 41.92 -63.93 43.03
C ASP F 90 41.95 -64.59 41.65
N THR F 91 43.00 -65.37 41.34
CA THR F 91 43.12 -65.93 39.97
C THR F 91 41.83 -66.68 39.63
N ALA F 92 41.23 -66.39 38.46
CA ALA F 92 39.94 -67.01 38.07
C ALA F 92 39.47 -66.39 36.75
N VAL F 93 38.21 -66.62 36.37
CA VAL F 93 37.64 -65.98 35.15
C VAL F 93 36.57 -64.98 35.58
N TYR F 94 36.53 -63.79 34.97
CA TYR F 94 35.58 -62.74 35.41
C TYR F 94 34.53 -62.51 34.32
N TYR F 95 33.25 -62.53 34.70
CA TYR F 95 32.15 -62.37 33.71
C TYR F 95 31.31 -61.13 34.04
N CYS F 96 30.97 -60.32 33.05
CA CYS F 96 30.07 -59.15 33.28
C CYS F 96 28.74 -59.39 32.56
N ALA F 97 27.62 -59.12 33.22
CA ALA F 97 26.30 -59.42 32.62
C ALA F 97 25.40 -58.19 32.74
N ASN F 98 24.74 -57.81 31.63
CA ASN F 98 23.81 -56.66 31.66
C ASN F 98 22.39 -57.19 31.81
N SER F 99 21.70 -56.78 32.88
CA SER F 99 20.28 -57.19 33.10
C SER F 99 19.41 -56.75 31.92
N TYR F 100 18.19 -57.28 31.84
CA TYR F 100 17.32 -56.96 30.67
C TYR F 100 17.06 -55.45 30.64
N CYS F 101 17.17 -54.84 29.47
CA CYS F 101 16.97 -53.37 29.34
C CYS F 101 15.49 -53.05 29.56
N SER F 102 15.21 -51.89 30.18
CA SER F 102 13.81 -51.51 30.49
C SER F 102 13.28 -50.56 29.42
N SER F 103 12.56 -49.50 29.81
CA SER F 103 12.03 -48.47 28.87
C SER F 103 10.75 -48.95 28.18
N THR F 104 10.22 -50.12 28.56
CA THR F 104 9.03 -50.68 27.87
C THR F 104 8.30 -51.71 28.73
N ASN F 105 9.02 -52.71 29.26
CA ASN F 105 8.33 -53.82 29.97
C ASN F 105 9.18 -54.31 31.14
N CYS F 106 9.47 -53.44 32.11
CA CYS F 106 10.23 -53.84 33.33
C CYS F 106 9.98 -52.80 34.42
N TYR F 107 10.14 -53.16 35.69
CA TYR F 107 10.01 -52.14 36.77
C TYR F 107 10.82 -52.49 38.02
N ARG F 108 11.77 -53.43 37.90
CA ARG F 108 12.67 -53.74 39.05
C ARG F 108 14.12 -53.55 38.61
N TYR F 109 14.32 -52.86 37.47
CA TYR F 109 15.68 -52.65 36.90
C TYR F 109 16.30 -53.99 36.50
N TYR F 110 15.71 -55.10 36.98
CA TYR F 110 16.20 -56.45 36.61
C TYR F 110 14.99 -57.23 36.11
N GLN F 111 14.18 -57.75 37.04
CA GLN F 111 12.89 -58.42 36.68
C GLN F 111 13.03 -59.48 35.59
N ASN F 112 12.36 -59.26 34.45
CA ASN F 112 12.33 -60.27 33.35
C ASN F 112 13.75 -60.70 32.99
N GLY F 113 13.99 -62.02 32.95
CA GLY F 113 15.31 -62.50 32.54
C GLY F 113 16.36 -61.94 33.46
N LEU F 114 17.30 -61.15 32.94
CA LEU F 114 18.39 -60.47 33.72
C LEU F 114 19.71 -61.23 33.59
N ASP F 115 20.71 -60.64 32.92
CA ASP F 115 22.05 -61.24 32.66
C ASP F 115 22.11 -61.76 31.23
N VAL F 116 23.16 -61.41 30.47
CA VAL F 116 23.36 -61.96 29.09
C VAL F 116 24.73 -62.61 29.05
N TRP F 117 25.68 -62.11 29.86
CA TRP F 117 27.06 -62.67 29.98
C TRP F 117 28.03 -62.16 28.92
N GLY F 118 29.32 -62.47 29.10
CA GLY F 118 30.37 -61.98 28.19
C GLY F 118 31.43 -63.04 27.99
N GLN F 119 32.38 -62.81 27.07
CA GLN F 119 33.40 -63.86 26.75
C GLN F 119 34.18 -64.21 28.02
N GLY F 120 34.50 -63.23 28.86
CA GLY F 120 35.21 -63.49 30.13
C GLY F 120 36.71 -63.31 29.99
N THR F 121 37.39 -63.00 31.10
CA THR F 121 38.86 -62.81 31.08
C THR F 121 39.51 -63.69 32.16
N THR F 122 40.54 -64.45 31.79
CA THR F 122 41.25 -65.30 32.79
C THR F 122 42.45 -64.52 33.32
N VAL F 123 42.35 -64.00 34.54
CA VAL F 123 43.48 -63.22 35.15
C VAL F 123 44.35 -64.18 35.96
N THR F 124 45.66 -64.18 35.70
CA THR F 124 46.59 -65.11 36.39
C THR F 124 47.52 -64.30 37.29
N VAL F 125 47.69 -64.72 38.56
CA VAL F 125 48.53 -63.95 39.52
C VAL F 125 49.87 -64.67 39.69
N SER F 126 50.98 -64.02 39.32
CA SER F 126 52.33 -64.61 39.51
C SER F 126 53.25 -63.61 40.21
N SER F 127 53.88 -63.99 41.33
CA SER F 127 54.70 -63.03 42.10
C SER F 127 55.90 -62.54 41.29
N ALA F 128 56.65 -63.46 40.66
CA ALA F 128 57.80 -63.07 39.82
C ALA F 128 57.89 -64.03 38.63
N TRP F 129 56.87 -64.85 38.42
CA TRP F 129 56.96 -65.90 37.36
C TRP F 129 56.68 -65.34 35.97
N SER F 130 57.74 -65.05 35.20
CA SER F 130 57.60 -64.53 33.82
C SER F 130 57.40 -65.71 32.86
N THR F 131 57.19 -65.44 31.57
CA THR F 131 56.89 -66.53 30.60
C THR F 131 58.04 -67.54 30.62
N LYS F 132 57.71 -68.83 30.79
CA LYS F 132 58.75 -69.90 30.76
C LYS F 132 58.51 -70.78 29.54
N GLY F 133 59.47 -71.64 29.21
CA GLY F 133 59.32 -72.56 28.07
C GLY F 133 58.99 -73.96 28.56
N PRO F 134 57.92 -74.61 28.05
CA PRO F 134 57.51 -75.91 28.56
C PRO F 134 58.60 -76.96 28.33
N SER F 135 58.85 -77.80 29.34
CA SER F 135 59.85 -78.89 29.20
C SER F 135 59.12 -80.22 29.14
N VAL F 136 59.31 -80.98 28.07
CA VAL F 136 58.60 -82.28 27.92
C VAL F 136 59.45 -83.38 28.54
N PHE F 137 58.94 -84.02 29.60
CA PHE F 137 59.67 -85.14 30.23
C PHE F 137 58.97 -86.44 29.86
N PRO F 138 59.67 -87.40 29.21
CA PRO F 138 59.06 -88.66 28.80
C PRO F 138 58.55 -89.53 29.95
N LEU F 139 57.43 -90.22 29.74
CA LEU F 139 56.97 -91.18 30.77
C LEU F 139 57.69 -92.48 30.43
N ALA F 140 58.58 -92.97 31.31
CA ALA F 140 59.43 -94.13 30.97
C ALA F 140 58.61 -95.40 30.73
N PRO F 141 58.90 -96.19 29.67
CA PRO F 141 58.25 -97.49 29.46
C PRO F 141 59.14 -98.57 30.09
N SER F 142 58.79 -99.02 31.29
CA SER F 142 59.64 -100.03 31.99
C SER F 142 59.16 -101.44 31.65
N SER F 143 58.06 -101.57 30.90
CA SER F 143 57.48 -102.90 30.60
C SER F 143 57.21 -103.62 31.93
N LYS F 144 56.76 -102.86 32.94
CA LYS F 144 56.44 -103.46 34.27
C LYS F 144 55.06 -104.10 34.19
N SER F 145 54.12 -103.48 33.45
CA SER F 145 52.74 -104.00 33.38
C SER F 145 52.73 -105.39 32.73
N THR F 146 51.95 -106.31 33.30
CA THR F 146 51.88 -107.71 32.78
C THR F 146 50.74 -107.84 31.77
N SER F 147 49.99 -106.76 31.53
CA SER F 147 48.82 -106.85 30.63
C SER F 147 49.22 -106.54 29.20
N GLY F 148 49.20 -107.55 28.32
CA GLY F 148 49.52 -107.33 26.90
C GLY F 148 48.49 -106.43 26.23
N GLY F 149 47.21 -106.63 26.54
CA GLY F 149 46.14 -105.87 25.87
C GLY F 149 46.25 -104.38 26.12
N THR F 150 46.55 -103.96 27.35
CA THR F 150 46.56 -102.50 27.65
C THR F 150 47.96 -102.02 28.04
N ALA F 151 48.52 -101.09 27.25
CA ALA F 151 49.82 -100.48 27.61
C ALA F 151 49.63 -98.96 27.53
N ALA F 152 49.97 -98.22 28.59
CA ALA F 152 49.69 -96.76 28.58
C ALA F 152 50.98 -95.96 28.73
N LEU F 153 51.23 -95.01 27.82
CA LEU F 153 52.47 -94.18 27.86
C LEU F 153 52.09 -92.72 27.63
N GLY F 154 52.94 -91.78 28.06
CA GLY F 154 52.55 -90.36 27.95
C GLY F 154 53.72 -89.40 28.00
N CYS F 155 53.44 -88.10 27.89
CA CYS F 155 54.51 -87.07 28.03
C CYS F 155 54.11 -86.08 29.13
N LEU F 156 55.07 -85.64 29.94
CA LEU F 156 54.78 -84.68 31.04
C LEU F 156 55.30 -83.30 30.63
N VAL F 157 54.44 -82.28 30.68
CA VAL F 157 54.87 -80.89 30.36
C VAL F 157 55.12 -80.19 31.70
N LYS F 158 56.29 -79.57 31.88
CA LYS F 158 56.64 -78.98 33.19
C LYS F 158 57.49 -77.71 32.97
N ASP F 159 57.63 -76.86 33.99
CA ASP F 159 58.51 -75.65 33.90
C ASP F 159 57.93 -74.60 32.95
N TYR F 160 56.61 -74.54 32.79
CA TYR F 160 56.03 -73.45 31.97
C TYR F 160 55.03 -72.67 32.84
N PHE F 161 55.16 -71.34 32.89
CA PHE F 161 54.26 -70.51 33.73
C PHE F 161 52.87 -70.25 33.13
N PRO F 162 52.68 -69.83 31.85
CA PRO F 162 51.35 -69.41 31.33
C PRO F 162 50.10 -70.31 31.23
N GLU F 163 50.20 -71.58 30.80
CA GLU F 163 49.06 -72.57 30.71
C GLU F 163 48.41 -72.79 29.33
N PRO F 164 48.52 -71.94 28.28
CA PRO F 164 47.86 -72.25 26.99
C PRO F 164 48.71 -73.26 26.19
N VAL F 165 48.73 -74.51 26.64
CA VAL F 165 49.57 -75.55 25.96
C VAL F 165 48.64 -76.58 25.31
N THR F 166 49.00 -77.06 24.11
CA THR F 166 48.21 -78.08 23.37
C THR F 166 49.15 -79.18 22.89
N VAL F 167 48.80 -80.45 23.15
CA VAL F 167 49.75 -81.56 22.80
C VAL F 167 49.06 -82.59 21.89
N SER F 168 49.61 -82.83 20.70
CA SER F 168 49.03 -83.86 19.79
C SER F 168 49.88 -85.13 19.84
N TRP F 169 49.27 -86.28 19.52
CA TRP F 169 50.01 -87.57 19.53
C TRP F 169 50.07 -88.14 18.10
N ASN F 170 51.28 -88.49 17.63
CA ASN F 170 51.44 -89.00 16.24
C ASN F 170 50.86 -87.96 15.27
N SER F 171 51.09 -86.67 15.54
CA SER F 171 50.54 -85.57 14.69
C SER F 171 49.01 -85.68 14.62
N GLY F 172 48.37 -86.04 15.73
CA GLY F 172 46.89 -86.11 15.78
C GLY F 172 46.33 -87.40 15.18
N ALA F 173 47.19 -88.35 14.84
CA ALA F 173 46.72 -89.60 14.18
C ALA F 173 45.76 -90.34 15.11
N LEU F 174 46.15 -90.53 16.38
CA LEU F 174 45.32 -91.32 17.33
C LEU F 174 44.52 -90.37 18.22
N THR F 175 43.20 -90.25 17.97
CA THR F 175 42.32 -89.43 18.83
C THR F 175 41.56 -90.35 19.79
N SER F 176 41.91 -91.64 19.80
CA SER F 176 41.17 -92.61 20.65
C SER F 176 42.07 -93.11 21.80
N GLY F 177 41.54 -93.13 23.02
CA GLY F 177 42.32 -93.60 24.18
C GLY F 177 43.22 -92.53 24.75
N VAL F 178 43.14 -91.31 24.20
CA VAL F 178 43.95 -90.18 24.74
C VAL F 178 43.22 -89.58 25.96
N HIS F 179 43.95 -89.37 27.05
CA HIS F 179 43.34 -88.78 28.28
C HIS F 179 44.22 -87.62 28.75
N THR F 180 44.19 -86.48 28.04
CA THR F 180 44.96 -85.29 28.47
C THR F 180 44.41 -84.81 29.83
N PHE F 181 45.30 -84.41 30.74
CA PHE F 181 44.86 -84.00 32.10
C PHE F 181 44.97 -82.49 32.23
N PRO F 182 43.94 -81.78 32.75
CA PRO F 182 43.97 -80.32 32.87
C PRO F 182 45.17 -79.86 33.72
N ALA F 183 45.83 -78.77 33.30
CA ALA F 183 47.03 -78.29 34.02
C ALA F 183 46.66 -77.86 35.44
N VAL F 184 47.53 -78.17 36.41
CA VAL F 184 47.26 -77.82 37.84
C VAL F 184 48.35 -76.87 38.35
N LEU F 185 47.95 -75.80 39.04
CA LEU F 185 48.94 -74.86 39.64
C LEU F 185 49.67 -75.59 40.77
N GLN F 186 50.97 -75.32 40.95
CA GLN F 186 51.73 -75.93 42.07
C GLN F 186 52.49 -74.84 42.82
N SER F 187 52.87 -75.10 44.08
CA SER F 187 53.56 -74.09 44.92
C SER F 187 54.60 -73.29 44.13
N SER F 188 55.29 -73.93 43.17
CA SER F 188 56.36 -73.25 42.39
C SER F 188 55.78 -72.18 41.46
N GLY F 189 54.50 -71.83 41.64
CA GLY F 189 53.89 -70.76 40.83
C GLY F 189 53.90 -71.03 39.33
N LEU F 190 53.72 -72.29 38.92
CA LEU F 190 53.64 -72.61 37.47
C LEU F 190 52.68 -73.80 37.28
N TYR F 191 52.22 -74.03 36.05
CA TYR F 191 51.25 -75.13 35.79
C TYR F 191 51.98 -76.37 35.25
N SER F 192 51.47 -77.57 35.57
CA SER F 192 52.06 -78.82 35.00
C SER F 192 50.92 -79.78 34.62
N LEU F 193 51.10 -80.57 33.56
CA LEU F 193 50.05 -81.52 33.11
C LEU F 193 50.67 -82.70 32.36
N SER F 194 49.94 -83.80 32.24
CA SER F 194 50.43 -84.98 31.47
C SER F 194 49.37 -85.46 30.49
N SER F 195 49.77 -85.91 29.30
CA SER F 195 48.81 -86.48 28.33
C SER F 195 49.17 -87.96 28.12
N VAL F 196 48.19 -88.86 28.22
CA VAL F 196 48.52 -90.32 28.16
C VAL F 196 47.75 -91.00 27.02
N VAL F 197 48.41 -91.92 26.31
CA VAL F 197 47.72 -92.70 25.23
C VAL F 197 47.88 -94.20 25.51
N THR F 198 46.79 -94.95 25.37
CA THR F 198 46.82 -96.42 25.62
C THR F 198 46.88 -97.16 24.28
N VAL F 199 47.89 -98.02 24.10
CA VAL F 199 48.06 -98.77 22.82
C VAL F 199 48.36 -100.24 23.17
N PRO F 200 48.11 -101.22 22.28
CA PRO F 200 48.50 -102.61 22.55
C PRO F 200 50.03 -102.73 22.62
N SER F 201 50.53 -103.68 23.42
CA SER F 201 52.00 -103.79 23.62
C SER F 201 52.72 -104.07 22.29
N SER F 202 52.13 -104.90 21.43
CA SER F 202 52.76 -105.25 20.14
C SER F 202 52.91 -103.99 19.27
N SER F 203 51.90 -103.13 19.26
CA SER F 203 51.94 -101.88 18.45
C SER F 203 53.07 -100.97 18.95
N LEU F 204 53.31 -100.94 20.26
CA LEU F 204 54.33 -100.01 20.83
C LEU F 204 55.70 -100.31 20.22
N GLY F 205 56.06 -101.60 20.09
CA GLY F 205 57.33 -101.94 19.43
C GLY F 205 57.34 -101.58 17.96
N THR F 206 56.25 -101.86 17.23
CA THR F 206 56.21 -101.63 15.76
C THR F 206 56.30 -100.14 15.39
N GLN F 207 55.61 -99.25 16.11
CA GLN F 207 55.55 -97.82 15.68
C GLN F 207 56.02 -96.91 16.82
N THR F 208 56.61 -95.76 16.48
CA THR F 208 57.03 -94.77 17.50
C THR F 208 55.90 -93.77 17.69
N TYR F 209 55.72 -93.28 18.93
CA TYR F 209 54.63 -92.32 19.23
C TYR F 209 55.25 -90.97 19.58
N ILE F 210 54.82 -89.90 18.89
CA ILE F 210 55.46 -88.57 19.11
C ILE F 210 54.46 -87.63 19.79
N CYS F 211 54.89 -86.97 20.86
CA CYS F 211 54.00 -85.97 21.51
C CYS F 211 54.51 -84.58 21.13
N ASN F 212 53.66 -83.75 20.53
CA ASN F 212 54.10 -82.41 20.07
C ASN F 212 53.42 -81.35 20.94
N VAL F 213 54.21 -80.51 21.62
CA VAL F 213 53.60 -79.52 22.56
C VAL F 213 53.68 -78.12 21.95
N ASN F 214 52.55 -77.42 21.91
CA ASN F 214 52.51 -76.04 21.33
C ASN F 214 52.09 -75.06 22.42
N HIS F 215 52.84 -73.99 22.60
CA HIS F 215 52.50 -72.96 23.63
C HIS F 215 52.41 -71.59 22.94
N LYS F 216 51.22 -70.99 22.90
CA LYS F 216 51.02 -69.66 22.28
C LYS F 216 51.96 -68.62 22.92
N PRO F 217 52.03 -68.44 24.26
CA PRO F 217 52.88 -67.40 24.84
C PRO F 217 54.37 -67.58 24.52
N SER F 218 54.87 -68.82 24.55
CA SER F 218 56.30 -69.08 24.29
C SER F 218 56.53 -69.20 22.77
N ASN F 219 55.47 -69.45 22.01
CA ASN F 219 55.58 -69.61 20.52
C ASN F 219 56.64 -70.67 20.23
N THR F 220 56.71 -71.72 21.06
CA THR F 220 57.74 -72.77 20.88
C THR F 220 57.04 -74.12 20.70
N LYS F 221 57.44 -74.87 19.66
CA LYS F 221 56.86 -76.23 19.45
C LYS F 221 57.96 -77.26 19.70
N VAL F 222 57.73 -78.18 20.64
CA VAL F 222 58.76 -79.22 20.96
C VAL F 222 58.17 -80.60 20.67
N ASP F 223 58.91 -81.45 19.96
CA ASP F 223 58.43 -82.82 19.65
C ASP F 223 59.33 -83.83 20.38
N LYS F 224 58.73 -84.77 21.11
CA LYS F 224 59.51 -85.82 21.81
C LYS F 224 59.16 -87.17 21.21
N ARG F 225 60.17 -87.98 20.86
CA ARG F 225 59.92 -89.30 20.24
C ARG F 225 59.94 -90.38 21.33
N VAL F 226 58.86 -91.16 21.44
CA VAL F 226 58.79 -92.24 22.46
C VAL F 226 58.90 -93.59 21.73
N ALA G 1 23.85 -62.89 56.49
CA ALA G 1 22.37 -62.87 56.53
C ALA G 1 21.81 -63.73 55.40
N ILE G 2 22.52 -63.78 54.27
CA ILE G 2 22.04 -64.58 53.10
C ILE G 2 23.03 -65.72 52.82
N ARG G 3 22.53 -66.96 52.79
CA ARG G 3 23.40 -68.13 52.45
C ARG G 3 22.57 -69.09 51.59
N MET G 4 23.22 -69.88 50.72
CA MET G 4 22.44 -70.76 49.82
C MET G 4 22.91 -72.21 49.93
N THR G 5 21.97 -73.16 50.06
CA THR G 5 22.33 -74.61 50.08
C THR G 5 21.65 -75.23 48.86
N GLN G 6 22.37 -76.00 48.03
CA GLN G 6 21.71 -76.53 46.80
C GLN G 6 21.35 -78.01 47.04
N SER G 7 20.79 -78.68 46.04
CA SER G 7 20.47 -80.12 46.16
C SER G 7 21.78 -80.90 46.17
N PRO G 8 21.84 -82.16 46.65
CA PRO G 8 23.12 -82.85 46.73
C PRO G 8 23.78 -82.78 45.35
N VAL G 9 25.07 -82.45 45.32
CA VAL G 9 25.77 -82.26 44.02
C VAL G 9 25.94 -83.61 43.33
N THR G 10 26.24 -83.59 42.03
CA THR G 10 26.43 -84.85 41.25
C THR G 10 25.18 -85.73 41.32
N LEU G 11 23.99 -85.17 41.05
CA LEU G 11 22.75 -85.99 40.98
C LEU G 11 22.95 -87.03 39.86
N SER G 12 22.52 -88.28 40.07
CA SER G 12 22.79 -89.33 39.04
C SER G 12 21.55 -89.60 38.20
N ALA G 13 21.47 -89.00 37.00
CA ALA G 13 20.31 -89.24 36.11
C ALA G 13 20.78 -89.67 34.71
N SER G 14 20.22 -90.77 34.18
CA SER G 14 20.55 -91.20 32.80
C SER G 14 19.68 -90.42 31.82
N VAL G 15 20.02 -90.43 30.52
CA VAL G 15 19.25 -89.63 29.52
C VAL G 15 17.79 -90.10 29.50
N GLY G 16 16.85 -89.16 29.38
CA GLY G 16 15.42 -89.50 29.37
C GLY G 16 14.84 -89.66 30.77
N ASP G 17 15.60 -89.31 31.80
CA ASP G 17 15.14 -89.49 33.20
C ASP G 17 14.85 -88.11 33.83
N ARG G 18 13.76 -88.01 34.60
CA ARG G 18 13.37 -86.72 35.22
C ARG G 18 14.47 -86.27 36.18
N VAL G 19 14.83 -84.98 36.16
CA VAL G 19 15.87 -84.44 37.07
C VAL G 19 15.21 -83.40 37.99
N THR G 20 15.33 -83.55 39.31
CA THR G 20 14.78 -82.52 40.22
C THR G 20 15.91 -81.94 41.07
N ILE G 21 16.10 -80.62 41.02
CA ILE G 21 17.15 -79.94 41.83
C ILE G 21 16.50 -78.81 42.64
N THR G 22 16.78 -78.73 43.94
CA THR G 22 16.15 -77.69 44.80
C THR G 22 17.22 -76.93 45.58
N CYS G 23 17.22 -75.59 45.51
CA CYS G 23 18.17 -74.80 46.33
C CYS G 23 17.38 -73.97 47.34
N ARG G 24 17.83 -73.96 48.60
CA ARG G 24 17.05 -73.28 49.68
C ARG G 24 17.73 -71.97 50.08
N ALA G 25 16.99 -70.86 50.05
CA ALA G 25 17.53 -69.54 50.47
C ALA G 25 17.63 -69.49 52.00
N SER G 26 18.50 -68.64 52.55
CA SER G 26 18.56 -68.49 54.02
C SER G 26 17.23 -67.92 54.55
N GLN G 27 16.65 -66.94 53.85
CA GLN G 27 15.42 -66.28 54.36
C GLN G 27 14.30 -66.36 53.33
N SER G 28 13.29 -65.48 53.42
CA SER G 28 12.12 -65.57 52.51
C SER G 28 12.22 -64.56 51.36
N ILE G 29 12.98 -64.86 50.31
CA ILE G 29 13.03 -63.97 49.12
C ILE G 29 11.63 -63.96 48.50
N SER G 30 10.93 -65.09 48.49
CA SER G 30 9.53 -65.20 48.01
C SER G 30 9.37 -65.18 46.48
N SER G 31 9.81 -64.13 45.78
CA SER G 31 9.51 -64.08 44.33
C SER G 31 10.75 -63.99 43.42
N TRP G 32 11.97 -64.10 43.97
CA TRP G 32 13.15 -63.88 43.07
C TRP G 32 14.25 -64.93 43.24
N LEU G 33 14.32 -65.89 42.31
CA LEU G 33 15.40 -66.91 42.33
C LEU G 33 15.57 -67.48 40.92
N ALA G 34 16.37 -66.82 40.09
CA ALA G 34 16.59 -67.27 38.70
C ALA G 34 17.46 -68.53 38.68
N TRP G 35 17.29 -69.39 37.68
CA TRP G 35 18.13 -70.61 37.55
C TRP G 35 19.10 -70.43 36.38
N TYR G 36 20.38 -70.74 36.59
CA TYR G 36 21.40 -70.51 35.53
C TYR G 36 22.05 -71.84 35.12
N GLN G 37 22.19 -72.07 33.81
CA GLN G 37 22.88 -73.29 33.32
C GLN G 37 24.29 -72.89 32.87
N GLN G 38 25.31 -73.50 33.47
CA GLN G 38 26.71 -73.13 33.13
C GLN G 38 27.38 -74.29 32.39
N LYS G 39 27.88 -74.02 31.18
CA LYS G 39 28.62 -75.07 30.42
C LYS G 39 30.08 -74.99 30.84
N PRO G 40 30.77 -76.12 31.14
CA PRO G 40 32.14 -76.05 31.65
C PRO G 40 33.09 -75.36 30.65
N GLY G 41 33.94 -74.45 31.16
CA GLY G 41 34.90 -73.75 30.30
C GLY G 41 34.27 -72.62 29.51
N LYS G 42 32.98 -72.33 29.75
CA LYS G 42 32.27 -71.32 28.93
C LYS G 42 31.41 -70.40 29.79
N ALA G 43 30.73 -69.43 29.17
CA ALA G 43 29.85 -68.48 29.90
C ALA G 43 28.54 -69.18 30.32
N PRO G 44 27.87 -68.74 31.41
CA PRO G 44 26.58 -69.32 31.82
C PRO G 44 25.42 -68.93 30.89
N LYS G 45 24.31 -69.68 30.97
CA LYS G 45 23.11 -69.40 30.14
C LYS G 45 21.89 -69.29 31.06
N LEU G 46 20.97 -68.35 30.77
CA LEU G 46 19.76 -68.17 31.62
C LEU G 46 18.76 -69.31 31.40
N LEU G 47 17.92 -69.60 32.40
CA LEU G 47 16.88 -70.65 32.25
C LEU G 47 15.52 -70.08 32.68
N ILE G 48 15.10 -70.34 33.91
CA ILE G 48 13.77 -69.87 34.42
C ILE G 48 14.02 -68.60 35.25
N TYR G 49 13.28 -67.56 35.04
CA TYR G 49 13.54 -66.26 35.71
C TYR G 49 12.45 -66.05 36.77
N LYS G 50 12.84 -65.55 37.96
CA LYS G 50 11.88 -65.37 39.10
C LYS G 50 11.39 -66.75 39.52
N ALA G 51 11.86 -67.81 38.83
CA ALA G 51 11.42 -69.19 39.12
C ALA G 51 9.93 -69.31 38.82
N SER G 52 9.41 -68.42 37.96
CA SER G 52 7.97 -68.48 37.57
C SER G 52 7.83 -68.54 36.05
N THR G 53 8.83 -68.08 35.31
CA THR G 53 8.68 -68.00 33.83
C THR G 53 9.98 -68.39 33.11
N LEU G 54 9.88 -69.07 31.99
CA LEU G 54 11.04 -69.48 31.15
C LEU G 54 11.58 -68.27 30.39
N GLN G 55 12.91 -68.17 30.27
CA GLN G 55 13.49 -67.09 29.42
C GLN G 55 13.18 -67.44 27.97
N SER G 56 12.85 -66.45 27.13
CA SER G 56 12.58 -66.70 25.69
C SER G 56 13.68 -67.58 25.10
N GLY G 57 13.30 -68.62 24.34
CA GLY G 57 14.30 -69.48 23.67
C GLY G 57 14.79 -70.63 24.53
N VAL G 58 14.17 -70.88 25.69
CA VAL G 58 14.56 -72.07 26.50
C VAL G 58 13.57 -73.21 26.23
N PRO G 59 14.02 -74.34 25.62
CA PRO G 59 13.15 -75.49 25.33
C PRO G 59 13.17 -76.57 26.42
N SER G 60 12.54 -77.73 26.15
CA SER G 60 12.56 -78.89 27.08
C SER G 60 11.61 -78.69 28.26
N ARG G 61 10.75 -77.66 28.21
CA ARG G 61 9.72 -77.46 29.27
C ARG G 61 10.36 -77.42 30.66
N PHE G 62 11.49 -76.71 30.80
CA PHE G 62 12.14 -76.55 32.13
C PHE G 62 11.09 -76.04 33.12
N SER G 63 10.82 -76.79 34.19
CA SER G 63 9.72 -76.37 35.11
C SER G 63 10.28 -75.93 36.46
N GLY G 64 9.98 -74.69 36.87
CA GLY G 64 10.42 -74.21 38.20
C GLY G 64 9.21 -73.80 39.02
N SER G 65 9.09 -74.32 40.24
CA SER G 65 7.88 -74.04 41.07
C SER G 65 8.27 -73.85 42.54
N GLY G 66 7.45 -73.13 43.31
CA GLY G 66 7.71 -72.98 44.75
C GLY G 66 7.33 -71.62 45.27
N SER G 67 7.60 -71.35 46.56
CA SER G 67 7.28 -70.03 47.16
C SER G 67 8.22 -69.78 48.35
N GLY G 68 8.50 -68.51 48.67
CA GLY G 68 9.37 -68.18 49.80
C GLY G 68 10.76 -68.77 49.65
N THR G 69 11.28 -69.38 50.72
CA THR G 69 12.66 -69.97 50.70
C THR G 69 12.73 -71.16 49.75
N GLU G 70 11.70 -72.02 49.71
CA GLU G 70 11.77 -73.27 48.90
C GLU G 70 11.55 -73.00 47.41
N PHE G 71 12.42 -73.53 46.55
CA PHE G 71 12.24 -73.41 45.07
C PHE G 71 12.68 -74.72 44.43
N THR G 72 12.11 -75.09 43.28
CA THR G 72 12.43 -76.41 42.65
C THR G 72 12.72 -76.25 41.17
N LEU G 73 13.43 -77.20 40.57
CA LEU G 73 13.70 -77.18 39.10
C LEU G 73 13.56 -78.61 38.57
N THR G 74 12.56 -78.86 37.73
CA THR G 74 12.32 -80.25 37.23
C THR G 74 12.43 -80.31 35.71
N ILE G 75 13.24 -81.24 35.18
CA ILE G 75 13.30 -81.44 33.70
C ILE G 75 12.66 -82.80 33.44
N SER G 76 11.51 -82.85 32.76
CA SER G 76 10.80 -84.13 32.56
C SER G 76 11.62 -85.10 31.71
N SER G 77 12.25 -84.60 30.63
CA SER G 77 13.02 -85.47 29.71
C SER G 77 14.48 -85.01 29.68
N LEU G 78 15.43 -85.93 29.80
CA LEU G 78 16.86 -85.53 29.87
C LEU G 78 17.51 -85.74 28.50
N GLN G 79 18.40 -84.82 28.09
CA GLN G 79 19.08 -84.91 26.77
C GLN G 79 20.58 -84.69 26.99
N PRO G 80 21.48 -85.14 26.07
CA PRO G 80 22.92 -85.01 26.29
C PRO G 80 23.33 -83.54 26.42
N ASP G 81 22.74 -82.66 25.61
CA ASP G 81 23.02 -81.20 25.68
C ASP G 81 22.59 -80.68 27.05
N ASP G 82 21.50 -81.21 27.60
CA ASP G 82 20.96 -80.71 28.89
C ASP G 82 22.00 -80.86 30.02
N PHE G 83 22.78 -81.94 30.04
CA PHE G 83 23.70 -82.14 31.19
C PHE G 83 24.65 -80.94 31.29
N ALA G 84 24.68 -80.28 32.44
CA ALA G 84 25.58 -79.13 32.67
C ALA G 84 25.56 -78.78 34.16
N THR G 85 26.49 -77.96 34.64
CA THR G 85 26.41 -77.50 36.05
C THR G 85 25.23 -76.52 36.17
N TYR G 86 24.46 -76.61 37.25
CA TYR G 86 23.26 -75.73 37.41
C TYR G 86 23.39 -74.88 38.67
N TYR G 87 23.17 -73.57 38.55
CA TYR G 87 23.28 -72.64 39.73
C TYR G 87 21.96 -71.89 39.92
N CYS G 88 21.76 -71.29 41.10
CA CYS G 88 20.54 -70.44 41.31
C CYS G 88 20.96 -69.08 41.88
N GLN G 89 20.31 -68.00 41.45
CA GLN G 89 20.73 -66.63 41.86
C GLN G 89 19.60 -65.99 42.68
N GLN G 90 19.95 -65.34 43.80
CA GLN G 90 18.93 -64.63 44.59
C GLN G 90 19.01 -63.14 44.24
N TYR G 91 17.90 -62.55 43.80
CA TYR G 91 17.94 -61.12 43.35
C TYR G 91 16.80 -60.33 44.01
N ASP G 92 16.82 -58.99 43.89
CA ASP G 92 15.85 -58.10 44.58
C ASP G 92 16.53 -57.79 45.91
N ASN G 93 16.25 -56.64 46.54
CA ASN G 93 17.07 -56.28 47.74
C ASN G 93 18.49 -56.55 47.25
N TYR G 94 18.89 -55.93 46.14
CA TYR G 94 20.19 -56.31 45.52
C TYR G 94 21.34 -55.74 46.33
N SER G 95 21.44 -56.20 47.58
CA SER G 95 22.60 -55.82 48.41
C SER G 95 23.65 -56.89 48.12
N GLN G 96 23.20 -58.12 47.77
CA GLN G 96 24.28 -59.12 47.57
C GLN G 96 23.76 -60.27 46.70
N LEU G 97 23.78 -60.16 45.37
CA LEU G 97 23.40 -61.33 44.55
C LEU G 97 24.24 -62.52 45.00
N THR G 98 23.63 -63.46 45.73
CA THR G 98 24.40 -64.63 46.24
C THR G 98 24.14 -65.84 45.33
N PHE G 99 25.11 -66.20 44.50
CA PHE G 99 24.97 -67.40 43.64
C PHE G 99 25.00 -68.65 44.52
N GLY G 100 24.20 -69.66 44.18
CA GLY G 100 24.18 -70.93 44.93
C GLY G 100 25.43 -71.75 44.64
N PRO G 101 25.78 -72.74 45.48
CA PRO G 101 27.01 -73.52 45.29
C PRO G 101 26.94 -74.24 43.93
N GLY G 102 25.76 -74.74 43.55
CA GLY G 102 25.58 -75.37 42.24
C GLY G 102 25.56 -76.89 42.32
N THR G 103 24.91 -77.54 41.35
CA THR G 103 24.85 -79.03 41.32
C THR G 103 25.35 -79.52 39.96
N LYS G 104 26.28 -80.49 39.95
CA LYS G 104 26.75 -81.07 38.66
C LYS G 104 25.74 -82.12 38.20
N LEU G 105 25.45 -82.16 36.90
CA LEU G 105 24.54 -83.22 36.37
C LEU G 105 25.36 -84.14 35.46
N GLU G 106 25.34 -85.45 35.73
CA GLU G 106 26.17 -86.41 34.94
C GLU G 106 25.33 -87.63 34.58
N ILE G 107 25.66 -88.29 33.47
CA ILE G 107 24.93 -89.52 33.04
C ILE G 107 25.22 -90.62 34.06
N LYS G 108 24.22 -91.47 34.34
CA LYS G 108 24.45 -92.61 35.27
C LYS G 108 24.67 -93.88 34.44
N ARG G 109 25.74 -94.62 34.74
CA ARG G 109 26.07 -95.86 33.99
C ARG G 109 26.59 -96.91 34.97
N THR G 110 26.75 -98.16 34.51
CA THR G 110 27.21 -99.25 35.42
C THR G 110 28.60 -98.88 35.97
N VAL G 111 28.83 -99.13 37.26
CA VAL G 111 30.13 -98.78 37.90
C VAL G 111 31.27 -99.47 37.12
N ALA G 112 32.31 -98.71 36.77
CA ALA G 112 33.44 -99.28 36.00
C ALA G 112 34.70 -99.33 36.88
N ALA G 113 35.34 -100.48 36.97
CA ALA G 113 36.58 -100.62 37.77
C ALA G 113 37.69 -99.79 37.11
N PRO G 114 38.53 -99.06 37.88
CA PRO G 114 39.57 -98.22 37.30
C PRO G 114 40.89 -98.93 37.01
N SER G 115 41.43 -98.77 35.80
CA SER G 115 42.76 -99.37 35.48
C SER G 115 43.83 -98.62 36.27
N VAL G 116 44.78 -99.35 36.89
CA VAL G 116 45.79 -98.68 37.77
C VAL G 116 47.16 -98.75 37.09
N PHE G 117 47.85 -97.61 37.00
CA PHE G 117 49.21 -97.56 36.39
C PHE G 117 50.13 -96.69 37.25
N ILE G 118 51.44 -96.78 37.04
CA ILE G 118 52.40 -95.90 37.78
C ILE G 118 53.60 -95.62 36.86
N PHE G 119 54.09 -94.37 36.85
CA PHE G 119 55.19 -94.01 35.93
C PHE G 119 56.43 -93.60 36.73
N PRO G 120 57.59 -94.29 36.56
CA PRO G 120 58.83 -93.91 37.24
C PRO G 120 59.43 -92.65 36.60
N PRO G 121 60.14 -91.79 37.36
CA PRO G 121 60.82 -90.64 36.77
C PRO G 121 61.91 -91.13 35.81
N SER G 122 62.06 -90.47 34.65
CA SER G 122 63.08 -90.88 33.65
C SER G 122 64.48 -90.51 34.14
N ASP G 123 65.51 -91.16 33.59
CA ASP G 123 66.91 -90.89 34.00
C ASP G 123 67.26 -89.43 33.70
N GLU G 124 66.81 -88.91 32.54
CA GLU G 124 67.04 -87.48 32.20
C GLU G 124 66.32 -86.61 33.23
N GLN G 125 65.11 -87.01 33.65
CA GLN G 125 64.35 -86.25 34.67
C GLN G 125 65.13 -86.23 35.98
N LEU G 126 65.73 -87.36 36.35
CA LEU G 126 66.55 -87.42 37.59
C LEU G 126 67.75 -86.50 37.46
N LYS G 127 68.40 -86.49 36.28
CA LYS G 127 69.58 -85.63 36.04
C LYS G 127 69.15 -84.17 36.12
N SER G 128 67.90 -83.88 35.74
CA SER G 128 67.36 -82.50 35.84
C SER G 128 67.29 -82.06 37.29
N GLY G 129 67.24 -83.02 38.22
CA GLY G 129 67.09 -82.69 39.66
C GLY G 129 65.63 -82.70 40.05
N THR G 130 64.75 -83.11 39.11
CA THR G 130 63.30 -83.20 39.40
C THR G 130 62.93 -84.67 39.62
N ALA G 131 62.29 -85.00 40.74
CA ALA G 131 61.83 -86.39 40.94
C ALA G 131 60.30 -86.41 40.99
N SER G 132 59.66 -87.04 39.98
CA SER G 132 58.18 -87.06 39.92
C SER G 132 57.69 -88.51 39.78
N VAL G 133 56.78 -88.93 40.65
CA VAL G 133 56.16 -90.29 40.49
C VAL G 133 54.68 -90.05 40.18
N VAL G 134 54.19 -90.57 39.05
CA VAL G 134 52.78 -90.30 38.66
C VAL G 134 52.02 -91.63 38.56
N CYS G 135 50.88 -91.75 39.25
CA CYS G 135 50.06 -92.98 39.09
C CYS G 135 48.79 -92.61 38.32
N LEU G 136 48.45 -93.40 37.31
CA LEU G 136 47.30 -93.02 36.44
C LEU G 136 46.11 -93.95 36.68
N LEU G 137 44.95 -93.37 37.00
CA LEU G 137 43.71 -94.18 37.15
C LEU G 137 42.86 -93.90 35.91
N ASN G 138 42.08 -94.87 35.43
CA ASN G 138 41.34 -94.62 34.16
C ASN G 138 40.01 -95.38 34.12
N ASN G 139 39.04 -94.89 33.34
CA ASN G 139 37.74 -95.60 33.14
C ASN G 139 37.01 -95.91 34.45
N PHE G 140 36.85 -94.94 35.35
CA PHE G 140 36.03 -95.20 36.57
C PHE G 140 34.78 -94.30 36.55
N TYR G 141 33.59 -94.90 36.58
CA TYR G 141 32.33 -94.11 36.51
C TYR G 141 32.14 -93.22 37.75
N PRO G 142 32.30 -93.69 39.01
CA PRO G 142 32.16 -92.81 40.18
C PRO G 142 33.27 -91.74 40.23
N ARG G 143 32.89 -90.49 40.50
CA ARG G 143 33.89 -89.39 40.59
C ARG G 143 34.83 -89.65 41.76
N GLU G 144 34.28 -90.11 42.89
CA GLU G 144 35.12 -90.29 44.10
C GLU G 144 36.17 -91.39 43.88
N ALA G 145 37.44 -91.09 44.14
CA ALA G 145 38.54 -92.07 44.01
C ALA G 145 39.68 -91.65 44.93
N LYS G 146 39.57 -91.90 46.24
CA LYS G 146 40.61 -91.39 47.17
C LYS G 146 41.94 -92.02 46.78
N VAL G 147 42.99 -91.20 46.65
CA VAL G 147 44.32 -91.72 46.19
C VAL G 147 45.38 -91.37 47.24
N GLN G 148 46.24 -92.32 47.59
CA GLN G 148 47.25 -92.09 48.66
C GLN G 148 48.64 -92.56 48.20
N TRP G 149 49.70 -91.99 48.79
CA TRP G 149 51.08 -92.40 48.46
C TRP G 149 51.69 -93.13 49.65
N LYS G 150 52.29 -94.31 49.44
CA LYS G 150 52.87 -95.08 50.55
C LYS G 150 54.38 -95.20 50.37
N VAL G 151 55.16 -94.76 51.37
CA VAL G 151 56.63 -94.98 51.33
C VAL G 151 56.94 -95.77 52.61
N ASP G 152 57.61 -96.93 52.49
CA ASP G 152 57.82 -97.80 53.68
C ASP G 152 56.45 -98.05 54.31
N ASN G 153 55.41 -98.17 53.48
CA ASN G 153 54.03 -98.42 53.97
C ASN G 153 53.57 -97.28 54.90
N ALA G 154 53.96 -96.04 54.60
CA ALA G 154 53.51 -94.87 55.40
C ALA G 154 52.82 -93.86 54.48
N LEU G 155 51.64 -93.36 54.88
CA LEU G 155 50.88 -92.40 54.04
C LEU G 155 51.66 -91.09 53.91
N GLN G 156 51.59 -90.46 52.73
CA GLN G 156 52.28 -89.16 52.50
C GLN G 156 51.21 -88.07 52.38
N SER G 157 51.33 -86.99 53.13
CA SER G 157 50.28 -85.93 53.13
C SER G 157 50.84 -84.61 52.60
N GLY G 158 50.11 -83.94 51.70
CA GLY G 158 50.56 -82.67 51.12
C GLY G 158 51.52 -82.92 49.96
N ASN G 159 51.72 -84.19 49.62
CA ASN G 159 52.66 -84.56 48.52
C ASN G 159 51.86 -85.04 47.31
N SER G 160 50.57 -84.72 47.24
CA SER G 160 49.73 -85.27 46.14
C SER G 160 49.10 -84.16 45.29
N GLN G 161 49.23 -84.24 43.97
CA GLN G 161 48.56 -83.27 43.05
C GLN G 161 47.53 -84.08 42.26
N GLU G 162 46.26 -83.66 42.25
CA GLU G 162 45.22 -84.50 41.59
C GLU G 162 44.61 -83.80 40.36
N SER G 163 44.59 -84.48 39.22
CA SER G 163 43.98 -83.89 37.99
C SER G 163 42.94 -84.87 37.44
N VAL G 164 41.67 -84.45 37.36
CA VAL G 164 40.59 -85.36 36.89
C VAL G 164 40.04 -84.84 35.56
N THR G 165 40.06 -85.67 34.51
CA THR G 165 39.48 -85.29 33.19
C THR G 165 37.95 -85.38 33.27
N GLU G 166 37.23 -84.55 32.49
CA GLU G 166 35.75 -84.61 32.45
C GLU G 166 35.32 -85.87 31.69
N GLN G 167 34.07 -86.32 31.90
CA GLN G 167 33.62 -87.58 31.26
C GLN G 167 33.71 -87.48 29.74
N ASP G 168 34.20 -88.53 29.09
CA ASP G 168 34.26 -88.56 27.60
C ASP G 168 32.82 -88.58 27.08
N SER G 169 32.51 -87.87 26.00
CA SER G 169 31.13 -87.98 25.45
C SER G 169 30.92 -89.42 24.96
N LYS G 170 31.89 -89.99 24.27
CA LYS G 170 31.75 -91.37 23.71
C LYS G 170 31.71 -92.44 24.80
N ASP G 171 32.57 -92.35 25.83
CA ASP G 171 32.65 -93.46 26.82
C ASP G 171 32.05 -93.09 28.18
N SER G 172 31.82 -91.80 28.44
CA SER G 172 31.32 -91.35 29.78
C SER G 172 32.24 -91.87 30.89
N THR G 173 33.57 -91.81 30.67
CA THR G 173 34.52 -92.37 31.67
C THR G 173 35.43 -91.28 32.23
N TYR G 174 35.99 -91.48 33.42
CA TYR G 174 36.83 -90.45 34.08
C TYR G 174 38.26 -90.98 34.27
N SER G 175 39.25 -90.09 34.30
CA SER G 175 40.66 -90.51 34.54
C SER G 175 41.29 -89.60 35.61
N LEU G 176 42.13 -90.16 36.49
CA LEU G 176 42.74 -89.36 37.59
C LEU G 176 44.26 -89.48 37.51
N SER G 177 44.96 -88.34 37.65
CA SER G 177 46.44 -88.36 37.67
C SER G 177 46.92 -87.82 39.03
N SER G 178 47.82 -88.57 39.70
CA SER G 178 48.36 -88.12 41.01
C SER G 178 49.87 -87.90 40.88
N THR G 179 50.39 -86.80 41.44
CA THR G 179 51.84 -86.49 41.25
C THR G 179 52.54 -86.42 42.61
N LEU G 180 53.85 -86.66 42.64
CA LEU G 180 54.65 -86.62 43.90
C LEU G 180 54.83 -85.18 44.36
N THR G 181 54.49 -84.19 43.53
CA THR G 181 54.69 -82.74 43.86
C THR G 181 56.17 -82.40 43.61
N LEU G 182 56.89 -83.29 42.93
CA LEU G 182 58.31 -83.03 42.54
C LEU G 182 59.22 -82.78 43.74
N SER G 183 59.32 -83.76 44.65
CA SER G 183 60.26 -83.64 45.79
C SER G 183 61.69 -83.69 45.23
N LYS G 184 62.29 -82.51 44.98
CA LYS G 184 63.66 -82.45 44.38
C LYS G 184 64.66 -83.11 45.34
N ALA G 185 64.48 -82.92 46.64
CA ALA G 185 65.41 -83.50 47.65
C ALA G 185 64.65 -84.48 48.54
N ASP G 186 65.35 -85.41 49.19
CA ASP G 186 64.73 -86.42 50.10
C ASP G 186 64.27 -87.64 49.29
N TYR G 187 64.37 -87.58 47.96
CA TYR G 187 64.06 -88.77 47.13
C TYR G 187 65.06 -89.86 47.49
N GLU G 188 66.31 -89.47 47.75
CA GLU G 188 67.39 -90.43 48.12
C GLU G 188 67.02 -91.15 49.42
N LYS G 189 66.37 -90.46 50.37
CA LYS G 189 66.07 -91.06 51.69
C LYS G 189 65.18 -92.30 51.53
N HIS G 190 64.20 -92.27 50.63
CA HIS G 190 63.26 -93.42 50.52
C HIS G 190 63.49 -94.22 49.23
N LYS G 191 63.69 -95.54 49.36
CA LYS G 191 63.98 -96.39 48.18
C LYS G 191 62.70 -96.97 47.59
N VAL G 192 61.55 -96.79 48.24
CA VAL G 192 60.29 -97.45 47.76
C VAL G 192 59.20 -96.39 47.53
N TYR G 193 58.27 -96.67 46.61
CA TYR G 193 57.15 -95.73 46.30
C TYR G 193 55.91 -96.57 45.97
N ALA G 194 54.73 -96.17 46.47
CA ALA G 194 53.49 -96.90 46.14
C ALA G 194 52.31 -95.94 45.96
N CYS G 195 51.38 -96.26 45.06
CA CYS G 195 50.14 -95.44 44.90
C CYS G 195 48.91 -96.36 45.00
N GLU G 196 47.93 -95.99 45.83
CA GLU G 196 46.73 -96.84 46.03
C GLU G 196 45.46 -96.01 45.77
N VAL G 197 44.48 -96.59 45.08
CA VAL G 197 43.19 -95.87 44.85
C VAL G 197 42.05 -96.68 45.49
N THR G 198 41.21 -96.02 46.29
CA THR G 198 40.04 -96.72 46.89
C THR G 198 38.83 -96.48 45.98
N HIS G 199 38.21 -97.55 45.48
CA HIS G 199 37.10 -97.40 44.51
C HIS G 199 36.05 -98.50 44.73
N GLN G 200 34.77 -98.16 44.53
CA GLN G 200 33.67 -99.15 44.68
C GLN G 200 33.86 -100.26 43.63
N GLY G 201 34.27 -99.88 42.41
CA GLY G 201 34.43 -100.86 41.31
C GLY G 201 35.48 -101.92 41.64
N LEU G 202 36.59 -101.50 42.26
CA LEU G 202 37.62 -102.49 42.66
C LEU G 202 37.03 -103.43 43.71
N SER G 203 37.16 -104.75 43.53
CA SER G 203 36.70 -105.72 44.55
C SER G 203 37.54 -105.55 45.81
N SER G 204 38.85 -105.34 45.64
CA SER G 204 39.77 -105.15 46.79
C SER G 204 40.64 -103.93 46.52
N PRO G 205 41.20 -103.25 47.55
CA PRO G 205 42.09 -102.11 47.30
C PRO G 205 43.30 -102.58 46.48
N VAL G 206 43.67 -101.82 45.45
CA VAL G 206 44.79 -102.22 44.55
C VAL G 206 45.91 -101.19 44.67
N THR G 207 47.13 -101.64 44.93
CA THR G 207 48.28 -100.71 45.08
C THR G 207 49.31 -100.99 44.00
N LYS G 208 49.75 -99.96 43.26
CA LYS G 208 50.85 -100.16 42.28
C LYS G 208 52.12 -99.61 42.93
N SER G 209 53.12 -100.47 43.12
CA SER G 209 54.34 -100.02 43.85
C SER G 209 55.59 -100.22 42.99
N PHE G 210 56.42 -99.19 42.87
CA PHE G 210 57.71 -99.36 42.14
C PHE G 210 58.86 -99.10 43.14
N ASN G 211 59.77 -100.06 43.26
CA ASN G 211 60.92 -99.91 44.19
C ASN G 211 62.21 -100.15 43.39
N ARG G 212 63.21 -99.27 43.54
CA ARG G 212 64.51 -99.44 42.83
C ARG G 212 64.23 -99.60 41.34
N GLY G 213 63.33 -98.78 40.78
CA GLY G 213 62.96 -98.93 39.36
C GLY G 213 64.15 -98.70 38.46
N GLU G 214 64.33 -99.55 37.44
CA GLU G 214 65.47 -99.42 36.49
C GLU G 214 66.78 -99.41 37.27
N GLU H 1 -14.83 35.91 50.17
CA GLU H 1 -14.55 37.21 50.84
C GLU H 1 -14.86 38.35 49.87
N VAL H 2 -16.11 38.79 49.82
CA VAL H 2 -16.52 39.91 48.93
C VAL H 2 -15.86 41.21 49.41
N GLN H 3 -15.41 42.07 48.49
CA GLN H 3 -14.78 43.36 48.87
C GLN H 3 -15.53 44.52 48.18
N LEU H 4 -15.86 45.57 48.93
CA LEU H 4 -16.58 46.73 48.36
C LEU H 4 -15.81 48.02 48.60
N VAL H 5 -15.61 48.83 47.55
CA VAL H 5 -14.93 50.16 47.71
C VAL H 5 -15.87 51.24 47.18
N GLN H 6 -16.07 52.32 47.94
CA GLN H 6 -17.04 53.37 47.52
C GLN H 6 -16.30 54.69 47.29
N SER H 7 -16.93 55.64 46.60
CA SER H 7 -16.27 56.93 46.26
C SER H 7 -15.98 57.78 47.50
N GLY H 8 -15.13 58.79 47.35
CA GLY H 8 -14.80 59.70 48.47
C GLY H 8 -15.93 60.67 48.76
N ALA H 9 -15.89 61.32 49.93
CA ALA H 9 -16.98 62.25 50.32
C ALA H 9 -17.12 63.35 49.28
N GLU H 10 -18.36 63.68 48.90
CA GLU H 10 -18.59 64.69 47.83
C GLU H 10 -19.46 65.82 48.37
N VAL H 11 -19.09 67.08 48.12
CA VAL H 11 -19.94 68.23 48.53
C VAL H 11 -20.53 68.87 47.26
N LYS H 12 -21.85 69.00 47.19
CA LYS H 12 -22.50 69.53 45.96
C LYS H 12 -23.59 70.55 46.35
N LYS H 13 -24.54 70.79 45.45
CA LYS H 13 -25.56 71.85 45.70
C LYS H 13 -26.97 71.26 45.55
N PRO H 14 -28.02 71.83 46.19
CA PRO H 14 -29.38 71.36 45.97
C PRO H 14 -29.79 71.59 44.51
N GLY H 15 -30.51 70.64 43.91
CA GLY H 15 -30.89 70.75 42.49
C GLY H 15 -29.78 70.26 41.57
N SER H 16 -28.68 69.76 42.13
CA SER H 16 -27.59 69.21 41.28
C SER H 16 -27.83 67.72 41.04
N SER H 17 -26.81 67.00 40.57
CA SER H 17 -26.95 65.54 40.36
C SER H 17 -25.74 64.83 40.98
N VAL H 18 -25.97 63.73 41.72
CA VAL H 18 -24.84 63.04 42.43
C VAL H 18 -24.67 61.63 41.85
N LYS H 19 -23.43 61.25 41.54
CA LYS H 19 -23.14 59.89 41.04
C LYS H 19 -22.10 59.23 41.95
N VAL H 20 -22.51 58.22 42.71
CA VAL H 20 -21.58 57.52 43.65
C VAL H 20 -21.31 56.12 43.10
N SER H 21 -20.05 55.70 43.06
CA SER H 21 -19.70 54.40 42.44
C SER H 21 -19.39 53.33 43.49
N CYS H 22 -20.07 52.18 43.41
CA CYS H 22 -19.77 51.05 44.33
C CYS H 22 -19.04 49.99 43.52
N LYS H 23 -17.82 49.64 43.91
CA LYS H 23 -17.00 48.67 43.13
C LYS H 23 -16.86 47.40 43.95
N ALA H 24 -16.99 46.22 43.33
CA ALA H 24 -17.00 44.97 44.11
C ALA H 24 -15.95 43.99 43.59
N SER H 25 -15.57 43.01 44.42
CA SER H 25 -14.57 41.97 44.01
C SER H 25 -14.64 40.83 45.04
N GLY H 26 -13.98 39.69 44.77
CA GLY H 26 -13.93 38.59 45.74
C GLY H 26 -15.18 37.73 45.72
N GLY H 27 -16.08 38.00 44.76
CA GLY H 27 -17.31 37.20 44.60
C GLY H 27 -17.80 37.29 43.16
N THR H 28 -18.55 36.29 42.69
CA THR H 28 -18.95 36.32 41.25
C THR H 28 -19.81 37.56 41.00
N PHE H 29 -19.49 38.33 39.97
CA PHE H 29 -20.22 39.60 39.72
C PHE H 29 -21.69 39.32 39.40
N SER H 30 -21.96 38.29 38.59
CA SER H 30 -23.35 37.93 38.21
C SER H 30 -24.14 37.49 39.44
N SER H 31 -23.48 36.82 40.37
CA SER H 31 -24.21 36.24 41.53
C SER H 31 -24.61 37.29 42.57
N TYR H 32 -23.78 38.30 42.83
CA TYR H 32 -24.11 39.27 43.92
C TYR H 32 -25.23 40.23 43.53
N ALA H 33 -25.94 40.78 44.53
CA ALA H 33 -27.01 41.78 44.28
C ALA H 33 -26.69 43.03 45.10
N ILE H 34 -26.61 44.20 44.46
CA ILE H 34 -26.18 45.43 45.20
C ILE H 34 -27.40 46.20 45.69
N CYS H 35 -27.48 46.47 46.99
CA CYS H 35 -28.60 47.26 47.56
C CYS H 35 -28.05 48.56 48.13
N TRP H 36 -28.66 49.70 47.75
CA TRP H 36 -28.17 51.02 48.23
C TRP H 36 -29.03 51.48 49.41
N VAL H 37 -28.39 51.87 50.51
CA VAL H 37 -29.14 52.35 51.72
C VAL H 37 -28.58 53.71 52.11
N ARG H 38 -29.41 54.56 52.73
CA ARG H 38 -28.94 55.89 53.19
C ARG H 38 -29.12 55.99 54.70
N GLN H 39 -28.06 56.36 55.42
CA GLN H 39 -28.19 56.56 56.89
C GLN H 39 -28.13 58.06 57.17
N ALA H 40 -29.25 58.66 57.59
CA ALA H 40 -29.26 60.09 57.94
C ALA H 40 -28.54 60.26 59.29
N PRO H 41 -27.78 61.36 59.52
CA PRO H 41 -27.03 61.50 60.77
C PRO H 41 -27.99 61.53 61.96
N GLY H 42 -27.69 60.75 63.00
CA GLY H 42 -28.56 60.70 64.20
C GLY H 42 -29.99 60.32 63.84
N GLN H 43 -30.16 59.40 62.89
CA GLN H 43 -31.53 59.03 62.42
C GLN H 43 -31.58 57.53 62.11
N GLY H 44 -32.79 56.96 62.00
CA GLY H 44 -32.95 55.53 61.68
C GLY H 44 -32.49 55.22 60.25
N LEU H 45 -31.94 54.02 60.04
CA LEU H 45 -31.44 53.61 58.70
C LEU H 45 -32.61 53.50 57.71
N GLU H 46 -32.38 53.87 56.45
CA GLU H 46 -33.44 53.72 55.41
C GLU H 46 -32.81 53.05 54.18
N TRP H 47 -33.62 52.38 53.36
CA TRP H 47 -33.09 51.73 52.12
C TRP H 47 -33.68 52.46 50.90
N MET H 48 -32.83 52.89 49.97
CA MET H 48 -33.37 53.50 48.73
C MET H 48 -32.72 52.85 47.50
N GLY H 49 -33.45 52.00 46.79
CA GLY H 49 -32.91 51.42 45.53
C GLY H 49 -32.28 50.05 45.71
N GLY H 50 -32.80 49.03 45.04
CA GLY H 50 -32.17 47.69 45.06
C GLY H 50 -31.97 47.21 43.64
N ILE H 51 -30.75 46.81 43.27
CA ILE H 51 -30.50 46.44 41.85
C ILE H 51 -29.71 45.14 41.75
N ILE H 52 -30.10 44.25 40.83
CA ILE H 52 -29.28 43.02 40.59
C ILE H 52 -28.46 43.37 39.34
N PRO H 53 -27.11 43.39 39.38
CA PRO H 53 -26.33 43.85 38.23
C PRO H 53 -26.52 43.04 36.95
N PHE H 54 -26.49 41.71 37.03
CA PHE H 54 -26.59 40.90 35.78
C PHE H 54 -27.98 41.05 35.15
N PHE H 55 -29.03 40.93 35.96
CA PHE H 55 -30.42 41.08 35.45
C PHE H 55 -30.72 42.52 35.06
N GLY H 56 -30.18 43.48 35.81
CA GLY H 56 -30.37 44.91 35.48
C GLY H 56 -31.71 45.42 35.97
N THR H 57 -32.48 44.56 36.64
CA THR H 57 -33.80 44.97 37.19
C THR H 57 -33.58 45.94 38.35
N VAL H 58 -34.42 46.98 38.44
CA VAL H 58 -34.25 48.01 39.51
C VAL H 58 -35.55 48.18 40.29
N ASN H 59 -35.48 48.15 41.63
CA ASN H 59 -36.68 48.43 42.46
C ASN H 59 -36.33 49.61 43.37
N TYR H 60 -37.20 50.62 43.47
CA TYR H 60 -36.84 51.84 44.25
C TYR H 60 -37.82 52.06 45.40
N ALA H 61 -37.36 52.69 46.47
CA ALA H 61 -38.25 53.00 47.62
C ALA H 61 -39.32 53.98 47.17
N GLN H 62 -40.54 53.88 47.72
CA GLN H 62 -41.67 54.74 47.26
C GLN H 62 -41.32 56.21 47.51
N LYS H 63 -40.69 56.52 48.63
CA LYS H 63 -40.36 57.92 48.97
C LYS H 63 -39.39 58.50 47.93
N PHE H 64 -38.41 57.71 47.48
CA PHE H 64 -37.39 58.22 46.53
C PHE H 64 -37.74 57.80 45.10
N GLN H 65 -38.91 57.21 44.86
CA GLN H 65 -39.23 56.69 43.51
C GLN H 65 -39.26 57.83 42.50
N GLY H 66 -38.63 57.63 41.34
CA GLY H 66 -38.63 58.65 40.27
C GLY H 66 -37.58 59.72 40.51
N ARG H 67 -36.85 59.62 41.62
CA ARG H 67 -35.80 60.63 41.97
C ARG H 67 -34.44 59.93 41.94
N VAL H 68 -34.42 58.60 42.06
CA VAL H 68 -33.13 57.85 42.08
C VAL H 68 -33.10 56.87 40.89
N THR H 69 -32.01 56.90 40.12
CA THR H 69 -31.85 55.92 39.01
C THR H 69 -30.52 55.19 39.21
N ILE H 70 -30.53 53.85 39.21
CA ILE H 70 -29.27 53.10 39.49
C ILE H 70 -28.87 52.31 38.24
N THR H 71 -27.63 52.49 37.78
CA THR H 71 -27.13 51.75 36.58
C THR H 71 -25.88 50.97 36.97
N ALA H 72 -25.81 49.68 36.60
CA ALA H 72 -24.65 48.84 36.97
C ALA H 72 -23.95 48.34 35.71
N ASP H 73 -22.61 48.44 35.67
CA ASP H 73 -21.83 47.93 34.51
C ASP H 73 -21.15 46.62 34.95
N GLU H 74 -21.59 45.49 34.39
CA GLU H 74 -21.04 44.16 34.80
C GLU H 74 -19.55 44.10 34.46
N SER H 75 -19.14 44.64 33.30
CA SER H 75 -17.72 44.52 32.88
C SER H 75 -16.79 45.22 33.87
N THR H 76 -17.16 46.41 34.34
CA THR H 76 -16.29 47.17 35.29
C THR H 76 -16.70 46.85 36.74
N SER H 77 -17.75 46.03 36.91
CA SER H 77 -18.25 45.67 38.26
C SER H 77 -18.53 46.93 39.07
N THR H 78 -18.90 48.02 38.40
CA THR H 78 -19.19 49.31 39.09
C THR H 78 -20.70 49.57 39.07
N VAL H 79 -21.26 49.94 40.23
CA VAL H 79 -22.72 50.28 40.29
C VAL H 79 -22.83 51.77 40.60
N TYR H 80 -23.59 52.51 39.80
CA TYR H 80 -23.68 53.98 39.99
C TYR H 80 -25.08 54.36 40.46
N MET H 81 -25.18 55.10 41.57
CA MET H 81 -26.50 55.57 42.05
C MET H 81 -26.64 57.04 41.66
N GLU H 82 -27.70 57.38 40.93
CA GLU H 82 -27.86 58.78 40.44
C GLU H 82 -29.06 59.42 41.14
N LEU H 83 -28.85 60.54 41.83
CA LEU H 83 -29.95 61.26 42.52
C LEU H 83 -29.97 62.71 42.03
N SER H 84 -31.14 63.21 41.62
CA SER H 84 -31.25 64.62 41.16
C SER H 84 -32.13 65.40 42.14
N SER H 85 -32.39 66.68 41.86
CA SER H 85 -33.28 67.49 42.74
C SER H 85 -32.79 67.39 44.18
N LEU H 86 -31.49 67.60 44.42
CA LEU H 86 -30.92 67.40 45.77
C LEU H 86 -31.60 68.32 46.80
N ARG H 87 -31.77 67.83 48.02
CA ARG H 87 -32.43 68.63 49.10
C ARG H 87 -31.59 68.52 50.37
N SER H 88 -31.84 69.38 51.37
CA SER H 88 -31.08 69.36 52.64
C SER H 88 -31.27 67.99 53.32
N GLU H 89 -32.46 67.40 53.19
CA GLU H 89 -32.74 66.07 53.80
C GLU H 89 -31.81 65.01 53.21
N ASP H 90 -31.43 65.16 51.93
CA ASP H 90 -30.58 64.15 51.25
C ASP H 90 -29.24 64.00 51.96
N THR H 91 -28.69 65.06 52.55
CA THR H 91 -27.34 64.98 53.16
C THR H 91 -27.32 63.81 54.14
N ALA H 92 -26.34 62.91 54.04
CA ALA H 92 -26.26 61.70 54.90
C ALA H 92 -25.08 60.84 54.45
N VAL H 93 -25.02 59.58 54.93
CA VAL H 93 -23.96 58.64 54.47
C VAL H 93 -24.63 57.53 53.66
N TYR H 94 -24.03 57.13 52.53
CA TYR H 94 -24.66 56.12 51.64
C TYR H 94 -23.85 54.82 51.68
N TYR H 95 -24.52 53.69 51.90
CA TYR H 95 -23.82 52.38 51.99
C TYR H 95 -24.33 51.43 50.91
N CYS H 96 -23.42 50.71 50.23
CA CYS H 96 -23.85 49.69 49.24
C CYS H 96 -23.48 48.30 49.76
N ALA H 97 -24.39 47.33 49.66
CA ALA H 97 -24.11 45.99 50.21
C ALA H 97 -24.42 44.92 49.17
N ASN H 98 -23.51 43.97 48.98
CA ASN H 98 -23.73 42.87 48.01
C ASN H 98 -24.23 41.64 48.77
N SER H 99 -25.43 41.16 48.45
CA SER H 99 -25.98 39.95 49.09
C SER H 99 -25.05 38.75 48.87
N TYR H 100 -25.24 37.67 49.62
CA TYR H 100 -24.32 36.51 49.53
C TYR H 100 -24.35 35.96 48.10
N CYS H 101 -23.16 35.69 47.55
CA CYS H 101 -23.06 35.19 46.15
C CYS H 101 -23.63 33.77 46.08
N SER H 102 -24.29 33.42 44.97
CA SER H 102 -24.92 32.08 44.82
C SER H 102 -23.98 31.16 44.05
N SER H 103 -24.53 30.36 43.12
CA SER H 103 -23.73 29.45 42.25
C SER H 103 -23.36 28.15 43.00
N THR H 104 -23.88 27.95 44.21
CA THR H 104 -23.49 26.76 45.00
C THR H 104 -24.51 26.46 46.11
N ASN H 105 -24.86 27.45 46.93
CA ASN H 105 -25.74 27.17 48.11
C ASN H 105 -26.68 28.35 48.37
N CYS H 106 -27.53 28.69 47.40
CA CYS H 106 -28.55 29.77 47.60
C CYS H 106 -29.65 29.57 46.57
N TYR H 107 -30.86 30.11 46.80
CA TYR H 107 -31.92 30.03 45.77
C TYR H 107 -32.95 31.16 45.90
N ARG H 108 -32.64 32.22 46.65
CA ARG H 108 -33.58 33.39 46.67
C ARG H 108 -32.81 34.64 46.24
N TYR H 109 -31.60 34.46 45.71
CA TYR H 109 -30.73 35.57 45.23
C TYR H 109 -30.25 36.38 46.45
N TYR H 110 -30.81 36.07 47.64
CA TYR H 110 -30.35 36.72 48.89
C TYR H 110 -30.16 35.59 49.90
N GLN H 111 -31.26 35.14 50.52
CA GLN H 111 -31.24 33.95 51.41
C GLN H 111 -30.16 34.02 52.50
N ASN H 112 -29.20 33.09 52.47
CA ASN H 112 -28.15 32.99 53.53
C ASN H 112 -27.47 34.34 53.72
N GLY H 113 -27.40 34.81 54.97
CA GLY H 113 -26.68 36.07 55.23
C GLY H 113 -27.33 37.18 54.43
N LEU H 114 -26.58 37.80 53.52
CA LEU H 114 -27.07 38.89 52.62
C LEU H 114 -26.65 40.27 53.14
N ASP H 115 -25.75 40.96 52.41
CA ASP H 115 -25.19 42.30 52.77
C ASP H 115 -23.78 42.11 53.35
N VAL H 116 -22.80 42.88 52.87
CA VAL H 116 -21.42 42.85 53.44
C VAL H 116 -21.06 44.28 53.84
N TRP H 117 -21.61 45.27 53.12
CA TRP H 117 -21.42 46.72 53.43
C TRP H 117 -20.15 47.32 52.81
N GLY H 118 -20.02 48.64 52.87
CA GLY H 118 -18.87 49.34 52.25
C GLY H 118 -18.44 50.51 53.11
N GLN H 119 -17.33 51.15 52.77
CA GLN H 119 -16.78 52.25 53.62
C GLN H 119 -17.84 53.35 53.77
N GLY H 120 -18.57 53.67 52.69
CA GLY H 120 -19.63 54.69 52.74
C GLY H 120 -19.14 56.06 52.31
N THR H 121 -20.05 56.90 51.82
CA THR H 121 -19.68 58.27 51.36
C THR H 121 -20.58 59.29 52.05
N THR H 122 -20.00 60.34 52.64
CA THR H 122 -20.80 61.42 53.28
C THR H 122 -21.02 62.54 52.27
N VAL H 123 -22.23 62.62 51.71
CA VAL H 123 -22.54 63.69 50.70
C VAL H 123 -23.13 64.89 51.44
N THR H 124 -22.57 66.08 51.22
CA THR H 124 -23.04 67.30 51.94
C THR H 124 -23.67 68.25 50.92
N VAL H 125 -24.86 68.78 51.23
CA VAL H 125 -25.58 69.66 50.27
C VAL H 125 -25.45 71.11 50.72
N SER H 126 -24.82 71.97 49.90
CA SER H 126 -24.69 73.41 50.23
C SER H 126 -25.14 74.26 49.04
N SER H 127 -26.08 75.19 49.24
CA SER H 127 -26.62 75.97 48.09
C SER H 127 -25.54 76.84 47.45
N ALA H 128 -24.78 77.58 48.26
CA ALA H 128 -23.67 78.41 47.72
C ALA H 128 -22.51 78.41 48.70
N TRP H 129 -22.55 77.53 49.71
CA TRP H 129 -21.52 77.58 50.78
C TRP H 129 -20.23 76.88 50.36
N SER H 130 -19.23 77.66 49.92
CA SER H 130 -17.90 77.11 49.53
C SER H 130 -17.04 76.92 50.77
N THR H 131 -15.83 76.37 50.62
CA THR H 131 -14.98 76.07 51.79
C THR H 131 -14.73 77.35 52.59
N LYS H 132 -14.99 77.33 53.90
CA LYS H 132 -14.74 78.51 54.77
C LYS H 132 -13.61 78.17 55.74
N GLY H 133 -13.08 79.18 56.43
CA GLY H 133 -12.02 78.94 57.43
C GLY H 133 -12.58 78.99 58.83
N PRO H 134 -12.36 77.98 59.68
CA PRO H 134 -12.97 77.96 61.02
C PRO H 134 -12.50 79.15 61.87
N SER H 135 -13.44 79.77 62.59
CA SER H 135 -13.07 80.91 63.48
C SER H 135 -13.21 80.43 64.93
N VAL H 136 -12.12 80.52 65.69
CA VAL H 136 -12.16 80.05 67.11
C VAL H 136 -12.58 81.22 68.00
N PHE H 137 -13.73 81.09 68.66
CA PHE H 137 -14.20 82.15 69.59
C PHE H 137 -14.02 81.64 71.02
N PRO H 138 -13.24 82.34 71.87
CA PRO H 138 -12.99 81.90 73.24
C PRO H 138 -14.24 81.85 74.13
N LEU H 139 -14.32 80.86 75.01
CA LEU H 139 -15.44 80.83 75.98
C LEU H 139 -14.96 81.69 77.15
N ALA H 140 -15.60 82.83 77.41
CA ALA H 140 -15.08 83.78 78.42
C ALA H 140 -15.07 83.19 79.83
N PRO H 141 -13.98 83.37 80.61
CA PRO H 141 -13.94 82.95 82.01
C PRO H 141 -14.35 84.15 82.88
N SER H 142 -15.61 84.17 83.32
CA SER H 142 -16.10 85.33 84.12
C SER H 142 -15.90 85.06 85.61
N SER H 143 -15.44 83.86 85.97
CA SER H 143 -15.30 83.49 87.41
C SER H 143 -16.66 83.68 88.08
N LYS H 144 -17.74 83.34 87.36
CA LYS H 144 -19.11 83.45 87.93
C LYS H 144 -19.37 82.23 88.82
N SER H 145 -18.87 81.06 88.42
CA SER H 145 -19.14 79.81 89.18
C SER H 145 -18.54 79.92 90.59
N THR H 146 -19.29 79.47 91.61
CA THR H 146 -18.82 79.56 93.01
C THR H 146 -18.11 78.26 93.41
N SER H 147 -18.03 77.29 92.49
CA SER H 147 -17.44 75.97 92.84
C SER H 147 -15.95 75.97 92.54
N GLY H 148 -15.11 75.94 93.59
CA GLY H 148 -13.65 75.87 93.39
C GLY H 148 -13.24 74.57 92.75
N GLY H 149 -13.85 73.46 93.16
CA GLY H 149 -13.44 72.14 92.63
C GLY H 149 -13.63 72.01 91.14
N THR H 150 -14.76 72.51 90.61
CA THR H 150 -15.03 72.31 89.16
C THR H 150 -15.06 73.64 88.41
N ALA H 151 -14.16 73.82 87.43
CA ALA H 151 -14.19 75.03 86.57
C ALA H 151 -14.14 74.54 85.13
N ALA H 152 -15.07 74.98 84.28
CA ALA H 152 -15.12 74.44 82.90
C ALA H 152 -14.94 75.55 81.87
N LEU H 153 -13.98 75.40 80.94
CA LEU H 153 -13.71 76.43 79.90
C LEU H 153 -13.57 75.74 78.56
N GLY H 154 -13.77 76.47 77.45
CA GLY H 154 -13.75 75.81 76.13
C GLY H 154 -13.51 76.75 74.97
N CYS H 155 -13.44 76.22 73.75
CA CYS H 155 -13.31 77.07 72.54
C CYS H 155 -14.46 76.76 71.59
N LEU H 156 -15.02 77.79 70.93
CA LEU H 156 -16.13 77.58 69.98
C LEU H 156 -15.60 77.72 68.54
N VAL H 157 -15.84 76.71 67.70
CA VAL H 157 -15.41 76.79 66.28
C VAL H 157 -16.64 77.20 65.47
N LYS H 158 -16.53 78.24 64.63
CA LYS H 158 -17.71 78.78 63.91
C LYS H 158 -17.29 79.30 62.53
N ASP H 159 -18.23 79.50 61.61
CA ASP H 159 -17.92 80.10 60.27
C ASP H 159 -17.10 79.13 59.40
N TYR H 160 -17.27 77.82 59.59
CA TYR H 160 -16.60 76.86 58.68
C TYR H 160 -17.67 75.97 58.03
N PHE H 161 -17.83 76.04 56.71
CA PHE H 161 -18.81 75.16 56.02
C PHE H 161 -18.41 73.68 56.01
N PRO H 162 -17.17 73.24 55.64
CA PRO H 162 -16.87 71.79 55.54
C PRO H 162 -17.02 71.00 56.85
N GLU H 163 -17.55 69.78 56.79
CA GLU H 163 -17.81 68.96 58.02
C GLU H 163 -16.57 68.52 58.82
N PRO H 164 -15.45 68.03 58.21
CA PRO H 164 -14.35 67.45 59.00
C PRO H 164 -13.34 68.40 59.68
N VAL H 165 -13.25 68.35 61.01
CA VAL H 165 -12.30 69.21 61.79
C VAL H 165 -11.89 68.43 63.04
N THR H 166 -10.67 68.64 63.55
CA THR H 166 -10.23 67.96 64.80
C THR H 166 -9.74 69.02 65.79
N VAL H 167 -10.23 68.97 67.03
CA VAL H 167 -9.84 69.99 68.05
C VAL H 167 -9.08 69.30 69.18
N SER H 168 -7.91 69.84 69.56
CA SER H 168 -7.08 69.21 70.62
C SER H 168 -6.73 70.27 71.67
N TRP H 169 -6.57 69.84 72.93
CA TRP H 169 -6.22 70.79 74.03
C TRP H 169 -4.76 70.59 74.43
N ASN H 170 -3.97 71.67 74.47
CA ASN H 170 -2.52 71.58 74.78
C ASN H 170 -1.87 70.63 73.77
N SER H 171 -2.28 70.71 72.49
CA SER H 171 -1.76 69.80 71.44
C SER H 171 -2.02 68.33 71.82
N GLY H 172 -3.17 68.05 72.45
CA GLY H 172 -3.54 66.67 72.82
C GLY H 172 -2.90 66.22 74.13
N ALA H 173 -2.17 67.11 74.81
CA ALA H 173 -1.60 66.76 76.13
C ALA H 173 -2.72 66.53 77.14
N LEU H 174 -3.77 67.35 77.10
CA LEU H 174 -4.88 67.23 78.08
C LEU H 174 -5.97 66.33 77.48
N THR H 175 -6.09 65.10 77.99
CA THR H 175 -7.15 64.17 77.52
C THR H 175 -8.19 63.98 78.63
N SER H 176 -8.11 64.78 79.70
CA SER H 176 -9.02 64.58 80.86
C SER H 176 -10.04 65.72 80.94
N GLY H 177 -11.32 65.38 81.05
CA GLY H 177 -12.38 66.39 81.20
C GLY H 177 -12.80 66.98 79.86
N VAL H 178 -12.25 66.46 78.76
CA VAL H 178 -12.59 66.98 77.40
C VAL H 178 -13.96 66.44 77.00
N HIS H 179 -14.86 67.32 76.53
CA HIS H 179 -16.21 66.88 76.07
C HIS H 179 -16.49 67.52 74.70
N THR H 180 -15.85 67.03 73.65
CA THR H 180 -16.06 67.57 72.28
C THR H 180 -17.52 67.31 71.88
N PHE H 181 -18.16 68.28 71.22
CA PHE H 181 -19.59 68.14 70.84
C PHE H 181 -19.68 67.98 69.31
N PRO H 182 -20.44 66.99 68.80
CA PRO H 182 -20.52 66.74 67.36
C PRO H 182 -21.07 67.97 66.60
N ALA H 183 -20.52 68.24 65.41
CA ALA H 183 -20.96 69.43 64.63
C ALA H 183 -22.43 69.28 64.22
N VAL H 184 -23.19 70.39 64.30
CA VAL H 184 -24.64 70.33 63.99
C VAL H 184 -24.96 71.26 62.81
N LEU H 185 -25.71 70.76 61.82
CA LEU H 185 -26.11 71.61 60.67
C LEU H 185 -27.13 72.65 61.16
N GLN H 186 -27.15 73.84 60.53
CA GLN H 186 -28.05 74.92 61.00
C GLN H 186 -28.54 75.74 59.80
N SER H 187 -29.40 76.74 60.03
CA SER H 187 -29.98 77.55 58.93
C SER H 187 -28.86 78.24 58.14
N SER H 188 -27.78 78.65 58.80
CA SER H 188 -26.64 79.32 58.12
C SER H 188 -26.06 78.39 57.05
N GLY H 189 -26.10 77.07 57.28
CA GLY H 189 -25.60 76.10 56.29
C GLY H 189 -24.16 75.70 56.57
N LEU H 190 -23.61 76.16 57.69
CA LEU H 190 -22.24 75.74 58.09
C LEU H 190 -22.32 74.96 59.40
N TYR H 191 -21.60 73.83 59.49
CA TYR H 191 -21.62 73.01 60.73
C TYR H 191 -20.97 73.79 61.87
N SER H 192 -21.48 73.65 63.10
CA SER H 192 -20.88 74.35 64.27
C SER H 192 -20.63 73.34 65.40
N LEU H 193 -19.43 73.35 65.99
CA LEU H 193 -19.10 72.43 67.11
C LEU H 193 -18.32 73.17 68.20
N SER H 194 -18.37 72.67 69.44
CA SER H 194 -17.59 73.29 70.55
C SER H 194 -16.87 72.20 71.36
N SER H 195 -15.69 72.51 71.89
CA SER H 195 -14.96 71.53 72.75
C SER H 195 -14.72 72.17 74.13
N VAL H 196 -15.02 71.45 75.21
CA VAL H 196 -14.89 72.03 76.58
C VAL H 196 -14.01 71.12 77.45
N VAL H 197 -13.17 71.71 78.30
CA VAL H 197 -12.35 70.90 79.25
C VAL H 197 -12.73 71.27 80.68
N THR H 198 -12.95 70.26 81.53
CA THR H 198 -13.28 70.54 82.96
C THR H 198 -12.02 70.30 83.81
N VAL H 199 -11.58 71.32 84.55
CA VAL H 199 -10.31 71.20 85.35
C VAL H 199 -10.53 71.89 86.70
N PRO H 200 -9.79 71.54 87.77
CA PRO H 200 -9.90 72.27 89.05
C PRO H 200 -9.45 73.72 88.85
N SER H 201 -10.06 74.66 89.58
CA SER H 201 -9.75 76.10 89.39
C SER H 201 -8.27 76.38 89.66
N SER H 202 -7.70 75.73 90.68
CA SER H 202 -6.27 75.95 91.03
C SER H 202 -5.38 75.53 89.85
N SER H 203 -5.67 74.38 89.24
CA SER H 203 -4.89 73.93 88.05
C SER H 203 -5.11 74.89 86.89
N LEU H 204 -6.35 75.37 86.72
CA LEU H 204 -6.68 76.28 85.59
C LEU H 204 -5.87 77.56 85.72
N GLY H 205 -5.77 78.13 86.92
CA GLY H 205 -4.95 79.34 87.14
C GLY H 205 -3.47 79.09 86.90
N THR H 206 -2.94 77.97 87.43
CA THR H 206 -1.49 77.69 87.31
C THR H 206 -1.08 77.43 85.86
N GLN H 207 -1.89 76.69 85.10
CA GLN H 207 -1.48 76.32 83.72
C GLN H 207 -2.46 76.87 82.69
N THR H 208 -1.97 77.63 81.71
CA THR H 208 -2.85 78.13 80.62
C THR H 208 -3.24 76.96 79.72
N TYR H 209 -4.46 76.96 79.19
CA TYR H 209 -4.92 75.85 78.30
C TYR H 209 -5.13 76.40 76.89
N ILE H 210 -4.55 75.74 75.89
CA ILE H 210 -4.63 76.23 74.48
C ILE H 210 -5.45 75.25 73.65
N CYS H 211 -6.35 75.76 72.80
CA CYS H 211 -7.14 74.87 71.91
C CYS H 211 -6.59 74.97 70.48
N ASN H 212 -6.24 73.83 69.88
CA ASN H 212 -5.65 73.83 68.51
C ASN H 212 -6.64 73.13 67.57
N VAL H 213 -6.99 73.77 66.46
CA VAL H 213 -8.00 73.18 65.53
C VAL H 213 -7.35 72.83 64.19
N ASN H 214 -7.55 71.61 63.71
CA ASN H 214 -7.01 71.19 62.40
C ASN H 214 -8.19 70.89 61.47
N HIS H 215 -8.24 71.53 60.30
CA HIS H 215 -9.37 71.34 59.36
C HIS H 215 -8.81 70.87 58.02
N LYS H 216 -8.94 69.58 57.69
CA LYS H 216 -8.29 69.07 56.44
C LYS H 216 -8.71 69.93 55.24
N PRO H 217 -10.00 70.20 54.97
CA PRO H 217 -10.40 71.07 53.85
C PRO H 217 -9.62 72.40 53.77
N SER H 218 -9.64 73.22 54.83
CA SER H 218 -9.00 74.56 54.76
C SER H 218 -7.48 74.40 54.87
N ASN H 219 -7.01 73.27 55.41
CA ASN H 219 -5.54 73.07 55.63
C ASN H 219 -5.01 74.21 56.50
N THR H 220 -5.82 74.67 57.46
CA THR H 220 -5.42 75.81 58.33
C THR H 220 -5.42 75.36 59.79
N LYS H 221 -4.33 75.63 60.52
CA LYS H 221 -4.28 75.29 61.96
C LYS H 221 -4.28 76.59 62.77
N VAL H 222 -5.24 76.77 63.66
CA VAL H 222 -5.34 78.02 64.47
C VAL H 222 -5.21 77.65 65.95
N ASP H 223 -4.35 78.34 66.69
CA ASP H 223 -4.19 78.07 68.15
C ASP H 223 -4.69 79.29 68.93
N LYS H 224 -5.55 79.07 69.92
CA LYS H 224 -6.07 80.18 70.76
C LYS H 224 -5.58 79.95 72.20
N ARG H 225 -5.02 81.00 72.82
CA ARG H 225 -4.48 80.86 74.20
C ARG H 225 -5.55 81.33 75.19
N VAL H 226 -5.92 80.48 76.14
CA VAL H 226 -6.95 80.86 77.17
C VAL H 226 -6.23 81.03 78.51
N ALA I 1 -47.92 49.82 52.71
CA ALA I 1 -48.31 48.42 52.95
C ALA I 1 -47.37 47.78 53.96
N ILE I 2 -46.09 48.21 53.94
CA ILE I 2 -45.08 47.63 54.89
C ILE I 2 -44.60 48.73 55.84
N ARG I 3 -44.69 48.48 57.16
CA ARG I 3 -44.17 49.45 58.15
C ARG I 3 -43.55 48.64 59.31
N MET I 4 -42.57 49.20 60.01
CA MET I 4 -41.87 48.42 61.07
C MET I 4 -41.90 49.18 62.41
N THR I 5 -42.25 48.49 63.50
CA THR I 5 -42.21 49.09 64.85
C THR I 5 -41.20 48.29 65.66
N GLN I 6 -40.23 48.92 66.33
CA GLN I 6 -39.20 48.11 67.04
C GLN I 6 -39.54 48.10 68.53
N SER I 7 -38.71 47.47 69.35
CA SER I 7 -38.92 47.45 70.82
C SER I 7 -38.62 48.86 71.35
N PRO I 8 -39.08 49.27 72.55
CA PRO I 8 -38.88 50.65 73.00
C PRO I 8 -37.38 50.94 72.88
N VAL I 9 -37.04 52.10 72.33
CA VAL I 9 -35.61 52.43 72.09
C VAL I 9 -34.92 52.69 73.42
N THR I 10 -33.58 52.67 73.43
CA THR I 10 -32.80 52.91 74.68
C THR I 10 -33.17 51.89 75.76
N LEU I 11 -33.18 50.59 75.43
CA LEU I 11 -33.42 49.55 76.47
C LEU I 11 -32.30 49.68 77.51
N SER I 12 -32.61 49.55 78.82
CA SER I 12 -31.57 49.77 79.86
C SER I 12 -31.05 48.44 80.39
N ALA I 13 -29.89 47.98 79.88
CA ALA I 13 -29.30 46.71 80.38
C ALA I 13 -27.85 46.91 80.80
N SER I 14 -27.48 46.47 82.01
CA SER I 14 -26.06 46.54 82.46
C SER I 14 -25.31 45.34 81.90
N VAL I 15 -23.97 45.36 81.93
CA VAL I 15 -23.17 44.26 81.32
C VAL I 15 -23.51 42.94 82.05
N GLY I 16 -23.60 41.84 81.30
CA GLY I 16 -23.93 40.53 81.91
C GLY I 16 -25.42 40.33 82.09
N ASP I 17 -26.25 41.23 81.54
CA ASP I 17 -27.72 41.15 81.72
C ASP I 17 -28.37 40.75 80.40
N ARG I 18 -29.38 39.87 80.44
CA ARG I 18 -30.06 39.40 79.21
C ARG I 18 -30.74 40.60 78.51
N VAL I 19 -30.60 40.68 77.18
CA VAL I 19 -31.23 41.78 76.41
C VAL I 19 -32.27 41.17 75.46
N THR I 20 -33.52 41.62 75.51
CA THR I 20 -34.53 41.11 74.54
C THR I 20 -35.09 42.27 73.72
N ILE I 21 -34.96 42.20 72.39
CA ILE I 21 -35.50 43.26 71.49
C ILE I 21 -36.42 42.61 70.46
N THR I 22 -37.62 43.17 70.24
CA THR I 22 -38.59 42.56 69.30
C THR I 22 -39.08 43.62 68.31
N CYS I 23 -38.99 43.35 67.00
CA CYS I 23 -39.55 44.30 66.00
C CYS I 23 -40.72 43.63 65.27
N ARG I 24 -41.84 44.34 65.10
CA ARG I 24 -43.05 43.72 64.51
C ARG I 24 -43.27 44.22 63.08
N ALA I 25 -43.40 43.29 62.13
CA ALA I 25 -43.67 43.66 60.72
C ALA I 25 -45.13 44.09 60.57
N SER I 26 -45.44 44.88 59.54
CA SER I 26 -46.86 45.26 59.30
C SER I 26 -47.67 44.01 58.95
N GLN I 27 -47.12 43.10 58.13
CA GLN I 27 -47.90 41.92 57.66
C GLN I 27 -47.17 40.63 58.01
N SER I 28 -47.49 39.52 57.33
CA SER I 28 -46.88 38.22 57.68
C SER I 28 -45.73 37.85 56.73
N ILE I 29 -44.53 38.40 56.95
CA ILE I 29 -43.34 38.00 56.14
C ILE I 29 -43.07 36.51 56.41
N SER I 30 -43.24 36.06 57.66
CA SER I 30 -43.12 34.62 58.05
C SER I 30 -41.67 34.12 58.14
N SER I 31 -40.88 34.18 57.06
CA SER I 31 -39.53 33.55 57.15
C SER I 31 -38.36 34.51 56.90
N TRP I 32 -38.59 35.81 56.75
CA TRP I 32 -37.44 36.70 56.38
C TRP I 32 -37.36 37.99 57.20
N LEU I 33 -36.46 38.02 58.17
CA LEU I 33 -36.23 39.25 58.98
C LEU I 33 -34.83 39.18 59.59
N ALA I 34 -33.82 39.64 58.84
CA ALA I 34 -32.42 39.61 59.33
C ALA I 34 -32.22 40.68 60.41
N TRP I 35 -31.29 40.44 61.34
CA TRP I 35 -30.99 41.44 62.40
C TRP I 35 -29.62 42.07 62.11
N TYR I 36 -29.52 43.40 62.18
CA TYR I 36 -28.25 44.09 61.83
C TYR I 36 -27.71 44.85 63.03
N GLN I 37 -26.40 44.73 63.31
CA GLN I 37 -25.78 45.51 64.41
C GLN I 37 -25.02 46.68 63.80
N GLN I 38 -25.36 47.90 64.17
CA GLN I 38 -24.69 49.09 63.57
C GLN I 38 -23.83 49.77 64.63
N LYS I 39 -22.53 49.92 64.35
CA LYS I 39 -21.63 50.65 65.29
C LYS I 39 -21.69 52.13 64.93
N PRO I 40 -21.82 53.06 65.89
CA PRO I 40 -22.00 54.48 65.55
C PRO I 40 -20.80 55.04 64.76
N GLY I 41 -21.08 55.78 63.68
CA GLY I 41 -20.00 56.37 62.87
C GLY I 41 -19.37 55.37 61.92
N LYS I 42 -19.91 54.14 61.86
CA LYS I 42 -19.26 53.08 61.04
C LYS I 42 -20.30 52.29 60.24
N ALA I 43 -19.83 51.31 59.45
CA ALA I 43 -20.74 50.46 58.64
C ALA I 43 -21.47 49.44 59.53
N PRO I 44 -22.68 48.97 59.15
CA PRO I 44 -23.40 47.94 59.93
C PRO I 44 -22.77 46.55 59.82
N LYS I 45 -23.11 45.65 60.74
CA LYS I 45 -22.59 44.25 60.73
C LYS I 45 -23.77 43.28 60.80
N LEU I 46 -23.70 42.16 60.06
CA LEU I 46 -24.81 41.16 60.05
C LEU I 46 -24.85 40.39 61.35
N LEU I 47 -26.04 39.91 61.76
CA LEU I 47 -26.17 39.06 62.97
C LEU I 47 -26.96 37.80 62.55
N ILE I 48 -28.12 37.56 63.02
CA ILE I 48 -28.93 36.36 62.64
C ILE I 48 -29.53 36.64 61.26
N TYR I 49 -29.66 35.66 60.42
CA TYR I 49 -30.24 35.81 59.06
C TYR I 49 -31.52 34.98 58.99
N LYS I 50 -32.57 35.53 58.36
CA LYS I 50 -33.90 34.85 58.29
C LYS I 50 -34.45 34.73 59.71
N ALA I 51 -33.69 35.23 60.70
CA ALA I 51 -34.09 35.14 62.13
C ALA I 51 -34.15 33.66 62.53
N SER I 52 -33.43 32.79 61.80
CA SER I 52 -33.39 31.36 62.13
C SER I 52 -31.95 30.88 62.32
N THR I 53 -30.98 31.58 61.71
CA THR I 53 -29.58 31.08 61.76
C THR I 53 -28.58 32.21 61.94
N LEU I 54 -27.53 31.99 62.70
CA LEU I 54 -26.44 32.99 62.94
C LEU I 54 -25.56 33.11 61.70
N GLN I 55 -25.12 34.32 61.35
CA GLN I 55 -24.15 34.47 60.24
C GLN I 55 -22.81 33.90 60.73
N SER I 56 -22.06 33.21 59.85
CA SER I 56 -20.74 32.67 60.24
C SER I 56 -19.90 33.76 60.94
N GLY I 57 -19.27 33.40 62.06
CA GLY I 57 -18.40 34.37 62.77
C GLY I 57 -19.13 35.25 63.77
N VAL I 58 -20.41 34.97 64.06
CA VAL I 58 -21.12 35.77 65.10
C VAL I 58 -21.10 34.98 66.42
N PRO I 59 -20.43 35.47 67.48
CA PRO I 59 -20.36 34.79 68.78
C PRO I 59 -21.43 35.26 69.78
N SER I 60 -21.33 34.82 71.05
CA SER I 60 -22.24 35.27 72.13
C SER I 60 -23.62 34.60 72.03
N ARG I 61 -23.76 33.58 71.19
CA ARG I 61 -25.03 32.80 71.11
C ARG I 61 -26.22 33.73 70.87
N PHE I 62 -26.09 34.71 69.97
CA PHE I 62 -27.22 35.60 69.62
C PHE I 62 -28.42 34.73 69.26
N SER I 63 -29.54 34.85 69.98
CA SER I 63 -30.69 33.94 69.72
C SER I 63 -31.86 34.70 69.10
N GLY I 64 -32.31 34.29 67.91
CA GLY I 64 -33.50 34.91 67.28
C GLY I 64 -34.58 33.87 67.06
N SER I 65 -35.80 34.13 67.52
CA SER I 65 -36.89 33.12 67.41
C SER I 65 -38.21 33.80 67.07
N GLY I 66 -39.15 33.05 66.46
CA GLY I 66 -40.48 33.62 66.19
C GLY I 66 -41.07 33.10 64.90
N SER I 67 -42.25 33.61 64.51
CA SER I 67 -42.89 33.21 63.23
C SER I 67 -43.82 34.32 62.76
N GLY I 68 -44.04 34.42 61.45
CA GLY I 68 -44.93 35.46 60.89
C GLY I 68 -44.47 36.86 61.24
N THR I 69 -45.39 37.73 61.67
CA THR I 69 -45.05 39.14 62.00
C THR I 69 -44.13 39.21 63.22
N GLU I 70 -44.34 38.39 64.24
CA GLU I 70 -43.55 38.51 65.51
C GLU I 70 -42.16 37.89 65.36
N PHE I 71 -41.12 38.63 65.77
CA PHE I 71 -39.73 38.09 65.78
C PHE I 71 -39.01 38.61 67.02
N THR I 72 -38.04 37.87 67.55
CA THR I 72 -37.37 38.28 68.82
C THR I 72 -35.85 38.18 68.70
N LEU I 73 -35.11 38.91 69.55
CA LEU I 73 -33.63 38.81 69.57
C LEU I 73 -33.16 38.83 71.02
N THR I 74 -32.58 37.73 71.50
CA THR I 74 -32.18 37.65 72.93
C THR I 74 -30.68 37.42 73.06
N ILE I 75 -29.99 38.23 73.85
CA ILE I 75 -28.54 37.99 74.12
C ILE I 75 -28.45 37.58 75.59
N SER I 76 -28.07 36.33 75.87
CA SER I 76 -28.06 35.84 77.28
C SER I 76 -27.04 36.61 78.14
N SER I 77 -25.85 36.86 77.58
CA SER I 77 -24.78 37.56 78.35
C SER I 77 -24.40 38.85 77.64
N LEU I 78 -24.30 39.97 78.37
CA LEU I 78 -24.01 41.28 77.72
C LEU I 78 -22.53 41.62 77.88
N GLN I 79 -21.92 42.20 76.85
CA GLN I 79 -20.47 42.56 76.89
C GLN I 79 -20.33 44.00 76.39
N PRO I 80 -19.24 44.73 76.72
CA PRO I 80 -19.10 46.14 76.32
C PRO I 80 -19.11 46.28 74.79
N ASP I 81 -18.44 45.36 74.08
CA ASP I 81 -18.43 45.38 72.60
C ASP I 81 -19.86 45.18 72.08
N ASP I 82 -20.66 44.37 72.77
CA ASP I 82 -22.04 44.05 72.30
C ASP I 82 -22.88 45.32 72.20
N PHE I 83 -22.72 46.28 73.11
CA PHE I 83 -23.63 47.47 73.08
C PHE I 83 -23.49 48.17 71.73
N ALA I 84 -24.59 48.34 71.00
CA ALA I 84 -24.59 49.04 69.69
C ALA I 84 -26.04 49.29 69.28
N THR I 85 -26.27 50.13 68.27
CA THR I 85 -27.65 50.30 67.76
C THR I 85 -28.04 49.02 67.00
N TYR I 86 -29.27 48.54 67.16
CA TYR I 86 -29.69 47.27 66.51
C TYR I 86 -30.88 47.53 65.58
N TYR I 87 -30.80 47.05 64.33
CA TYR I 87 -31.90 47.25 63.34
C TYR I 87 -32.40 45.89 62.84
N CYS I 88 -33.57 45.85 62.20
CA CYS I 88 -34.07 44.58 61.58
C CYS I 88 -34.50 44.85 60.14
N GLN I 89 -34.22 43.93 59.22
CA GLN I 89 -34.51 44.18 57.78
C GLN I 89 -35.56 43.17 57.30
N GLN I 90 -36.55 43.63 56.54
CA GLN I 90 -37.57 42.71 55.98
C GLN I 90 -37.18 42.43 54.52
N TYR I 91 -37.01 41.15 54.16
CA TYR I 91 -36.54 40.81 52.78
C TYR I 91 -37.45 39.73 52.18
N ASP I 92 -37.31 39.46 50.87
CA ASP I 92 -38.20 38.53 50.12
C ASP I 92 -39.32 39.43 49.62
N ASN I 93 -39.99 39.10 48.50
CA ASN I 93 -40.95 40.08 47.94
C ASN I 93 -40.14 41.38 47.98
N TYR I 94 -38.96 41.38 47.35
CA TYR I 94 -38.06 42.55 47.53
C TYR I 94 -38.56 43.73 46.72
N SER I 95 -39.75 44.20 47.08
CA SER I 95 -40.28 45.43 46.45
C SER I 95 -39.77 46.55 47.33
N GLN I 96 -39.54 46.29 48.63
CA GLN I 96 -39.10 47.46 49.43
C GLN I 96 -38.41 46.97 50.71
N LEU I 97 -37.10 46.72 50.67
CA LEU I 97 -36.39 46.35 51.92
C LEU I 97 -36.60 47.44 52.97
N THR I 98 -37.54 47.24 53.91
CA THR I 98 -37.87 48.30 54.90
C THR I 98 -37.06 48.08 56.18
N PHE I 99 -36.02 48.88 56.41
CA PHE I 99 -35.23 48.78 57.66
C PHE I 99 -36.10 49.24 58.84
N GLY I 100 -35.96 48.59 59.99
CA GLY I 100 -36.72 48.98 61.19
C GLY I 100 -36.16 50.27 61.79
N PRO I 101 -36.91 50.98 62.66
CA PRO I 101 -36.43 52.25 63.22
C PRO I 101 -35.14 52.01 64.02
N GLY I 102 -35.06 50.88 64.73
CA GLY I 102 -33.83 50.54 65.47
C GLY I 102 -33.94 50.82 66.96
N THR I 103 -33.16 50.11 67.77
CA THR I 103 -33.17 50.32 69.24
C THR I 103 -31.73 50.57 69.70
N LYS I 104 -31.51 51.63 70.49
CA LYS I 104 -30.16 51.90 71.05
C LYS I 104 -29.95 51.03 72.29
N LEU I 105 -28.76 50.46 72.46
CA LEU I 105 -28.48 49.68 73.69
C LEU I 105 -27.42 50.42 74.50
N GLU I 106 -27.70 50.71 75.77
CA GLU I 106 -26.75 51.49 76.60
C GLU I 106 -26.61 50.83 77.99
N ILE I 107 -25.45 51.03 78.64
CA ILE I 107 -25.23 50.47 79.99
C ILE I 107 -26.17 51.17 80.97
N LYS I 108 -26.70 50.45 81.96
CA LYS I 108 -27.55 51.11 83.00
C LYS I 108 -26.71 51.37 84.25
N ARG I 109 -26.76 52.59 84.77
CA ARG I 109 -25.95 52.96 85.97
C ARG I 109 -26.80 53.89 86.85
N THR I 110 -26.34 54.18 88.06
CA THR I 110 -27.12 55.03 89.00
C THR I 110 -27.32 56.40 88.36
N VAL I 111 -28.53 56.97 88.48
CA VAL I 111 -28.84 58.30 87.87
C VAL I 111 -27.82 59.33 88.39
N ALA I 112 -27.22 60.10 87.49
CA ALA I 112 -26.21 61.11 87.89
C ALA I 112 -26.76 62.52 87.64
N ALA I 113 -26.72 63.37 88.67
CA ALA I 113 -27.20 64.77 88.52
C ALA I 113 -26.29 65.53 87.55
N PRO I 114 -26.83 66.36 86.63
CA PRO I 114 -26.01 67.06 85.65
C PRO I 114 -25.42 68.39 86.14
N SER I 115 -24.11 68.60 85.96
CA SER I 115 -23.49 69.90 86.32
C SER I 115 -24.00 70.97 85.35
N VAL I 116 -24.38 72.15 85.85
CA VAL I 116 -24.98 73.19 84.96
C VAL I 116 -24.01 74.35 84.81
N PHE I 117 -23.74 74.79 83.57
CA PHE I 117 -22.83 75.92 83.32
C PHE I 117 -23.43 76.84 82.26
N ILE I 118 -22.91 78.06 82.11
CA ILE I 118 -23.39 78.98 81.04
C ILE I 118 -22.21 79.86 80.60
N PHE I 119 -22.07 80.08 79.29
CA PHE I 119 -20.91 80.86 78.79
C PHE I 119 -21.39 82.15 78.11
N PRO I 120 -20.96 83.34 78.59
CA PRO I 120 -21.31 84.61 77.95
C PRO I 120 -20.54 84.81 76.64
N PRO I 121 -21.10 85.50 75.63
CA PRO I 121 -20.34 85.79 74.41
C PRO I 121 -19.16 86.71 74.75
N SER I 122 -17.99 86.46 74.14
CA SER I 122 -16.78 87.28 74.42
C SER I 122 -16.92 88.66 73.78
N ASP I 123 -16.15 89.64 74.26
CA ASP I 123 -16.21 91.01 73.71
C ASP I 123 -15.81 91.00 72.24
N GLU I 124 -14.80 90.20 71.87
CA GLU I 124 -14.39 90.08 70.46
C GLU I 124 -15.55 89.46 69.66
N GLN I 125 -16.25 88.49 70.26
CA GLN I 125 -17.40 87.84 69.58
C GLN I 125 -18.49 88.89 69.35
N LEU I 126 -18.73 89.77 70.32
CA LEU I 126 -19.75 90.84 70.18
C LEU I 126 -19.32 91.79 69.05
N LYS I 127 -18.02 92.13 69.00
CA LYS I 127 -17.49 93.04 67.95
C LYS I 127 -17.64 92.37 66.59
N SER I 128 -17.58 91.03 66.56
CA SER I 128 -17.77 90.28 65.29
C SER I 128 -19.20 90.47 64.79
N GLY I 129 -20.13 90.82 65.69
CA GLY I 129 -21.55 90.94 65.31
C GLY I 129 -22.28 89.64 65.57
N THR I 130 -21.59 88.66 66.18
CA THR I 130 -22.21 87.36 66.51
C THR I 130 -22.54 87.34 68.01
N ALA I 131 -23.79 87.05 68.38
CA ALA I 131 -24.11 86.92 69.81
C ALA I 131 -24.51 85.47 70.12
N SER I 132 -23.69 84.75 70.90
CA SER I 132 -23.99 83.32 71.20
C SER I 132 -23.99 83.10 72.71
N VAL I 133 -25.05 82.50 73.25
CA VAL I 133 -25.05 82.14 74.69
C VAL I 133 -25.11 80.61 74.75
N VAL I 134 -24.13 79.98 75.41
CA VAL I 134 -24.09 78.49 75.42
C VAL I 134 -24.19 78.00 76.87
N CYS I 135 -25.13 77.09 77.15
CA CYS I 135 -25.19 76.51 78.51
C CYS I 135 -24.74 75.04 78.43
N LEU I 136 -23.83 74.63 79.32
CA LEU I 136 -23.26 73.27 79.20
C LEU I 136 -23.79 72.36 80.32
N LEU I 137 -24.37 71.21 79.94
CA LEU I 137 -24.83 70.22 80.95
C LEU I 137 -23.81 69.06 80.90
N ASN I 138 -23.55 68.39 82.01
CA ASN I 138 -22.49 67.34 81.98
C ASN I 138 -22.77 66.22 82.97
N ASN I 139 -22.25 65.01 82.70
CA ASN I 139 -22.36 63.86 83.65
C ASN I 139 -23.82 63.52 84.01
N PHE I 140 -24.72 63.41 83.04
CA PHE I 140 -26.10 62.94 83.37
C PHE I 140 -26.36 61.58 82.71
N TYR I 141 -26.68 60.56 83.52
CA TYR I 141 -26.90 59.19 82.97
C TYR I 141 -28.15 59.11 82.06
N PRO I 142 -29.34 59.66 82.42
CA PRO I 142 -30.49 59.63 81.52
C PRO I 142 -30.26 60.50 80.27
N ARG I 143 -30.60 59.97 79.09
CA ARG I 143 -30.43 60.73 77.82
C ARG I 143 -31.36 61.94 77.84
N GLU I 144 -32.59 61.78 78.34
CA GLU I 144 -33.57 62.89 78.28
C GLU I 144 -33.11 64.05 79.19
N ALA I 145 -33.06 65.26 78.64
CA ALA I 145 -32.69 66.46 79.42
C ALA I 145 -33.30 67.68 78.75
N LYS I 146 -34.61 67.92 78.94
CA LYS I 146 -35.26 69.04 78.20
C LYS I 146 -34.57 70.35 78.60
N VAL I 147 -34.18 71.17 77.61
CA VAL I 147 -33.43 72.42 77.91
C VAL I 147 -34.20 73.61 77.32
N GLN I 148 -34.34 74.70 78.07
CA GLN I 148 -35.13 75.86 77.60
C GLN I 148 -34.36 77.16 77.84
N TRP I 149 -34.67 78.20 77.06
CA TRP I 149 -34.03 79.53 77.23
C TRP I 149 -35.06 80.52 77.77
N LYS I 150 -34.72 81.26 78.83
CA LYS I 150 -35.67 82.22 79.41
C LYS I 150 -35.15 83.65 79.28
N VAL I 151 -35.92 84.54 78.64
CA VAL I 151 -35.54 85.98 78.59
C VAL I 151 -36.71 86.71 79.25
N ASP I 152 -36.45 87.54 80.27
CA ASP I 152 -37.57 88.18 81.01
C ASP I 152 -38.52 87.08 81.47
N ASN I 153 -37.96 85.91 81.83
CA ASN I 153 -38.77 84.75 82.30
C ASN I 153 -39.75 84.31 81.20
N ALA I 154 -39.35 84.38 79.93
CA ALA I 154 -40.22 83.92 78.83
C ALA I 154 -39.48 82.86 78.00
N LEU I 155 -40.15 81.73 77.71
CA LEU I 155 -39.50 80.62 76.95
C LEU I 155 -39.17 81.09 75.53
N GLN I 156 -38.03 80.64 75.00
CA GLN I 156 -37.64 80.99 73.60
C GLN I 156 -37.75 79.73 72.73
N SER I 157 -38.45 79.82 71.60
CA SER I 157 -38.68 78.62 70.75
C SER I 157 -38.01 78.79 69.38
N GLY I 158 -37.31 77.74 68.91
CA GLY I 158 -36.61 77.81 67.62
C GLY I 158 -35.27 78.50 67.75
N ASN I 159 -34.90 78.86 68.99
CA ASN I 159 -33.63 79.57 69.24
C ASN I 159 -32.64 78.62 69.93
N SER I 160 -32.88 77.30 69.85
CA SER I 160 -32.01 76.36 70.60
C SER I 160 -31.33 75.35 69.67
N GLN I 161 -30.00 75.18 69.80
CA GLN I 161 -29.27 74.14 69.02
C GLN I 161 -28.75 73.13 70.05
N GLU I 162 -29.04 71.84 69.87
CA GLU I 162 -28.65 70.86 70.92
C GLU I 162 -27.60 69.87 70.41
N SER I 163 -26.50 69.71 71.15
CA SER I 163 -25.44 68.73 70.76
C SER I 163 -25.17 67.79 71.93
N VAL I 164 -25.39 66.48 71.75
CA VAL I 164 -25.19 65.51 72.87
C VAL I 164 -24.03 64.57 72.54
N THR I 165 -23.02 64.52 73.41
CA THR I 165 -21.87 63.59 73.20
C THR I 165 -22.31 62.16 73.57
N GLU I 166 -21.72 61.14 72.93
CA GLU I 166 -22.03 59.72 73.26
C GLU I 166 -21.41 59.38 74.61
N GLN I 167 -21.91 58.32 75.27
CA GLN I 167 -21.42 57.98 76.63
C GLN I 167 -19.92 57.68 76.60
N ASP I 168 -19.17 58.21 77.57
CA ASP I 168 -17.72 57.93 77.67
C ASP I 168 -17.56 56.44 77.99
N SER I 169 -16.57 55.76 77.40
CA SER I 169 -16.36 54.34 77.80
C SER I 169 -15.97 54.28 79.28
N LYS I 170 -15.06 55.17 79.71
CA LYS I 170 -14.57 55.17 81.11
C LYS I 170 -15.66 55.58 82.12
N ASP I 171 -16.44 56.63 81.81
CA ASP I 171 -17.41 57.13 82.83
C ASP I 171 -18.86 56.81 82.49
N SER I 172 -19.16 56.41 81.26
CA SER I 172 -20.57 56.16 80.83
C SER I 172 -21.43 57.39 81.11
N THR I 173 -20.91 58.59 80.82
CA THR I 173 -21.65 59.84 81.14
C THR I 173 -21.97 60.63 79.87
N TYR I 174 -23.01 61.48 79.91
CA TYR I 174 -23.43 62.25 78.70
C TYR I 174 -23.28 63.74 78.97
N SER I 175 -23.06 64.53 77.90
CA SER I 175 -22.96 66.00 78.05
C SER I 175 -23.84 66.68 76.98
N LEU I 176 -24.50 67.79 77.33
CA LEU I 176 -25.42 68.48 76.38
C LEU I 176 -24.99 69.94 76.21
N SER I 177 -24.93 70.42 74.97
CA SER I 177 -24.61 71.86 74.72
C SER I 177 -25.81 72.52 74.03
N SER I 178 -26.26 73.66 74.55
CA SER I 178 -27.38 74.40 73.94
C SER I 178 -26.90 75.77 73.47
N THR I 179 -27.30 76.19 72.26
CA THR I 179 -26.78 77.46 71.71
C THR I 179 -27.93 78.43 71.42
N LEU I 180 -27.65 79.75 71.42
CA LEU I 180 -28.68 80.78 71.18
C LEU I 180 -29.08 80.80 69.70
N THR I 181 -28.33 80.09 68.84
CA THR I 181 -28.58 80.09 67.36
C THR I 181 -28.00 81.38 66.78
N LEU I 182 -27.16 82.07 67.56
CA LEU I 182 -26.45 83.29 67.07
C LEU I 182 -27.39 84.39 66.59
N SER I 183 -28.27 84.88 67.48
CA SER I 183 -29.14 86.03 67.12
C SER I 183 -28.27 87.27 66.94
N LYS I 184 -27.87 87.56 65.70
CA LYS I 184 -26.97 88.71 65.42
C LYS I 184 -27.66 90.01 65.84
N ALA I 185 -28.97 90.11 65.61
CA ALA I 185 -29.72 91.34 65.95
C ALA I 185 -30.78 90.99 67.00
N ASP I 186 -31.26 92.00 67.75
CA ASP I 186 -32.31 91.81 68.80
C ASP I 186 -31.65 91.41 70.13
N TYR I 187 -30.33 91.20 70.13
CA TYR I 187 -29.61 90.92 71.40
C TYR I 187 -29.74 92.17 72.27
N GLU I 188 -29.69 93.35 71.64
CA GLU I 188 -29.81 94.64 72.38
C GLU I 188 -31.16 94.73 73.07
N LYS I 189 -32.23 94.20 72.46
CA LYS I 189 -33.60 94.32 73.03
C LYS I 189 -33.67 93.68 74.42
N HIS I 190 -33.02 92.52 74.61
CA HIS I 190 -33.16 91.82 75.91
C HIS I 190 -31.87 91.90 76.73
N LYS I 191 -31.96 92.36 77.98
CA LYS I 191 -30.74 92.53 78.84
C LYS I 191 -30.48 91.28 79.67
N VAL I 192 -31.40 90.30 79.67
CA VAL I 192 -31.23 89.12 80.56
C VAL I 192 -31.25 87.81 79.75
N TYR I 193 -30.58 86.76 80.23
CA TYR I 193 -30.54 85.45 79.53
C TYR I 193 -30.53 84.34 80.58
N ALA I 194 -31.29 83.26 80.38
CA ALA I 194 -31.26 82.14 81.34
C ALA I 194 -31.36 80.79 80.63
N CYS I 195 -30.71 79.74 81.15
CA CYS I 195 -30.84 78.38 80.58
C CYS I 195 -31.25 77.41 81.70
N GLU I 196 -32.28 76.59 81.48
CA GLU I 196 -32.77 75.65 82.52
C GLU I 196 -32.79 74.23 81.94
N VAL I 197 -32.38 73.23 82.73
CA VAL I 197 -32.44 71.81 82.27
C VAL I 197 -33.36 71.04 83.22
N THR I 198 -34.32 70.29 82.69
CA THR I 198 -35.18 69.44 83.55
C THR I 198 -34.59 68.03 83.59
N HIS I 199 -34.27 67.53 84.79
CA HIS I 199 -33.59 66.21 84.88
C HIS I 199 -34.05 65.47 86.14
N GLN I 200 -34.17 64.14 86.05
CA GLN I 200 -34.58 63.31 87.22
C GLN I 200 -33.53 63.45 88.32
N GLY I 201 -32.25 63.49 87.96
CA GLY I 201 -31.16 63.58 88.95
C GLY I 201 -31.24 64.86 89.78
N LEU I 202 -31.57 65.98 89.14
CA LEU I 202 -31.73 67.25 89.90
C LEU I 202 -32.91 67.10 90.87
N SER I 203 -32.70 67.44 92.14
CA SER I 203 -33.83 67.41 93.13
C SER I 203 -34.85 68.47 92.73
N SER I 204 -34.37 69.65 92.30
CA SER I 204 -35.26 70.76 91.89
C SER I 204 -34.78 71.28 90.54
N PRO I 205 -35.64 71.93 89.71
CA PRO I 205 -35.17 72.51 88.46
C PRO I 205 -34.09 73.57 88.74
N VAL I 206 -32.99 73.52 87.99
CA VAL I 206 -31.86 74.48 88.23
C VAL I 206 -31.69 75.37 87.00
N THR I 207 -31.66 76.68 87.22
CA THR I 207 -31.52 77.64 86.09
C THR I 207 -30.23 78.43 86.23
N LYS I 208 -29.41 78.48 85.19
CA LYS I 208 -28.19 79.34 85.24
C LYS I 208 -28.51 80.60 84.44
N SER I 209 -28.47 81.77 85.09
CA SER I 209 -28.88 83.01 84.39
C SER I 209 -27.75 84.04 84.41
N PHE I 210 -27.43 84.62 83.25
CA PHE I 210 -26.42 85.71 83.23
C PHE I 210 -27.10 86.98 82.71
N ASN I 211 -27.02 88.06 83.48
CA ASN I 211 -27.64 89.35 83.07
C ASN I 211 -26.56 90.44 83.12
N ARG I 212 -26.46 91.26 82.07
CA ARG I 212 -25.48 92.37 82.05
C ARG I 212 -24.08 91.79 82.33
#